data_9SHI
#
_entry.id   9SHI
#
_cell.length_a   1.00
_cell.length_b   1.00
_cell.length_c   1.00
_cell.angle_alpha   90.00
_cell.angle_beta   90.00
_cell.angle_gamma   90.00
#
_symmetry.space_group_name_H-M   'P 1'
#
loop_
_entity.id
_entity.type
_entity.pdbx_description
1 polymer '60 kDa heat shock protein, mitochondrial'
2 polymer '10 kDa heat shock protein, mitochondrial'
3 non-polymer "ADENOSINE-5'-TRIPHOSPHATE"
4 non-polymer 'MAGNESIUM ION'
5 non-polymer 'POTASSIUM ION'
6 water water
#
loop_
_entity_poly.entity_id
_entity_poly.type
_entity_poly.pdbx_seq_one_letter_code
_entity_poly.pdbx_strand_id
1 'polypeptide(L)'
;GSAKDVKFGADARALMLQGVDLLADAVAVTMGPKGRTVIIEQSWGSPKVTKDGVTVAKSIDLKDKYKNIGAKLVQDVANN
TNEEAGDGTTTATVLARSIAKEGFEKISKGANPVEIRRGVMLAVDAVIAELKKQSKPVTTPEEIAQVATISANGDKEIGN
IISDAMKKVGRKGVITVKDGKTLNDELEIIEGMKFDRGYISPYFINTSKGQKCEFQDAYVLLSEKKISSIQSIVPALEIA
NAHRKPLVIIAEDVDGEALSTLVLNRLKVGLQVVAVKAPGFGDNRKNQLKDMAIATGGAVFGEEGLTLNLEDVQPHDLGK
VGEVIVTKDDAMLLKGKGDKAQIEKRIQEIIEQLDVTTSEYEKEKLNERLAKLSDGVAVLKVGGTSDVEVNEKKDRVTDA
LNATRAAVEEGIVLGGGCALLRCIPALDSLTPANEDQKIGIEIIKRTLKIPAMTIAKNAGVEGSLIVEKIMQSSSEVGYD
AMAGDFVNMVEKGIIDPTKVVRTALLDAAGVASLLTTAEVVVTEIPK
;
A,B,C,D,E,F,G
2 'polypeptide(L)'
;MAGQAFRKFLPLFDRVLVERSAAETVTKGGIMLPEKSQGKVLQATVVAVGSGSKGKGGEIQPVSVKVGDKVLLPEYGGTK
VVLDDKDYFLFRDGDILGKYVD
;
a,b,c,d,e,f,g
#
loop_
_chem_comp.id
_chem_comp.type
_chem_comp.name
_chem_comp.formula
ATP non-polymer ADENOSINE-5'-TRIPHOSPHATE 'C10 H16 N5 O13 P3'
K non-polymer 'POTASSIUM ION' 'K 1'
MG non-polymer 'MAGNESIUM ION' 'Mg 2'
#
# COMPACT_ATOMS: atom_id res chain seq x y z
N GLY A 1 11.11 17.60 27.43
CA GLY A 1 10.46 18.80 26.95
C GLY A 1 9.04 18.95 27.45
N SER A 2 8.52 17.91 28.07
CA SER A 2 7.18 17.95 28.64
C SER A 2 7.16 18.84 29.88
N ALA A 3 6.02 19.49 30.10
CA ALA A 3 5.87 20.36 31.25
C ALA A 3 5.90 19.55 32.54
N LYS A 4 6.53 20.11 33.56
CA LYS A 4 6.81 19.38 34.79
C LYS A 4 6.26 20.12 36.00
N ASP A 5 5.86 19.33 37.00
CA ASP A 5 5.53 19.85 38.32
C ASP A 5 6.66 19.49 39.27
N VAL A 6 7.07 20.46 40.08
CA VAL A 6 8.19 20.30 41.00
C VAL A 6 7.69 20.57 42.42
N LYS A 7 7.89 19.60 43.31
CA LYS A 7 7.50 19.73 44.71
C LYS A 7 8.74 19.61 45.60
N PHE A 8 8.67 20.28 46.75
CA PHE A 8 9.82 20.42 47.64
C PHE A 8 9.51 19.87 49.02
N GLY A 9 10.45 19.09 49.55
CA GLY A 9 10.50 18.84 50.99
C GLY A 9 9.40 17.93 51.51
N ALA A 10 8.79 18.37 52.62
CA ALA A 10 7.89 17.51 53.39
C ALA A 10 6.61 17.18 52.65
N ASP A 11 6.11 18.09 51.81
CA ASP A 11 4.89 17.80 51.04
C ASP A 11 5.13 16.68 50.04
N ALA A 12 6.23 16.78 49.28
CA ALA A 12 6.59 15.73 48.33
C ALA A 12 6.86 14.42 49.03
N ARG A 13 7.56 14.47 50.17
CA ARG A 13 7.84 13.26 50.93
C ARG A 13 6.57 12.62 51.47
N ALA A 14 5.60 13.43 51.90
CA ALA A 14 4.34 12.91 52.42
C ALA A 14 3.52 12.25 51.31
N LEU A 15 3.51 12.84 50.11
CA LEU A 15 2.81 12.19 49.00
C LEU A 15 3.46 10.88 48.60
N MET A 16 4.81 10.85 48.55
CA MET A 16 5.51 9.60 48.24
C MET A 16 5.25 8.55 49.30
N LEU A 17 5.22 8.96 50.58
CA LEU A 17 4.91 8.04 51.65
C LEU A 17 3.47 7.54 51.59
N GLN A 18 2.55 8.37 51.09
CA GLN A 18 1.18 7.91 50.90
C GLN A 18 1.11 6.79 49.86
N GLY A 19 1.86 6.95 48.76
CA GLY A 19 1.93 5.87 47.78
C GLY A 19 2.57 4.60 48.34
N VAL A 20 3.68 4.76 49.07
CA VAL A 20 4.35 3.64 49.71
C VAL A 20 3.41 2.94 50.69
N ASP A 21 2.68 3.73 51.49
CA ASP A 21 1.77 3.19 52.50
C ASP A 21 0.62 2.43 51.87
N LEU A 22 0.06 2.94 50.76
CA LEU A 22 -1.04 2.22 50.11
C LEU A 22 -0.58 0.88 49.57
N LEU A 23 0.55 0.87 48.86
CA LEU A 23 1.05 -0.40 48.31
C LEU A 23 1.42 -1.38 49.43
N ALA A 24 2.08 -0.89 50.49
CA ALA A 24 2.49 -1.76 51.57
C ALA A 24 1.32 -2.25 52.40
N ASP A 25 0.28 -1.43 52.56
CA ASP A 25 -0.93 -1.87 53.26
C ASP A 25 -1.63 -2.96 52.48
N ALA A 26 -1.67 -2.85 51.15
CA ALA A 26 -2.25 -3.92 50.34
C ALA A 26 -1.42 -5.20 50.42
N VAL A 27 -0.09 -5.07 50.44
CA VAL A 27 0.77 -6.24 50.49
C VAL A 27 0.71 -6.91 51.87
N ALA A 28 0.63 -6.10 52.94
CA ALA A 28 0.82 -6.60 54.30
C ALA A 28 -0.32 -7.46 54.81
N VAL A 29 -1.50 -7.41 54.18
CA VAL A 29 -2.59 -8.28 54.61
C VAL A 29 -2.31 -9.75 54.30
N THR A 30 -1.37 -10.03 53.41
CA THR A 30 -1.07 -11.39 53.00
C THR A 30 -0.01 -12.07 53.85
N MET A 31 0.59 -11.37 54.81
CA MET A 31 1.76 -11.88 55.50
C MET A 31 1.39 -12.90 56.57
N GLY A 32 2.09 -14.04 56.57
CA GLY A 32 2.03 -14.98 57.66
C GLY A 32 0.97 -16.05 57.53
N PRO A 33 0.89 -16.94 58.52
CA PRO A 33 -0.06 -18.06 58.45
C PRO A 33 -1.51 -17.65 58.48
N LYS A 34 -1.84 -16.48 59.00
CA LYS A 34 -3.20 -15.95 58.99
C LYS A 34 -3.34 -14.77 58.04
N GLY A 35 -2.46 -14.68 57.04
CA GLY A 35 -2.62 -13.71 55.99
C GLY A 35 -3.79 -14.05 55.08
N ARG A 36 -4.32 -13.02 54.44
CA ARG A 36 -5.47 -13.15 53.56
C ARG A 36 -5.04 -12.86 52.13
N THR A 37 -5.97 -12.98 51.19
CA THR A 37 -5.62 -12.89 49.78
C THR A 37 -6.06 -11.55 49.19
N VAL A 38 -5.50 -11.27 48.02
CA VAL A 38 -5.81 -10.06 47.26
C VAL A 38 -6.36 -10.51 45.90
N ILE A 39 -7.51 -9.96 45.52
CA ILE A 39 -8.09 -10.20 44.22
C ILE A 39 -7.70 -9.06 43.29
N ILE A 40 -7.14 -9.40 42.14
CA ILE A 40 -6.69 -8.42 41.16
C ILE A 40 -7.50 -8.62 39.88
N GLU A 41 -8.11 -7.54 39.40
CA GLU A 41 -8.85 -7.58 38.16
C GLU A 41 -7.91 -7.76 36.98
N GLN A 42 -8.25 -8.69 36.09
CA GLN A 42 -7.55 -8.88 34.83
C GLN A 42 -8.46 -8.42 33.70
N SER A 43 -7.87 -7.76 32.70
CA SER A 43 -8.67 -7.16 31.63
C SER A 43 -9.29 -8.21 30.71
N TRP A 44 -8.62 -9.35 30.54
CA TRP A 44 -9.05 -10.33 29.55
C TRP A 44 -10.08 -11.32 30.10
N GLY A 45 -9.87 -11.85 31.30
CA GLY A 45 -10.73 -12.90 31.80
C GLY A 45 -11.03 -12.87 33.28
N SER A 46 -10.84 -14.01 33.93
CA SER A 46 -11.13 -14.15 35.35
C SER A 46 -10.14 -13.33 36.17
N PRO A 47 -10.56 -12.85 37.35
CA PRO A 47 -9.62 -12.16 38.23
C PRO A 47 -8.62 -13.13 38.86
N LYS A 48 -7.52 -12.57 39.32
CA LYS A 48 -6.43 -13.34 39.92
C LYS A 48 -6.49 -13.20 41.43
N VAL A 49 -6.44 -14.32 42.13
CA VAL A 49 -6.42 -14.37 43.58
C VAL A 49 -5.01 -14.78 44.01
N THR A 50 -4.40 -14.00 44.90
CA THR A 50 -3.01 -14.26 45.25
C THR A 50 -2.73 -13.88 46.69
N LYS A 51 -1.84 -14.66 47.31
CA LYS A 51 -1.20 -14.31 48.56
C LYS A 51 0.22 -13.80 48.36
N ASP A 52 0.67 -13.72 47.11
CA ASP A 52 2.06 -13.39 46.80
C ASP A 52 2.26 -11.88 46.82
N GLY A 53 3.25 -11.44 47.61
CA GLY A 53 3.45 -10.02 47.83
C GLY A 53 3.89 -9.26 46.58
N VAL A 54 4.82 -9.84 45.81
CA VAL A 54 5.30 -9.17 44.61
C VAL A 54 4.22 -9.09 43.54
N THR A 55 3.33 -10.09 43.47
CA THR A 55 2.20 -10.03 42.55
C THR A 55 1.25 -8.90 42.90
N VAL A 56 0.97 -8.72 44.19
CA VAL A 56 0.14 -7.60 44.63
C VAL A 56 0.84 -6.28 44.36
N ALA A 57 2.16 -6.23 44.59
CA ALA A 57 2.92 -5.00 44.40
C ALA A 57 2.92 -4.56 42.94
N LYS A 58 3.19 -5.49 42.02
CA LYS A 58 3.27 -5.16 40.60
C LYS A 58 1.92 -4.81 39.98
N SER A 59 0.81 -5.11 40.65
CA SER A 59 -0.50 -4.82 40.09
C SER A 59 -1.03 -3.45 40.49
N ILE A 60 -0.31 -2.70 41.32
CA ILE A 60 -0.81 -1.44 41.86
C ILE A 60 0.00 -0.30 41.26
N ASP A 61 -0.66 0.52 40.44
CA ASP A 61 -0.13 1.78 39.97
C ASP A 61 -1.14 2.88 40.30
N LEU A 62 -0.62 4.05 40.63
CA LEU A 62 -1.44 5.13 41.17
C LEU A 62 -1.56 6.28 40.18
N LYS A 63 -2.74 6.91 40.19
CA LYS A 63 -2.99 8.05 39.31
C LYS A 63 -2.13 9.25 39.72
N ASP A 64 -2.07 9.53 41.01
CA ASP A 64 -1.17 10.56 41.53
C ASP A 64 0.27 10.14 41.31
N LYS A 65 1.02 10.98 40.60
CA LYS A 65 2.37 10.61 40.18
C LYS A 65 3.36 10.65 41.32
N TYR A 66 3.16 11.54 42.29
CA TYR A 66 4.01 11.58 43.48
C TYR A 66 3.81 10.33 44.33
N LYS A 67 2.57 9.88 44.49
CA LYS A 67 2.31 8.60 45.14
C LYS A 67 2.82 7.43 44.30
N ASN A 68 2.72 7.55 42.97
CA ASN A 68 3.14 6.47 42.10
C ASN A 68 4.65 6.29 42.10
N ILE A 69 5.41 7.34 42.41
CA ILE A 69 6.87 7.19 42.51
C ILE A 69 7.23 6.29 43.69
N GLY A 70 6.60 6.52 44.84
CA GLY A 70 6.83 5.66 45.99
C GLY A 70 6.33 4.25 45.75
N ALA A 71 5.20 4.11 45.06
CA ALA A 71 4.69 2.79 44.68
C ALA A 71 5.67 2.05 43.77
N LYS A 72 6.25 2.76 42.80
CA LYS A 72 7.22 2.14 41.89
C LYS A 72 8.49 1.72 42.64
N LEU A 73 8.91 2.51 43.63
CA LEU A 73 10.10 2.14 44.38
C LEU A 73 9.88 0.89 45.23
N VAL A 74 8.73 0.79 45.90
CA VAL A 74 8.49 -0.43 46.67
C VAL A 74 8.20 -1.61 45.73
N GLN A 75 7.69 -1.34 44.53
CA GLN A 75 7.61 -2.37 43.49
C GLN A 75 8.99 -2.89 43.12
N ASP A 76 9.97 -1.98 43.01
CA ASP A 76 11.35 -2.38 42.75
C ASP A 76 11.88 -3.25 43.88
N VAL A 77 11.57 -2.90 45.13
CA VAL A 77 12.00 -3.71 46.28
C VAL A 77 11.46 -5.13 46.16
N ALA A 78 10.15 -5.26 45.93
CA ALA A 78 9.51 -6.58 45.85
C ALA A 78 10.02 -7.38 44.66
N ASN A 79 10.19 -6.71 43.51
CA ASN A 79 10.69 -7.39 42.32
C ASN A 79 12.12 -7.87 42.48
N ASN A 80 12.99 -7.05 43.08
CA ASN A 80 14.37 -7.48 43.31
C ASN A 80 14.44 -8.65 44.27
N THR A 81 13.62 -8.62 45.33
CA THR A 81 13.57 -9.75 46.26
C THR A 81 13.07 -11.01 45.57
N ASN A 82 12.08 -10.88 44.69
CA ASN A 82 11.56 -12.03 43.97
C ASN A 82 12.58 -12.61 43.00
N GLU A 83 13.27 -11.76 42.24
CA GLU A 83 14.28 -12.27 41.32
C GLU A 83 15.49 -12.85 42.04
N GLU A 84 15.81 -12.39 43.25
CA GLU A 84 17.00 -12.93 43.88
C GLU A 84 16.69 -14.21 44.66
N ALA A 85 15.55 -14.26 45.37
CA ALA A 85 15.26 -15.37 46.26
C ALA A 85 13.99 -16.13 45.94
N GLY A 86 13.03 -15.52 45.23
CA GLY A 86 11.78 -16.20 44.94
C GLY A 86 10.83 -16.29 46.09
N ASP A 87 11.12 -15.60 47.19
CA ASP A 87 10.30 -15.64 48.39
C ASP A 87 10.68 -14.44 49.24
N GLY A 88 9.86 -14.14 50.25
CA GLY A 88 10.14 -13.04 51.15
C GLY A 88 9.82 -11.67 50.62
N THR A 89 8.98 -11.57 49.59
CA THR A 89 8.67 -10.27 49.01
C THR A 89 7.75 -9.43 49.89
N THR A 90 6.83 -10.07 50.62
CA THR A 90 5.98 -9.36 51.57
C THR A 90 6.80 -8.79 52.72
N THR A 91 7.73 -9.59 53.25
CA THR A 91 8.64 -9.12 54.29
C THR A 91 9.46 -7.95 53.80
N ALA A 92 9.98 -8.03 52.57
CA ALA A 92 10.76 -6.94 52.00
C ALA A 92 9.92 -5.69 51.84
N THR A 93 8.66 -5.83 51.44
CA THR A 93 7.77 -4.68 51.29
C THR A 93 7.50 -3.99 52.61
N VAL A 94 7.22 -4.76 53.67
CA VAL A 94 6.92 -4.11 54.95
C VAL A 94 8.18 -3.51 55.57
N LEU A 95 9.34 -4.15 55.37
CA LEU A 95 10.60 -3.56 55.83
C LEU A 95 10.92 -2.26 55.10
N ALA A 96 10.68 -2.23 53.78
CA ALA A 96 10.93 -1.01 53.01
C ALA A 96 10.00 0.12 53.43
N ARG A 97 8.72 -0.21 53.68
CA ARG A 97 7.79 0.81 54.17
C ARG A 97 8.23 1.35 55.52
N SER A 98 8.67 0.46 56.42
CA SER A 98 9.11 0.90 57.74
C SER A 98 10.35 1.80 57.65
N ILE A 99 11.33 1.42 56.81
CA ILE A 99 12.53 2.24 56.67
C ILE A 99 12.20 3.58 56.06
N ALA A 100 11.33 3.60 55.04
CA ALA A 100 10.93 4.86 54.41
C ALA A 100 10.21 5.78 55.39
N LYS A 101 9.31 5.22 56.20
CA LYS A 101 8.56 6.04 57.14
C LYS A 101 9.45 6.59 58.26
N GLU A 102 10.32 5.73 58.82
CA GLU A 102 11.23 6.19 59.87
C GLU A 102 12.24 7.21 59.35
N GLY A 103 12.71 7.03 58.11
CA GLY A 103 13.61 8.01 57.53
C GLY A 103 12.93 9.34 57.23
N PHE A 104 11.69 9.30 56.75
CA PHE A 104 10.95 10.54 56.50
C PHE A 104 10.65 11.27 57.80
N GLU A 105 10.43 10.55 58.90
CA GLU A 105 10.21 11.21 60.19
C GLU A 105 11.46 11.91 60.72
N LYS A 106 12.65 11.47 60.33
CA LYS A 106 13.88 11.97 60.94
C LYS A 106 14.55 13.09 60.16
N ILE A 107 13.99 13.50 59.03
CA ILE A 107 14.60 14.55 58.22
C ILE A 107 14.26 15.90 58.82
N SER A 108 15.28 16.64 59.25
CA SER A 108 15.16 18.00 59.73
C SER A 108 16.15 18.87 58.97
N LYS A 109 16.22 20.15 59.36
CA LYS A 109 17.14 21.08 58.71
C LYS A 109 18.59 20.69 58.93
N GLY A 110 18.94 20.29 60.15
CA GLY A 110 20.32 19.91 60.44
C GLY A 110 20.68 18.48 60.08
N ALA A 111 19.70 17.66 59.72
CA ALA A 111 19.96 16.26 59.40
C ALA A 111 20.59 16.12 58.02
N ASN A 112 21.48 15.14 57.90
CA ASN A 112 22.10 14.81 56.61
C ASN A 112 21.62 13.44 56.18
N PRO A 113 20.63 13.36 55.28
CA PRO A 113 20.04 12.05 54.93
C PRO A 113 21.00 11.07 54.25
N VAL A 114 22.05 11.55 53.57
CA VAL A 114 23.00 10.65 52.93
C VAL A 114 23.83 9.92 53.98
N GLU A 115 24.22 10.63 55.04
CA GLU A 115 24.92 9.96 56.15
C GLU A 115 23.98 9.09 56.96
N ILE A 116 22.69 9.45 57.03
CA ILE A 116 21.68 8.57 57.62
C ILE A 116 21.60 7.26 56.84
N ARG A 117 21.62 7.36 55.51
CA ARG A 117 21.60 6.16 54.65
C ARG A 117 22.87 5.33 54.86
N ARG A 118 24.02 6.00 55.05
CA ARG A 118 25.25 5.28 55.37
C ARG A 118 25.12 4.51 56.69
N GLY A 119 24.51 5.14 57.70
CA GLY A 119 24.25 4.42 58.95
C GLY A 119 23.30 3.26 58.79
N VAL A 120 22.28 3.43 57.94
CA VAL A 120 21.34 2.35 57.63
C VAL A 120 22.07 1.17 57.01
N MET A 121 22.95 1.44 56.04
CA MET A 121 23.64 0.37 55.35
C MET A 121 24.64 -0.33 56.27
N LEU A 122 25.30 0.41 57.15
CA LEU A 122 26.20 -0.20 58.12
C LEU A 122 25.43 -1.10 59.09
N ALA A 123 24.26 -0.64 59.56
CA ALA A 123 23.44 -1.46 60.45
C ALA A 123 22.94 -2.71 59.75
N VAL A 124 22.60 -2.59 58.45
CA VAL A 124 22.12 -3.74 57.70
C VAL A 124 23.24 -4.76 57.49
N ASP A 125 24.46 -4.29 57.24
CA ASP A 125 25.60 -5.20 57.13
C ASP A 125 25.86 -5.92 58.45
N ALA A 126 25.73 -5.22 59.57
CA ALA A 126 25.88 -5.87 60.88
C ALA A 126 24.80 -6.92 61.11
N VAL A 127 23.55 -6.61 60.74
CA VAL A 127 22.45 -7.57 60.90
C VAL A 127 22.66 -8.79 60.01
N ILE A 128 23.16 -8.59 58.79
CA ILE A 128 23.37 -9.70 57.88
C ILE A 128 24.51 -10.60 58.38
N ALA A 129 25.55 -10.00 58.97
CA ALA A 129 26.60 -10.82 59.59
C ALA A 129 26.05 -11.62 60.78
N GLU A 130 25.19 -10.99 61.59
CA GLU A 130 24.57 -11.73 62.69
C GLU A 130 23.65 -12.84 62.19
N LEU A 131 22.96 -12.61 61.07
CA LEU A 131 22.11 -13.64 60.47
C LEU A 131 22.95 -14.82 59.99
N LYS A 132 24.09 -14.54 59.37
CA LYS A 132 24.98 -15.62 58.94
C LYS A 132 25.58 -16.37 60.11
N LYS A 133 25.80 -15.69 61.24
CA LYS A 133 26.22 -16.41 62.44
C LYS A 133 25.09 -17.24 63.03
N GLN A 134 23.84 -16.79 62.92
CA GLN A 134 22.70 -17.53 63.44
C GLN A 134 22.34 -18.74 62.59
N SER A 135 22.75 -18.76 61.32
CA SER A 135 22.29 -19.75 60.37
C SER A 135 22.83 -21.13 60.69
N LYS A 136 22.05 -22.15 60.33
CA LYS A 136 22.43 -23.55 60.46
C LYS A 136 22.13 -24.28 59.16
N PRO A 137 23.05 -25.13 58.70
CA PRO A 137 22.83 -25.85 57.45
C PRO A 137 21.71 -26.88 57.56
N VAL A 138 21.08 -27.14 56.42
CA VAL A 138 20.02 -28.15 56.35
C VAL A 138 20.68 -29.53 56.19
N THR A 139 20.37 -30.44 57.11
CA THR A 139 20.94 -31.78 57.09
C THR A 139 19.92 -32.88 56.87
N THR A 140 18.70 -32.73 57.36
CA THR A 140 17.69 -33.78 57.26
C THR A 140 16.59 -33.39 56.27
N PRO A 141 16.01 -34.38 55.58
CA PRO A 141 14.85 -34.07 54.72
C PRO A 141 13.61 -33.63 55.49
N GLU A 142 13.54 -33.91 56.79
CA GLU A 142 12.48 -33.35 57.61
C GLU A 142 12.55 -31.84 57.65
N GLU A 143 13.76 -31.28 57.68
CA GLU A 143 13.94 -29.84 57.59
C GLU A 143 13.51 -29.31 56.22
N ILE A 144 13.75 -30.09 55.17
CA ILE A 144 13.31 -29.73 53.82
C ILE A 144 11.80 -29.64 53.77
N ALA A 145 11.12 -30.64 54.34
CA ALA A 145 9.66 -30.64 54.38
C ALA A 145 9.13 -29.50 55.23
N GLN A 146 9.79 -29.19 56.36
CA GLN A 146 9.35 -28.08 57.21
C GLN A 146 9.49 -26.74 56.50
N VAL A 147 10.61 -26.54 55.79
CA VAL A 147 10.83 -25.28 55.06
C VAL A 147 9.78 -25.12 53.96
N ALA A 148 9.53 -26.19 53.21
CA ALA A 148 8.53 -26.12 52.15
C ALA A 148 7.12 -25.96 52.68
N THR A 149 6.81 -26.56 53.84
CA THR A 149 5.50 -26.41 54.46
C THR A 149 5.26 -24.98 54.92
N ILE A 150 6.27 -24.38 55.57
CA ILE A 150 6.15 -22.99 56.03
C ILE A 150 6.01 -22.05 54.84
N SER A 151 6.81 -22.27 53.78
CA SER A 151 6.75 -21.38 52.63
C SER A 151 5.50 -21.59 51.79
N ALA A 152 4.78 -22.70 51.95
CA ALA A 152 3.53 -22.94 51.25
C ALA A 152 2.32 -22.63 52.11
N ASN A 153 2.48 -21.72 53.09
CA ASN A 153 1.42 -21.28 54.00
C ASN A 153 0.84 -22.43 54.82
N GLY A 154 1.72 -23.24 55.38
CA GLY A 154 1.31 -24.31 56.27
C GLY A 154 0.76 -25.54 55.61
N ASP A 155 0.83 -25.64 54.28
CA ASP A 155 0.35 -26.81 53.56
C ASP A 155 1.36 -27.94 53.73
N LYS A 156 1.00 -28.95 54.53
CA LYS A 156 1.90 -30.06 54.79
C LYS A 156 2.05 -30.97 53.59
N GLU A 157 1.01 -31.07 52.75
CA GLU A 157 1.09 -31.95 51.58
C GLU A 157 2.04 -31.40 50.53
N ILE A 158 2.06 -30.08 50.34
CA ILE A 158 3.02 -29.47 49.43
C ILE A 158 4.44 -29.67 49.93
N GLY A 159 4.65 -29.50 51.24
CA GLY A 159 5.96 -29.76 51.82
C GLY A 159 6.40 -31.20 51.66
N ASN A 160 5.47 -32.14 51.86
CA ASN A 160 5.78 -33.56 51.69
C ASN A 160 6.10 -33.90 50.24
N ILE A 161 5.35 -33.34 49.29
CA ILE A 161 5.58 -33.69 47.89
C ILE A 161 6.88 -33.06 47.39
N ILE A 162 7.24 -31.88 47.90
CA ILE A 162 8.52 -31.27 47.53
C ILE A 162 9.68 -32.04 48.16
N SER A 163 9.51 -32.49 49.41
CA SER A 163 10.53 -33.31 50.05
C SER A 163 10.71 -34.64 49.32
N ASP A 164 9.61 -35.25 48.86
CA ASP A 164 9.69 -36.47 48.07
C ASP A 164 10.41 -36.24 46.74
N ALA A 165 10.09 -35.13 46.06
CA ALA A 165 10.76 -34.80 44.81
C ALA A 165 12.26 -34.62 45.01
N MET A 166 12.65 -33.94 46.09
CA MET A 166 14.07 -33.74 46.35
C MET A 166 14.76 -35.01 46.84
N LYS A 167 14.00 -35.93 47.44
CA LYS A 167 14.57 -37.26 47.73
C LYS A 167 14.84 -38.03 46.44
N LYS A 168 13.94 -37.93 45.46
CA LYS A 168 14.08 -38.74 44.25
C LYS A 168 15.10 -38.16 43.28
N VAL A 169 15.03 -36.86 42.98
CA VAL A 169 15.89 -36.28 41.96
C VAL A 169 17.07 -35.50 42.54
N GLY A 170 17.18 -35.44 43.86
CA GLY A 170 18.27 -34.69 44.46
C GLY A 170 17.84 -33.31 44.91
N ARG A 171 18.53 -32.80 45.93
CA ARG A 171 18.23 -31.47 46.45
C ARG A 171 18.56 -30.37 45.45
N LYS A 172 19.52 -30.63 44.56
CA LYS A 172 19.86 -29.71 43.48
C LYS A 172 19.28 -30.14 42.15
N GLY A 173 18.33 -31.09 42.15
CA GLY A 173 17.78 -31.61 40.93
C GLY A 173 16.77 -30.68 40.28
N VAL A 174 16.27 -31.11 39.12
CA VAL A 174 15.34 -30.32 38.33
C VAL A 174 13.91 -30.68 38.72
N ILE A 175 13.18 -29.70 39.26
CA ILE A 175 11.79 -29.86 39.64
C ILE A 175 10.99 -28.74 38.99
N THR A 176 9.95 -29.10 38.23
CA THR A 176 9.12 -28.14 37.53
C THR A 176 7.68 -28.21 38.01
N VAL A 177 7.00 -27.07 37.97
CA VAL A 177 5.60 -26.95 38.38
C VAL A 177 4.75 -26.66 37.15
N LYS A 178 3.70 -27.46 36.96
CA LYS A 178 2.78 -27.25 35.84
C LYS A 178 1.36 -27.55 36.30
N ASP A 179 0.41 -27.19 35.45
CA ASP A 179 -1.01 -27.40 35.75
C ASP A 179 -1.33 -28.88 35.85
N GLY A 180 -2.14 -29.23 36.85
CA GLY A 180 -2.72 -30.56 36.96
C GLY A 180 -4.20 -30.48 36.60
N LYS A 181 -4.68 -31.52 35.93
CA LYS A 181 -6.08 -31.59 35.53
C LYS A 181 -6.97 -32.27 36.56
N THR A 182 -6.40 -32.76 37.66
CA THR A 182 -7.17 -33.42 38.70
C THR A 182 -7.39 -32.47 39.86
N LEU A 183 -7.97 -32.99 40.94
CA LEU A 183 -8.23 -32.18 42.13
C LEU A 183 -7.05 -32.15 43.08
N ASN A 184 -6.23 -33.21 43.10
CA ASN A 184 -5.11 -33.34 44.02
C ASN A 184 -3.79 -33.19 43.28
N ASP A 185 -2.75 -32.83 44.05
CA ASP A 185 -1.40 -32.74 43.51
C ASP A 185 -0.81 -34.12 43.29
N GLU A 186 -0.07 -34.26 42.19
CA GLU A 186 0.59 -35.51 41.87
C GLU A 186 2.03 -35.22 41.45
N LEU A 187 2.96 -36.05 41.91
CA LEU A 187 4.37 -35.93 41.57
C LEU A 187 4.73 -37.00 40.55
N GLU A 188 5.26 -36.58 39.42
CA GLU A 188 5.71 -37.48 38.36
C GLU A 188 7.22 -37.41 38.27
N ILE A 189 7.86 -38.57 38.39
CA ILE A 189 9.31 -38.68 38.26
C ILE A 189 9.62 -39.28 36.90
N ILE A 190 10.34 -38.53 36.07
CA ILE A 190 10.72 -38.96 34.74
C ILE A 190 12.18 -39.37 34.77
N GLU A 191 12.44 -40.66 34.61
CA GLU A 191 13.79 -41.20 34.64
C GLU A 191 14.30 -41.45 33.23
N GLY A 192 15.60 -41.76 33.15
CA GLY A 192 16.21 -42.02 31.85
C GLY A 192 16.33 -40.76 31.04
N MET A 193 16.18 -40.89 29.73
CA MET A 193 16.25 -39.76 28.80
C MET A 193 14.97 -39.76 27.98
N LYS A 194 14.02 -38.90 28.36
CA LYS A 194 12.77 -38.75 27.65
C LYS A 194 12.75 -37.37 26.99
N PHE A 195 12.32 -37.32 25.73
CA PHE A 195 12.23 -36.07 25.00
C PHE A 195 10.91 -36.03 24.24
N ASP A 196 10.57 -34.85 23.72
CA ASP A 196 9.22 -34.55 23.28
C ASP A 196 8.98 -34.89 21.81
N ARG A 197 9.68 -35.89 21.26
CA ARG A 197 9.49 -36.30 19.88
C ARG A 197 8.93 -37.71 19.84
N GLY A 198 7.83 -37.89 19.11
CA GLY A 198 7.21 -39.18 18.96
C GLY A 198 7.69 -39.91 17.72
N TYR A 199 6.99 -40.98 17.37
CA TYR A 199 7.33 -41.72 16.16
C TYR A 199 7.01 -40.88 14.93
N ILE A 200 7.86 -41.01 13.91
CA ILE A 200 7.63 -40.28 12.67
C ILE A 200 6.43 -40.86 11.93
N SER A 201 6.31 -42.18 11.91
CA SER A 201 5.20 -42.86 11.26
C SER A 201 4.39 -43.64 12.29
N PRO A 202 3.06 -43.58 12.20
CA PRO A 202 2.22 -44.40 13.10
C PRO A 202 2.25 -45.89 12.78
N TYR A 203 2.85 -46.30 11.66
CA TYR A 203 2.93 -47.72 11.32
C TYR A 203 3.92 -48.47 12.21
N PHE A 204 4.81 -47.77 12.90
CA PHE A 204 5.83 -48.40 13.74
C PHE A 204 5.28 -48.95 15.04
N ILE A 205 3.99 -48.76 15.33
CA ILE A 205 3.39 -49.21 16.58
C ILE A 205 3.31 -50.72 16.59
N ASN A 206 3.89 -51.35 17.61
CA ASN A 206 3.79 -52.79 17.81
C ASN A 206 3.09 -53.17 19.11
N THR A 207 2.83 -52.23 20.01
CA THR A 207 2.07 -52.45 21.23
C THR A 207 0.79 -51.65 21.10
N SER A 208 -0.28 -52.31 20.66
CA SER A 208 -1.52 -51.62 20.33
C SER A 208 -2.35 -51.24 21.54
N LYS A 209 -1.98 -51.71 22.74
CA LYS A 209 -2.76 -51.39 23.93
C LYS A 209 -2.65 -49.91 24.27
N GLY A 210 -1.43 -49.37 24.28
CA GLY A 210 -1.21 -47.96 24.52
C GLY A 210 -0.93 -47.14 23.28
N GLN A 211 -1.02 -47.74 22.09
CA GLN A 211 -0.68 -47.10 20.81
C GLN A 211 0.75 -46.57 20.82
N LYS A 212 1.69 -47.49 21.06
CA LYS A 212 3.09 -47.11 21.26
C LYS A 212 3.99 -48.22 20.73
N CYS A 213 5.24 -47.86 20.46
CA CYS A 213 6.26 -48.79 20.02
C CYS A 213 7.18 -49.12 21.18
N GLU A 214 7.31 -50.40 21.49
CA GLU A 214 8.10 -50.88 22.62
C GLU A 214 9.08 -51.94 22.14
N PHE A 215 10.37 -51.71 22.40
CA PHE A 215 11.41 -52.68 22.13
C PHE A 215 12.23 -52.90 23.41
N GLN A 216 12.79 -54.10 23.53
CA GLN A 216 13.77 -54.41 24.57
C GLN A 216 15.05 -54.86 23.91
N ASP A 217 16.18 -54.34 24.42
CA ASP A 217 17.53 -54.58 23.89
C ASP A 217 17.62 -54.18 22.41
N ALA A 218 17.47 -52.87 22.19
CA ALA A 218 17.43 -52.30 20.85
C ALA A 218 18.69 -51.54 20.53
N TYR A 219 19.13 -51.64 19.27
CA TYR A 219 20.19 -50.78 18.76
C TYR A 219 19.68 -49.34 18.64
N VAL A 220 20.61 -48.39 18.78
CA VAL A 220 20.30 -46.97 18.62
C VAL A 220 21.18 -46.41 17.51
N LEU A 221 20.56 -45.76 16.54
CA LEU A 221 21.27 -45.09 15.45
C LEU A 221 21.02 -43.59 15.55
N LEU A 222 22.09 -42.82 15.61
CA LEU A 222 22.02 -41.38 15.84
C LEU A 222 22.65 -40.65 14.67
N SER A 223 21.88 -39.79 14.02
CA SER A 223 22.34 -39.02 12.88
C SER A 223 22.11 -37.54 13.14
N GLU A 224 23.14 -36.73 12.92
CA GLU A 224 23.03 -35.29 13.10
C GLU A 224 22.35 -34.61 11.92
N LYS A 225 22.17 -35.30 10.80
CA LYS A 225 21.54 -34.77 9.61
C LYS A 225 20.33 -35.63 9.24
N LYS A 226 19.58 -35.16 8.24
CA LYS A 226 18.42 -35.90 7.76
C LYS A 226 18.84 -37.17 7.05
N ILE A 227 18.00 -38.20 7.19
CA ILE A 227 18.17 -39.47 6.48
C ILE A 227 17.06 -39.56 5.45
N SER A 228 17.42 -39.52 4.17
CA SER A 228 16.45 -39.51 3.09
C SER A 228 16.77 -40.45 1.94
N SER A 229 17.93 -41.08 1.91
CA SER A 229 18.34 -41.93 0.81
C SER A 229 18.37 -43.40 1.23
N ILE A 230 18.36 -44.27 0.22
CA ILE A 230 18.42 -45.71 0.44
C ILE A 230 19.76 -46.09 1.05
N GLN A 231 20.86 -45.54 0.53
CA GLN A 231 22.19 -45.95 0.94
C GLN A 231 22.55 -45.45 2.33
N SER A 232 21.88 -44.40 2.82
CA SER A 232 22.17 -43.90 4.16
C SER A 232 21.49 -44.70 5.25
N ILE A 233 20.49 -45.52 4.92
CA ILE A 233 19.73 -46.24 5.93
C ILE A 233 19.83 -47.75 5.78
N VAL A 234 20.13 -48.28 4.58
CA VAL A 234 20.14 -49.72 4.38
C VAL A 234 21.21 -50.47 5.18
N PRO A 235 22.49 -50.03 5.21
CA PRO A 235 23.48 -50.82 5.99
C PRO A 235 23.20 -50.94 7.48
N ALA A 236 22.65 -49.90 8.11
CA ALA A 236 22.24 -50.00 9.50
C ALA A 236 21.13 -51.03 9.68
N LEU A 237 20.19 -51.08 8.73
CA LEU A 237 19.16 -52.10 8.75
C LEU A 237 19.74 -53.49 8.53
N GLU A 238 20.80 -53.61 7.73
CA GLU A 238 21.47 -54.90 7.57
C GLU A 238 22.11 -55.35 8.88
N ILE A 239 22.74 -54.43 9.61
CA ILE A 239 23.31 -54.78 10.92
C ILE A 239 22.21 -55.22 11.88
N ALA A 240 21.10 -54.47 11.92
CA ALA A 240 20.00 -54.81 12.82
C ALA A 240 19.35 -56.14 12.46
N ASN A 241 19.23 -56.44 11.16
CA ASN A 241 18.63 -57.71 10.75
C ASN A 241 19.57 -58.88 10.96
N ALA A 242 20.87 -58.70 10.71
CA ALA A 242 21.82 -59.78 10.88
C ALA A 242 22.04 -60.10 12.36
N HIS A 243 21.98 -59.10 13.23
CA HIS A 243 22.08 -59.37 14.65
C HIS A 243 20.75 -59.79 15.28
N ARG A 244 19.65 -59.69 14.53
CA ARG A 244 18.30 -59.97 15.00
C ARG A 244 18.00 -59.18 16.27
N LYS A 245 17.99 -57.86 16.11
CA LYS A 245 17.98 -56.94 17.23
C LYS A 245 17.30 -55.65 16.78
N PRO A 246 16.42 -55.08 17.59
CA PRO A 246 15.66 -53.90 17.16
C PRO A 246 16.57 -52.68 17.00
N LEU A 247 16.10 -51.74 16.18
CA LEU A 247 16.83 -50.52 15.87
C LEU A 247 15.96 -49.31 16.12
N VAL A 248 16.51 -48.31 16.80
CA VAL A 248 15.86 -47.01 16.99
C VAL A 248 16.71 -45.98 16.26
N ILE A 249 16.08 -45.26 15.33
CA ILE A 249 16.76 -44.24 14.55
C ILE A 249 16.30 -42.88 15.07
N ILE A 250 17.23 -42.11 15.61
CA ILE A 250 16.97 -40.74 16.04
C ILE A 250 17.83 -39.83 15.17
N ALA A 251 17.19 -39.01 14.35
CA ALA A 251 17.88 -38.11 13.45
C ALA A 251 17.12 -36.78 13.41
N GLU A 252 17.63 -35.83 12.62
CA GLU A 252 16.93 -34.58 12.42
C GLU A 252 15.57 -34.82 11.77
N ASP A 253 15.53 -35.66 10.75
CA ASP A 253 14.29 -36.14 10.16
C ASP A 253 14.61 -37.39 9.36
N VAL A 254 13.64 -38.30 9.30
CA VAL A 254 13.67 -39.43 8.39
C VAL A 254 12.48 -39.27 7.46
N ASP A 255 12.76 -39.20 6.15
CA ASP A 255 11.74 -38.88 5.17
C ASP A 255 12.15 -39.43 3.82
N GLY A 256 11.28 -39.25 2.83
CA GLY A 256 11.61 -39.64 1.48
C GLY A 256 11.63 -41.14 1.29
N GLU A 257 12.68 -41.64 0.64
CA GLU A 257 12.78 -43.06 0.34
C GLU A 257 13.16 -43.89 1.57
N ALA A 258 13.91 -43.29 2.50
CA ALA A 258 14.29 -44.01 3.72
C ALA A 258 13.07 -44.33 4.58
N LEU A 259 12.15 -43.37 4.70
CA LEU A 259 10.91 -43.63 5.45
C LEU A 259 10.09 -44.73 4.79
N SER A 260 10.00 -44.71 3.46
CA SER A 260 9.26 -45.75 2.75
C SER A 260 9.92 -47.11 2.93
N THR A 261 11.25 -47.15 2.94
CA THR A 261 11.97 -48.40 3.21
C THR A 261 11.67 -48.92 4.61
N LEU A 262 11.66 -48.02 5.61
CA LEU A 262 11.39 -48.43 6.98
C LEU A 262 9.98 -48.97 7.14
N VAL A 263 8.99 -48.26 6.59
CA VAL A 263 7.60 -48.71 6.71
C VAL A 263 7.38 -50.01 5.94
N LEU A 264 7.98 -50.14 4.75
CA LEU A 264 7.83 -51.36 3.97
C LEU A 264 8.47 -52.55 4.67
N ASN A 265 9.64 -52.35 5.28
CA ASN A 265 10.30 -53.46 5.96
C ASN A 265 9.61 -53.83 7.27
N ARG A 266 8.98 -52.86 7.94
CA ARG A 266 8.22 -53.20 9.14
C ARG A 266 6.92 -53.92 8.78
N LEU A 267 6.23 -53.47 7.73
CA LEU A 267 4.91 -54.02 7.44
C LEU A 267 5.00 -55.40 6.80
N LYS A 268 5.94 -55.61 5.87
CA LYS A 268 5.95 -56.84 5.10
C LYS A 268 6.60 -57.98 5.86
N VAL A 269 7.89 -57.87 6.16
CA VAL A 269 8.61 -58.97 6.78
C VAL A 269 8.58 -58.90 8.31
N GLY A 270 8.29 -57.72 8.87
CA GLY A 270 8.20 -57.59 10.31
C GLY A 270 9.50 -57.16 10.96
N LEU A 271 10.21 -56.23 10.32
CA LEU A 271 11.46 -55.73 10.87
C LEU A 271 11.18 -54.78 12.03
N GLN A 272 11.87 -54.99 13.14
CA GLN A 272 11.66 -54.20 14.36
C GLN A 272 12.49 -52.93 14.24
N VAL A 273 11.82 -51.82 13.94
CA VAL A 273 12.50 -50.55 13.72
C VAL A 273 11.52 -49.42 14.01
N VAL A 274 12.04 -48.31 14.51
CA VAL A 274 11.24 -47.11 14.77
C VAL A 274 12.12 -45.90 14.52
N ALA A 275 11.53 -44.85 13.95
CA ALA A 275 12.24 -43.62 13.63
C ALA A 275 11.65 -42.47 14.44
N VAL A 276 12.51 -41.73 15.12
CA VAL A 276 12.11 -40.61 15.97
C VAL A 276 12.90 -39.38 15.54
N LYS A 277 12.23 -38.22 15.50
CA LYS A 277 12.92 -36.97 15.25
C LYS A 277 13.79 -36.59 16.45
N ALA A 278 14.77 -35.73 16.19
CA ALA A 278 15.64 -35.33 17.29
C ALA A 278 15.06 -34.11 18.02
N PRO A 279 15.23 -34.03 19.34
CA PRO A 279 14.79 -32.84 20.07
C PRO A 279 15.82 -31.71 19.98
N GLY A 280 15.32 -30.49 20.09
CA GLY A 280 16.14 -29.31 20.03
C GLY A 280 15.96 -28.55 18.72
N PHE A 281 16.40 -27.29 18.73
CA PHE A 281 16.26 -26.42 17.57
C PHE A 281 17.53 -25.59 17.36
N GLY A 282 18.69 -26.23 17.47
CA GLY A 282 19.95 -25.55 17.28
C GLY A 282 21.14 -26.36 17.76
N ASP A 283 22.10 -25.69 18.41
CA ASP A 283 23.23 -26.40 19.00
C ASP A 283 22.82 -27.23 20.21
N ASN A 284 21.67 -26.91 20.82
CA ASN A 284 21.13 -27.75 21.88
C ASN A 284 20.75 -29.12 21.35
N ARG A 285 20.26 -29.19 20.11
CA ARG A 285 19.94 -30.48 19.49
C ARG A 285 21.18 -31.33 19.33
N LYS A 286 22.29 -30.72 18.87
CA LYS A 286 23.55 -31.44 18.75
C LYS A 286 24.08 -31.89 20.11
N ASN A 287 23.96 -31.02 21.12
CA ASN A 287 24.40 -31.36 22.47
C ASN A 287 23.61 -32.52 23.04
N GLN A 288 22.27 -32.50 22.89
CA GLN A 288 21.45 -33.60 23.39
C GLN A 288 21.69 -34.89 22.62
N LEU A 289 21.95 -34.78 21.32
CA LEU A 289 22.23 -35.96 20.52
C LEU A 289 23.56 -36.59 20.92
N LYS A 290 24.57 -35.77 21.20
CA LYS A 290 25.83 -36.28 21.71
C LYS A 290 25.67 -36.87 23.12
N ASP A 291 24.79 -36.29 23.93
CA ASP A 291 24.48 -36.87 25.24
C ASP A 291 23.85 -38.26 25.09
N MET A 292 22.94 -38.41 24.13
CA MET A 292 22.37 -39.72 23.84
C MET A 292 23.43 -40.70 23.35
N ALA A 293 24.38 -40.21 22.53
CA ALA A 293 25.45 -41.07 22.04
C ALA A 293 26.34 -41.56 23.18
N ILE A 294 26.66 -40.67 24.13
CA ILE A 294 27.50 -41.07 25.25
C ILE A 294 26.74 -42.01 26.18
N ALA A 295 25.46 -41.74 26.42
CA ALA A 295 24.68 -42.55 27.35
C ALA A 295 24.38 -43.94 26.79
N THR A 296 24.18 -44.04 25.48
CA THR A 296 23.88 -45.34 24.86
C THR A 296 25.12 -46.06 24.36
N GLY A 297 26.25 -45.36 24.23
CA GLY A 297 27.44 -45.98 23.68
C GLY A 297 27.51 -45.96 22.17
N GLY A 298 26.75 -45.07 21.52
CA GLY A 298 26.79 -44.95 20.07
C GLY A 298 27.62 -43.74 19.63
N ALA A 299 27.59 -43.51 18.32
CA ALA A 299 28.30 -42.42 17.70
C ALA A 299 27.34 -41.59 16.87
N VAL A 300 27.56 -40.28 16.86
CA VAL A 300 26.75 -39.37 16.05
C VAL A 300 27.24 -39.43 14.61
N PHE A 301 26.30 -39.48 13.67
CA PHE A 301 26.61 -39.55 12.25
C PHE A 301 26.22 -38.24 11.56
N GLY A 302 26.95 -37.92 10.50
CA GLY A 302 26.70 -36.69 9.75
C GLY A 302 27.01 -35.43 10.53
N GLU A 303 28.04 -35.47 11.37
CA GLU A 303 28.40 -34.32 12.17
C GLU A 303 29.31 -33.39 11.38
N GLU A 304 29.40 -32.14 11.84
CA GLU A 304 30.17 -31.13 11.12
C GLU A 304 31.67 -31.33 11.31
N GLY A 305 32.10 -31.76 12.49
CA GLY A 305 33.51 -31.88 12.78
C GLY A 305 34.17 -33.18 12.39
N LEU A 306 33.68 -34.30 12.95
CA LEU A 306 34.27 -35.60 12.67
C LEU A 306 33.89 -36.13 11.29
N THR A 307 32.70 -35.76 10.80
CA THR A 307 32.18 -36.13 9.48
C THR A 307 32.14 -37.65 9.29
N LEU A 308 31.32 -38.29 10.11
CA LEU A 308 31.11 -39.74 10.05
C LEU A 308 29.88 -40.02 9.20
N ASN A 309 30.05 -40.87 8.19
CA ASN A 309 29.01 -41.12 7.19
C ASN A 309 28.20 -42.37 7.53
N LEU A 310 26.93 -42.34 7.15
CA LEU A 310 26.00 -43.43 7.43
C LEU A 310 26.12 -44.59 6.46
N GLU A 311 26.93 -44.46 5.40
CA GLU A 311 27.11 -45.57 4.48
C GLU A 311 28.02 -46.64 5.05
N ASP A 312 29.02 -46.26 5.82
CA ASP A 312 29.96 -47.19 6.46
C ASP A 312 29.71 -47.15 7.97
N VAL A 313 28.81 -48.01 8.43
CA VAL A 313 28.46 -48.13 9.84
C VAL A 313 28.88 -49.52 10.30
N GLN A 314 29.58 -49.57 11.41
CA GLN A 314 29.93 -50.83 12.07
C GLN A 314 29.00 -51.08 13.24
N PRO A 315 28.88 -52.33 13.70
CA PRO A 315 28.01 -52.61 14.86
C PRO A 315 28.43 -51.93 16.15
N HIS A 316 29.68 -51.49 16.28
CA HIS A 316 30.08 -50.77 17.49
C HIS A 316 29.77 -49.28 17.42
N ASP A 317 29.31 -48.77 16.28
CA ASP A 317 28.90 -47.37 16.19
C ASP A 317 27.46 -47.14 16.64
N LEU A 318 26.74 -48.19 17.01
CA LEU A 318 25.36 -48.07 17.42
C LEU A 318 25.23 -48.18 18.92
N GLY A 319 24.42 -47.30 19.50
CA GLY A 319 24.14 -47.38 20.92
C GLY A 319 23.26 -48.57 21.26
N LYS A 320 23.28 -48.96 22.54
CA LYS A 320 22.49 -50.07 23.03
C LYS A 320 21.69 -49.60 24.23
N VAL A 321 20.37 -49.78 24.17
CA VAL A 321 19.49 -49.50 25.29
C VAL A 321 18.82 -50.80 25.70
N GLY A 322 18.47 -50.91 26.98
CA GLY A 322 17.72 -52.06 27.44
C GLY A 322 16.24 -51.98 27.14
N GLU A 323 15.71 -50.79 26.94
CA GLU A 323 14.29 -50.58 26.72
C GLU A 323 14.07 -49.22 26.07
N VAL A 324 13.17 -49.19 25.10
CA VAL A 324 12.78 -47.94 24.44
C VAL A 324 11.27 -47.93 24.30
N ILE A 325 10.65 -46.80 24.64
CA ILE A 325 9.21 -46.60 24.51
C ILE A 325 9.00 -45.36 23.66
N VAL A 326 8.34 -45.53 22.52
CA VAL A 326 8.01 -44.42 21.62
C VAL A 326 6.50 -44.34 21.52
N THR A 327 5.95 -43.21 21.93
CA THR A 327 4.52 -42.90 21.81
C THR A 327 4.35 -41.87 20.70
N LYS A 328 3.11 -41.37 20.56
CA LYS A 328 2.82 -40.40 19.51
C LYS A 328 3.53 -39.07 19.77
N ASP A 329 3.68 -38.68 21.03
CA ASP A 329 4.22 -37.36 21.35
C ASP A 329 5.60 -37.40 21.98
N ASP A 330 6.08 -38.54 22.45
CA ASP A 330 7.37 -38.57 23.13
C ASP A 330 8.03 -39.94 22.94
N ALA A 331 9.34 -39.94 23.14
CA ALA A 331 10.14 -41.16 23.14
C ALA A 331 11.07 -41.14 24.35
N MET A 332 11.40 -42.32 24.85
CA MET A 332 12.23 -42.40 26.04
C MET A 332 13.12 -43.64 25.96
N LEU A 333 14.37 -43.48 26.40
CA LEU A 333 15.40 -44.51 26.31
C LEU A 333 15.78 -44.95 27.70
N LEU A 334 15.82 -46.26 27.93
CA LEU A 334 16.08 -46.84 29.24
C LEU A 334 17.33 -47.70 29.20
N LYS A 335 18.20 -47.51 30.20
CA LYS A 335 19.33 -48.38 30.50
C LYS A 335 20.32 -48.44 29.33
N GLY A 336 20.78 -47.25 28.93
CA GLY A 336 21.80 -47.18 27.89
C GLY A 336 23.10 -47.80 28.34
N LYS A 337 23.75 -48.52 27.42
CA LYS A 337 24.94 -49.28 27.73
C LYS A 337 26.22 -48.51 27.43
N GLY A 338 26.20 -47.19 27.56
CA GLY A 338 27.41 -46.41 27.38
C GLY A 338 28.39 -46.60 28.52
N ASP A 339 29.63 -46.20 28.26
CA ASP A 339 30.68 -46.30 29.26
C ASP A 339 30.40 -45.32 30.40
N LYS A 340 30.50 -45.82 31.63
CA LYS A 340 30.21 -44.99 32.80
C LYS A 340 31.20 -43.84 32.94
N ALA A 341 32.48 -44.11 32.64
CA ALA A 341 33.50 -43.05 32.73
C ALA A 341 33.25 -41.94 31.72
N GLN A 342 32.80 -42.28 30.52
CA GLN A 342 32.50 -41.26 29.51
C GLN A 342 31.27 -40.45 29.90
N ILE A 343 30.28 -41.11 30.51
CA ILE A 343 29.11 -40.39 31.01
C ILE A 343 29.51 -39.43 32.13
N GLU A 344 30.41 -39.87 33.02
CA GLU A 344 30.90 -38.99 34.07
C GLU A 344 31.70 -37.81 33.50
N LYS A 345 32.50 -38.06 32.46
CA LYS A 345 33.26 -36.99 31.82
C LYS A 345 32.33 -35.97 31.17
N ARG A 346 31.27 -36.44 30.51
CA ARG A 346 30.27 -35.55 29.96
C ARG A 346 29.52 -34.78 31.05
N ILE A 347 29.29 -35.41 32.20
CA ILE A 347 28.61 -34.75 33.31
C ILE A 347 29.46 -33.61 33.87
N GLN A 348 30.76 -33.87 34.11
CA GLN A 348 31.64 -32.80 34.56
C GLN A 348 31.84 -31.73 33.48
N GLU A 349 31.79 -32.11 32.21
CA GLU A 349 31.84 -31.10 31.15
C GLU A 349 30.61 -30.19 31.19
N ILE A 350 29.43 -30.78 31.41
CA ILE A 350 28.21 -29.97 31.54
C ILE A 350 28.28 -29.08 32.78
N ILE A 351 28.87 -29.59 33.86
CA ILE A 351 29.04 -28.80 35.09
C ILE A 351 29.94 -27.60 34.83
N GLU A 352 31.08 -27.83 34.18
CA GLU A 352 32.00 -26.74 33.88
C GLU A 352 31.42 -25.76 32.85
N GLN A 353 30.53 -26.23 31.97
CA GLN A 353 29.78 -25.31 31.12
C GLN A 353 28.82 -24.46 31.94
N LEU A 354 28.18 -25.08 32.95
CA LEU A 354 27.29 -24.34 33.83
C LEU A 354 28.02 -23.28 34.63
N ASP A 355 29.28 -23.53 34.99
CA ASP A 355 30.04 -22.57 35.77
C ASP A 355 30.36 -21.29 35.01
N VAL A 356 30.32 -21.31 33.67
CA VAL A 356 30.73 -20.17 32.86
C VAL A 356 29.58 -19.58 32.07
N THR A 357 28.34 -19.92 32.41
CA THR A 357 27.17 -19.37 31.72
C THR A 357 26.36 -18.51 32.69
N THR A 358 25.91 -17.35 32.19
CA THR A 358 25.11 -16.41 32.98
C THR A 358 23.89 -15.92 32.20
N SER A 359 23.50 -16.61 31.14
CA SER A 359 22.37 -16.18 30.32
C SER A 359 21.01 -16.46 30.95
N GLU A 360 20.96 -17.29 31.99
CA GLU A 360 19.76 -17.69 32.73
C GLU A 360 18.75 -18.45 31.89
N TYR A 361 19.10 -18.84 30.67
CA TYR A 361 18.27 -19.68 29.83
C TYR A 361 19.02 -20.89 29.30
N GLU A 362 20.29 -20.73 28.95
CA GLU A 362 21.14 -21.88 28.63
C GLU A 362 21.50 -22.67 29.88
N LYS A 363 21.48 -22.03 31.05
CA LYS A 363 21.69 -22.74 32.31
C LYS A 363 20.58 -23.75 32.55
N GLU A 364 19.35 -23.40 32.19
CA GLU A 364 18.23 -24.34 32.29
C GLU A 364 18.42 -25.53 31.36
N LYS A 365 18.91 -25.27 30.14
CA LYS A 365 19.18 -26.35 29.19
C LYS A 365 20.28 -27.27 29.69
N LEU A 366 21.35 -26.70 30.25
CA LEU A 366 22.44 -27.50 30.77
C LEU A 366 22.00 -28.31 31.99
N ASN A 367 21.17 -27.72 32.86
CA ASN A 367 20.63 -28.44 34.01
C ASN A 367 19.71 -29.58 33.56
N GLU A 368 18.92 -29.35 32.50
CA GLU A 368 18.07 -30.41 31.96
C GLU A 368 18.91 -31.55 31.39
N ARG A 369 19.98 -31.23 30.66
CA ARG A 369 20.85 -32.27 30.12
C ARG A 369 21.54 -33.05 31.24
N LEU A 370 21.99 -32.34 32.29
CA LEU A 370 22.61 -33.00 33.43
C LEU A 370 21.62 -33.91 34.15
N ALA A 371 20.37 -33.47 34.29
CA ALA A 371 19.35 -34.29 34.93
C ALA A 371 19.02 -35.52 34.10
N LYS A 372 18.94 -35.36 32.78
CA LYS A 372 18.70 -36.51 31.90
C LYS A 372 19.84 -37.51 31.97
N LEU A 373 21.08 -37.01 32.08
CA LEU A 373 22.21 -37.93 32.14
C LEU A 373 22.41 -38.56 33.52
N SER A 374 21.97 -37.90 34.58
CA SER A 374 22.35 -38.33 35.93
C SER A 374 21.17 -38.82 36.78
N ASP A 375 20.14 -38.00 36.99
CA ASP A 375 19.16 -38.28 38.04
C ASP A 375 17.70 -38.19 37.61
N GLY A 376 17.39 -37.64 36.44
CA GLY A 376 16.01 -37.47 36.05
C GLY A 376 15.43 -36.15 36.51
N VAL A 377 14.16 -35.95 36.14
CA VAL A 377 13.46 -34.72 36.43
C VAL A 377 12.16 -35.02 37.18
N ALA A 378 11.72 -34.07 37.98
CA ALA A 378 10.48 -34.18 38.74
C ALA A 378 9.49 -33.13 38.23
N VAL A 379 8.24 -33.54 38.07
CA VAL A 379 7.17 -32.65 37.63
C VAL A 379 6.09 -32.64 38.71
N LEU A 380 5.85 -31.46 39.28
CA LEU A 380 4.76 -31.27 40.22
C LEU A 380 3.55 -30.74 39.47
N LYS A 381 2.49 -31.55 39.39
CA LYS A 381 1.22 -31.13 38.81
C LYS A 381 0.30 -30.69 39.93
N VAL A 382 -0.12 -29.44 39.88
CA VAL A 382 -0.91 -28.84 40.96
C VAL A 382 -2.38 -29.03 40.65
N GLY A 383 -3.08 -29.72 41.55
CA GLY A 383 -4.49 -29.95 41.37
C GLY A 383 -5.33 -28.77 41.80
N GLY A 384 -6.60 -28.82 41.43
CA GLY A 384 -7.53 -27.78 41.80
C GLY A 384 -8.80 -27.86 41.00
N THR A 385 -9.85 -27.28 41.58
CA THR A 385 -11.17 -27.30 40.95
C THR A 385 -11.22 -26.38 39.74
N SER A 386 -10.67 -25.17 39.87
CA SER A 386 -10.75 -24.16 38.83
C SER A 386 -9.36 -23.58 38.57
N ASP A 387 -9.27 -22.77 37.51
CA ASP A 387 -8.01 -22.18 37.11
C ASP A 387 -7.52 -21.15 38.12
N VAL A 388 -8.44 -20.41 38.74
CA VAL A 388 -8.06 -19.40 39.73
C VAL A 388 -7.47 -20.07 40.97
N GLU A 389 -8.06 -21.18 41.42
CA GLU A 389 -7.50 -21.94 42.54
C GLU A 389 -6.16 -22.57 42.17
N VAL A 390 -6.05 -23.07 40.95
CA VAL A 390 -4.81 -23.71 40.49
C VAL A 390 -3.68 -22.70 40.47
N ASN A 391 -3.94 -21.49 39.96
CA ASN A 391 -2.92 -20.45 39.92
C ASN A 391 -2.54 -19.98 41.32
N GLU A 392 -3.54 -19.83 42.21
CA GLU A 392 -3.27 -19.42 43.58
C GLU A 392 -2.39 -20.45 44.30
N LYS A 393 -2.71 -21.73 44.15
CA LYS A 393 -1.89 -22.76 44.80
C LYS A 393 -0.53 -22.90 44.13
N LYS A 394 -0.46 -22.66 42.81
CA LYS A 394 0.79 -22.73 42.07
C LYS A 394 1.78 -21.67 42.55
N ASP A 395 1.27 -20.48 42.88
CA ASP A 395 2.13 -19.44 43.45
C ASP A 395 2.80 -19.92 44.74
N ARG A 396 2.03 -20.58 45.62
CA ARG A 396 2.59 -21.06 46.88
C ARG A 396 3.55 -22.23 46.66
N VAL A 397 3.26 -23.09 45.69
CA VAL A 397 4.16 -24.20 45.36
C VAL A 397 5.49 -23.67 44.83
N THR A 398 5.45 -22.67 43.95
CA THR A 398 6.67 -22.05 43.44
C THR A 398 7.45 -21.36 44.56
N ASP A 399 6.74 -20.69 45.48
CA ASP A 399 7.38 -20.07 46.63
C ASP A 399 8.08 -21.12 47.50
N ALA A 400 7.43 -22.26 47.73
CA ALA A 400 8.01 -23.31 48.56
C ALA A 400 9.22 -23.96 47.89
N LEU A 401 9.17 -24.15 46.57
CA LEU A 401 10.34 -24.67 45.86
C LEU A 401 11.52 -23.71 45.93
N ASN A 402 11.27 -22.41 45.71
CA ASN A 402 12.35 -21.43 45.77
C ASN A 402 12.93 -21.33 47.17
N ALA A 403 12.08 -21.36 48.19
CA ALA A 403 12.55 -21.30 49.58
C ALA A 403 13.34 -22.54 49.95
N THR A 404 12.94 -23.71 49.45
CA THR A 404 13.66 -24.93 49.77
C THR A 404 15.02 -24.96 49.07
N ARG A 405 15.09 -24.45 47.83
CA ARG A 405 16.38 -24.33 47.15
C ARG A 405 17.29 -23.34 47.87
N ALA A 406 16.72 -22.21 48.34
CA ALA A 406 17.51 -21.23 49.09
C ALA A 406 18.01 -21.81 50.41
N ALA A 407 17.17 -22.60 51.09
CA ALA A 407 17.59 -23.22 52.34
C ALA A 407 18.65 -24.28 52.13
N VAL A 408 18.58 -25.01 51.00
CA VAL A 408 19.66 -25.94 50.65
C VAL A 408 20.96 -25.18 50.42
N GLU A 409 20.87 -24.04 49.72
CA GLU A 409 22.07 -23.27 49.42
C GLU A 409 22.71 -22.66 50.67
N GLU A 410 21.91 -21.99 51.51
CA GLU A 410 22.48 -21.12 52.53
C GLU A 410 21.99 -21.39 53.95
N GLY A 411 21.25 -22.46 54.19
CA GLY A 411 20.85 -22.78 55.54
C GLY A 411 19.55 -22.13 55.97
N ILE A 412 19.23 -22.33 57.25
CA ILE A 412 17.97 -21.89 57.81
C ILE A 412 18.20 -21.07 59.07
N VAL A 413 17.24 -20.19 59.36
CA VAL A 413 17.16 -19.43 60.61
C VAL A 413 15.76 -19.61 61.19
N LEU A 414 15.50 -18.91 62.29
CA LEU A 414 14.19 -18.98 62.93
C LEU A 414 13.15 -18.26 62.08
N GLY A 415 11.96 -18.85 62.01
CA GLY A 415 10.85 -18.24 61.29
C GLY A 415 10.09 -17.25 62.14
N GLY A 416 9.03 -16.70 61.54
CA GLY A 416 8.15 -15.79 62.25
C GLY A 416 8.71 -14.43 62.53
N GLY A 417 9.70 -13.97 61.76
CA GLY A 417 10.33 -12.70 62.04
C GLY A 417 11.25 -12.69 63.24
N CYS A 418 11.53 -13.86 63.83
CA CYS A 418 12.34 -13.92 65.03
C CYS A 418 13.83 -13.82 64.73
N ALA A 419 14.24 -14.24 63.52
CA ALA A 419 15.65 -14.14 63.15
C ALA A 419 16.12 -12.69 63.10
N LEU A 420 15.28 -11.80 62.56
CA LEU A 420 15.60 -10.38 62.61
C LEU A 420 15.47 -9.81 64.01
N LEU A 421 14.57 -10.37 64.82
CA LEU A 421 14.41 -9.90 66.20
C LEU A 421 15.65 -10.21 67.03
N ARG A 422 16.30 -11.34 66.78
CA ARG A 422 17.48 -11.72 67.55
C ARG A 422 18.75 -11.01 67.07
N CYS A 423 18.68 -10.23 66.00
CA CYS A 423 19.83 -9.46 65.53
C CYS A 423 19.88 -8.05 66.11
N ILE A 424 18.89 -7.68 66.93
CA ILE A 424 18.92 -6.36 67.58
C ILE A 424 20.09 -6.15 68.52
N PRO A 425 20.48 -7.10 69.40
CA PRO A 425 21.70 -6.86 70.21
C PRO A 425 22.99 -6.69 69.41
N ALA A 426 23.05 -7.18 68.17
CA ALA A 426 24.19 -6.87 67.32
C ALA A 426 24.21 -5.39 66.94
N LEU A 427 23.04 -4.78 66.78
CA LEU A 427 22.98 -3.34 66.54
C LEU A 427 23.24 -2.56 67.81
N ASP A 428 22.89 -3.12 68.96
CA ASP A 428 23.12 -2.42 70.23
C ASP A 428 24.60 -2.26 70.55
N SER A 429 25.47 -3.08 69.97
CA SER A 429 26.90 -3.02 70.24
C SER A 429 27.67 -2.14 69.25
N LEU A 430 27.00 -1.58 68.25
CA LEU A 430 27.69 -0.75 67.27
C LEU A 430 28.03 0.62 67.84
N THR A 431 29.06 1.23 67.29
CA THR A 431 29.45 2.60 67.64
C THR A 431 29.32 3.49 66.41
N PRO A 432 28.31 4.36 66.35
CA PRO A 432 28.16 5.22 65.16
C PRO A 432 29.23 6.29 65.09
N ALA A 433 29.56 6.69 63.86
CA ALA A 433 30.58 7.71 63.65
C ALA A 433 30.06 9.10 63.99
N ASN A 434 28.79 9.37 63.76
CA ASN A 434 28.20 10.67 64.06
C ASN A 434 26.73 10.47 64.37
N GLU A 435 25.98 11.58 64.44
CA GLU A 435 24.58 11.54 64.83
C GLU A 435 23.69 11.00 63.71
N ASP A 436 24.00 11.32 62.45
CA ASP A 436 23.20 10.84 61.33
C ASP A 436 23.30 9.32 61.18
N GLN A 437 24.49 8.77 61.34
CA GLN A 437 24.66 7.32 61.31
C GLN A 437 23.97 6.66 62.51
N LYS A 438 23.96 7.33 63.66
CA LYS A 438 23.19 6.84 64.81
C LYS A 438 21.70 6.80 64.50
N ILE A 439 21.21 7.82 63.80
CA ILE A 439 19.81 7.86 63.37
C ILE A 439 19.51 6.70 62.44
N GLY A 440 20.40 6.42 61.49
CA GLY A 440 20.19 5.30 60.58
C GLY A 440 20.22 3.95 61.26
N ILE A 441 21.14 3.77 62.21
CA ILE A 441 21.21 2.54 62.99
C ILE A 441 19.92 2.33 63.79
N GLU A 442 19.41 3.41 64.41
CA GLU A 442 18.16 3.30 65.17
C GLU A 442 16.96 3.04 64.26
N ILE A 443 16.99 3.57 63.03
CA ILE A 443 15.94 3.28 62.05
C ILE A 443 15.91 1.78 61.75
N ILE A 444 17.07 1.19 61.52
CA ILE A 444 17.12 -0.24 61.23
C ILE A 444 16.73 -1.06 62.47
N LYS A 445 17.12 -0.59 63.66
CA LYS A 445 16.76 -1.27 64.90
C LYS A 445 15.25 -1.29 65.11
N ARG A 446 14.57 -0.18 64.81
CA ARG A 446 13.11 -0.16 64.89
C ARG A 446 12.49 -1.03 63.80
N THR A 447 13.11 -1.05 62.61
CA THR A 447 12.56 -1.81 61.49
C THR A 447 12.66 -3.32 61.72
N LEU A 448 13.63 -3.76 62.53
CA LEU A 448 13.83 -5.20 62.74
C LEU A 448 12.66 -5.88 63.45
N LYS A 449 11.80 -5.13 64.13
CA LYS A 449 10.61 -5.70 64.78
C LYS A 449 9.42 -5.81 63.85
N ILE A 450 9.48 -5.21 62.66
CA ILE A 450 8.29 -5.07 61.80
C ILE A 450 7.72 -6.40 61.31
N PRO A 451 8.52 -7.36 60.79
CA PRO A 451 7.88 -8.61 60.31
C PRO A 451 7.14 -9.40 61.36
N ALA A 452 7.67 -9.49 62.58
CA ALA A 452 6.98 -10.20 63.65
C ALA A 452 5.70 -9.47 64.07
N MET A 453 5.74 -8.14 64.12
CA MET A 453 4.54 -7.37 64.42
C MET A 453 3.47 -7.55 63.34
N THR A 454 3.89 -7.59 62.07
CA THR A 454 2.93 -7.77 60.98
C THR A 454 2.30 -9.15 61.02
N ILE A 455 3.11 -10.18 61.28
CA ILE A 455 2.59 -11.55 61.40
C ILE A 455 1.63 -11.65 62.57
N ALA A 456 1.95 -11.03 63.71
CA ALA A 456 1.06 -11.07 64.86
C ALA A 456 -0.21 -10.23 64.63
N LYS A 457 -0.09 -9.13 63.89
CA LYS A 457 -1.25 -8.30 63.61
C LYS A 457 -2.23 -8.99 62.68
N ASN A 458 -1.72 -9.70 61.67
CA ASN A 458 -2.60 -10.47 60.80
C ASN A 458 -3.27 -11.63 61.53
N ALA A 459 -2.70 -12.08 62.64
CA ALA A 459 -3.29 -13.13 63.46
C ALA A 459 -4.31 -12.61 64.46
N GLY A 460 -4.55 -11.30 64.48
CA GLY A 460 -5.57 -10.72 65.34
C GLY A 460 -5.15 -10.38 66.75
N VAL A 461 -3.87 -10.47 67.08
CA VAL A 461 -3.38 -10.13 68.40
C VAL A 461 -2.56 -8.85 68.31
N GLU A 462 -2.19 -8.32 69.48
CA GLU A 462 -1.41 -7.09 69.55
C GLU A 462 0.06 -7.39 69.27
N GLY A 463 0.58 -6.83 68.18
CA GLY A 463 1.90 -7.21 67.72
C GLY A 463 3.03 -6.76 68.64
N SER A 464 2.90 -5.58 69.24
CA SER A 464 3.96 -5.04 70.09
C SER A 464 4.15 -5.87 71.34
N LEU A 465 3.05 -6.31 71.97
CA LEU A 465 3.15 -7.15 73.16
C LEU A 465 3.78 -8.50 72.84
N ILE A 466 3.41 -9.08 71.70
CA ILE A 466 4.00 -10.34 71.24
C ILE A 466 5.50 -10.18 71.02
N VAL A 467 5.90 -9.08 70.38
CA VAL A 467 7.31 -8.85 70.08
C VAL A 467 8.12 -8.63 71.35
N GLU A 468 7.58 -7.88 72.31
CA GLU A 468 8.29 -7.69 73.57
C GLU A 468 8.40 -8.98 74.36
N LYS A 469 7.36 -9.82 74.34
CA LYS A 469 7.46 -11.09 75.05
C LYS A 469 8.42 -12.06 74.36
N ILE A 470 8.54 -11.97 73.03
CA ILE A 470 9.59 -12.73 72.33
C ILE A 470 10.97 -12.24 72.75
N MET A 471 11.15 -10.92 72.85
CA MET A 471 12.45 -10.37 73.21
C MET A 471 12.85 -10.71 74.64
N GLN A 472 11.89 -10.79 75.57
CA GLN A 472 12.24 -11.24 76.91
C GLN A 472 12.43 -12.75 77.00
N SER A 473 12.06 -13.51 75.97
CA SER A 473 12.18 -14.95 76.01
C SER A 473 13.59 -15.39 75.66
N SER A 474 13.84 -16.69 75.79
CA SER A 474 15.09 -17.28 75.35
C SER A 474 15.19 -17.24 73.83
N SER A 475 16.42 -17.41 73.33
CA SER A 475 16.70 -17.23 71.91
C SER A 475 16.03 -18.27 71.03
N GLU A 476 15.66 -19.43 71.58
CA GLU A 476 14.99 -20.46 70.81
C GLU A 476 13.47 -20.30 70.77
N VAL A 477 12.92 -19.35 71.52
CA VAL A 477 11.47 -19.23 71.69
C VAL A 477 10.97 -18.10 70.80
N GLY A 478 9.98 -18.40 69.97
CA GLY A 478 9.27 -17.40 69.20
C GLY A 478 7.78 -17.54 69.34
N TYR A 479 7.01 -16.89 68.47
CA TYR A 479 5.55 -16.93 68.54
C TYR A 479 5.00 -17.72 67.36
N ASP A 480 4.27 -18.79 67.67
CA ASP A 480 3.48 -19.49 66.67
C ASP A 480 2.19 -18.71 66.44
N ALA A 481 2.11 -18.01 65.31
CA ALA A 481 0.93 -17.22 65.03
C ALA A 481 -0.26 -18.10 64.64
N MET A 482 0.01 -19.27 64.05
CA MET A 482 -1.06 -20.18 63.69
C MET A 482 -1.69 -20.81 64.93
N ALA A 483 -0.88 -21.19 65.91
CA ALA A 483 -1.39 -21.78 67.14
C ALA A 483 -1.71 -20.75 68.22
N GLY A 484 -1.24 -19.52 68.07
CA GLY A 484 -1.41 -18.51 69.11
C GLY A 484 -0.64 -18.81 70.38
N ASP A 485 0.57 -19.37 70.26
CA ASP A 485 1.33 -19.82 71.41
C ASP A 485 2.80 -19.51 71.22
N PHE A 486 3.52 -19.39 72.33
CA PHE A 486 4.97 -19.18 72.31
C PHE A 486 5.66 -20.54 72.42
N VAL A 487 6.42 -20.89 71.38
CA VAL A 487 6.94 -22.25 71.20
C VAL A 487 8.41 -22.20 70.87
N ASN A 488 9.04 -23.38 70.89
CA ASN A 488 10.35 -23.58 70.29
C ASN A 488 10.18 -23.63 68.76
N MET A 489 10.80 -22.68 68.07
CA MET A 489 10.52 -22.51 66.64
C MET A 489 11.16 -23.62 65.81
N VAL A 490 12.37 -24.05 66.17
CA VAL A 490 13.02 -25.13 65.44
C VAL A 490 12.29 -26.45 65.66
N GLU A 491 11.85 -26.71 66.89
CA GLU A 491 11.15 -27.95 67.19
C GLU A 491 9.79 -28.01 66.51
N LYS A 492 9.11 -26.88 66.40
CA LYS A 492 7.81 -26.83 65.72
C LYS A 492 7.94 -26.67 64.22
N GLY A 493 9.14 -26.53 63.68
CA GLY A 493 9.35 -26.42 62.26
C GLY A 493 9.06 -25.06 61.65
N ILE A 494 8.94 -24.01 62.47
CA ILE A 494 8.72 -22.66 61.96
C ILE A 494 10.10 -22.06 61.70
N ILE A 495 10.60 -22.27 60.49
CA ILE A 495 11.96 -21.89 60.12
C ILE A 495 11.91 -21.18 58.77
N ASP A 496 12.91 -20.35 58.53
CA ASP A 496 13.03 -19.56 57.31
C ASP A 496 14.40 -19.76 56.70
N PRO A 497 14.52 -19.67 55.37
CA PRO A 497 15.85 -19.66 54.77
C PRO A 497 16.58 -18.36 55.07
N THR A 498 17.87 -18.49 55.39
CA THR A 498 18.70 -17.33 55.72
C THR A 498 18.83 -16.39 54.53
N LYS A 499 18.96 -16.96 53.33
CA LYS A 499 19.10 -16.19 52.11
C LYS A 499 17.88 -15.31 51.86
N VAL A 500 16.69 -15.83 52.12
CA VAL A 500 15.45 -15.08 51.91
C VAL A 500 15.39 -13.89 52.86
N VAL A 501 15.72 -14.11 54.13
CA VAL A 501 15.65 -13.05 55.14
C VAL A 501 16.64 -11.94 54.82
N ARG A 502 17.90 -12.32 54.53
CA ARG A 502 18.91 -11.30 54.25
C ARG A 502 18.65 -10.59 52.92
N THR A 503 18.12 -11.30 51.92
CA THR A 503 17.77 -10.67 50.65
C THR A 503 16.67 -9.64 50.83
N ALA A 504 15.63 -9.99 51.59
CA ALA A 504 14.53 -9.07 51.83
C ALA A 504 15.01 -7.83 52.57
N LEU A 505 15.85 -8.01 53.59
CA LEU A 505 16.37 -6.87 54.34
C LEU A 505 17.23 -5.96 53.46
N LEU A 506 18.18 -6.54 52.72
CA LEU A 506 19.09 -5.74 51.90
C LEU A 506 18.35 -5.00 50.79
N ASP A 507 17.44 -5.70 50.09
CA ASP A 507 16.69 -5.10 48.99
C ASP A 507 15.74 -4.02 49.49
N ALA A 508 15.16 -4.19 50.68
CA ALA A 508 14.33 -3.13 51.24
C ALA A 508 15.17 -1.92 51.62
N ALA A 509 16.29 -2.17 52.32
CA ALA A 509 17.06 -1.09 52.93
C ALA A 509 17.71 -0.20 51.89
N GLY A 510 18.26 -0.80 50.82
CA GLY A 510 18.93 0.01 49.81
C GLY A 510 18.01 1.01 49.15
N VAL A 511 16.88 0.55 48.65
CA VAL A 511 15.95 1.43 47.93
C VAL A 511 15.30 2.43 48.90
N ALA A 512 14.89 1.96 50.09
CA ALA A 512 14.17 2.87 50.99
C ALA A 512 15.10 3.94 51.58
N SER A 513 16.34 3.58 51.91
CA SER A 513 17.28 4.58 52.39
C SER A 513 17.75 5.51 51.27
N LEU A 514 17.73 5.05 50.01
CA LEU A 514 17.95 6.00 48.93
C LEU A 514 16.77 6.94 48.78
N LEU A 515 15.55 6.44 48.98
CA LEU A 515 14.35 7.26 48.86
C LEU A 515 14.30 8.33 49.94
N THR A 516 14.77 8.02 51.14
CA THR A 516 14.73 9.00 52.21
C THR A 516 15.79 10.09 52.11
N THR A 517 16.61 10.09 51.06
CA THR A 517 17.54 11.19 50.82
C THR A 517 16.95 12.30 49.97
N ALA A 518 15.72 12.14 49.48
CA ALA A 518 15.15 13.06 48.51
C ALA A 518 14.70 14.37 49.17
N GLU A 519 14.90 15.46 48.46
CA GLU A 519 14.40 16.78 48.83
C GLU A 519 13.45 17.36 47.78
N VAL A 520 13.61 16.97 46.51
CA VAL A 520 12.84 17.52 45.40
C VAL A 520 12.32 16.37 44.57
N VAL A 521 11.06 16.45 44.15
CA VAL A 521 10.46 15.47 43.25
C VAL A 521 9.97 16.19 42.00
N VAL A 522 10.34 15.66 40.83
CA VAL A 522 9.96 16.21 39.54
C VAL A 522 9.08 15.19 38.83
N THR A 523 7.85 15.59 38.49
CA THR A 523 6.90 14.75 37.77
C THR A 523 6.35 15.49 36.57
N GLU A 524 5.94 14.74 35.55
CA GLU A 524 5.24 15.35 34.42
C GLU A 524 3.85 15.84 34.83
N ILE A 525 3.43 16.94 34.22
CA ILE A 525 2.04 17.40 34.35
C ILE A 525 1.11 16.35 33.75
N PRO A 526 0.07 15.92 34.47
CA PRO A 526 -0.86 14.93 33.89
C PRO A 526 -1.66 15.53 32.75
N LYS A 527 -1.68 14.82 31.62
CA LYS A 527 -2.40 15.29 30.44
C LYS A 527 -3.83 14.80 30.45
N GLY B 3 20.05 -58.96 -39.73
CA GLY B 3 19.01 -58.66 -38.76
C GLY B 3 18.36 -59.90 -38.18
N GLN B 4 17.96 -59.81 -36.91
CA GLN B 4 17.33 -60.92 -36.21
C GLN B 4 16.03 -60.40 -35.60
N ALA B 5 14.94 -61.13 -35.80
CA ALA B 5 13.63 -60.74 -35.33
C ALA B 5 13.31 -61.37 -33.99
N PHE B 6 12.48 -60.69 -33.21
CA PHE B 6 12.11 -61.14 -31.87
C PHE B 6 10.66 -60.78 -31.61
N ARG B 7 9.83 -61.80 -31.35
CA ARG B 7 8.38 -61.68 -31.18
C ARG B 7 7.73 -60.96 -32.35
N LYS B 8 8.13 -61.38 -33.56
CA LYS B 8 7.61 -60.84 -34.83
C LYS B 8 7.89 -59.34 -34.96
N PHE B 9 9.03 -58.89 -34.44
CA PHE B 9 9.49 -57.52 -34.61
C PHE B 9 10.94 -57.54 -35.03
N LEU B 10 11.25 -56.82 -36.10
CA LEU B 10 12.61 -56.75 -36.64
C LEU B 10 13.08 -55.31 -36.63
N PRO B 11 14.15 -54.97 -35.92
CA PRO B 11 14.62 -53.59 -35.92
C PRO B 11 15.21 -53.20 -37.26
N LEU B 12 15.07 -51.92 -37.60
CA LEU B 12 15.59 -51.41 -38.86
C LEU B 12 16.93 -50.72 -38.66
N PHE B 13 17.79 -50.83 -39.68
CA PHE B 13 19.13 -50.21 -39.75
C PHE B 13 19.97 -50.75 -38.60
N ASP B 14 20.66 -49.91 -37.83
CA ASP B 14 21.54 -50.38 -36.77
C ASP B 14 20.88 -50.38 -35.39
N ARG B 15 19.55 -50.29 -35.33
CA ARG B 15 18.86 -50.29 -34.04
C ARG B 15 18.93 -51.66 -33.39
N VAL B 16 18.98 -51.66 -32.05
CA VAL B 16 19.09 -52.87 -31.25
C VAL B 16 17.98 -52.86 -30.21
N LEU B 17 17.25 -53.98 -30.11
CA LEU B 17 16.19 -54.13 -29.12
C LEU B 17 16.72 -54.87 -27.90
N VAL B 18 16.49 -54.31 -26.72
CA VAL B 18 17.02 -54.88 -25.48
C VAL B 18 15.87 -55.14 -24.51
N GLU B 19 16.12 -56.06 -23.60
CA GLU B 19 15.24 -56.29 -22.46
C GLU B 19 16.04 -56.00 -21.19
N ARG B 20 15.58 -55.05 -20.40
CA ARG B 20 16.27 -54.69 -19.18
C ARG B 20 16.19 -55.80 -18.15
N SER B 21 17.21 -55.89 -17.31
CA SER B 21 17.22 -56.87 -16.23
C SER B 21 16.19 -56.52 -15.18
N ALA B 22 15.81 -57.53 -14.39
CA ALA B 22 14.84 -57.32 -13.33
C ALA B 22 15.43 -56.44 -12.22
N ALA B 23 14.63 -55.49 -11.74
CA ALA B 23 15.07 -54.60 -10.70
C ALA B 23 15.25 -55.35 -9.39
N GLU B 24 16.32 -55.01 -8.66
CA GLU B 24 16.61 -55.67 -7.40
C GLU B 24 15.59 -55.26 -6.35
N THR B 25 14.94 -56.24 -5.74
CA THR B 25 13.86 -55.99 -4.79
C THR B 25 14.30 -56.14 -3.34
N VAL B 26 15.29 -56.99 -3.08
CA VAL B 26 15.82 -57.19 -1.74
C VAL B 26 17.34 -57.11 -1.81
N THR B 27 17.96 -56.54 -0.78
CA THR B 27 19.40 -56.42 -0.74
C THR B 27 20.02 -57.75 -0.29
N LYS B 28 21.36 -57.78 -0.26
CA LYS B 28 22.07 -58.97 0.18
C LYS B 28 21.88 -59.25 1.67
N GLY B 29 21.54 -58.25 2.45
CA GLY B 29 21.27 -58.41 3.87
C GLY B 29 19.85 -58.74 4.23
N GLY B 30 18.98 -58.96 3.24
CA GLY B 30 17.60 -59.27 3.51
C GLY B 30 16.70 -58.08 3.72
N ILE B 31 17.08 -56.91 3.20
CA ILE B 31 16.30 -55.69 3.36
C ILE B 31 15.50 -55.46 2.09
N MET B 32 14.18 -55.47 2.21
CA MET B 32 13.31 -55.25 1.07
C MET B 32 13.40 -53.81 0.60
N LEU B 33 13.34 -53.61 -0.71
CA LEU B 33 13.48 -52.28 -1.27
C LEU B 33 12.16 -51.79 -1.85
N PRO B 34 11.81 -50.52 -1.66
CA PRO B 34 10.59 -49.98 -2.27
C PRO B 34 10.70 -49.92 -3.78
N GLU B 35 9.55 -50.10 -4.44
CA GLU B 35 9.51 -50.12 -5.90
C GLU B 35 9.71 -48.73 -6.48
N LYS B 36 9.24 -47.69 -5.79
CA LYS B 36 9.37 -46.33 -6.29
C LYS B 36 10.81 -45.82 -6.23
N SER B 37 11.66 -46.45 -5.43
CA SER B 37 13.05 -46.03 -5.29
C SER B 37 13.99 -46.69 -6.28
N GLN B 38 13.52 -47.66 -7.06
CA GLN B 38 14.35 -48.37 -8.02
C GLN B 38 14.22 -47.71 -9.39
N GLY B 39 15.33 -47.18 -9.89
CA GLY B 39 15.34 -46.54 -11.20
C GLY B 39 15.42 -47.56 -12.31
N LYS B 40 15.66 -47.04 -13.52
CA LYS B 40 15.78 -47.91 -14.68
C LYS B 40 17.06 -48.73 -14.60
N VAL B 41 16.96 -50.00 -14.99
CA VAL B 41 18.09 -50.92 -14.90
C VAL B 41 18.98 -50.72 -16.11
N LEU B 42 20.25 -50.39 -15.87
CA LEU B 42 21.22 -50.22 -16.94
C LEU B 42 21.76 -51.54 -17.44
N GLN B 43 21.46 -52.64 -16.75
CA GLN B 43 21.81 -53.97 -17.21
C GLN B 43 20.69 -54.52 -18.09
N ALA B 44 21.07 -55.13 -19.20
CA ALA B 44 20.09 -55.58 -20.18
C ALA B 44 20.68 -56.68 -21.04
N THR B 45 19.80 -57.44 -21.68
CA THR B 45 20.18 -58.47 -22.64
C THR B 45 19.64 -58.08 -24.01
N VAL B 46 20.31 -58.56 -25.05
CA VAL B 46 19.95 -58.22 -26.42
C VAL B 46 19.01 -59.30 -26.95
N VAL B 47 17.81 -58.88 -27.38
CA VAL B 47 16.83 -59.80 -27.92
C VAL B 47 16.64 -59.67 -29.43
N ALA B 48 16.95 -58.52 -30.02
CA ALA B 48 16.80 -58.33 -31.46
C ALA B 48 17.78 -57.28 -31.94
N VAL B 49 18.41 -57.55 -33.09
CA VAL B 49 19.33 -56.61 -33.71
C VAL B 49 18.82 -56.27 -35.10
N GLY B 50 19.16 -55.06 -35.55
CA GLY B 50 18.89 -54.65 -36.91
C GLY B 50 19.92 -55.22 -37.88
N SER B 51 19.67 -54.96 -39.16
CA SER B 51 20.60 -55.43 -40.19
C SER B 51 21.90 -54.63 -40.19
N GLY B 52 21.85 -53.37 -39.77
CA GLY B 52 23.01 -52.51 -39.73
C GLY B 52 22.92 -51.39 -40.76
N SER B 53 23.77 -50.39 -40.58
CA SER B 53 23.82 -49.24 -41.47
C SER B 53 24.87 -49.45 -42.55
N LYS B 54 24.92 -48.52 -43.50
CA LYS B 54 25.95 -48.50 -44.54
C LYS B 54 26.88 -47.34 -44.24
N GLY B 55 27.86 -47.60 -43.38
CA GLY B 55 28.82 -46.56 -43.03
C GLY B 55 29.81 -46.26 -44.14
N LYS B 56 30.25 -47.30 -44.85
CA LYS B 56 31.17 -47.14 -45.97
C LYS B 56 30.42 -47.31 -47.29
N GLY B 57 31.17 -47.28 -48.38
CA GLY B 57 30.57 -47.20 -49.70
C GLY B 57 30.13 -48.51 -50.31
N GLY B 58 28.83 -48.77 -50.28
CA GLY B 58 28.24 -49.87 -51.02
C GLY B 58 28.00 -51.15 -50.25
N GLU B 59 28.40 -51.22 -48.98
CA GLU B 59 28.22 -52.44 -48.19
C GLU B 59 27.52 -52.12 -46.88
N ILE B 60 26.91 -53.15 -46.30
CA ILE B 60 26.18 -53.03 -45.04
C ILE B 60 27.12 -53.39 -43.89
N GLN B 61 27.20 -52.49 -42.90
CA GLN B 61 28.01 -52.73 -41.72
C GLN B 61 27.15 -53.36 -40.64
N PRO B 62 27.40 -54.59 -40.24
CA PRO B 62 26.58 -55.21 -39.18
C PRO B 62 26.84 -54.59 -37.82
N VAL B 63 25.88 -54.78 -36.92
CA VAL B 63 26.00 -54.22 -35.58
C VAL B 63 27.03 -54.99 -34.77
N SER B 64 27.53 -54.34 -33.73
CA SER B 64 28.63 -54.89 -32.92
C SER B 64 28.17 -55.88 -31.87
N VAL B 65 26.87 -55.97 -31.60
CA VAL B 65 26.35 -56.91 -30.62
C VAL B 65 25.55 -57.98 -31.35
N LYS B 66 25.40 -59.11 -30.69
CA LYS B 66 24.59 -60.21 -31.20
C LYS B 66 23.49 -60.53 -30.19
N VAL B 67 22.54 -61.35 -30.62
CA VAL B 67 21.38 -61.66 -29.81
C VAL B 67 21.77 -62.62 -28.70
N GLY B 68 21.42 -62.28 -27.47
CA GLY B 68 21.84 -63.01 -26.30
C GLY B 68 23.01 -62.40 -25.56
N ASP B 69 23.64 -61.37 -26.13
CA ASP B 69 24.72 -60.68 -25.45
C ASP B 69 24.20 -59.93 -24.24
N LYS B 70 25.01 -59.91 -23.18
CA LYS B 70 24.70 -59.15 -21.97
C LYS B 70 25.43 -57.82 -22.04
N VAL B 71 24.67 -56.72 -21.99
CA VAL B 71 25.18 -55.41 -22.33
C VAL B 71 24.84 -54.40 -21.24
N LEU B 72 25.57 -53.29 -21.25
CA LEU B 72 25.34 -52.17 -20.35
C LEU B 72 24.79 -51.00 -21.16
N LEU B 73 23.72 -50.39 -20.65
CA LEU B 73 22.96 -49.37 -21.34
C LEU B 73 23.28 -47.97 -20.80
N PRO B 74 23.16 -46.94 -21.63
CA PRO B 74 23.22 -45.57 -21.11
C PRO B 74 21.95 -45.21 -20.37
N GLU B 75 22.05 -44.15 -19.56
CA GLU B 75 20.91 -43.70 -18.76
C GLU B 75 19.79 -43.15 -19.64
N TYR B 76 20.13 -42.42 -20.70
CA TYR B 76 19.16 -41.90 -21.64
C TYR B 76 19.40 -42.50 -23.04
N GLY B 77 18.39 -42.39 -23.89
CA GLY B 77 18.52 -42.72 -25.29
C GLY B 77 17.76 -43.93 -25.80
N GLY B 78 16.83 -44.47 -25.02
CA GLY B 78 16.08 -45.66 -25.41
C GLY B 78 14.65 -45.34 -25.77
N THR B 79 14.05 -46.19 -26.61
CA THR B 79 12.70 -46.00 -27.10
C THR B 79 11.81 -47.12 -26.59
N LYS B 80 10.65 -46.75 -26.04
CA LYS B 80 9.68 -47.72 -25.54
C LYS B 80 9.07 -48.52 -26.68
N VAL B 81 9.24 -49.84 -26.66
CA VAL B 81 8.60 -50.76 -27.59
C VAL B 81 7.86 -51.81 -26.77
N VAL B 82 6.56 -51.99 -27.04
CA VAL B 82 5.74 -52.96 -26.33
C VAL B 82 5.46 -54.12 -27.28
N LEU B 83 5.85 -55.33 -26.87
CA LEU B 83 5.64 -56.54 -27.64
C LEU B 83 4.99 -57.59 -26.75
N ASP B 84 3.80 -58.04 -27.18
CA ASP B 84 2.98 -59.01 -26.43
C ASP B 84 2.69 -58.54 -25.01
N ASP B 85 2.41 -57.23 -24.88
CA ASP B 85 2.17 -56.54 -23.61
C ASP B 85 3.33 -56.74 -22.64
N LYS B 86 4.55 -56.53 -23.14
CA LYS B 86 5.74 -56.70 -22.32
C LYS B 86 6.75 -55.64 -22.73
N ASP B 87 7.51 -55.16 -21.75
CA ASP B 87 8.34 -53.97 -21.91
C ASP B 87 9.64 -54.31 -22.62
N TYR B 88 9.97 -53.51 -23.65
CA TYR B 88 11.22 -53.67 -24.38
C TYR B 88 11.69 -52.29 -24.81
N PHE B 89 13.00 -52.18 -25.07
CA PHE B 89 13.59 -50.89 -25.39
C PHE B 89 14.50 -51.00 -26.61
N LEU B 90 14.38 -50.02 -27.50
CA LEU B 90 15.13 -49.97 -28.75
C LEU B 90 16.25 -48.96 -28.62
N PHE B 91 17.45 -49.35 -29.03
CA PHE B 91 18.65 -48.52 -28.92
C PHE B 91 19.42 -48.52 -30.21
N ARG B 92 20.05 -47.39 -30.52
CA ARG B 92 21.08 -47.38 -31.56
C ARG B 92 22.27 -48.19 -31.10
N ASP B 93 22.94 -48.84 -32.07
CA ASP B 93 24.05 -49.73 -31.75
C ASP B 93 25.22 -48.98 -31.12
N GLY B 94 25.45 -47.74 -31.55
CA GLY B 94 26.51 -46.93 -30.98
C GLY B 94 26.23 -46.41 -29.59
N ASP B 95 25.00 -46.54 -29.10
CA ASP B 95 24.66 -46.07 -27.76
C ASP B 95 25.06 -47.04 -26.66
N ILE B 96 25.23 -48.33 -26.98
CA ILE B 96 25.53 -49.32 -25.94
C ILE B 96 26.95 -49.11 -25.44
N LEU B 97 27.09 -49.06 -24.11
CA LEU B 97 28.38 -48.73 -23.50
C LEU B 97 29.35 -49.89 -23.58
N GLY B 98 28.89 -51.11 -23.34
CA GLY B 98 29.80 -52.24 -23.35
C GLY B 98 29.08 -53.55 -23.17
N LYS B 99 29.87 -54.62 -23.17
CA LYS B 99 29.38 -55.99 -23.08
C LYS B 99 29.87 -56.66 -21.79
N TYR B 100 29.13 -57.69 -21.38
CA TYR B 100 29.53 -58.56 -20.27
C TYR B 100 29.96 -59.89 -20.88
N VAL B 101 31.26 -60.11 -20.94
CA VAL B 101 31.82 -61.28 -21.61
C VAL B 101 32.06 -62.37 -20.59
N ASP B 102 31.61 -63.59 -20.91
CA ASP B 102 31.81 -64.75 -20.04
C ASP B 102 32.76 -65.74 -20.70
N GLY C 1 4.86 31.83 11.81
CA GLY C 1 3.54 32.27 11.37
C GLY C 1 2.48 32.11 12.43
N SER C 2 2.80 31.37 13.50
CA SER C 2 1.88 31.20 14.61
C SER C 2 1.75 32.50 15.39
N ALA C 3 0.61 32.64 16.07
CA ALA C 3 0.36 33.83 16.87
C ALA C 3 1.33 33.91 18.04
N LYS C 4 1.76 35.12 18.36
CA LYS C 4 2.79 35.33 19.36
C LYS C 4 2.30 36.29 20.44
N ASP C 5 2.84 36.09 21.63
CA ASP C 5 2.65 37.01 22.74
C ASP C 5 3.96 37.75 23.00
N VAL C 6 3.88 39.05 23.20
CA VAL C 6 5.05 39.91 23.35
C VAL C 6 4.94 40.63 24.69
N LYS C 7 5.96 40.47 25.53
CA LYS C 7 6.00 41.12 26.83
C LYS C 7 7.21 42.04 26.91
N PHE C 8 7.09 43.08 27.72
CA PHE C 8 8.06 44.17 27.76
C PHE C 8 8.62 44.35 29.16
N GLY C 9 9.94 44.45 29.26
CA GLY C 9 10.56 45.03 30.44
C GLY C 9 10.47 44.16 31.68
N ALA C 10 10.05 44.80 32.78
CA ALA C 10 10.19 44.20 34.11
C ALA C 10 9.27 43.00 34.31
N ASP C 11 8.09 42.98 33.69
CA ASP C 11 7.19 41.83 33.82
C ASP C 11 7.77 40.60 33.14
N ALA C 12 8.28 40.77 31.91
CA ALA C 12 8.92 39.68 31.20
C ALA C 12 10.16 39.18 31.94
N ARG C 13 10.97 40.11 32.47
CA ARG C 13 12.16 39.73 33.21
C ARG C 13 11.81 39.01 34.51
N ALA C 14 10.72 39.42 35.16
CA ALA C 14 10.29 38.76 36.39
C ALA C 14 9.81 37.33 36.13
N LEU C 15 9.07 37.13 35.03
CA LEU C 15 8.66 35.77 34.68
C LEU C 15 9.85 34.89 34.33
N MET C 16 10.81 35.43 33.57
CA MET C 16 12.02 34.68 33.24
C MET C 16 12.82 34.35 34.49
N LEU C 17 12.92 35.29 35.43
CA LEU C 17 13.59 35.03 36.69
C LEU C 17 12.85 34.00 37.52
N GLN C 18 11.52 33.95 37.43
CA GLN C 18 10.78 32.91 38.13
C GLN C 18 11.13 31.52 37.61
N GLY C 19 11.26 31.40 36.28
CA GLY C 19 11.72 30.12 35.73
C GLY C 19 13.13 29.75 36.14
N VAL C 20 14.04 30.75 36.10
CA VAL C 20 15.43 30.56 36.53
C VAL C 20 15.47 30.14 37.99
N ASP C 21 14.67 30.80 38.84
CA ASP C 21 14.65 30.53 40.26
C ASP C 21 14.10 29.14 40.56
N LEU C 22 13.08 28.70 39.83
CA LEU C 22 12.53 27.36 40.05
C LEU C 22 13.59 26.30 39.74
N LEU C 23 14.23 26.40 38.56
CA LEU C 23 15.21 25.38 38.21
C LEU C 23 16.43 25.43 39.13
N ALA C 24 16.89 26.63 39.47
CA ALA C 24 18.04 26.75 40.35
C ALA C 24 17.73 26.33 41.78
N ASP C 25 16.50 26.54 42.25
CA ASP C 25 16.10 26.05 43.57
C ASP C 25 16.10 24.54 43.60
N ALA C 26 15.62 23.90 42.53
CA ALA C 26 15.65 22.44 42.47
C ALA C 26 17.09 21.91 42.40
N VAL C 27 17.96 22.61 41.66
CA VAL C 27 19.34 22.14 41.52
C VAL C 27 20.13 22.36 42.81
N ALA C 28 19.89 23.48 43.51
CA ALA C 28 20.74 23.91 44.62
C ALA C 28 20.63 23.05 45.86
N VAL C 29 19.57 22.23 45.99
CA VAL C 29 19.46 21.35 47.15
C VAL C 29 20.49 20.23 47.12
N THR C 30 21.10 19.96 45.97
CA THR C 30 22.03 18.86 45.81
C THR C 30 23.48 19.25 46.06
N MET C 31 23.75 20.51 46.41
CA MET C 31 25.11 21.02 46.38
C MET C 31 25.85 20.71 47.68
N GLY C 32 27.05 20.16 47.55
CA GLY C 32 27.95 20.02 48.66
C GLY C 32 27.81 18.71 49.42
N PRO C 33 28.60 18.56 50.49
CA PRO C 33 28.63 17.29 51.23
C PRO C 33 27.34 16.98 51.97
N LYS C 34 26.50 17.97 52.26
CA LYS C 34 25.18 17.74 52.84
C LYS C 34 24.07 18.07 51.86
N GLY C 35 24.35 17.97 50.57
CA GLY C 35 23.30 18.05 49.58
C GLY C 35 22.40 16.83 49.60
N ARG C 36 21.17 17.01 49.16
CA ARG C 36 20.17 15.96 49.11
C ARG C 36 19.89 15.60 47.66
N THR C 37 19.02 14.61 47.44
CA THR C 37 18.80 14.12 46.09
C THR C 37 17.49 14.65 45.52
N VAL C 38 17.34 14.46 44.21
CA VAL C 38 16.14 14.80 43.48
C VAL C 38 15.63 13.53 42.82
N ILE C 39 14.35 13.24 43.00
CA ILE C 39 13.69 12.11 42.32
C ILE C 39 12.98 12.63 41.10
N ILE C 40 13.28 12.03 39.95
CA ILE C 40 12.69 12.43 38.67
C ILE C 40 11.87 11.25 38.15
N GLU C 41 10.61 11.51 37.84
CA GLU C 41 9.74 10.49 37.27
C GLU C 41 10.18 10.14 35.86
N GLN C 42 10.27 8.85 35.57
CA GLN C 42 10.51 8.35 34.23
C GLN C 42 9.24 7.69 33.72
N SER C 43 8.93 7.91 32.43
CA SER C 43 7.67 7.44 31.89
C SER C 43 7.65 5.92 31.73
N TRP C 44 8.80 5.32 31.38
CA TRP C 44 8.84 3.91 31.03
C TRP C 44 8.99 2.98 32.22
N GLY C 45 9.38 3.48 33.38
CA GLY C 45 9.66 2.58 34.49
C GLY C 45 9.92 3.24 35.83
N SER C 46 10.95 2.75 36.53
CA SER C 46 11.27 3.24 37.86
C SER C 46 11.83 4.66 37.79
N PRO C 47 11.60 5.47 38.82
CA PRO C 47 12.12 6.83 38.82
C PRO C 47 13.63 6.88 39.02
N LYS C 48 14.21 8.01 38.63
CA LYS C 48 15.64 8.25 38.75
C LYS C 48 15.91 9.09 39.99
N VAL C 49 16.90 8.69 40.77
CA VAL C 49 17.37 9.44 41.93
C VAL C 49 18.75 9.97 41.61
N THR C 50 18.94 11.28 41.78
CA THR C 50 20.19 11.89 41.34
C THR C 50 20.58 13.04 42.25
N LYS C 51 21.90 13.22 42.40
CA LYS C 51 22.50 14.40 42.99
C LYS C 51 23.14 15.29 41.93
N ASP C 52 23.00 14.94 40.65
CA ASP C 52 23.70 15.60 39.57
C ASP C 52 22.91 16.82 39.09
N GLY C 53 23.57 17.98 39.08
CA GLY C 53 22.88 19.23 38.79
C GLY C 53 22.36 19.33 37.36
N VAL C 54 23.15 18.88 36.39
CA VAL C 54 22.73 18.95 34.99
C VAL C 54 21.58 17.99 34.72
N THR C 55 21.55 16.83 35.40
CA THR C 55 20.43 15.91 35.25
C THR C 55 19.14 16.50 35.79
N VAL C 56 19.20 17.18 36.93
CA VAL C 56 18.04 17.86 37.49
C VAL C 56 17.60 19.00 36.56
N ALA C 57 18.57 19.73 36.01
CA ALA C 57 18.26 20.86 35.13
C ALA C 57 17.56 20.39 33.87
N LYS C 58 18.07 19.33 33.24
CA LYS C 58 17.51 18.84 31.98
C LYS C 58 16.13 18.22 32.14
N SER C 59 15.77 17.81 33.35
CA SER C 59 14.47 17.18 33.59
C SER C 59 13.33 18.18 33.74
N ILE C 60 13.62 19.47 33.91
CA ILE C 60 12.60 20.43 34.31
C ILE C 60 12.29 21.33 33.12
N ASP C 61 11.05 21.22 32.62
CA ASP C 61 10.50 22.13 31.63
C ASP C 61 9.18 22.66 32.16
N LEU C 62 8.93 23.95 31.95
CA LEU C 62 7.80 24.63 32.55
C LEU C 62 6.72 24.92 31.52
N LYS C 63 5.47 24.90 31.98
CA LYS C 63 4.33 25.15 31.11
C LYS C 63 4.28 26.60 30.65
N ASP C 64 4.57 27.53 31.57
CA ASP C 64 4.64 28.94 31.21
C ASP C 64 5.85 29.17 30.31
N LYS C 65 5.61 29.80 29.16
CA LYS C 65 6.65 29.97 28.15
C LYS C 65 7.75 30.92 28.62
N TYR C 66 7.38 31.99 29.32
CA TYR C 66 8.36 32.96 29.79
C TYR C 66 9.22 32.38 30.90
N LYS C 67 8.63 31.56 31.78
CA LYS C 67 9.43 30.84 32.77
C LYS C 67 10.29 29.77 32.10
N ASN C 68 9.75 29.13 31.06
CA ASN C 68 10.49 28.08 30.39
C ASN C 68 11.69 28.61 29.62
N ILE C 69 11.66 29.88 29.20
CA ILE C 69 12.82 30.46 28.53
C ILE C 69 14.00 30.59 29.48
N GLY C 70 13.74 31.08 30.71
CA GLY C 70 14.78 31.14 31.71
C GLY C 70 15.27 29.76 32.12
N ALA C 71 14.34 28.81 32.23
CA ALA C 71 14.72 27.43 32.51
C ALA C 71 15.60 26.84 31.42
N LYS C 72 15.29 27.12 30.16
CA LYS C 72 16.10 26.64 29.04
C LYS C 72 17.50 27.25 29.07
N LEU C 73 17.60 28.53 29.44
CA LEU C 73 18.92 29.15 29.47
C LEU C 73 19.80 28.59 30.58
N VAL C 74 19.23 28.36 31.77
CA VAL C 74 20.06 27.76 32.82
C VAL C 74 20.33 26.28 32.51
N GLN C 75 19.44 25.62 31.76
CA GLN C 75 19.74 24.29 31.23
C GLN C 75 20.94 24.33 30.30
N ASP C 76 21.02 25.37 29.45
CA ASP C 76 22.20 25.54 28.60
C ASP C 76 23.47 25.72 29.42
N VAL C 77 23.38 26.49 30.52
CA VAL C 77 24.53 26.67 31.41
C VAL C 77 25.01 25.33 31.95
N ALA C 78 24.09 24.54 32.51
CA ALA C 78 24.45 23.26 33.11
C ALA C 78 24.97 22.27 32.06
N ASN C 79 24.36 22.27 30.88
CA ASN C 79 24.78 21.36 29.82
C ASN C 79 26.16 21.72 29.28
N ASN C 80 26.45 23.02 29.10
CA ASN C 80 27.77 23.42 28.63
C ASN C 80 28.84 23.10 29.66
N THR C 81 28.52 23.31 30.95
CA THR C 81 29.47 22.94 32.01
C THR C 81 29.72 21.44 32.04
N ASN C 82 28.67 20.64 31.84
CA ASN C 82 28.84 19.19 31.86
C ASN C 82 29.63 18.70 30.64
N GLU C 83 29.41 19.32 29.48
CA GLU C 83 30.13 18.89 28.29
C GLU C 83 31.59 19.32 28.33
N GLU C 84 31.91 20.45 28.95
CA GLU C 84 33.30 20.87 28.98
C GLU C 84 34.08 20.24 30.13
N ALA C 85 33.50 20.18 31.33
CA ALA C 85 34.25 19.71 32.49
C ALA C 85 33.75 18.39 33.07
N GLY C 86 32.50 18.01 32.85
CA GLY C 86 31.96 16.79 33.44
C GLY C 86 31.64 16.89 34.91
N ASP C 87 31.71 18.09 35.48
CA ASP C 87 31.49 18.33 36.89
C ASP C 87 31.23 19.81 37.08
N GLY C 88 30.78 20.18 38.27
CA GLY C 88 30.54 21.57 38.58
C GLY C 88 29.28 22.17 38.02
N THR C 89 28.29 21.34 37.66
CA THR C 89 27.08 21.85 37.03
C THR C 89 26.16 22.55 38.02
N THR C 90 26.12 22.08 39.27
CA THR C 90 25.34 22.75 40.30
C THR C 90 25.91 24.12 40.63
N THR C 91 27.25 24.21 40.71
CA THR C 91 27.91 25.49 40.94
C THR C 91 27.63 26.46 39.80
N ALA C 92 27.68 25.97 38.56
CA ALA C 92 27.37 26.80 37.40
C ALA C 92 25.92 27.28 37.44
N THR C 93 25.00 26.40 37.85
CA THR C 93 23.59 26.78 37.93
C THR C 93 23.35 27.87 38.97
N VAL C 94 23.95 27.73 40.15
CA VAL C 94 23.71 28.74 41.18
C VAL C 94 24.42 30.06 40.85
N LEU C 95 25.59 29.99 40.21
CA LEU C 95 26.26 31.21 39.76
C LEU C 95 25.44 31.93 38.69
N ALA C 96 24.87 31.17 37.76
CA ALA C 96 24.05 31.76 36.71
C ALA C 96 22.79 32.38 37.27
N ARG C 97 22.17 31.73 38.26
CA ARG C 97 21.00 32.31 38.92
C ARG C 97 21.36 33.61 39.64
N SER C 98 22.50 33.63 40.32
CA SER C 98 22.95 34.84 41.00
C SER C 98 23.19 35.98 40.02
N ILE C 99 23.88 35.70 38.91
CA ILE C 99 24.18 36.74 37.93
C ILE C 99 22.90 37.25 37.28
N ALA C 100 21.98 36.35 36.94
CA ALA C 100 20.71 36.75 36.34
C ALA C 100 19.89 37.61 37.29
N LYS C 101 19.80 37.22 38.56
CA LYS C 101 19.03 37.96 39.54
C LYS C 101 19.62 39.35 39.79
N GLU C 102 20.94 39.42 40.01
CA GLU C 102 21.55 40.71 40.30
C GLU C 102 21.61 41.61 39.07
N GLY C 103 21.63 41.04 37.86
CA GLY C 103 21.52 41.84 36.67
C GLY C 103 20.13 42.37 36.43
N PHE C 104 19.11 41.56 36.73
CA PHE C 104 17.73 42.02 36.62
C PHE C 104 17.43 43.10 37.64
N GLU C 105 18.05 43.05 38.83
CA GLU C 105 17.84 44.09 39.83
C GLU C 105 18.42 45.43 39.40
N LYS C 106 19.49 45.42 38.59
CA LYS C 106 20.24 46.64 38.29
C LYS C 106 19.76 47.35 37.03
N ILE C 107 18.76 46.82 36.34
CA ILE C 107 18.30 47.43 35.09
C ILE C 107 17.37 48.60 35.40
N SER C 108 17.75 49.79 34.96
CA SER C 108 16.95 51.00 35.09
C SER C 108 16.90 51.70 33.74
N LYS C 109 16.28 52.88 33.73
CA LYS C 109 16.14 53.65 32.49
C LYS C 109 17.50 54.09 31.95
N GLY C 110 18.39 54.58 32.82
CA GLY C 110 19.69 55.03 32.38
C GLY C 110 20.75 53.95 32.27
N ALA C 111 20.45 52.73 32.70
CA ALA C 111 21.42 51.64 32.65
C ALA C 111 21.57 51.12 31.23
N ASN C 112 22.79 50.69 30.90
CA ASN C 112 23.09 50.09 29.60
C ASN C 112 23.49 48.64 29.83
N PRO C 113 22.56 47.70 29.69
CA PRO C 113 22.84 46.29 30.03
C PRO C 113 23.93 45.63 29.18
N VAL C 114 24.16 46.08 27.95
CA VAL C 114 25.23 45.51 27.14
C VAL C 114 26.60 45.89 27.72
N GLU C 115 26.73 47.13 28.20
CA GLU C 115 27.97 47.53 28.87
C GLU C 115 28.09 46.90 30.25
N ILE C 116 26.96 46.62 30.91
CA ILE C 116 26.98 45.85 32.16
C ILE C 116 27.52 44.44 31.90
N ARG C 117 27.08 43.82 30.80
CA ARG C 117 27.59 42.51 30.41
C ARG C 117 29.07 42.56 30.08
N ARG C 118 29.52 43.65 29.45
CA ARG C 118 30.95 43.84 29.22
C ARG C 118 31.74 43.89 30.53
N GLY C 119 31.22 44.62 31.52
CA GLY C 119 31.85 44.63 32.83
C GLY C 119 31.85 43.27 33.51
N VAL C 120 30.77 42.51 33.33
CA VAL C 120 30.68 41.15 33.87
C VAL C 120 31.78 40.27 33.28
N MET C 121 31.94 40.34 31.95
CA MET C 121 32.93 39.49 31.28
C MET C 121 34.36 39.90 31.64
N LEU C 122 34.59 41.20 31.80
CA LEU C 122 35.91 41.65 32.25
C LEU C 122 36.23 41.17 33.66
N ALA C 123 35.24 41.25 34.56
CA ALA C 123 35.43 40.75 35.93
C ALA C 123 35.67 39.24 35.93
N VAL C 124 34.99 38.51 35.06
CA VAL C 124 35.14 37.06 34.99
C VAL C 124 36.51 36.69 34.46
N ASP C 125 37.02 37.44 33.47
CA ASP C 125 38.39 37.22 32.99
C ASP C 125 39.42 37.48 34.09
N ALA C 126 39.19 38.53 34.90
CA ALA C 126 40.09 38.80 36.02
C ALA C 126 40.06 37.68 37.06
N VAL C 127 38.86 37.16 37.36
CA VAL C 127 38.73 36.06 38.32
C VAL C 127 39.40 34.79 37.78
N ILE C 128 39.28 34.53 36.48
CA ILE C 128 39.88 33.34 35.89
C ILE C 128 41.40 33.45 35.91
N ALA C 129 41.95 34.64 35.67
CA ALA C 129 43.39 34.84 35.80
C ALA C 129 43.85 34.63 37.24
N GLU C 130 43.07 35.12 38.21
CA GLU C 130 43.42 34.89 39.61
C GLU C 130 43.33 33.43 39.99
N LEU C 131 42.37 32.69 39.41
CA LEU C 131 42.26 31.26 39.64
C LEU C 131 43.46 30.51 39.09
N LYS C 132 43.93 30.90 37.90
CA LYS C 132 45.11 30.26 37.33
C LYS C 132 46.37 30.61 38.12
N LYS C 133 46.45 31.79 38.72
CA LYS C 133 47.56 32.07 39.62
C LYS C 133 47.43 31.31 40.93
N GLN C 134 46.21 31.00 41.36
CA GLN C 134 45.98 30.24 42.58
C GLN C 134 46.22 28.75 42.40
N SER C 135 46.21 28.25 41.17
CA SER C 135 46.22 26.83 40.91
C SER C 135 47.57 26.20 41.26
N LYS C 136 47.53 24.92 41.61
CA LYS C 136 48.72 24.13 41.90
C LYS C 136 48.59 22.79 41.19
N PRO C 137 49.62 22.35 40.47
CA PRO C 137 49.52 21.06 39.76
C PRO C 137 49.49 19.88 40.71
N VAL C 138 48.84 18.81 40.25
CA VAL C 138 48.74 17.57 41.03
C VAL C 138 50.04 16.80 40.89
N THR C 139 50.67 16.47 42.02
CA THR C 139 51.93 15.74 42.02
C THR C 139 51.84 14.35 42.66
N THR C 140 51.00 14.17 43.68
CA THR C 140 50.92 12.90 44.39
C THR C 140 49.60 12.19 44.12
N PRO C 141 49.60 10.86 44.10
CA PRO C 141 48.32 10.12 43.98
C PRO C 141 47.39 10.30 45.17
N GLU C 142 47.90 10.74 46.32
CA GLU C 142 47.03 11.10 47.44
C GLU C 142 46.13 12.27 47.07
N GLU C 143 46.65 13.24 46.31
CA GLU C 143 45.83 14.33 45.80
C GLU C 143 44.79 13.81 44.80
N ILE C 144 45.16 12.81 44.00
CA ILE C 144 44.22 12.19 43.07
C ILE C 144 43.06 11.56 43.82
N ALA C 145 43.38 10.82 44.89
CA ALA C 145 42.35 10.20 45.71
C ALA C 145 41.50 11.23 46.42
N GLN C 146 42.10 12.33 46.88
CA GLN C 146 41.33 13.39 47.54
C GLN C 146 40.36 14.07 46.59
N VAL C 147 40.82 14.35 45.36
CA VAL C 147 39.96 14.96 44.35
C VAL C 147 38.80 14.05 44.01
N ALA C 148 39.08 12.76 43.80
CA ALA C 148 38.01 11.82 43.47
C ALA C 148 37.07 11.60 44.64
N THR C 149 37.57 11.67 45.87
CA THR C 149 36.71 11.52 47.04
C THR C 149 35.77 12.72 47.19
N ILE C 150 36.29 13.93 47.03
CA ILE C 150 35.46 15.13 47.09
C ILE C 150 34.40 15.11 46.00
N SER C 151 34.80 14.76 44.78
CA SER C 151 33.86 14.78 43.67
C SER C 151 32.86 13.63 43.69
N ALA C 152 33.08 12.60 44.52
CA ALA C 152 32.12 11.52 44.68
C ALA C 152 31.28 11.67 45.95
N ASN C 153 31.13 12.91 46.44
CA ASN C 153 30.34 13.24 47.63
C ASN C 153 30.91 12.56 48.89
N GLY C 154 32.22 12.64 49.04
CA GLY C 154 32.87 12.16 50.25
C GLY C 154 33.10 10.67 50.33
N ASP C 155 32.82 9.92 49.28
CA ASP C 155 33.04 8.48 49.27
C ASP C 155 34.53 8.21 49.13
N LYS C 156 35.16 7.74 50.20
CA LYS C 156 36.59 7.46 50.17
C LYS C 156 36.92 6.23 49.35
N GLU C 157 35.99 5.29 49.24
CA GLU C 157 36.26 4.06 48.49
C GLU C 157 36.27 4.31 47.00
N ILE C 158 35.37 5.17 46.51
CA ILE C 158 35.39 5.57 45.11
C ILE C 158 36.68 6.30 44.78
N GLY C 159 37.11 7.20 45.69
CA GLY C 159 38.38 7.89 45.50
C GLY C 159 39.57 6.95 45.47
N ASN C 160 39.58 5.97 46.38
CA ASN C 160 40.66 4.99 46.42
C ASN C 160 40.69 4.12 45.16
N ILE C 161 39.52 3.69 44.68
CA ILE C 161 39.50 2.81 43.52
C ILE C 161 39.85 3.58 42.25
N ILE C 162 39.50 4.86 42.17
CA ILE C 162 39.90 5.68 41.03
C ILE C 162 41.40 5.96 41.07
N SER C 163 41.94 6.21 42.28
CA SER C 163 43.37 6.39 42.43
C SER C 163 44.14 5.12 42.07
N ASP C 164 43.59 3.95 42.43
CA ASP C 164 44.22 2.67 42.07
C ASP C 164 44.19 2.45 40.57
N ALA C 165 43.07 2.77 39.92
CA ALA C 165 42.98 2.65 38.47
C ALA C 165 43.98 3.56 37.78
N MET C 166 44.14 4.79 38.27
CA MET C 166 45.10 5.70 37.66
C MET C 166 46.54 5.32 37.98
N LYS C 167 46.77 4.64 39.11
CA LYS C 167 48.09 4.07 39.36
C LYS C 167 48.40 2.95 38.37
N LYS C 168 47.41 2.12 38.04
CA LYS C 168 47.71 0.94 37.26
C LYS C 168 47.73 1.20 35.75
N VAL C 169 46.83 2.04 35.25
CA VAL C 169 46.76 2.30 33.80
C VAL C 169 47.28 3.69 33.43
N GLY C 170 47.71 4.48 34.39
CA GLY C 170 48.19 5.81 34.09
C GLY C 170 47.12 6.86 34.33
N ARG C 171 47.56 8.08 34.65
CA ARG C 171 46.64 9.18 34.91
C ARG C 171 45.92 9.62 33.64
N LYS C 172 46.48 9.34 32.46
CA LYS C 172 45.82 9.59 31.19
C LYS C 172 45.30 8.32 30.55
N GLY C 173 45.24 7.22 31.31
CA GLY C 173 44.81 5.94 30.77
C GLY C 173 43.30 5.85 30.60
N VAL C 174 42.88 4.74 29.99
CA VAL C 174 41.47 4.50 29.68
C VAL C 174 40.81 3.84 30.88
N ILE C 175 39.80 4.51 31.44
CA ILE C 175 39.01 3.99 32.56
C ILE C 175 37.55 4.13 32.19
N THR C 176 36.81 3.02 32.25
CA THR C 176 35.39 3.02 31.92
C THR C 176 34.57 2.58 33.12
N VAL C 177 33.35 3.08 33.19
CA VAL C 177 32.40 2.78 34.27
C VAL C 177 31.23 2.01 33.69
N LYS C 178 30.93 0.86 34.29
CA LYS C 178 29.78 0.06 33.85
C LYS C 178 29.15 -0.59 35.07
N ASP C 179 27.96 -1.17 34.85
CA ASP C 179 27.19 -1.75 35.94
C ASP C 179 27.91 -2.96 36.54
N GLY C 180 27.67 -3.17 37.82
CA GLY C 180 28.15 -4.36 38.51
C GLY C 180 26.98 -5.12 39.09
N LYS C 181 27.12 -6.45 39.11
CA LYS C 181 26.06 -7.33 39.59
C LYS C 181 26.21 -7.67 41.07
N THR C 182 27.17 -7.08 41.77
CA THR C 182 27.42 -7.37 43.18
C THR C 182 27.03 -6.16 44.03
N LEU C 183 27.29 -6.28 45.33
CA LEU C 183 27.00 -5.20 46.27
C LEU C 183 28.10 -4.16 46.32
N ASN C 184 29.32 -4.51 45.93
CA ASN C 184 30.48 -3.65 46.09
C ASN C 184 31.15 -3.39 44.76
N ASP C 185 31.89 -2.28 44.71
CA ASP C 185 32.63 -1.94 43.51
C ASP C 185 33.85 -2.85 43.34
N GLU C 186 34.15 -3.18 42.09
CA GLU C 186 35.37 -3.90 41.75
C GLU C 186 36.10 -3.17 40.62
N LEU C 187 37.42 -3.13 40.72
CA LEU C 187 38.28 -2.62 39.67
C LEU C 187 38.87 -3.79 38.91
N GLU C 188 38.58 -3.87 37.62
CA GLU C 188 39.16 -4.89 36.76
C GLU C 188 40.19 -4.23 35.84
N ILE C 189 41.40 -4.77 35.83
CA ILE C 189 42.47 -4.29 34.96
C ILE C 189 42.65 -5.32 33.86
N ILE C 190 42.49 -4.87 32.61
CA ILE C 190 42.60 -5.73 31.45
C ILE C 190 43.89 -5.36 30.73
N GLU C 191 44.84 -6.29 30.70
CA GLU C 191 46.15 -6.07 30.13
C GLU C 191 46.29 -6.80 28.80
N GLY C 192 47.05 -6.21 27.89
CA GLY C 192 47.33 -6.84 26.63
C GLY C 192 46.27 -6.54 25.58
N MET C 193 46.31 -7.34 24.52
CA MET C 193 45.39 -7.18 23.40
C MET C 193 44.18 -8.08 23.63
N LYS C 194 43.16 -7.55 24.29
CA LYS C 194 41.92 -8.28 24.54
C LYS C 194 40.80 -7.64 23.75
N PHE C 195 40.06 -8.46 23.00
CA PHE C 195 39.00 -7.96 22.14
C PHE C 195 37.80 -8.90 22.23
N ASP C 196 36.62 -8.36 21.93
CA ASP C 196 35.36 -9.06 22.16
C ASP C 196 35.03 -10.00 21.00
N ARG C 197 35.96 -10.92 20.72
CA ARG C 197 35.77 -11.94 19.70
C ARG C 197 36.24 -13.27 20.28
N GLY C 198 35.36 -14.27 20.27
CA GLY C 198 35.69 -15.59 20.74
C GLY C 198 36.14 -16.52 19.63
N TYR C 199 36.23 -17.81 19.97
CA TYR C 199 36.50 -18.84 18.98
C TYR C 199 35.32 -19.03 18.03
N ILE C 200 35.64 -19.49 16.83
CA ILE C 200 34.60 -19.72 15.82
C ILE C 200 33.85 -21.02 16.11
N SER C 201 34.55 -22.10 16.44
CA SER C 201 33.92 -23.38 16.68
C SER C 201 34.35 -23.92 18.03
N PRO C 202 33.46 -24.64 18.73
CA PRO C 202 33.79 -25.12 20.08
C PRO C 202 34.70 -26.33 20.11
N TYR C 203 35.12 -26.84 18.97
CA TYR C 203 36.01 -27.99 18.96
C TYR C 203 37.46 -27.61 19.26
N PHE C 204 37.77 -26.32 19.34
CA PHE C 204 39.11 -25.82 19.63
C PHE C 204 39.42 -25.78 21.12
N ILE C 205 38.45 -26.09 21.98
CA ILE C 205 38.66 -25.99 23.43
C ILE C 205 39.54 -27.13 23.90
N ASN C 206 40.61 -26.79 24.62
CA ASN C 206 41.49 -27.78 25.24
C ASN C 206 41.61 -27.65 26.74
N THR C 207 41.00 -26.64 27.34
CA THR C 207 40.98 -26.44 28.80
C THR C 207 39.50 -26.43 29.19
N SER C 208 39.01 -27.59 29.63
CA SER C 208 37.58 -27.76 29.87
C SER C 208 37.11 -27.19 31.19
N LYS C 209 38.03 -26.82 32.09
CA LYS C 209 37.64 -26.28 33.40
C LYS C 209 36.89 -24.96 33.24
N GLY C 210 37.37 -24.07 32.38
CA GLY C 210 36.69 -22.83 32.10
C GLY C 210 36.10 -22.72 30.71
N GLN C 211 36.07 -23.82 29.93
CA GLN C 211 35.59 -23.86 28.55
C GLN C 211 36.34 -22.85 27.68
N LYS C 212 37.66 -23.03 27.61
CA LYS C 212 38.52 -22.07 26.95
C LYS C 212 39.66 -22.79 26.24
N CYS C 213 40.21 -22.12 25.23
CA CYS C 213 41.38 -22.59 24.50
C CYS C 213 42.61 -21.88 25.04
N GLU C 214 43.64 -22.65 25.41
CA GLU C 214 44.81 -22.14 26.12
C GLU C 214 46.08 -22.64 25.46
N PHE C 215 46.90 -21.71 24.96
CA PHE C 215 48.20 -22.04 24.40
C PHE C 215 49.27 -21.17 25.05
N GLN C 216 50.51 -21.65 24.99
CA GLN C 216 51.68 -20.88 25.37
C GLN C 216 52.74 -21.06 24.30
N ASP C 217 53.42 -19.95 23.96
CA ASP C 217 54.40 -19.88 22.87
C ASP C 217 53.79 -20.35 21.55
N ALA C 218 52.81 -19.56 21.09
CA ALA C 218 52.01 -19.89 19.93
C ALA C 218 52.30 -18.94 18.78
N TYR C 219 52.27 -19.49 17.56
CA TYR C 219 52.30 -18.64 16.37
C TYR C 219 50.96 -17.92 16.22
N VAL C 220 51.00 -16.75 15.59
CA VAL C 220 49.80 -15.97 15.35
C VAL C 220 49.73 -15.65 13.85
N LEU C 221 48.57 -15.93 13.25
CA LEU C 221 48.34 -15.70 11.83
C LEU C 221 47.26 -14.62 11.68
N LEU C 222 47.57 -13.57 10.94
CA LEU C 222 46.68 -12.43 10.79
C LEU C 222 46.29 -12.29 9.34
N SER C 223 44.99 -12.21 9.06
CA SER C 223 44.48 -12.06 7.70
C SER C 223 43.45 -10.93 7.67
N GLU C 224 43.61 -10.02 6.72
CA GLU C 224 42.65 -8.93 6.54
C GLU C 224 41.41 -9.39 5.79
N LYS C 225 41.46 -10.53 5.11
CA LYS C 225 40.34 -11.06 4.35
C LYS C 225 39.89 -12.39 4.94
N LYS C 226 38.77 -12.89 4.44
CA LYS C 226 38.25 -14.17 4.88
C LYS C 226 39.15 -15.31 4.44
N ILE C 227 39.16 -16.37 5.22
CA ILE C 227 39.90 -17.59 4.91
C ILE C 227 38.86 -18.68 4.69
N SER C 228 38.59 -19.00 3.42
CA SER C 228 37.57 -19.99 3.08
C SER C 228 38.09 -21.14 2.24
N SER C 229 39.35 -21.11 1.81
CA SER C 229 39.87 -22.10 0.89
C SER C 229 40.95 -22.95 1.57
N ILE C 230 41.17 -24.13 0.99
CA ILE C 230 42.17 -25.07 1.52
C ILE C 230 43.57 -24.50 1.38
N GLN C 231 43.91 -24.00 0.19
CA GLN C 231 45.27 -23.56 -0.09
C GLN C 231 45.66 -22.28 0.63
N SER C 232 44.68 -21.52 1.13
CA SER C 232 44.99 -20.34 1.91
C SER C 232 45.29 -20.64 3.37
N ILE C 233 45.00 -21.85 3.84
CA ILE C 233 45.22 -22.20 5.24
C ILE C 233 46.20 -23.35 5.44
N VAL C 234 46.43 -24.22 4.43
CA VAL C 234 47.33 -25.35 4.62
C VAL C 234 48.79 -24.95 4.90
N PRO C 235 49.44 -24.05 4.12
CA PRO C 235 50.89 -23.80 4.40
C PRO C 235 51.19 -23.24 5.79
N ALA C 236 50.32 -22.39 6.33
CA ALA C 236 50.50 -21.92 7.72
C ALA C 236 50.39 -23.08 8.70
N LEU C 237 49.47 -24.01 8.44
CA LEU C 237 49.37 -25.22 9.26
C LEU C 237 50.61 -26.09 9.13
N GLU C 238 51.23 -26.12 7.93
CA GLU C 238 52.48 -26.86 7.77
C GLU C 238 53.60 -26.24 8.59
N ILE C 239 53.69 -24.91 8.61
CA ILE C 239 54.69 -24.25 9.45
C ILE C 239 54.45 -24.54 10.92
N ALA C 240 53.19 -24.46 11.36
CA ALA C 240 52.86 -24.70 12.76
C ALA C 240 53.11 -26.16 13.16
N ASN C 241 52.86 -27.10 12.26
CA ASN C 241 53.09 -28.51 12.56
C ASN C 241 54.57 -28.87 12.50
N ALA C 242 55.33 -28.27 11.58
CA ALA C 242 56.75 -28.57 11.48
C ALA C 242 57.54 -27.98 12.63
N HIS C 243 57.16 -26.77 13.08
CA HIS C 243 57.81 -26.20 14.25
C HIS C 243 57.27 -26.75 15.56
N ARG C 244 56.18 -27.51 15.52
CA ARG C 244 55.49 -28.05 16.69
C ARG C 244 55.13 -26.93 17.67
N LYS C 245 54.37 -25.97 17.16
CA LYS C 245 53.91 -24.82 17.91
C LYS C 245 52.44 -24.57 17.64
N PRO C 246 51.71 -24.04 18.60
CA PRO C 246 50.30 -23.71 18.38
C PRO C 246 50.16 -22.52 17.44
N LEU C 247 48.98 -22.44 16.82
CA LEU C 247 48.68 -21.38 15.86
C LEU C 247 47.36 -20.72 16.26
N VAL C 248 47.36 -19.39 16.29
CA VAL C 248 46.15 -18.61 16.49
C VAL C 248 45.87 -17.85 15.19
N ILE C 249 44.68 -18.04 14.64
CA ILE C 249 44.30 -17.42 13.37
C ILE C 249 43.28 -16.33 13.67
N ILE C 250 43.65 -15.09 13.37
CA ILE C 250 42.75 -13.95 13.49
C ILE C 250 42.49 -13.42 12.09
N ALA C 251 41.22 -13.38 11.71
CA ALA C 251 40.83 -12.96 10.36
C ALA C 251 39.41 -12.44 10.42
N GLU C 252 38.92 -11.95 9.28
CA GLU C 252 37.53 -11.50 9.19
C GLU C 252 36.56 -12.66 9.47
N ASP C 253 36.82 -13.81 8.85
CA ASP C 253 36.10 -15.03 9.15
C ASP C 253 36.92 -16.21 8.65
N VAL C 254 36.77 -17.34 9.33
CA VAL C 254 37.31 -18.62 8.88
C VAL C 254 36.13 -19.56 8.75
N ASP C 255 35.74 -19.86 7.52
CA ASP C 255 34.54 -20.63 7.24
C ASP C 255 34.81 -21.58 6.08
N GLY C 256 33.81 -22.39 5.76
CA GLY C 256 33.89 -23.29 4.62
C GLY C 256 34.85 -24.44 4.80
N GLU C 257 35.72 -24.65 3.81
CA GLU C 257 36.62 -25.79 3.82
C GLU C 257 37.80 -25.59 4.76
N ALA C 258 38.25 -24.34 4.94
CA ALA C 258 39.35 -24.08 5.85
C ALA C 258 38.97 -24.36 7.30
N LEU C 259 37.75 -23.97 7.68
CA LEU C 259 37.25 -24.29 9.01
C LEU C 259 37.12 -25.80 9.22
N SER C 260 36.65 -26.51 8.18
CA SER C 260 36.56 -27.96 8.24
C SER C 260 37.94 -28.59 8.42
N THR C 261 38.94 -28.06 7.72
CA THR C 261 40.32 -28.54 7.87
C THR C 261 40.83 -28.30 9.29
N LEU C 262 40.53 -27.13 9.85
CA LEU C 262 40.97 -26.80 11.20
C LEU C 262 40.35 -27.74 12.23
N VAL C 263 39.03 -27.94 12.14
CA VAL C 263 38.35 -28.83 13.09
C VAL C 263 38.81 -30.27 12.91
N LEU C 264 39.00 -30.72 11.67
CA LEU C 264 39.45 -32.08 11.43
C LEU C 264 40.85 -32.32 11.99
N ASN C 265 41.76 -31.35 11.82
CA ASN C 265 43.11 -31.53 12.34
C ASN C 265 43.16 -31.39 13.86
N ARG C 266 42.26 -30.59 14.44
CA ARG C 266 42.21 -30.49 15.89
C ARG C 266 41.66 -31.77 16.53
N LEU C 267 40.63 -32.35 15.91
CA LEU C 267 39.95 -33.49 16.53
C LEU C 267 40.72 -34.80 16.32
N LYS C 268 41.20 -35.05 15.10
CA LYS C 268 41.78 -36.36 14.80
C LYS C 268 43.21 -36.49 15.33
N VAL C 269 44.12 -35.66 14.82
CA VAL C 269 45.53 -35.83 15.16
C VAL C 269 45.94 -35.01 16.38
N GLY C 270 45.18 -33.99 16.75
CA GLY C 270 45.51 -33.19 17.91
C GLY C 270 46.33 -31.95 17.61
N LEU C 271 46.16 -31.36 16.44
CA LEU C 271 46.91 -30.17 16.07
C LEU C 271 46.41 -28.97 16.88
N GLN C 272 47.33 -28.27 17.53
CA GLN C 272 46.99 -27.14 18.37
C GLN C 272 46.73 -25.92 17.51
N VAL C 273 45.46 -25.53 17.38
CA VAL C 273 45.09 -24.43 16.52
C VAL C 273 43.77 -23.86 17.02
N VAL C 274 43.57 -22.56 16.82
CA VAL C 274 42.33 -21.88 17.18
C VAL C 274 42.12 -20.75 16.19
N ALA C 275 40.86 -20.46 15.86
CA ALA C 275 40.51 -19.42 14.90
C ALA C 275 39.55 -18.44 15.56
N VAL C 276 39.87 -17.15 15.46
CA VAL C 276 39.11 -16.09 16.11
C VAL C 276 38.76 -15.03 15.06
N LYS C 277 37.52 -14.56 15.10
CA LYS C 277 37.10 -13.45 14.23
C LYS C 277 37.87 -12.18 14.59
N ALA C 278 37.99 -11.28 13.59
CA ALA C 278 38.69 -10.04 13.89
C ALA C 278 37.74 -9.01 14.51
N PRO C 279 38.22 -8.16 15.40
CA PRO C 279 37.38 -7.11 15.98
C PRO C 279 37.37 -5.84 15.14
N GLY C 280 36.24 -5.16 15.18
CA GLY C 280 36.09 -3.89 14.48
C GLY C 280 35.20 -4.02 13.25
N PHE C 281 34.55 -2.92 12.90
CA PHE C 281 33.67 -2.85 11.73
C PHE C 281 34.06 -1.63 10.91
N GLY C 282 35.01 -1.82 9.98
CA GLY C 282 35.44 -0.73 9.12
C GLY C 282 36.95 -0.61 9.05
N ASP C 283 37.45 0.63 9.03
CA ASP C 283 38.90 0.84 9.09
C ASP C 283 39.45 0.56 10.48
N ASN C 284 38.58 0.52 11.50
CA ASN C 284 39.02 0.10 12.82
C ASN C 284 39.50 -1.34 12.82
N ARG C 285 38.87 -2.21 12.03
CA ARG C 285 39.27 -3.61 11.95
C ARG C 285 40.71 -3.74 11.46
N LYS C 286 41.04 -3.06 10.35
CA LYS C 286 42.40 -3.15 9.83
C LYS C 286 43.39 -2.40 10.70
N ASN C 287 42.95 -1.33 11.38
CA ASN C 287 43.85 -0.62 12.28
C ASN C 287 44.25 -1.49 13.48
N GLN C 288 43.27 -2.13 14.13
CA GLN C 288 43.62 -3.02 15.23
C GLN C 288 44.33 -4.28 14.75
N LEU C 289 44.06 -4.72 13.52
CA LEU C 289 44.81 -5.84 12.97
C LEU C 289 46.28 -5.50 12.77
N LYS C 290 46.57 -4.31 12.25
CA LYS C 290 47.96 -3.88 12.13
C LYS C 290 48.59 -3.66 13.49
N ASP C 291 47.80 -3.20 14.48
CA ASP C 291 48.28 -3.07 15.85
C ASP C 291 48.70 -4.42 16.41
N MET C 292 47.87 -5.45 16.21
CA MET C 292 48.19 -6.80 16.67
C MET C 292 49.41 -7.36 15.93
N ALA C 293 49.52 -7.06 14.63
CA ALA C 293 50.67 -7.53 13.87
C ALA C 293 51.97 -6.92 14.37
N ILE C 294 51.94 -5.62 14.70
CA ILE C 294 53.12 -4.96 15.24
C ILE C 294 53.45 -5.49 16.63
N ALA C 295 52.41 -5.69 17.46
CA ALA C 295 52.64 -6.14 18.84
C ALA C 295 53.15 -7.58 18.90
N THR C 296 52.70 -8.44 17.98
CA THR C 296 53.14 -9.83 17.97
C THR C 296 54.33 -10.09 17.06
N GLY C 297 54.69 -9.15 16.21
CA GLY C 297 55.77 -9.37 15.27
C GLY C 297 55.36 -10.11 14.01
N GLY C 298 54.08 -10.06 13.64
CA GLY C 298 53.59 -10.70 12.45
C GLY C 298 53.27 -9.72 11.34
N ALA C 299 52.72 -10.26 10.26
CA ALA C 299 52.35 -9.48 9.09
C ALA C 299 50.89 -9.73 8.76
N VAL C 300 50.18 -8.66 8.41
CA VAL C 300 48.79 -8.77 7.99
C VAL C 300 48.76 -9.31 6.57
N PHE C 301 47.90 -10.29 6.33
CA PHE C 301 47.76 -10.91 5.02
C PHE C 301 46.45 -10.46 4.35
N GLY C 302 46.47 -10.47 3.02
CA GLY C 302 45.30 -10.10 2.25
C GLY C 302 44.91 -8.65 2.34
N GLU C 303 45.90 -7.75 2.31
CA GLU C 303 45.69 -6.32 2.46
C GLU C 303 45.57 -5.64 1.10
N GLU C 304 44.96 -4.46 1.10
CA GLU C 304 44.73 -3.75 -0.14
C GLU C 304 46.01 -3.14 -0.70
N GLY C 305 46.93 -2.75 0.17
CA GLY C 305 48.11 -2.03 -0.28
C GLY C 305 49.32 -2.88 -0.66
N LEU C 306 49.80 -3.70 0.27
CA LEU C 306 50.99 -4.51 0.02
C LEU C 306 50.65 -5.82 -0.68
N THR C 307 49.42 -6.33 -0.46
CA THR C 307 48.87 -7.51 -1.13
C THR C 307 49.74 -8.75 -0.90
N LEU C 308 49.81 -9.14 0.38
CA LEU C 308 50.50 -10.36 0.76
C LEU C 308 49.52 -11.52 0.76
N ASN C 309 49.88 -12.60 0.08
CA ASN C 309 48.99 -13.74 -0.12
C ASN C 309 49.27 -14.83 0.92
N LEU C 310 48.24 -15.61 1.21
CA LEU C 310 48.29 -16.63 2.25
C LEU C 310 48.85 -17.96 1.75
N GLU C 311 49.00 -18.14 0.44
CA GLU C 311 49.57 -19.38 -0.08
C GLU C 311 51.09 -19.42 0.04
N ASP C 312 51.73 -18.28 0.22
CA ASP C 312 53.17 -18.18 0.39
C ASP C 312 53.43 -17.46 1.70
N VAL C 313 53.51 -18.24 2.78
CA VAL C 313 53.69 -17.74 4.14
C VAL C 313 55.02 -18.27 4.65
N GLN C 314 55.84 -17.39 5.20
CA GLN C 314 57.10 -17.76 5.80
C GLN C 314 56.97 -17.78 7.32
N PRO C 315 57.86 -18.50 8.01
CA PRO C 315 57.82 -18.51 9.49
C PRO C 315 58.03 -17.15 10.14
N HIS C 316 58.66 -16.19 9.45
CA HIS C 316 58.85 -14.87 10.03
C HIS C 316 57.66 -13.94 9.79
N ASP C 317 56.69 -14.34 8.97
CA ASP C 317 55.50 -13.53 8.75
C ASP C 317 54.41 -13.80 9.80
N LEU C 318 54.69 -14.65 10.78
CA LEU C 318 53.73 -15.01 11.81
C LEU C 318 54.11 -14.35 13.13
N GLY C 319 53.11 -13.83 13.83
CA GLY C 319 53.35 -13.27 15.14
C GLY C 319 53.68 -14.35 16.16
N LYS C 320 54.27 -13.92 17.27
CA LYS C 320 54.68 -14.82 18.34
C LYS C 320 54.21 -14.24 19.66
N VAL C 321 53.25 -14.91 20.29
CA VAL C 321 52.82 -14.57 21.63
C VAL C 321 53.39 -15.61 22.59
N GLY C 322 53.40 -15.27 23.88
CA GLY C 322 53.80 -16.23 24.89
C GLY C 322 52.60 -16.87 25.53
N GLU C 323 51.42 -16.32 25.26
CA GLU C 323 50.20 -16.72 25.95
C GLU C 323 48.98 -16.23 25.17
N VAL C 324 47.97 -17.07 25.05
CA VAL C 324 46.69 -16.71 24.43
C VAL C 324 45.56 -17.42 25.18
N ILE C 325 44.50 -16.68 25.47
CA ILE C 325 43.27 -17.23 26.04
C ILE C 325 42.15 -16.93 25.06
N VAL C 326 41.44 -17.98 24.62
CA VAL C 326 40.26 -17.82 23.78
C VAL C 326 39.08 -18.46 24.50
N THR C 327 38.06 -17.65 24.78
CA THR C 327 36.81 -18.09 25.40
C THR C 327 35.68 -17.90 24.40
N LYS C 328 34.44 -18.15 24.87
CA LYS C 328 33.27 -18.04 24.01
C LYS C 328 33.10 -16.64 23.45
N ASP C 329 33.35 -15.62 24.26
CA ASP C 329 33.09 -14.25 23.85
C ASP C 329 34.32 -13.42 23.57
N ASP C 330 35.47 -13.76 24.17
CA ASP C 330 36.64 -12.90 24.07
C ASP C 330 37.88 -13.72 23.73
N ALA C 331 38.92 -13.01 23.28
CA ALA C 331 40.25 -13.56 23.04
C ALA C 331 41.28 -12.52 23.44
N MET C 332 42.35 -12.96 24.08
CA MET C 332 43.35 -12.04 24.59
C MET C 332 44.75 -12.58 24.34
N LEU C 333 45.64 -11.70 23.88
CA LEU C 333 47.01 -12.04 23.51
C LEU C 333 47.98 -11.44 24.52
N LEU C 334 48.91 -12.26 25.00
CA LEU C 334 49.88 -11.83 26.01
C LEU C 334 51.29 -12.11 25.53
N LYS C 335 52.21 -11.20 25.91
CA LYS C 335 53.64 -11.33 25.66
C LYS C 335 53.96 -11.48 24.16
N GLY C 336 53.37 -10.60 23.36
CA GLY C 336 53.67 -10.56 21.94
C GLY C 336 55.12 -10.22 21.67
N LYS C 337 55.79 -11.04 20.87
CA LYS C 337 57.23 -10.88 20.62
C LYS C 337 57.49 -9.97 19.43
N GLY C 338 56.87 -8.80 19.42
CA GLY C 338 57.12 -7.85 18.36
C GLY C 338 58.34 -7.00 18.62
N ASP C 339 58.81 -6.34 17.57
CA ASP C 339 59.91 -5.39 17.72
C ASP C 339 59.42 -4.20 18.53
N LYS C 340 60.13 -3.91 19.63
CA LYS C 340 59.68 -2.88 20.56
C LYS C 340 59.65 -1.51 19.89
N ALA C 341 60.70 -1.17 19.14
CA ALA C 341 60.79 0.12 18.46
C ALA C 341 59.66 0.33 17.47
N GLN C 342 59.23 -0.74 16.80
CA GLN C 342 58.05 -0.65 15.95
C GLN C 342 56.79 -0.37 16.76
N ILE C 343 56.72 -0.90 17.98
CA ILE C 343 55.57 -0.64 18.84
C ILE C 343 55.54 0.81 19.29
N GLU C 344 56.69 1.39 19.67
CA GLU C 344 56.66 2.81 20.00
C GLU C 344 56.41 3.67 18.76
N LYS C 345 56.89 3.26 17.58
CA LYS C 345 56.59 4.02 16.38
C LYS C 345 55.09 4.01 16.08
N ARG C 346 54.44 2.86 16.26
CA ARG C 346 52.99 2.80 16.13
C ARG C 346 52.29 3.63 17.20
N ILE C 347 52.86 3.68 18.41
CA ILE C 347 52.26 4.45 19.49
C ILE C 347 52.30 5.95 19.18
N GLN C 348 53.44 6.45 18.70
CA GLN C 348 53.51 7.85 18.30
C GLN C 348 52.67 8.15 17.07
N GLU C 349 52.54 7.18 16.15
CA GLU C 349 51.60 7.32 15.04
C GLU C 349 50.17 7.52 15.55
N ILE C 350 49.76 6.70 16.53
CA ILE C 350 48.43 6.83 17.11
C ILE C 350 48.28 8.17 17.84
N ILE C 351 49.37 8.63 18.47
CA ILE C 351 49.35 9.91 19.18
C ILE C 351 49.13 11.07 18.19
N GLU C 352 49.88 11.07 17.09
CA GLU C 352 49.72 12.14 16.11
C GLU C 352 48.38 12.05 15.38
N GLN C 353 47.82 10.84 15.26
CA GLN C 353 46.45 10.73 14.76
C GLN C 353 45.45 11.30 15.77
N LEU C 354 45.73 11.13 17.06
CA LEU C 354 44.87 11.72 18.09
C LEU C 354 44.92 13.24 18.06
N ASP C 355 46.09 13.81 17.75
CA ASP C 355 46.22 15.26 17.71
C ASP C 355 45.41 15.91 16.59
N VAL C 356 45.02 15.16 15.56
CA VAL C 356 44.34 15.74 14.40
C VAL C 356 42.91 15.22 14.25
N THR C 357 42.30 14.75 15.34
CA THR C 357 40.93 14.26 15.31
C THR C 357 40.07 15.06 16.26
N THR C 358 38.83 15.33 15.85
CA THR C 358 37.88 16.07 16.67
C THR C 358 36.47 15.49 16.60
N SER C 359 36.33 14.23 16.18
CA SER C 359 35.01 13.62 16.02
C SER C 359 34.40 13.15 17.33
N GLU C 360 35.20 13.08 18.42
CA GLU C 360 34.81 12.64 19.75
C GLU C 360 34.33 11.19 19.79
N TYR C 361 34.52 10.43 18.73
CA TYR C 361 34.24 9.00 18.68
C TYR C 361 35.41 8.19 18.17
N GLU C 362 36.13 8.69 17.17
CA GLU C 362 37.38 8.08 16.75
C GLU C 362 38.51 8.35 17.73
N LYS C 363 38.42 9.43 18.51
CA LYS C 363 39.39 9.67 19.57
C LYS C 363 39.33 8.59 20.64
N GLU C 364 38.11 8.13 20.96
CA GLU C 364 37.95 7.01 21.89
C GLU C 364 38.58 5.73 21.33
N LYS C 365 38.40 5.48 20.03
CA LYS C 365 38.99 4.30 19.40
C LYS C 365 40.52 4.38 19.40
N LEU C 366 41.06 5.58 19.15
CA LEU C 366 42.51 5.76 19.17
C LEU C 366 43.07 5.61 20.58
N ASN C 367 42.35 6.12 21.57
CA ASN C 367 42.77 5.95 22.97
C ASN C 367 42.73 4.48 23.37
N GLU C 368 41.72 3.74 22.91
CA GLU C 368 41.63 2.32 23.20
C GLU C 368 42.77 1.55 22.53
N ARG C 369 43.11 1.90 21.29
CA ARG C 369 44.24 1.27 20.61
C ARG C 369 45.56 1.56 21.31
N LEU C 370 45.75 2.80 21.75
CA LEU C 370 46.95 3.17 22.48
C LEU C 370 47.03 2.44 23.82
N ALA C 371 45.89 2.29 24.51
CA ALA C 371 45.88 1.57 25.78
C ALA C 371 46.16 0.08 25.59
N LYS C 372 45.61 -0.52 24.52
CA LYS C 372 45.91 -1.92 24.22
C LYS C 372 47.39 -2.10 23.90
N LEU C 373 47.99 -1.14 23.21
CA LEU C 373 49.39 -1.26 22.85
C LEU C 373 50.33 -0.96 24.01
N SER C 374 49.92 -0.12 24.96
CA SER C 374 50.86 0.43 25.94
C SER C 374 50.59 -0.01 27.37
N ASP C 375 49.40 0.27 27.92
CA ASP C 375 49.20 0.16 29.36
C ASP C 375 47.95 -0.58 29.80
N GLY C 376 47.10 -1.01 28.88
CA GLY C 376 45.87 -1.69 29.26
C GLY C 376 44.76 -0.72 29.63
N VAL C 377 43.63 -1.29 30.01
CA VAL C 377 42.42 -0.53 30.32
C VAL C 377 41.92 -0.93 31.70
N ALA C 378 41.23 0.01 32.34
CA ALA C 378 40.62 -0.20 33.64
C ALA C 378 39.11 -0.13 33.51
N VAL C 379 38.42 -1.06 34.18
CA VAL C 379 36.97 -1.10 34.18
C VAL C 379 36.50 -1.01 35.63
N LEU C 380 35.73 0.03 35.94
CA LEU C 380 35.09 0.18 37.24
C LEU C 380 33.67 -0.35 37.15
N LYS C 381 33.39 -1.40 37.91
CA LYS C 381 32.05 -1.95 38.02
C LYS C 381 31.42 -1.42 39.31
N VAL C 382 30.28 -0.75 39.17
CA VAL C 382 29.65 -0.09 40.32
C VAL C 382 28.65 -1.05 40.94
N GLY C 383 28.89 -1.39 42.21
CA GLY C 383 27.98 -2.28 42.91
C GLY C 383 26.75 -1.56 43.44
N GLY C 384 25.74 -2.36 43.75
CA GLY C 384 24.52 -1.84 44.33
C GLY C 384 23.43 -2.87 44.43
N THR C 385 22.46 -2.63 45.32
CA THR C 385 21.37 -3.58 45.52
C THR C 385 20.34 -3.51 44.41
N SER C 386 20.18 -2.35 43.78
CA SER C 386 19.13 -2.13 42.79
C SER C 386 19.64 -1.18 41.72
N ASP C 387 18.90 -1.12 40.62
CA ASP C 387 19.32 -0.30 39.47
C ASP C 387 19.28 1.19 39.78
N VAL C 388 18.32 1.64 40.59
CA VAL C 388 18.25 3.06 40.95
C VAL C 388 19.46 3.45 41.80
N GLU C 389 19.86 2.59 42.73
CA GLU C 389 21.07 2.83 43.51
C GLU C 389 22.32 2.80 42.64
N VAL C 390 22.38 1.84 41.71
CA VAL C 390 23.54 1.70 40.84
C VAL C 390 23.69 2.94 39.96
N ASN C 391 22.60 3.44 39.40
CA ASN C 391 22.65 4.64 38.57
C ASN C 391 23.04 5.87 39.39
N GLU C 392 22.50 5.98 40.61
CA GLU C 392 22.84 7.12 41.47
C GLU C 392 24.32 7.12 41.83
N LYS C 393 24.88 5.96 42.18
CA LYS C 393 26.30 5.89 42.49
C LYS C 393 27.16 6.05 41.24
N LYS C 394 26.68 5.57 40.09
CA LYS C 394 27.41 5.70 38.84
C LYS C 394 27.56 7.15 38.42
N ASP C 395 26.53 7.97 38.69
CA ASP C 395 26.63 9.39 38.41
C ASP C 395 27.79 10.02 39.16
N ARG C 396 27.95 9.67 40.44
CA ARG C 396 29.03 10.23 41.25
C ARG C 396 30.39 9.65 40.84
N VAL C 397 30.43 8.39 40.43
CA VAL C 397 31.69 7.80 39.95
C VAL C 397 32.15 8.48 38.66
N THR C 398 31.22 8.73 37.73
CA THR C 398 31.55 9.45 36.51
C THR C 398 31.98 10.88 36.81
N ASP C 399 31.30 11.54 37.76
CA ASP C 399 31.71 12.88 38.18
C ASP C 399 33.13 12.89 38.73
N ALA C 400 33.47 11.90 39.56
CA ALA C 400 34.80 11.85 40.15
C ALA C 400 35.87 11.52 39.12
N LEU C 401 35.54 10.67 38.14
CA LEU C 401 36.48 10.38 37.06
C LEU C 401 36.77 11.63 36.22
N ASN C 402 35.72 12.37 35.87
CA ASN C 402 35.89 13.59 35.09
C ASN C 402 36.66 14.65 35.87
N ALA C 403 36.36 14.79 37.17
CA ALA C 403 37.05 15.77 38.00
C ALA C 403 38.52 15.41 38.18
N THR C 404 38.82 14.11 38.31
CA THR C 404 40.21 13.68 38.44
C THR C 404 40.99 13.91 37.14
N ARG C 405 40.36 13.66 35.99
CA ARG C 405 41.01 13.98 34.72
C ARG C 405 41.26 15.47 34.57
N ALA C 406 40.29 16.30 34.98
CA ALA C 406 40.46 17.75 34.92
C ALA C 406 41.56 18.22 35.88
N ALA C 407 41.69 17.56 37.02
CA ALA C 407 42.74 17.93 37.97
C ALA C 407 44.12 17.52 37.47
N VAL C 408 44.21 16.39 36.76
CA VAL C 408 45.48 16.04 36.11
C VAL C 408 45.81 17.06 35.02
N GLU C 409 44.78 17.55 34.31
CA GLU C 409 45.01 18.51 33.23
C GLU C 409 45.50 19.85 33.78
N GLU C 410 44.69 20.52 34.62
CA GLU C 410 44.91 21.92 34.92
C GLU C 410 45.17 22.23 36.39
N GLY C 411 45.36 21.23 37.23
CA GLY C 411 45.69 21.48 38.62
C GLY C 411 44.48 21.60 39.52
N ILE C 412 44.76 21.98 40.78
CA ILE C 412 43.74 22.04 41.81
C ILE C 412 43.77 23.39 42.51
N VAL C 413 42.61 23.77 43.04
CA VAL C 413 42.45 24.94 43.89
C VAL C 413 41.71 24.51 45.15
N LEU C 414 41.47 25.47 46.04
CA LEU C 414 40.75 25.17 47.27
C LEU C 414 39.28 24.90 46.99
N GLY C 415 38.74 23.87 47.63
CA GLY C 415 37.36 23.49 47.48
C GLY C 415 36.44 24.29 48.38
N GLY C 416 35.18 23.86 48.43
CA GLY C 416 34.17 24.50 49.25
C GLY C 416 33.83 25.92 48.87
N GLY C 417 33.95 26.26 47.59
CA GLY C 417 33.70 27.62 47.15
C GLY C 417 34.72 28.65 47.58
N CYS C 418 35.83 28.24 48.18
CA CYS C 418 36.81 29.18 48.69
C CYS C 418 37.71 29.74 47.60
N ALA C 419 37.90 29.00 46.50
CA ALA C 419 38.71 29.50 45.40
C ALA C 419 38.10 30.74 44.76
N LEU C 420 36.77 30.75 44.59
CA LEU C 420 36.11 31.96 44.11
C LEU C 420 36.08 33.04 45.18
N LEU C 421 36.04 32.64 46.46
CA LEU C 421 36.04 33.62 47.55
C LEU C 421 37.35 34.38 47.64
N ARG C 422 38.47 33.72 47.33
CA ARG C 422 39.77 34.39 47.38
C ARG C 422 40.08 35.17 46.11
N CYS C 423 39.19 35.16 45.12
CA CYS C 423 39.35 35.97 43.91
C CYS C 423 38.68 37.33 44.03
N ILE C 424 37.99 37.61 45.14
CA ILE C 424 37.36 38.92 45.34
C ILE C 424 38.36 40.07 45.37
N PRO C 425 39.50 39.99 46.07
CA PRO C 425 40.47 41.11 45.99
C PRO C 425 41.04 41.37 44.61
N ALA C 426 41.01 40.39 43.70
CA ALA C 426 41.37 40.66 42.32
C ALA C 426 40.36 41.58 41.64
N LEU C 427 39.08 41.46 41.99
CA LEU C 427 38.08 42.39 41.50
C LEU C 427 38.14 43.73 42.21
N ASP C 428 38.62 43.74 43.46
CA ASP C 428 38.76 45.00 44.18
C ASP C 428 39.82 45.92 43.58
N SER C 429 40.74 45.38 42.79
CA SER C 429 41.81 46.16 42.19
C SER C 429 41.53 46.56 40.75
N LEU C 430 40.32 46.30 40.24
CA LEU C 430 39.96 46.66 38.88
C LEU C 430 39.51 48.11 38.80
N THR C 431 39.71 48.71 37.64
CA THR C 431 39.25 50.08 37.36
C THR C 431 38.26 50.06 36.21
N PRO C 432 36.96 50.21 36.48
CA PRO C 432 35.97 50.17 35.39
C PRO C 432 36.03 51.41 34.51
N ALA C 433 35.68 51.22 33.24
CA ALA C 433 35.71 52.32 32.29
C ALA C 433 34.54 53.29 32.49
N ASN C 434 33.41 52.79 32.96
CA ASN C 434 32.22 53.61 33.18
C ASN C 434 31.36 52.92 34.25
N GLU C 435 30.16 53.48 34.49
CA GLU C 435 29.34 53.03 35.60
C GLU C 435 28.69 51.67 35.33
N ASP C 436 28.32 51.38 34.07
CA ASP C 436 27.71 50.10 33.75
C ASP C 436 28.69 48.95 33.96
N GLN C 437 29.94 49.15 33.56
CA GLN C 437 30.96 48.12 33.81
C GLN C 437 31.25 47.97 35.29
N LYS C 438 31.16 49.06 36.06
CA LYS C 438 31.27 48.97 37.51
C LYS C 438 30.14 48.13 38.09
N ILE C 439 28.92 48.31 37.56
CA ILE C 439 27.77 47.50 37.97
C ILE C 439 28.02 46.03 37.68
N GLY C 440 28.55 45.73 36.49
CA GLY C 440 28.83 44.33 36.15
C GLY C 440 29.90 43.70 37.02
N ILE C 441 30.96 44.46 37.31
CA ILE C 441 32.02 43.98 38.21
C ILE C 441 31.46 43.71 39.60
N GLU C 442 30.60 44.60 40.11
CA GLU C 442 29.98 44.38 41.40
C GLU C 442 29.03 43.18 41.39
N ILE C 443 28.36 42.93 40.27
CA ILE C 443 27.52 41.74 40.13
C ILE C 443 28.35 40.48 40.29
N ILE C 444 29.49 40.42 39.60
CA ILE C 444 30.37 39.26 39.70
C ILE C 444 30.96 39.14 41.11
N LYS C 445 31.28 40.28 41.72
CA LYS C 445 31.83 40.29 43.07
C LYS C 445 30.85 39.74 44.09
N ARG C 446 29.57 40.09 43.97
CA ARG C 446 28.55 39.50 44.82
C ARG C 446 28.33 38.02 44.49
N THR C 447 28.45 37.65 43.22
CA THR C 447 28.20 36.27 42.81
C THR C 447 29.29 35.32 43.30
N LEU C 448 30.51 35.82 43.54
CA LEU C 448 31.60 34.94 43.95
C LEU C 448 31.39 34.31 45.33
N LYS C 449 30.52 34.90 46.16
CA LYS C 449 30.23 34.32 47.47
C LYS C 449 29.18 33.21 47.40
N ILE C 450 28.49 33.08 46.27
CA ILE C 450 27.31 32.21 46.20
C ILE C 450 27.60 30.72 46.42
N PRO C 451 28.64 30.11 45.80
CA PRO C 451 28.84 28.66 46.05
C PRO C 451 29.11 28.29 47.50
N ALA C 452 29.93 29.08 48.21
CA ALA C 452 30.18 28.80 49.62
C ALA C 452 28.92 29.02 50.46
N MET C 453 28.14 30.04 50.12
CA MET C 453 26.86 30.27 50.80
C MET C 453 25.90 29.11 50.61
N THR C 454 25.82 28.58 49.39
CA THR C 454 24.93 27.46 49.10
C THR C 454 25.38 26.20 49.82
N ILE C 455 26.70 25.95 49.85
CA ILE C 455 27.23 24.79 50.54
C ILE C 455 26.95 24.88 52.04
N ALA C 456 27.14 26.06 52.64
CA ALA C 456 26.86 26.22 54.05
C ALA C 456 25.36 26.17 54.35
N LYS C 457 24.52 26.68 53.44
CA LYS C 457 23.08 26.65 53.64
C LYS C 457 22.55 25.21 53.59
N ASN C 458 23.09 24.40 52.69
CA ASN C 458 22.69 23.00 52.64
C ASN C 458 23.15 22.22 53.87
N ALA C 459 24.14 22.72 54.60
CA ALA C 459 24.60 22.11 55.83
C ALA C 459 23.84 22.60 57.06
N GLY C 460 22.83 23.45 56.87
CA GLY C 460 22.01 23.91 57.97
C GLY C 460 22.60 25.00 58.84
N VAL C 461 23.55 25.78 58.32
CA VAL C 461 24.09 26.92 59.04
C VAL C 461 23.87 28.17 58.21
N GLU C 462 24.02 29.32 58.85
CA GLU C 462 23.86 30.59 58.15
C GLU C 462 25.05 30.83 57.24
N GLY C 463 24.79 30.92 55.93
CA GLY C 463 25.88 30.96 54.96
C GLY C 463 26.66 32.27 54.95
N SER C 464 25.98 33.38 55.25
CA SER C 464 26.65 34.68 55.19
C SER C 464 27.69 34.83 56.30
N LEU C 465 27.36 34.35 57.51
CA LEU C 465 28.33 34.38 58.61
C LEU C 465 29.53 33.49 58.33
N ILE C 466 29.29 32.31 57.74
CA ILE C 466 30.36 31.41 57.36
C ILE C 466 31.27 32.06 56.32
N VAL C 467 30.67 32.70 55.32
CA VAL C 467 31.43 33.33 54.25
C VAL C 467 32.25 34.51 54.78
N GLU C 468 31.67 35.29 55.70
CA GLU C 468 32.41 36.41 56.27
C GLU C 468 33.56 35.94 57.17
N LYS C 469 33.37 34.83 57.90
CA LYS C 469 34.47 34.32 58.71
C LYS C 469 35.56 33.72 57.83
N ILE C 470 35.20 33.10 56.70
CA ILE C 470 36.21 32.66 55.75
C ILE C 470 36.99 33.85 55.19
N MET C 471 36.29 34.92 54.83
CA MET C 471 36.95 36.09 54.26
C MET C 471 37.82 36.82 55.27
N GLN C 472 37.48 36.76 56.56
CA GLN C 472 38.30 37.35 57.60
C GLN C 472 39.41 36.41 58.08
N SER C 473 39.60 35.28 57.42
CA SER C 473 40.61 34.30 57.81
C SER C 473 41.76 34.33 56.82
N SER C 474 42.83 33.63 57.17
CA SER C 474 43.96 33.49 56.27
C SER C 474 43.58 32.63 55.06
N SER C 475 44.37 32.76 53.99
CA SER C 475 43.96 32.29 52.67
C SER C 475 43.85 30.77 52.58
N GLU C 476 44.49 30.03 53.48
CA GLU C 476 44.42 28.57 53.44
C GLU C 476 43.22 28.00 54.21
N VAL C 477 42.51 28.82 54.96
CA VAL C 477 41.45 28.36 55.85
C VAL C 477 40.10 28.51 55.15
N GLY C 478 39.34 27.41 55.12
CA GLY C 478 37.97 27.43 54.63
C GLY C 478 37.07 26.64 55.56
N TYR C 479 35.80 26.54 55.17
CA TYR C 479 34.80 25.86 55.97
C TYR C 479 34.66 24.41 55.53
N ASP C 480 34.91 23.48 56.46
CA ASP C 480 34.53 22.08 56.26
C ASP C 480 33.04 21.95 56.58
N ALA C 481 32.21 21.83 55.56
CA ALA C 481 30.78 21.76 55.77
C ALA C 481 30.35 20.41 56.32
N MET C 482 31.09 19.35 55.99
CA MET C 482 30.79 18.02 56.52
C MET C 482 31.05 17.95 58.02
N ALA C 483 32.10 18.60 58.50
CA ALA C 483 32.46 18.57 59.90
C ALA C 483 31.99 19.78 60.69
N GLY C 484 31.50 20.81 60.00
CA GLY C 484 31.12 22.05 60.67
C GLY C 484 32.27 22.81 61.28
N ASP C 485 33.43 22.80 60.63
CA ASP C 485 34.64 23.38 61.19
C ASP C 485 35.36 24.23 60.15
N PHE C 486 36.17 25.16 60.64
CA PHE C 486 37.05 25.95 59.80
C PHE C 486 38.44 25.33 59.84
N VAL C 487 38.91 24.84 58.69
CA VAL C 487 40.07 23.97 58.61
C VAL C 487 40.99 24.44 57.49
N ASN C 488 42.21 23.93 57.52
CA ASN C 488 43.12 23.99 56.37
C ASN C 488 42.56 23.06 55.28
N MET C 489 42.12 23.65 54.16
CA MET C 489 41.41 22.87 53.16
C MET C 489 42.32 21.94 52.37
N VAL C 490 43.58 22.33 52.15
CA VAL C 490 44.52 21.47 51.45
C VAL C 490 44.91 20.29 52.33
N GLU C 491 45.11 20.53 53.63
CA GLU C 491 45.44 19.46 54.56
C GLU C 491 44.30 18.45 54.69
N LYS C 492 43.06 18.92 54.74
CA LYS C 492 41.91 18.04 54.89
C LYS C 492 41.44 17.47 53.55
N GLY C 493 42.07 17.84 52.44
CA GLY C 493 41.73 17.28 51.15
C GLY C 493 40.49 17.85 50.50
N ILE C 494 39.99 18.98 50.99
CA ILE C 494 38.81 19.63 50.37
C ILE C 494 39.35 20.52 49.27
N ILE C 495 39.53 19.94 48.09
CA ILE C 495 40.15 20.62 46.96
C ILE C 495 39.28 20.42 45.73
N ASP C 496 39.37 21.37 44.81
CA ASP C 496 38.60 21.35 43.57
C ASP C 496 39.55 21.49 42.39
N PRO C 497 39.24 20.85 41.27
CA PRO C 497 40.04 21.11 40.06
C PRO C 497 39.74 22.49 39.49
N THR C 498 40.81 23.17 39.06
CA THR C 498 40.72 24.54 38.59
C THR C 498 39.87 24.65 37.33
N LYS C 499 39.96 23.65 36.45
CA LYS C 499 39.20 23.62 35.21
C LYS C 499 37.71 23.65 35.46
N VAL C 500 37.24 22.88 36.46
CA VAL C 500 35.82 22.83 36.79
C VAL C 500 35.32 24.18 37.29
N VAL C 501 36.10 24.82 38.17
CA VAL C 501 35.71 26.11 38.74
C VAL C 501 35.61 27.18 37.66
N ARG C 502 36.65 27.29 36.82
CA ARG C 502 36.64 28.33 35.79
C ARG C 502 35.61 28.03 34.70
N THR C 503 35.39 26.76 34.38
CA THR C 503 34.37 26.39 33.39
C THR C 503 32.99 26.75 33.89
N ALA C 504 32.69 26.44 35.16
CA ALA C 504 31.39 26.76 35.72
C ALA C 504 31.15 28.26 35.74
N LEU C 505 32.18 29.04 36.13
CA LEU C 505 32.02 30.49 36.18
C LEU C 505 31.81 31.08 34.78
N LEU C 506 32.63 30.67 33.80
CA LEU C 506 32.52 31.22 32.46
C LEU C 506 31.18 30.85 31.81
N ASP C 507 30.78 29.58 31.95
CA ASP C 507 29.54 29.11 31.36
C ASP C 507 28.33 29.78 31.99
N ALA C 508 28.37 30.02 33.31
CA ALA C 508 27.28 30.75 33.95
C ALA C 508 27.24 32.20 33.49
N ALA C 509 28.40 32.86 33.49
CA ALA C 509 28.46 34.30 33.29
C ALA C 509 28.05 34.70 31.88
N GLY C 510 28.49 33.94 30.87
CA GLY C 510 28.16 34.30 29.50
C GLY C 510 26.66 34.29 29.23
N VAL C 511 26.01 33.18 29.56
CA VAL C 511 24.57 33.04 29.31
C VAL C 511 23.77 34.01 30.18
N ALA C 512 24.12 34.14 31.47
CA ALA C 512 23.31 34.96 32.35
C ALA C 512 23.46 36.45 32.04
N SER C 513 24.68 36.89 31.69
CA SER C 513 24.85 38.28 31.29
C SER C 513 24.24 38.56 29.92
N LEU C 514 24.13 37.56 29.04
CA LEU C 514 23.33 37.76 27.84
C LEU C 514 21.84 37.89 28.18
N LEU C 515 21.37 37.08 29.13
CA LEU C 515 19.97 37.10 29.51
C LEU C 515 19.57 38.44 30.13
N THR C 516 20.46 39.04 30.91
CA THR C 516 20.14 40.31 31.55
C THR C 516 20.17 41.51 30.60
N THR C 517 20.49 41.32 29.31
CA THR C 517 20.39 42.41 28.34
C THR C 517 19.00 42.51 27.72
N ALA C 518 18.09 41.61 28.05
CA ALA C 518 16.81 41.53 27.36
C ALA C 518 15.83 42.59 27.83
N GLU C 519 15.10 43.15 26.88
CA GLU C 519 14.00 44.08 27.13
C GLU C 519 12.65 43.54 26.68
N VAL C 520 12.62 42.69 25.65
CA VAL C 520 11.40 42.20 25.04
C VAL C 520 11.51 40.69 24.94
N VAL C 521 10.43 39.98 25.26
CA VAL C 521 10.37 38.53 25.12
C VAL C 521 9.20 38.18 24.21
N VAL C 522 9.46 37.34 23.21
CA VAL C 522 8.47 36.89 22.24
C VAL C 522 8.27 35.39 22.40
N THR C 523 7.05 34.98 22.70
CA THR C 523 6.70 33.57 22.85
C THR C 523 5.48 33.24 22.00
N GLU C 524 5.37 31.97 21.62
CA GLU C 524 4.16 31.51 20.94
C GLU C 524 2.98 31.44 21.90
N ILE C 525 1.80 31.75 21.38
CA ILE C 525 0.55 31.58 22.14
C ILE C 525 0.34 30.08 22.37
N PRO C 526 0.07 29.65 23.61
CA PRO C 526 -0.13 28.21 23.84
C PRO C 526 -1.46 27.73 23.24
N LYS C 527 -1.37 26.67 22.45
CA LYS C 527 -2.56 26.09 21.82
C LYS C 527 -3.23 25.09 22.75
N GLY D 3 40.12 -55.22 -28.30
CA GLY D 3 39.44 -54.97 -27.04
C GLY D 3 39.95 -55.84 -25.90
N GLN D 4 40.02 -55.26 -24.70
CA GLN D 4 40.49 -55.97 -23.52
C GLN D 4 39.40 -55.86 -22.46
N ALA D 5 39.02 -57.00 -21.88
CA ALA D 5 37.95 -57.04 -20.89
C ALA D 5 38.51 -56.92 -19.48
N PHE D 6 37.66 -56.42 -18.58
CA PHE D 6 38.06 -56.22 -17.19
C PHE D 6 36.86 -56.43 -16.29
N ARG D 7 36.99 -57.38 -15.35
CA ARG D 7 35.93 -57.76 -14.41
C ARG D 7 34.64 -58.13 -15.15
N LYS D 8 34.80 -58.93 -16.20
CA LYS D 8 33.72 -59.36 -17.08
C LYS D 8 32.99 -58.18 -17.72
N PHE D 9 33.72 -57.10 -18.03
CA PHE D 9 33.19 -55.97 -18.77
C PHE D 9 34.10 -55.65 -19.94
N LEU D 10 33.53 -55.60 -21.13
CA LEU D 10 34.27 -55.25 -22.35
C LEU D 10 33.62 -54.04 -22.98
N PRO D 11 34.28 -52.87 -22.98
CA PRO D 11 33.69 -51.68 -23.61
C PRO D 11 33.65 -51.82 -25.13
N LEU D 12 32.77 -51.03 -25.73
CA LEU D 12 32.49 -51.12 -27.16
C LEU D 12 33.04 -49.89 -27.88
N PHE D 13 33.49 -50.12 -29.11
CA PHE D 13 34.04 -49.11 -30.04
C PHE D 13 35.29 -48.48 -29.40
N ASP D 14 35.43 -47.16 -29.42
CA ASP D 14 36.61 -46.48 -28.90
C ASP D 14 36.43 -46.02 -27.45
N ARG D 15 35.63 -46.73 -26.67
CA ARG D 15 35.43 -46.40 -25.27
C ARG D 15 36.54 -47.01 -24.42
N VAL D 16 36.96 -46.26 -23.40
CA VAL D 16 38.04 -46.66 -22.51
C VAL D 16 37.54 -46.60 -21.08
N LEU D 17 37.74 -47.68 -20.32
CA LEU D 17 37.37 -47.75 -18.91
C LEU D 17 38.59 -47.47 -18.06
N VAL D 18 38.45 -46.54 -17.10
CA VAL D 18 39.55 -46.14 -16.25
C VAL D 18 39.17 -46.29 -14.79
N GLU D 19 40.18 -46.39 -13.94
CA GLU D 19 40.02 -46.32 -12.49
C GLU D 19 40.78 -45.10 -12.00
N ARG D 20 40.06 -44.17 -11.36
CA ARG D 20 40.69 -42.98 -10.83
C ARG D 20 41.61 -43.32 -9.66
N SER D 21 42.67 -42.54 -9.52
CA SER D 21 43.59 -42.70 -8.41
C SER D 21 42.92 -42.30 -7.09
N ALA D 22 43.50 -42.78 -5.99
CA ALA D 22 42.99 -42.43 -4.68
C ALA D 22 43.22 -40.97 -4.38
N ALA D 23 42.20 -40.32 -3.81
CA ALA D 23 42.31 -38.90 -3.47
C ALA D 23 43.30 -38.70 -2.33
N GLU D 24 44.04 -37.61 -2.40
CA GLU D 24 45.04 -37.30 -1.37
C GLU D 24 44.33 -36.96 -0.06
N THR D 25 44.74 -37.62 1.02
CA THR D 25 44.12 -37.44 2.32
C THR D 25 44.95 -36.62 3.28
N VAL D 26 46.27 -36.61 3.13
CA VAL D 26 47.17 -35.84 3.99
C VAL D 26 48.24 -35.23 3.11
N THR D 27 48.65 -34.00 3.44
CA THR D 27 49.65 -33.30 2.65
C THR D 27 51.06 -33.79 3.00
N LYS D 28 52.05 -33.22 2.32
CA LYS D 28 53.44 -33.60 2.53
C LYS D 28 53.99 -33.16 3.88
N GLY D 29 53.32 -32.24 4.57
CA GLY D 29 53.76 -31.82 5.89
C GLY D 29 53.11 -32.60 7.01
N GLY D 30 51.89 -33.10 6.76
CA GLY D 30 51.19 -33.87 7.77
C GLY D 30 49.84 -33.27 8.13
N ILE D 31 49.26 -32.49 7.22
CA ILE D 31 47.97 -31.85 7.44
C ILE D 31 46.91 -32.69 6.74
N MET D 32 45.96 -33.21 7.53
CA MET D 32 44.90 -34.05 7.00
C MET D 32 43.84 -33.20 6.32
N LEU D 33 43.34 -33.70 5.19
CA LEU D 33 42.37 -32.95 4.40
C LEU D 33 40.97 -33.52 4.55
N PRO D 34 39.95 -32.66 4.59
CA PRO D 34 38.57 -33.16 4.64
C PRO D 34 38.18 -33.86 3.35
N GLU D 35 37.28 -34.83 3.48
CA GLU D 35 36.92 -35.68 2.35
C GLU D 35 36.11 -34.93 1.31
N LYS D 36 35.12 -34.14 1.75
CA LYS D 36 34.26 -33.43 0.81
C LYS D 36 34.94 -32.26 0.13
N SER D 37 36.14 -31.87 0.57
CA SER D 37 36.90 -30.84 -0.12
C SER D 37 37.77 -31.40 -1.24
N GLN D 38 37.86 -32.72 -1.37
CA GLN D 38 38.66 -33.36 -2.41
C GLN D 38 37.78 -33.63 -3.62
N GLY D 39 38.09 -32.98 -4.73
CA GLY D 39 37.34 -33.17 -5.95
C GLY D 39 37.68 -34.48 -6.63
N LYS D 40 37.14 -34.63 -7.84
CA LYS D 40 37.41 -35.83 -8.63
C LYS D 40 38.86 -35.85 -9.08
N VAL D 41 39.48 -37.02 -9.03
CA VAL D 41 40.89 -37.16 -9.37
C VAL D 41 41.03 -37.22 -10.88
N LEU D 42 41.83 -36.32 -11.45
CA LEU D 42 42.09 -36.31 -12.87
C LEU D 42 43.15 -37.33 -13.26
N GLN D 43 43.82 -37.93 -12.28
CA GLN D 43 44.77 -39.00 -12.53
C GLN D 43 44.04 -40.34 -12.48
N ALA D 44 44.39 -41.23 -13.42
CA ALA D 44 43.69 -42.50 -13.54
C ALA D 44 44.56 -43.50 -14.27
N THR D 45 44.19 -44.76 -14.15
CA THR D 45 44.86 -45.85 -14.85
C THR D 45 43.84 -46.58 -15.72
N VAL D 46 44.31 -47.10 -16.84
CA VAL D 46 43.45 -47.74 -17.83
C VAL D 46 43.31 -49.20 -17.46
N VAL D 47 42.07 -49.65 -17.24
CA VAL D 47 41.79 -51.03 -16.89
C VAL D 47 41.13 -51.81 -18.02
N ALA D 48 40.50 -51.13 -18.99
CA ALA D 48 39.85 -51.82 -20.09
C ALA D 48 39.73 -50.88 -21.27
N VAL D 49 39.96 -51.41 -22.47
CA VAL D 49 39.84 -50.64 -23.70
C VAL D 49 38.87 -51.35 -24.63
N GLY D 50 38.19 -50.56 -25.47
CA GLY D 50 37.36 -51.10 -26.50
C GLY D 50 38.17 -51.55 -27.70
N SER D 51 37.46 -52.15 -28.67
CA SER D 51 38.13 -52.61 -29.87
C SER D 51 38.53 -51.47 -30.79
N GLY D 52 37.86 -50.33 -30.70
CA GLY D 52 38.15 -49.18 -31.52
C GLY D 52 37.08 -48.95 -32.58
N SER D 53 37.09 -47.74 -33.13
CA SER D 53 36.13 -47.34 -34.14
C SER D 53 36.68 -47.63 -35.54
N LYS D 54 35.85 -47.36 -36.55
CA LYS D 54 36.25 -47.46 -37.95
C LYS D 54 36.32 -46.03 -38.49
N GLY D 55 37.47 -45.38 -38.30
CA GLY D 55 37.61 -44.01 -38.74
C GLY D 55 37.79 -43.90 -40.25
N LYS D 56 38.47 -44.87 -40.86
CA LYS D 56 38.67 -44.90 -42.29
C LYS D 56 37.85 -46.05 -42.90
N GLY D 57 38.01 -46.24 -44.21
CA GLY D 57 37.16 -47.17 -44.94
C GLY D 57 37.56 -48.63 -44.87
N GLY D 58 36.81 -49.42 -44.11
CA GLY D 58 36.92 -50.85 -44.12
C GLY D 58 37.74 -51.47 -43.00
N GLU D 59 38.52 -50.68 -42.27
CA GLU D 59 39.38 -51.22 -41.22
C GLU D 59 39.02 -50.61 -39.87
N ILE D 60 39.47 -51.28 -38.82
CA ILE D 60 39.20 -50.88 -37.44
C ILE D 60 40.43 -50.17 -36.89
N GLN D 61 40.23 -48.97 -36.34
CA GLN D 61 41.32 -48.18 -35.77
C GLN D 61 41.42 -48.47 -34.28
N PRO D 62 42.50 -49.08 -33.80
CA PRO D 62 42.66 -49.32 -32.37
C PRO D 62 42.82 -48.02 -31.59
N VAL D 63 42.49 -48.10 -30.29
CA VAL D 63 42.59 -46.93 -29.43
C VAL D 63 44.04 -46.61 -29.12
N SER D 64 44.29 -45.35 -28.77
CA SER D 64 45.65 -44.85 -28.58
C SER D 64 46.29 -45.35 -27.29
N VAL D 65 45.50 -45.65 -26.27
CA VAL D 65 46.03 -46.10 -24.99
C VAL D 65 45.89 -47.61 -24.91
N LYS D 66 46.65 -48.20 -23.98
CA LYS D 66 46.57 -49.62 -23.70
C LYS D 66 46.29 -49.82 -22.21
N VAL D 67 46.08 -51.08 -21.83
CA VAL D 67 45.67 -51.40 -20.47
C VAL D 67 46.88 -51.38 -19.56
N GLY D 68 46.77 -50.68 -18.43
CA GLY D 68 47.88 -50.43 -17.55
C GLY D 68 48.54 -49.09 -17.74
N ASP D 69 48.12 -48.32 -18.74
CA ASP D 69 48.66 -47.00 -18.99
C ASP D 69 48.22 -46.03 -17.91
N LYS D 70 49.11 -45.11 -17.55
CA LYS D 70 48.78 -44.05 -16.61
C LYS D 70 48.44 -42.79 -17.40
N VAL D 71 47.22 -42.27 -17.21
CA VAL D 71 46.66 -41.26 -18.09
C VAL D 71 46.11 -40.10 -17.26
N LEU D 72 45.84 -38.99 -17.95
CA LEU D 72 45.21 -37.81 -17.37
C LEU D 72 43.86 -37.59 -18.02
N LEU D 73 42.83 -37.35 -17.20
CA LEU D 73 41.43 -37.22 -17.57
C LEU D 73 40.99 -35.76 -17.60
N PRO D 74 40.02 -35.42 -18.43
CA PRO D 74 39.38 -34.11 -18.33
C PRO D 74 38.39 -34.08 -17.16
N GLU D 75 37.93 -32.87 -16.84
CA GLU D 75 37.01 -32.71 -15.72
C GLU D 75 35.64 -33.31 -16.03
N TYR D 76 35.16 -33.18 -17.27
CA TYR D 76 33.85 -33.66 -17.65
C TYR D 76 33.97 -34.66 -18.81
N GLY D 77 33.03 -35.59 -18.87
CA GLY D 77 32.93 -36.49 -20.00
C GLY D 77 33.13 -37.96 -19.68
N GLY D 78 32.84 -38.36 -18.45
CA GLY D 78 33.02 -39.74 -18.03
C GLY D 78 31.71 -40.33 -17.52
N THR D 79 31.53 -41.62 -17.80
CA THR D 79 30.30 -42.33 -17.46
C THR D 79 30.56 -43.24 -16.26
N LYS D 80 29.70 -43.14 -15.25
CA LYS D 80 29.79 -43.99 -14.07
C LYS D 80 29.48 -45.44 -14.42
N VAL D 81 30.41 -46.34 -14.13
CA VAL D 81 30.24 -47.76 -14.33
C VAL D 81 30.61 -48.48 -13.04
N VAL D 82 29.71 -49.31 -12.53
CA VAL D 82 29.93 -50.02 -11.28
C VAL D 82 30.22 -51.48 -11.61
N LEU D 83 31.36 -51.98 -11.14
CA LEU D 83 31.77 -53.36 -11.38
C LEU D 83 32.23 -53.96 -10.06
N ASP D 84 31.55 -55.02 -9.62
CA ASP D 84 31.78 -55.68 -8.32
C ASP D 84 31.70 -54.68 -7.16
N ASP D 85 30.72 -53.77 -7.25
CA ASP D 85 30.48 -52.70 -6.28
C ASP D 85 31.71 -51.82 -6.07
N LYS D 86 32.43 -51.53 -7.15
CA LYS D 86 33.60 -50.69 -7.11
C LYS D 86 33.52 -49.66 -8.23
N ASP D 87 34.01 -48.46 -7.95
CA ASP D 87 33.78 -47.30 -8.79
C ASP D 87 34.71 -47.31 -10.01
N TYR D 88 34.12 -47.15 -11.19
CA TYR D 88 34.87 -47.10 -12.44
C TYR D 88 34.22 -46.09 -13.38
N PHE D 89 35.01 -45.60 -14.33
CA PHE D 89 34.56 -44.58 -15.26
C PHE D 89 34.96 -44.91 -16.68
N LEU D 90 34.04 -44.67 -17.60
CA LEU D 90 34.17 -45.00 -19.01
C LEU D 90 34.32 -43.72 -19.82
N PHE D 91 35.30 -43.70 -20.72
CA PHE D 91 35.65 -42.51 -21.47
C PHE D 91 35.82 -42.83 -22.95
N ARG D 92 35.49 -41.86 -23.80
CA ARG D 92 35.89 -41.95 -25.19
C ARG D 92 37.41 -41.78 -25.30
N ASP D 93 38.00 -42.50 -26.28
CA ASP D 93 39.45 -42.51 -26.44
C ASP D 93 39.99 -41.12 -26.74
N GLY D 94 39.26 -40.33 -27.53
CA GLY D 94 39.70 -38.97 -27.84
C GLY D 94 39.60 -38.00 -26.69
N ASP D 95 38.91 -38.37 -25.61
CA ASP D 95 38.76 -37.47 -24.47
C ASP D 95 39.95 -37.48 -23.52
N ILE D 96 40.81 -38.50 -23.56
CA ILE D 96 41.95 -38.55 -22.66
C ILE D 96 42.98 -37.50 -23.07
N LEU D 97 43.42 -36.70 -22.09
CA LEU D 97 44.30 -35.59 -22.39
C LEU D 97 45.72 -36.04 -22.71
N GLY D 98 46.24 -37.01 -21.95
CA GLY D 98 47.62 -37.41 -22.17
C GLY D 98 47.99 -38.59 -21.31
N LYS D 99 49.22 -39.05 -21.50
CA LYS D 99 49.76 -40.23 -20.84
C LYS D 99 50.90 -39.85 -19.90
N TYR D 100 51.16 -40.72 -18.93
CA TYR D 100 52.34 -40.62 -18.08
C TYR D 100 53.28 -41.76 -18.45
N VAL D 101 54.44 -41.41 -19.00
CA VAL D 101 55.37 -42.37 -19.58
C VAL D 101 56.52 -42.59 -18.60
N ASP D 102 56.84 -43.86 -18.35
CA ASP D 102 57.97 -44.21 -17.50
C ASP D 102 58.93 -45.16 -18.21
N GLY E 1 -13.15 31.72 -0.94
CA GLY E 1 -14.46 31.13 -0.70
C GLY E 1 -14.85 31.11 0.76
N SER E 2 -13.86 31.25 1.63
CA SER E 2 -14.11 31.29 3.07
C SER E 2 -14.80 32.60 3.45
N ALA E 3 -15.52 32.56 4.56
CA ALA E 3 -16.25 33.73 5.03
C ALA E 3 -15.28 34.85 5.42
N LYS E 4 -15.67 36.08 5.14
CA LYS E 4 -14.79 37.22 5.29
C LYS E 4 -15.42 38.27 6.19
N ASP E 5 -14.57 38.96 6.95
CA ASP E 5 -14.95 40.14 7.71
C ASP E 5 -14.39 41.37 7.00
N VAL E 6 -15.22 42.41 6.90
CA VAL E 6 -14.87 43.62 6.17
C VAL E 6 -15.02 44.81 7.12
N LYS E 7 -13.95 45.56 7.29
CA LYS E 7 -13.95 46.75 8.14
C LYS E 7 -13.65 47.98 7.30
N PHE E 8 -14.15 49.13 7.75
CA PHE E 8 -14.12 50.37 6.98
C PHE E 8 -13.43 51.47 7.75
N GLY E 9 -12.53 52.17 7.08
CA GLY E 9 -12.08 53.48 7.55
C GLY E 9 -11.24 53.45 8.82
N ALA E 10 -11.63 54.29 9.77
CA ALA E 10 -10.78 54.62 10.91
C ALA E 10 -10.61 53.43 11.86
N ASP E 11 -11.62 52.58 12.02
CA ASP E 11 -11.49 51.42 12.89
C ASP E 11 -10.48 50.42 12.34
N ALA E 12 -10.57 50.13 11.04
CA ALA E 12 -9.62 49.24 10.39
C ALA E 12 -8.21 49.82 10.43
N ARG E 13 -8.08 51.13 10.18
CA ARG E 13 -6.78 51.77 10.23
C ARG E 13 -6.19 51.74 11.64
N ALA E 14 -7.04 51.91 12.66
CA ALA E 14 -6.56 51.88 14.05
C ALA E 14 -6.08 50.49 14.44
N LEU E 15 -6.79 49.44 14.01
CA LEU E 15 -6.33 48.08 14.29
C LEU E 15 -5.02 47.77 13.57
N MET E 16 -4.90 48.20 12.31
CA MET E 16 -3.66 47.99 11.57
C MET E 16 -2.50 48.75 12.21
N LEU E 17 -2.77 49.97 12.68
CA LEU E 17 -1.76 50.75 13.39
C LEU E 17 -1.39 50.11 14.71
N GLN E 18 -2.32 49.43 15.38
CA GLN E 18 -1.99 48.70 16.60
C GLN E 18 -1.00 47.58 16.32
N GLY E 19 -1.22 46.84 15.23
CA GLY E 19 -0.25 45.83 14.84
C GLY E 19 1.12 46.41 14.48
N VAL E 20 1.12 47.50 13.69
CA VAL E 20 2.35 48.20 13.33
C VAL E 20 3.08 48.69 14.57
N ASP E 21 2.33 49.26 15.52
CA ASP E 21 2.90 49.81 16.74
C ASP E 21 3.50 48.72 17.62
N LEU E 22 2.84 47.57 17.73
CA LEU E 22 3.41 46.50 18.56
C LEU E 22 4.70 45.96 17.97
N LEU E 23 4.72 45.72 16.65
CA LEU E 23 5.95 45.21 16.04
C LEU E 23 7.08 46.25 16.10
N ALA E 24 6.75 47.51 15.84
CA ALA E 24 7.78 48.56 15.87
C ALA E 24 8.25 48.85 17.29
N ASP E 25 7.37 48.69 18.29
CA ASP E 25 7.77 48.86 19.68
C ASP E 25 8.74 47.77 20.10
N ALA E 26 8.49 46.53 19.65
CA ALA E 26 9.42 45.45 19.96
C ALA E 26 10.76 45.64 19.23
N VAL E 27 10.73 46.16 18.00
CA VAL E 27 11.96 46.34 17.23
C VAL E 27 12.76 47.53 17.77
N ALA E 28 12.08 48.59 18.21
CA ALA E 28 12.74 49.86 18.52
C ALA E 28 13.57 49.83 19.80
N VAL E 29 13.37 48.85 20.67
CA VAL E 29 14.20 48.75 21.87
C VAL E 29 15.64 48.36 21.53
N THR E 30 15.87 47.82 20.34
CA THR E 30 17.19 47.34 19.93
C THR E 30 18.06 48.42 19.30
N MET E 31 17.53 49.62 19.09
CA MET E 31 18.20 50.60 18.23
C MET E 31 19.31 51.34 18.98
N GLY E 32 20.48 51.43 18.35
CA GLY E 32 21.53 52.31 18.80
C GLY E 32 22.49 51.67 19.78
N PRO E 33 23.49 52.45 20.23
CA PRO E 33 24.51 51.90 21.12
C PRO E 33 24.00 51.48 22.49
N LYS E 34 22.87 52.02 22.94
CA LYS E 34 22.24 51.58 24.18
C LYS E 34 20.94 50.83 23.92
N GLY E 35 20.82 50.22 22.75
CA GLY E 35 19.71 49.31 22.51
C GLY E 35 19.87 48.02 23.29
N ARG E 36 18.74 47.38 23.57
CA ARG E 36 18.70 46.14 24.33
C ARG E 36 18.30 45.00 23.41
N THR E 37 18.22 43.79 23.96
CA THR E 37 17.99 42.62 23.14
C THR E 37 16.57 42.09 23.31
N VAL E 38 16.18 41.23 22.36
CA VAL E 38 14.89 40.57 22.35
C VAL E 38 15.13 39.07 22.41
N ILE E 39 14.45 38.39 23.32
CA ILE E 39 14.51 36.94 23.43
C ILE E 39 13.31 36.35 22.72
N ILE E 40 13.57 35.45 21.78
CA ILE E 40 12.53 34.81 20.98
C ILE E 40 12.54 33.32 21.30
N GLU E 41 11.38 32.79 21.69
CA GLU E 41 11.24 31.37 21.96
C GLU E 41 11.35 30.58 20.67
N GLN E 42 12.14 29.50 20.70
CA GLN E 42 12.22 28.55 19.61
C GLN E 42 11.56 27.26 20.05
N SER E 43 10.81 26.63 19.13
CA SER E 43 10.05 25.44 19.49
C SER E 43 10.93 24.23 19.75
N TRP E 44 12.06 24.13 19.05
CA TRP E 44 12.88 22.92 19.08
C TRP E 44 13.94 22.93 20.18
N GLY E 45 14.21 24.07 20.81
CA GLY E 45 15.31 24.11 21.75
C GLY E 45 15.54 25.42 22.48
N SER E 46 16.80 25.82 22.54
CA SER E 46 17.18 27.03 23.28
C SER E 46 16.64 28.27 22.59
N PRO E 47 16.25 29.30 23.34
CA PRO E 47 15.74 30.52 22.73
C PRO E 47 16.84 31.34 22.07
N LYS E 48 16.40 32.24 21.20
CA LYS E 48 17.28 33.12 20.44
C LYS E 48 17.32 34.50 21.08
N VAL E 49 18.51 35.03 21.26
CA VAL E 49 18.72 36.39 21.76
C VAL E 49 19.28 37.21 20.61
N THR E 50 18.65 38.34 20.33
CA THR E 50 19.04 39.11 19.15
C THR E 50 18.85 40.59 19.39
N LYS E 51 19.72 41.38 18.75
CA LYS E 51 19.56 42.82 18.61
C LYS E 51 19.14 43.20 17.20
N ASP E 52 18.91 42.21 16.33
CA ASP E 52 18.68 42.43 14.92
C ASP E 52 17.20 42.73 14.66
N GLY E 53 16.93 43.85 13.98
CA GLY E 53 15.56 44.30 13.82
C GLY E 53 14.70 43.41 12.95
N VAL E 54 15.26 42.91 11.84
CA VAL E 54 14.49 42.05 10.95
C VAL E 54 14.21 40.70 11.60
N THR E 55 15.13 40.21 12.43
CA THR E 55 14.90 38.97 13.17
C THR E 55 13.75 39.12 14.16
N VAL E 56 13.71 40.25 14.87
CA VAL E 56 12.60 40.54 15.77
C VAL E 56 11.30 40.69 15.00
N ALA E 57 11.36 41.38 13.85
CA ALA E 57 10.16 41.61 13.04
C ALA E 57 9.56 40.30 12.53
N LYS E 58 10.40 39.40 12.01
CA LYS E 58 9.91 38.14 11.47
C LYS E 58 9.37 37.20 12.54
N SER E 59 9.76 37.37 13.80
CA SER E 59 9.29 36.48 14.85
C SER E 59 7.89 36.79 15.34
N ILE E 60 7.31 37.93 14.95
CA ILE E 60 6.08 38.41 15.56
C ILE E 60 4.96 38.29 14.54
N ASP E 61 3.99 37.42 14.85
CA ASP E 61 2.74 37.31 14.13
C ASP E 61 1.60 37.40 15.13
N LEU E 62 0.52 38.06 14.74
CA LEU E 62 -0.53 38.41 15.68
C LEU E 62 -1.80 37.62 15.41
N LYS E 63 -2.51 37.30 16.50
CA LYS E 63 -3.76 36.55 16.40
C LYS E 63 -4.85 37.37 15.70
N ASP E 64 -4.95 38.65 16.04
CA ASP E 64 -5.89 39.53 15.36
C ASP E 64 -5.43 39.74 13.91
N LYS E 65 -6.35 39.50 12.97
CA LYS E 65 -6.00 39.55 11.55
C LYS E 65 -5.68 40.97 11.10
N TYR E 66 -6.42 41.95 11.60
CA TYR E 66 -6.19 43.34 11.21
C TYR E 66 -4.88 43.88 11.77
N LYS E 67 -4.52 43.48 12.99
CA LYS E 67 -3.21 43.81 13.53
C LYS E 67 -2.11 43.06 12.79
N ASN E 68 -2.38 41.81 12.40
CA ASN E 68 -1.39 41.01 11.71
C ASN E 68 -1.11 41.53 10.31
N ILE E 69 -2.07 42.22 9.69
CA ILE E 69 -1.81 42.81 8.37
C ILE E 69 -0.76 43.92 8.47
N GLY E 70 -0.91 44.81 9.46
CA GLY E 70 0.11 45.82 9.68
C GLY E 70 1.45 45.24 10.08
N ALA E 71 1.43 44.19 10.91
CA ALA E 71 2.65 43.50 11.27
C ALA E 71 3.34 42.88 10.06
N LYS E 72 2.57 42.27 9.15
CA LYS E 72 3.13 41.69 7.94
C LYS E 72 3.73 42.75 7.03
N LEU E 73 3.10 43.93 6.96
CA LEU E 73 3.63 44.98 6.10
C LEU E 73 4.95 45.54 6.63
N VAL E 74 5.04 45.75 7.94
CA VAL E 74 6.33 46.23 8.46
C VAL E 74 7.37 45.11 8.44
N GLN E 75 6.93 43.84 8.49
CA GLN E 75 7.82 42.72 8.23
C GLN E 75 8.39 42.80 6.81
N ASP E 76 7.54 43.14 5.83
CA ASP E 76 8.01 43.32 4.47
C ASP E 76 9.04 44.44 4.38
N VAL E 77 8.81 45.54 5.12
CA VAL E 77 9.77 46.64 5.16
C VAL E 77 11.13 46.15 5.66
N ALA E 78 11.14 45.46 6.80
CA ALA E 78 12.39 45.01 7.39
C ALA E 78 13.08 43.96 6.51
N ASN E 79 12.31 43.06 5.91
CA ASN E 79 12.87 42.03 5.05
C ASN E 79 13.47 42.62 3.78
N ASN E 80 12.81 43.60 3.16
CA ASN E 80 13.37 44.23 1.97
C ASN E 80 14.64 45.01 2.30
N THR E 81 14.65 45.70 3.44
CA THR E 81 15.85 46.40 3.86
C THR E 81 17.00 45.41 4.12
N ASN E 82 16.70 44.27 4.73
CA ASN E 82 17.73 43.27 5.00
C ASN E 82 18.24 42.64 3.71
N GLU E 83 17.37 42.41 2.73
CA GLU E 83 17.82 41.79 1.50
C GLU E 83 18.59 42.75 0.61
N GLU E 84 18.27 44.05 0.66
CA GLU E 84 19.00 44.99 -0.18
C GLU E 84 20.31 45.44 0.48
N ALA E 85 20.28 45.81 1.76
CA ALA E 85 21.44 46.39 2.40
C ALA E 85 22.10 45.51 3.45
N GLY E 86 21.38 44.55 4.04
CA GLY E 86 21.95 43.72 5.07
C GLY E 86 22.10 44.40 6.42
N ASP E 87 21.57 45.61 6.56
CA ASP E 87 21.69 46.41 7.77
C ASP E 87 20.62 47.49 7.72
N GLY E 88 20.42 48.15 8.86
CA GLY E 88 19.47 49.25 8.91
C GLY E 88 18.01 48.84 8.99
N THR E 89 17.72 47.62 9.43
CA THR E 89 16.34 47.16 9.46
C THR E 89 15.54 47.79 10.60
N THR E 90 16.19 48.07 11.73
CA THR E 90 15.52 48.75 12.83
C THR E 90 15.16 50.19 12.45
N THR E 91 16.07 50.87 11.75
CA THR E 91 15.80 52.22 11.27
C THR E 91 14.64 52.23 10.29
N ALA E 92 14.61 51.25 9.37
CA ALA E 92 13.53 51.14 8.41
C ALA E 92 12.20 50.86 9.11
N THR E 93 12.22 50.03 10.15
CA THR E 93 11.00 49.72 10.89
C THR E 93 10.43 50.96 11.58
N VAL E 94 11.30 51.73 12.26
CA VAL E 94 10.78 52.90 12.96
C VAL E 94 10.36 54.00 11.99
N LEU E 95 11.06 54.13 10.86
CA LEU E 95 10.64 55.08 9.83
C LEU E 95 9.28 54.69 9.23
N ALA E 96 9.07 53.40 8.99
CA ALA E 96 7.80 52.93 8.44
C ALA E 96 6.67 53.15 9.43
N ARG E 97 6.92 52.92 10.73
CA ARG E 97 5.91 53.19 11.75
C ARG E 97 5.57 54.67 11.80
N SER E 98 6.58 55.54 11.71
CA SER E 98 6.33 56.97 11.71
C SER E 98 5.49 57.40 10.51
N ILE E 99 5.83 56.91 9.31
CA ILE E 99 5.09 57.28 8.11
C ILE E 99 3.65 56.77 8.19
N ALA E 100 3.46 55.53 8.65
CA ALA E 100 2.12 54.97 8.77
C ALA E 100 1.27 55.76 9.78
N LYS E 101 1.85 56.11 10.92
CA LYS E 101 1.10 56.86 11.93
C LYS E 101 0.76 58.26 11.46
N GLU E 102 1.74 58.97 10.88
CA GLU E 102 1.49 60.33 10.41
C GLU E 102 0.51 60.35 9.23
N GLY E 103 0.50 59.29 8.42
CA GLY E 103 -0.44 59.22 7.32
C GLY E 103 -1.84 58.86 7.76
N PHE E 104 -1.96 57.98 8.77
CA PHE E 104 -3.28 57.67 9.32
C PHE E 104 -3.88 58.87 10.03
N GLU E 105 -3.05 59.72 10.65
CA GLU E 105 -3.58 60.90 11.33
C GLU E 105 -4.12 61.94 10.34
N LYS E 106 -3.67 61.92 9.10
CA LYS E 106 -4.00 62.98 8.16
C LYS E 106 -5.13 62.62 7.20
N ILE E 107 -5.69 61.42 7.28
CA ILE E 107 -6.78 61.02 6.39
C ILE E 107 -8.08 61.62 6.90
N SER E 108 -8.67 62.49 6.09
CA SER E 108 -9.98 63.07 6.35
C SER E 108 -10.85 62.85 5.11
N LYS E 109 -12.06 63.40 5.17
CA LYS E 109 -13.02 63.24 4.06
C LYS E 109 -12.52 63.91 2.79
N GLY E 110 -11.95 65.11 2.90
CA GLY E 110 -11.44 65.80 1.74
C GLY E 110 -10.03 65.43 1.31
N ALA E 111 -9.33 64.61 2.09
CA ALA E 111 -7.96 64.24 1.78
C ALA E 111 -7.94 63.16 0.70
N ASN E 112 -6.90 63.21 -0.12
CA ASN E 112 -6.67 62.21 -1.17
C ASN E 112 -5.39 61.45 -0.84
N PRO E 113 -5.49 60.26 -0.23
CA PRO E 113 -4.28 59.55 0.22
C PRO E 113 -3.32 59.12 -0.89
N VAL E 114 -3.81 58.89 -2.11
CA VAL E 114 -2.92 58.51 -3.21
C VAL E 114 -2.02 59.69 -3.59
N GLU E 115 -2.58 60.91 -3.60
CA GLU E 115 -1.76 62.09 -3.84
C GLU E 115 -0.85 62.41 -2.65
N ILE E 116 -1.29 62.07 -1.44
CA ILE E 116 -0.43 62.16 -0.27
C ILE E 116 0.78 61.23 -0.43
N ARG E 117 0.54 60.02 -0.93
CA ARG E 117 1.62 59.06 -1.19
C ARG E 117 2.56 59.58 -2.27
N ARG E 118 2.02 60.24 -3.30
CA ARG E 118 2.87 60.87 -4.31
C ARG E 118 3.77 61.95 -3.69
N GLY E 119 3.21 62.76 -2.80
CA GLY E 119 4.03 63.74 -2.08
C GLY E 119 5.09 63.10 -1.22
N VAL E 120 4.76 61.98 -0.57
CA VAL E 120 5.72 61.22 0.23
C VAL E 120 6.89 60.75 -0.64
N MET E 121 6.58 60.20 -1.81
CA MET E 121 7.63 59.65 -2.68
C MET E 121 8.49 60.76 -3.26
N LEU E 122 7.89 61.90 -3.58
CA LEU E 122 8.67 63.05 -4.06
C LEU E 122 9.61 63.56 -2.97
N ALA E 123 9.12 63.66 -1.73
CA ALA E 123 9.97 64.08 -0.62
C ALA E 123 11.10 63.08 -0.37
N VAL E 124 10.81 61.79 -0.53
CA VAL E 124 11.83 60.77 -0.31
C VAL E 124 12.90 60.82 -1.39
N ASP E 125 12.49 61.10 -2.65
CA ASP E 125 13.47 61.27 -3.72
C ASP E 125 14.35 62.50 -3.47
N ALA E 126 13.77 63.58 -2.95
CA ALA E 126 14.56 64.75 -2.59
C ALA E 126 15.56 64.45 -1.47
N VAL E 127 15.12 63.70 -0.46
CA VAL E 127 16.01 63.33 0.64
C VAL E 127 17.13 62.42 0.16
N ILE E 128 16.83 61.51 -0.77
CA ILE E 128 17.85 60.59 -1.27
C ILE E 128 18.87 61.34 -2.12
N ALA E 129 18.43 62.33 -2.90
CA ALA E 129 19.38 63.17 -3.63
C ALA E 129 20.26 63.97 -2.68
N GLU E 130 19.67 64.50 -1.60
CA GLU E 130 20.47 65.21 -0.60
C GLU E 130 21.46 64.29 0.10
N LEU E 131 21.06 63.04 0.33
CA LEU E 131 21.95 62.05 0.94
C LEU E 131 23.13 61.73 0.02
N LYS E 132 22.86 61.61 -1.28
CA LYS E 132 23.95 61.36 -2.22
C LYS E 132 24.88 62.56 -2.35
N LYS E 133 24.36 63.78 -2.22
CA LYS E 133 25.26 64.93 -2.16
C LYS E 133 26.01 65.00 -0.84
N GLN E 134 25.44 64.47 0.23
CA GLN E 134 26.11 64.45 1.53
C GLN E 134 27.20 63.40 1.62
N SER E 135 27.12 62.35 0.81
CA SER E 135 28.00 61.20 0.94
C SER E 135 29.43 61.54 0.53
N LYS E 136 30.37 60.83 1.14
CA LYS E 136 31.76 60.87 0.73
C LYS E 136 32.30 59.45 0.67
N PRO E 137 33.18 59.16 -0.30
CA PRO E 137 33.68 57.78 -0.44
C PRO E 137 34.67 57.40 0.64
N VAL E 138 34.75 56.10 0.89
CA VAL E 138 35.69 55.56 1.87
C VAL E 138 37.07 55.48 1.23
N THR E 139 38.06 56.10 1.87
CA THR E 139 39.42 56.11 1.36
C THR E 139 40.42 55.39 2.25
N THR E 140 40.25 55.45 3.58
CA THR E 140 41.22 54.87 4.50
C THR E 140 40.65 53.63 5.19
N PRO E 141 41.49 52.65 5.51
CA PRO E 141 41.02 51.49 6.28
C PRO E 141 40.59 51.83 7.71
N GLU E 142 41.01 52.97 8.24
CA GLU E 142 40.49 53.44 9.53
C GLU E 142 38.99 53.71 9.43
N GLU E 143 38.53 54.24 8.30
CA GLU E 143 37.10 54.41 8.06
C GLU E 143 36.39 53.07 7.96
N ILE E 144 37.06 52.07 7.37
CA ILE E 144 36.51 50.71 7.29
C ILE E 144 36.30 50.15 8.69
N ALA E 145 37.31 50.30 9.54
CA ALA E 145 37.21 49.82 10.92
C ALA E 145 36.14 50.59 11.70
N GLN E 146 36.03 51.89 11.48
CA GLN E 146 35.00 52.68 12.16
C GLN E 146 33.59 52.26 11.75
N VAL E 147 33.38 52.02 10.45
CA VAL E 147 32.08 51.58 9.95
C VAL E 147 31.71 50.23 10.55
N ALA E 148 32.66 49.29 10.54
CA ALA E 148 32.39 47.97 11.08
C ALA E 148 32.18 48.01 12.59
N THR E 149 32.90 48.89 13.29
CA THR E 149 32.74 49.04 14.74
C THR E 149 31.36 49.59 15.09
N ILE E 150 30.91 50.62 14.36
CA ILE E 150 29.57 51.17 14.58
C ILE E 150 28.51 50.12 14.29
N SER E 151 28.65 49.40 13.18
CA SER E 151 27.64 48.42 12.80
C SER E 151 27.66 47.17 13.68
N ALA E 152 28.72 46.93 14.45
CA ALA E 152 28.79 45.81 15.37
C ALA E 152 28.44 46.23 16.80
N ASN E 153 27.71 47.33 16.96
CA ASN E 153 27.28 47.87 18.25
C ASN E 153 28.48 48.24 19.14
N GLY E 154 29.42 48.96 18.57
CA GLY E 154 30.54 49.50 19.31
C GLY E 154 31.67 48.54 19.59
N ASP E 155 31.61 47.31 19.08
CA ASP E 155 32.68 46.34 19.28
C ASP E 155 33.87 46.71 18.40
N LYS E 156 34.93 47.25 19.01
CA LYS E 156 36.10 47.65 18.25
C LYS E 156 36.89 46.45 17.73
N GLU E 157 36.81 45.32 18.42
CA GLU E 157 37.55 44.14 17.98
C GLU E 157 36.96 43.54 16.71
N ILE E 158 35.64 43.55 16.58
CA ILE E 158 34.99 43.11 15.35
C ILE E 158 35.36 44.05 14.20
N GLY E 159 35.38 45.35 14.46
CA GLY E 159 35.79 46.31 13.43
C GLY E 159 37.23 46.12 13.01
N ASN E 160 38.11 45.86 13.98
CA ASN E 160 39.52 45.63 13.66
C ASN E 160 39.72 44.34 12.87
N ILE E 161 39.00 43.27 13.23
CA ILE E 161 39.18 42.01 12.52
C ILE E 161 38.60 42.08 11.12
N ILE E 162 37.52 42.85 10.92
CA ILE E 162 36.95 43.02 9.59
C ILE E 162 37.86 43.91 8.74
N SER E 163 38.44 44.95 9.34
CA SER E 163 39.41 45.79 8.63
C SER E 163 40.66 44.99 8.27
N ASP E 164 41.10 44.08 9.14
CA ASP E 164 42.24 43.22 8.83
C ASP E 164 41.92 42.26 7.69
N ALA E 165 40.72 41.67 7.71
CA ALA E 165 40.32 40.79 6.62
C ALA E 165 40.26 41.53 5.29
N MET E 166 39.74 42.76 5.29
CA MET E 166 39.69 43.53 4.05
C MET E 166 41.06 44.04 3.64
N LYS E 167 41.99 44.20 4.57
CA LYS E 167 43.37 44.48 4.19
C LYS E 167 44.00 43.27 3.51
N LYS E 168 43.70 42.07 4.00
CA LYS E 168 44.38 40.88 3.46
C LYS E 168 43.78 40.42 2.14
N VAL E 169 42.46 40.33 2.04
CA VAL E 169 41.82 39.76 0.84
C VAL E 169 41.23 40.83 -0.06
N GLY E 170 41.34 42.10 0.30
CA GLY E 170 40.75 43.14 -0.50
C GLY E 170 39.38 43.55 0.01
N ARG E 171 39.01 44.81 -0.27
CA ARG E 171 37.72 45.32 0.15
C ARG E 171 36.56 44.67 -0.57
N LYS E 172 36.79 44.11 -1.76
CA LYS E 172 35.80 43.35 -2.47
C LYS E 172 36.04 41.84 -2.37
N GLY E 173 36.92 41.40 -1.46
CA GLY E 173 37.26 40.01 -1.34
C GLY E 173 36.20 39.18 -0.64
N VAL E 174 36.45 37.88 -0.59
CA VAL E 174 35.49 36.93 -0.02
C VAL E 174 35.79 36.76 1.47
N ILE E 175 34.82 37.12 2.30
CA ILE E 175 34.92 36.97 3.75
C ILE E 175 33.69 36.22 4.24
N THR E 176 33.89 35.12 4.95
CA THR E 176 32.80 34.29 5.45
C THR E 176 32.82 34.25 6.97
N VAL E 177 31.64 34.09 7.56
CA VAL E 177 31.45 34.07 9.00
C VAL E 177 30.88 32.71 9.39
N LYS E 178 31.50 32.07 10.39
CA LYS E 178 31.04 30.76 10.86
C LYS E 178 31.27 30.67 12.36
N ASP E 179 30.81 29.55 12.95
CA ASP E 179 30.98 29.31 14.37
C ASP E 179 32.45 29.16 14.72
N GLY E 180 32.80 29.63 15.91
CA GLY E 180 34.12 29.39 16.48
C GLY E 180 33.97 28.56 17.74
N LYS E 181 34.88 27.60 17.92
CA LYS E 181 34.87 26.73 19.08
C LYS E 181 35.61 27.32 20.28
N THR E 182 36.23 28.49 20.13
CA THR E 182 36.97 29.12 21.20
C THR E 182 36.12 30.23 21.83
N LEU E 183 36.73 30.97 22.76
CA LEU E 183 36.04 32.06 23.42
C LEU E 183 36.22 33.40 22.70
N ASN E 184 37.29 33.54 21.92
CA ASN E 184 37.60 34.78 21.24
C ASN E 184 37.49 34.62 19.73
N ASP E 185 37.30 35.75 19.05
CA ASP E 185 37.27 35.76 17.60
C ASP E 185 38.67 35.54 17.04
N GLU E 186 38.74 34.85 15.90
CA GLU E 186 40.01 34.61 15.22
C GLU E 186 39.78 34.63 13.71
N LEU E 187 40.72 35.26 13.01
CA LEU E 187 40.65 35.42 11.56
C LEU E 187 41.60 34.43 10.90
N GLU E 188 41.06 33.64 9.97
CA GLU E 188 41.85 32.69 9.19
C GLU E 188 41.90 33.16 7.75
N ILE E 189 43.12 33.33 7.23
CA ILE E 189 43.35 33.71 5.84
C ILE E 189 43.80 32.48 5.08
N ILE E 190 43.04 32.10 4.06
CA ILE E 190 43.31 30.91 3.28
C ILE E 190 43.82 31.37 1.90
N GLU E 191 45.07 31.07 1.60
CA GLU E 191 45.70 31.49 0.36
C GLU E 191 45.90 30.29 -0.56
N GLY E 192 45.78 30.54 -1.85
CA GLY E 192 46.05 29.52 -2.84
C GLY E 192 44.82 28.72 -3.25
N MET E 193 45.05 27.53 -3.77
CA MET E 193 43.99 26.67 -4.29
C MET E 193 43.67 25.60 -3.26
N LYS E 194 42.88 25.96 -2.25
CA LYS E 194 42.45 25.01 -1.23
C LYS E 194 41.01 24.60 -1.51
N PHE E 195 40.73 23.30 -1.40
CA PHE E 195 39.41 22.76 -1.68
C PHE E 195 39.17 21.58 -0.75
N ASP E 196 37.89 21.32 -0.47
CA ASP E 196 37.49 20.37 0.56
C ASP E 196 37.52 18.92 0.04
N ARG E 197 38.71 18.49 -0.39
CA ARG E 197 38.93 17.13 -0.85
C ARG E 197 40.27 16.66 -0.31
N GLY E 198 40.27 15.57 0.44
CA GLY E 198 41.49 15.01 1.00
C GLY E 198 42.08 13.93 0.14
N TYR E 199 42.99 13.15 0.74
CA TYR E 199 43.58 12.03 0.03
C TYR E 199 42.55 10.93 -0.18
N ILE E 200 42.77 10.14 -1.24
CA ILE E 200 41.89 8.99 -1.49
C ILE E 200 42.25 7.84 -0.56
N SER E 201 43.54 7.54 -0.39
CA SER E 201 43.97 6.49 0.50
C SER E 201 44.99 7.04 1.49
N PRO E 202 45.00 6.53 2.72
CA PRO E 202 45.94 7.03 3.74
C PRO E 202 47.36 6.52 3.59
N TYR E 203 47.65 5.68 2.59
CA TYR E 203 49.01 5.21 2.37
C TYR E 203 49.90 6.26 1.70
N PHE E 204 49.33 7.37 1.25
CA PHE E 204 50.10 8.44 0.62
C PHE E 204 50.74 9.38 1.63
N ILE E 205 50.49 9.19 2.93
CA ILE E 205 51.00 10.11 3.94
C ILE E 205 52.49 9.91 4.12
N ASN E 206 53.26 10.99 4.03
CA ASN E 206 54.69 10.97 4.27
C ASN E 206 55.15 11.88 5.39
N THR E 207 54.27 12.70 5.94
CA THR E 207 54.56 13.55 7.09
C THR E 207 53.65 13.09 8.22
N SER E 208 54.19 12.27 9.11
CA SER E 208 53.39 11.60 10.12
C SER E 208 53.03 12.49 11.30
N LYS E 209 53.62 13.69 11.38
CA LYS E 209 53.31 14.59 12.49
C LYS E 209 51.87 15.08 12.43
N GLY E 210 51.45 15.60 11.29
CA GLY E 210 50.09 16.06 11.09
C GLY E 210 49.20 15.11 10.33
N GLN E 211 49.66 13.90 10.02
CA GLN E 211 48.95 12.91 9.19
C GLN E 211 48.59 13.52 7.84
N LYS E 212 49.62 14.02 7.14
CA LYS E 212 49.43 14.75 5.89
C LYS E 212 50.51 14.35 4.90
N CYS E 213 50.21 14.56 3.62
CA CYS E 213 51.17 14.36 2.54
C CYS E 213 51.69 15.71 2.07
N GLU E 214 53.01 15.87 2.07
CA GLU E 214 53.66 17.14 1.73
C GLU E 214 54.68 16.90 0.64
N PHE E 215 54.56 17.67 -0.46
CA PHE E 215 55.56 17.69 -1.51
C PHE E 215 55.95 19.14 -1.80
N GLN E 216 57.16 19.30 -2.34
CA GLN E 216 57.62 20.57 -2.89
C GLN E 216 58.18 20.32 -4.28
N ASP E 217 57.86 21.23 -5.21
CA ASP E 217 58.21 21.13 -6.63
C ASP E 217 57.67 19.83 -7.24
N ALA E 218 56.34 19.76 -7.27
CA ALA E 218 55.63 18.55 -7.67
C ALA E 218 54.88 18.77 -8.96
N TYR E 219 54.79 17.72 -9.77
CA TYR E 219 53.93 17.72 -10.94
C TYR E 219 52.46 17.62 -10.52
N VAL E 220 51.58 18.13 -11.37
CA VAL E 220 50.15 18.10 -11.13
C VAL E 220 49.48 17.44 -12.33
N LEU E 221 48.69 16.41 -12.09
CA LEU E 221 47.94 15.72 -13.13
C LEU E 221 46.46 15.96 -12.91
N LEU E 222 45.80 16.56 -13.90
CA LEU E 222 44.40 16.91 -13.81
C LEU E 222 43.60 16.11 -14.83
N SER E 223 42.55 15.43 -14.36
CA SER E 223 41.71 14.61 -15.22
C SER E 223 40.25 14.93 -14.92
N GLU E 224 39.47 15.17 -15.98
CA GLU E 224 38.05 15.46 -15.84
C GLU E 224 37.22 14.19 -15.69
N LYS E 225 37.79 13.02 -15.99
CA LYS E 225 37.09 11.76 -15.87
C LYS E 225 37.79 10.89 -14.83
N LYS E 226 37.15 9.77 -14.50
CA LYS E 226 37.72 8.83 -13.55
C LYS E 226 38.96 8.15 -14.12
N ILE E 227 39.89 7.79 -13.24
CA ILE E 227 41.10 7.06 -13.60
C ILE E 227 41.01 5.71 -12.91
N SER E 228 40.65 4.68 -13.68
CA SER E 228 40.50 3.34 -13.13
C SER E 228 41.33 2.28 -13.84
N SER E 229 42.09 2.66 -14.87
CA SER E 229 42.83 1.70 -15.68
C SER E 229 44.33 1.90 -15.53
N ILE E 230 45.06 0.81 -15.81
CA ILE E 230 46.52 0.82 -15.74
C ILE E 230 47.11 1.78 -16.79
N GLN E 231 46.63 1.68 -18.03
CA GLN E 231 47.22 2.41 -19.14
C GLN E 231 46.94 3.91 -19.07
N SER E 232 45.93 4.33 -18.31
CA SER E 232 45.65 5.75 -18.16
C SER E 232 46.43 6.40 -17.04
N ILE E 233 47.18 5.63 -16.25
CA ILE E 233 47.95 6.18 -15.16
C ILE E 233 49.44 5.87 -15.23
N VAL E 234 49.87 4.82 -15.96
CA VAL E 234 51.30 4.50 -16.02
C VAL E 234 52.16 5.57 -16.69
N PRO E 235 51.84 6.12 -17.88
CA PRO E 235 52.77 7.09 -18.50
C PRO E 235 53.02 8.35 -17.69
N ALA E 236 52.02 8.86 -16.97
CA ALA E 236 52.25 10.01 -16.10
C ALA E 236 53.22 9.65 -14.97
N LEU E 237 53.08 8.44 -14.42
CA LEU E 237 54.03 7.98 -13.41
C LEU E 237 55.42 7.77 -13.99
N GLU E 238 55.52 7.40 -15.27
CA GLU E 238 56.83 7.30 -15.92
C GLU E 238 57.49 8.66 -16.05
N ILE E 239 56.70 9.69 -16.41
CA ILE E 239 57.24 11.06 -16.46
C ILE E 239 57.70 11.50 -15.08
N ALA E 240 56.88 11.23 -14.05
CA ALA E 240 57.23 11.63 -12.69
C ALA E 240 58.45 10.88 -12.16
N ASN E 241 58.62 9.62 -12.55
CA ASN E 241 59.77 8.85 -12.09
C ASN E 241 61.04 9.25 -12.85
N ALA E 242 60.91 9.54 -14.15
CA ALA E 242 62.08 9.90 -14.95
C ALA E 242 62.58 11.29 -14.60
N HIS E 243 61.67 12.22 -14.31
CA HIS E 243 62.09 13.55 -13.86
C HIS E 243 62.42 13.60 -12.38
N ARG E 244 62.14 12.51 -11.64
CA ARG E 244 62.34 12.41 -10.20
C ARG E 244 61.63 13.56 -9.46
N LYS E 245 60.34 13.69 -9.74
CA LYS E 245 59.50 14.72 -9.13
C LYS E 245 58.23 14.11 -8.61
N PRO E 246 57.65 14.68 -7.55
CA PRO E 246 56.37 14.18 -7.05
C PRO E 246 55.23 14.51 -7.99
N LEU E 247 54.16 13.73 -7.87
CA LEU E 247 52.99 13.88 -8.72
C LEU E 247 51.74 13.98 -7.86
N VAL E 248 50.89 14.96 -8.15
CA VAL E 248 49.58 15.10 -7.54
C VAL E 248 48.54 14.82 -8.61
N ILE E 249 47.69 13.83 -8.37
CA ILE E 249 46.67 13.41 -9.32
C ILE E 249 45.33 13.89 -8.77
N ILE E 250 44.70 14.81 -9.49
CA ILE E 250 43.42 15.37 -9.08
C ILE E 250 42.41 15.06 -10.18
N ALA E 251 41.55 14.07 -9.92
CA ALA E 251 40.56 13.61 -10.89
C ALA E 251 39.21 13.48 -10.18
N GLU E 252 38.20 13.06 -10.95
CA GLU E 252 36.90 12.75 -10.37
C GLU E 252 37.02 11.64 -9.32
N ASP E 253 37.72 10.57 -9.66
CA ASP E 253 38.05 9.52 -8.72
C ASP E 253 39.23 8.74 -9.27
N VAL E 254 40.04 8.19 -8.36
CA VAL E 254 41.12 7.27 -8.72
C VAL E 254 40.84 5.99 -7.94
N ASP E 255 40.32 4.98 -8.63
CA ASP E 255 39.91 3.73 -8.00
C ASP E 255 40.36 2.57 -8.89
N GLY E 256 40.03 1.36 -8.46
CA GLY E 256 40.30 0.19 -9.30
C GLY E 256 41.77 -0.16 -9.32
N GLU E 257 42.28 -0.50 -10.51
CA GLU E 257 43.65 -0.95 -10.64
C GLU E 257 44.65 0.21 -10.58
N ALA E 258 44.24 1.41 -10.99
CA ALA E 258 45.14 2.56 -10.94
C ALA E 258 45.45 2.95 -9.50
N LEU E 259 44.45 2.89 -8.62
CA LEU E 259 44.67 3.18 -7.22
C LEU E 259 45.59 2.15 -6.58
N SER E 260 45.41 0.87 -6.93
CA SER E 260 46.30 -0.18 -6.42
C SER E 260 47.72 0.03 -6.91
N THR E 261 47.88 0.45 -8.17
CA THR E 261 49.20 0.76 -8.70
C THR E 261 49.85 1.91 -7.96
N LEU E 262 49.07 2.96 -7.67
CA LEU E 262 49.59 4.11 -6.93
C LEU E 262 50.04 3.71 -5.53
N VAL E 263 49.21 2.93 -4.83
CA VAL E 263 49.54 2.53 -3.47
C VAL E 263 50.74 1.59 -3.45
N LEU E 264 50.81 0.65 -4.41
CA LEU E 264 51.92 -0.28 -4.48
C LEU E 264 53.23 0.44 -4.80
N ASN E 265 53.19 1.44 -5.67
CA ASN E 265 54.40 2.18 -5.98
C ASN E 265 54.82 3.11 -4.84
N ARG E 266 53.84 3.63 -4.08
CA ARG E 266 54.19 4.44 -2.92
C ARG E 266 54.80 3.58 -1.81
N LEU E 267 54.27 2.38 -1.59
CA LEU E 267 54.70 1.58 -0.45
C LEU E 267 56.00 0.82 -0.73
N LYS E 268 56.12 0.21 -1.90
CA LYS E 268 57.27 -0.66 -2.15
C LYS E 268 58.53 0.14 -2.46
N VAL E 269 58.52 0.91 -3.54
CA VAL E 269 59.73 1.61 -3.97
C VAL E 269 59.82 3.02 -3.37
N GLY E 270 58.71 3.59 -2.92
CA GLY E 270 58.74 4.92 -2.35
C GLY E 270 58.53 6.02 -3.36
N LEU E 271 57.64 5.79 -4.32
CA LEU E 271 57.35 6.77 -5.34
C LEU E 271 56.49 7.88 -4.76
N GLN E 272 56.93 9.12 -4.94
CA GLN E 272 56.23 10.28 -4.39
C GLN E 272 55.00 10.59 -5.24
N VAL E 273 53.81 10.24 -4.72
CA VAL E 273 52.58 10.43 -5.46
C VAL E 273 51.43 10.53 -4.46
N VAL E 274 50.41 11.29 -4.82
CA VAL E 274 49.20 11.43 -4.01
C VAL E 274 48.03 11.65 -4.96
N ALA E 275 46.88 11.08 -4.63
CA ALA E 275 45.67 11.19 -5.44
C ALA E 275 44.57 11.84 -4.63
N VAL E 276 43.92 12.85 -5.21
CA VAL E 276 42.91 13.65 -4.54
C VAL E 276 41.68 13.73 -5.44
N LYS E 277 40.49 13.57 -4.85
CA LYS E 277 39.25 13.76 -5.57
C LYS E 277 39.10 15.22 -6.03
N ALA E 278 38.33 15.42 -7.09
CA ALA E 278 38.11 16.77 -7.58
C ALA E 278 36.98 17.46 -6.81
N PRO E 279 37.09 18.76 -6.58
CA PRO E 279 36.01 19.49 -5.91
C PRO E 279 34.94 19.95 -6.88
N GLY E 280 33.70 20.00 -6.37
CA GLY E 280 32.58 20.47 -7.16
C GLY E 280 31.66 19.38 -7.65
N PHE E 281 30.38 19.69 -7.79
CA PHE E 281 29.35 18.74 -8.26
C PHE E 281 28.63 19.37 -9.45
N GLY E 282 29.11 19.09 -10.65
CA GLY E 282 28.48 19.61 -11.86
C GLY E 282 29.46 20.31 -12.78
N ASP E 283 29.02 21.39 -13.42
CA ASP E 283 29.92 22.19 -14.24
C ASP E 283 30.91 22.98 -13.40
N ASN E 284 30.62 23.14 -12.10
CA ASN E 284 31.55 23.80 -11.20
C ASN E 284 32.84 23.00 -11.05
N ARG E 285 32.74 21.67 -11.05
CA ARG E 285 33.94 20.83 -11.03
C ARG E 285 34.81 21.06 -12.25
N LYS E 286 34.19 21.13 -13.43
CA LYS E 286 34.91 21.38 -14.67
C LYS E 286 35.57 22.76 -14.66
N ASN E 287 34.83 23.77 -14.18
CA ASN E 287 35.37 25.12 -14.15
C ASN E 287 36.53 25.25 -13.18
N GLN E 288 36.40 24.66 -11.98
CA GLN E 288 37.50 24.71 -11.01
C GLN E 288 38.70 23.93 -11.50
N LEU E 289 38.47 22.80 -12.18
CA LEU E 289 39.58 22.04 -12.75
C LEU E 289 40.32 22.85 -13.81
N LYS E 290 39.57 23.61 -14.63
CA LYS E 290 40.24 24.46 -15.61
C LYS E 290 40.98 25.62 -14.95
N ASP E 291 40.44 26.18 -13.85
CA ASP E 291 41.18 27.22 -13.11
C ASP E 291 42.47 26.66 -12.54
N MET E 292 42.42 25.44 -12.01
CA MET E 292 43.63 24.79 -11.48
C MET E 292 44.63 24.51 -12.59
N ALA E 293 44.16 24.13 -13.78
CA ALA E 293 45.05 23.91 -14.91
C ALA E 293 45.73 25.19 -15.35
N ILE E 294 44.98 26.30 -15.35
CA ILE E 294 45.56 27.59 -15.72
C ILE E 294 46.54 28.06 -14.66
N ALA E 295 46.21 27.87 -13.38
CA ALA E 295 47.07 28.36 -12.30
C ALA E 295 48.35 27.55 -12.18
N THR E 296 48.29 26.24 -12.42
CA THR E 296 49.48 25.41 -12.32
C THR E 296 50.21 25.25 -13.64
N GLY E 297 49.63 25.70 -14.74
CA GLY E 297 50.26 25.51 -16.04
C GLY E 297 50.08 24.14 -16.64
N GLY E 298 49.04 23.40 -16.23
CA GLY E 298 48.77 22.09 -16.76
C GLY E 298 47.58 22.08 -17.71
N ALA E 299 47.20 20.87 -18.11
CA ALA E 299 46.10 20.66 -19.03
C ALA E 299 45.12 19.66 -18.44
N VAL E 300 43.83 19.94 -18.61
CA VAL E 300 42.78 19.04 -18.15
C VAL E 300 42.69 17.89 -19.14
N PHE E 301 42.63 16.66 -18.63
CA PHE E 301 42.53 15.46 -19.44
C PHE E 301 41.13 14.87 -19.35
N GLY E 302 40.76 14.14 -20.39
CA GLY E 302 39.46 13.47 -20.44
C GLY E 302 38.28 14.41 -20.50
N GLU E 303 38.38 15.46 -21.30
CA GLU E 303 37.35 16.49 -21.41
C GLU E 303 36.44 16.22 -22.59
N GLU E 304 35.25 16.82 -22.54
CA GLU E 304 34.26 16.60 -23.58
C GLU E 304 34.63 17.31 -24.88
N GLY E 305 35.27 18.47 -24.79
CA GLY E 305 35.52 19.27 -25.97
C GLY E 305 36.79 18.99 -26.74
N LEU E 306 37.95 19.11 -26.08
CA LEU E 306 39.22 18.91 -26.76
C LEU E 306 39.61 17.44 -26.80
N THR E 307 39.14 16.65 -25.83
CA THR E 307 39.32 15.19 -25.75
C THR E 307 40.80 14.81 -25.75
N LEU E 308 41.50 15.23 -24.70
CA LEU E 308 42.89 14.87 -24.49
C LEU E 308 42.96 13.59 -23.66
N ASN E 309 43.66 12.59 -24.18
CA ASN E 309 43.70 11.27 -23.56
C ASN E 309 44.89 11.14 -22.63
N LEU E 310 44.73 10.29 -21.61
CA LEU E 310 45.74 10.11 -20.57
C LEU E 310 46.83 9.12 -20.94
N GLU E 311 46.65 8.34 -22.02
CA GLU E 311 47.69 7.41 -22.43
C GLU E 311 48.84 8.09 -23.15
N ASP E 312 48.63 9.29 -23.67
CA ASP E 312 49.65 10.07 -24.36
C ASP E 312 49.77 11.42 -23.64
N VAL E 313 50.62 11.46 -22.62
CA VAL E 313 50.83 12.63 -21.79
C VAL E 313 52.27 13.08 -21.98
N GLN E 314 52.46 14.36 -22.25
CA GLN E 314 53.78 14.95 -22.37
C GLN E 314 54.13 15.68 -21.09
N PRO E 315 55.42 15.87 -20.79
CA PRO E 315 55.81 16.59 -19.56
C PRO E 315 55.37 18.05 -19.51
N HIS E 316 55.04 18.67 -20.64
CA HIS E 316 54.53 20.03 -20.62
C HIS E 316 53.04 20.10 -20.35
N ASP E 317 52.35 18.96 -20.35
CA ASP E 317 50.91 18.92 -20.10
C ASP E 317 50.57 18.75 -18.62
N LEU E 318 51.56 18.86 -17.75
CA LEU E 318 51.38 18.69 -16.32
C LEU E 318 51.62 20.00 -15.60
N GLY E 319 50.81 20.27 -14.58
CA GLY E 319 51.01 21.46 -13.79
C GLY E 319 52.25 21.38 -12.93
N LYS E 320 52.68 22.53 -12.43
CA LYS E 320 53.89 22.63 -11.60
C LYS E 320 53.56 23.54 -10.42
N VAL E 321 53.47 22.94 -9.23
CA VAL E 321 53.30 23.70 -8.00
C VAL E 321 54.63 23.69 -7.25
N GLY E 322 54.81 24.67 -6.39
CA GLY E 322 56.00 24.74 -5.57
C GLY E 322 55.81 24.02 -4.25
N GLU E 323 54.54 23.77 -3.89
CA GLU E 323 54.21 23.17 -2.62
C GLU E 323 52.79 22.62 -2.70
N VAL E 324 52.57 21.47 -2.06
CA VAL E 324 51.25 20.87 -1.94
C VAL E 324 51.16 20.18 -0.58
N ILE E 325 50.03 20.38 0.10
CA ILE E 325 49.72 19.69 1.35
C ILE E 325 48.36 19.04 1.18
N VAL E 326 48.30 17.73 1.42
CA VAL E 326 47.07 16.96 1.34
C VAL E 326 46.80 16.36 2.72
N THR E 327 45.72 16.80 3.35
CA THR E 327 45.28 16.29 4.63
C THR E 327 44.11 15.33 4.41
N LYS E 328 43.46 14.92 5.51
CA LYS E 328 42.36 13.97 5.43
C LYS E 328 41.14 14.58 4.75
N ASP E 329 40.87 15.87 5.00
CA ASP E 329 39.65 16.50 4.52
C ASP E 329 39.87 17.52 3.41
N ASP E 330 41.08 18.05 3.25
CA ASP E 330 41.30 19.07 2.24
C ASP E 330 42.71 18.96 1.69
N ALA E 331 42.90 19.52 0.51
CA ALA E 331 44.21 19.63 -0.14
C ALA E 331 44.37 21.03 -0.70
N MET E 332 45.59 21.54 -0.64
CA MET E 332 45.85 22.88 -1.17
C MET E 332 47.14 22.91 -1.96
N LEU E 333 47.09 23.62 -3.08
CA LEU E 333 48.22 23.79 -3.99
C LEU E 333 48.80 25.19 -3.82
N LEU E 334 50.11 25.27 -3.67
CA LEU E 334 50.79 26.53 -3.42
C LEU E 334 51.80 26.82 -4.52
N LYS E 335 51.79 28.06 -5.01
CA LYS E 335 52.78 28.59 -5.94
C LYS E 335 52.79 27.83 -7.27
N GLY E 336 51.61 27.75 -7.88
CA GLY E 336 51.50 27.12 -9.19
C GLY E 336 52.22 27.93 -10.25
N LYS E 337 52.97 27.22 -11.10
CA LYS E 337 53.81 27.86 -12.11
C LYS E 337 53.05 28.06 -13.43
N GLY E 338 51.86 28.66 -13.35
CA GLY E 338 51.12 28.97 -14.54
C GLY E 338 51.53 30.28 -15.17
N ASP E 339 51.11 30.48 -16.41
CA ASP E 339 51.37 31.73 -17.09
C ASP E 339 50.56 32.85 -16.47
N LYS E 340 51.22 33.97 -16.16
CA LYS E 340 50.55 35.10 -15.50
C LYS E 340 49.48 35.70 -16.40
N ALA E 341 49.77 35.82 -17.70
CA ALA E 341 48.81 36.38 -18.64
C ALA E 341 47.57 35.50 -18.77
N GLN E 342 47.75 34.18 -18.77
CA GLN E 342 46.61 33.28 -18.90
C GLN E 342 45.76 33.28 -17.63
N ILE E 343 46.39 33.41 -16.46
CA ILE E 343 45.66 33.57 -15.21
C ILE E 343 44.87 34.87 -15.21
N GLU E 344 45.48 35.95 -15.72
CA GLU E 344 44.75 37.21 -15.83
C GLU E 344 43.57 37.11 -16.79
N LYS E 345 43.74 36.42 -17.92
CA LYS E 345 42.65 36.25 -18.86
C LYS E 345 41.52 35.42 -18.27
N ARG E 346 41.86 34.38 -17.49
CA ARG E 346 40.84 33.61 -16.80
C ARG E 346 40.12 34.46 -15.75
N ILE E 347 40.86 35.36 -15.09
CA ILE E 347 40.25 36.24 -14.09
C ILE E 347 39.25 37.19 -14.74
N GLN E 348 39.62 37.79 -15.88
CA GLN E 348 38.68 38.67 -16.58
C GLN E 348 37.50 37.89 -17.15
N GLU E 349 37.72 36.66 -17.60
CA GLU E 349 36.61 35.80 -18.02
C GLU E 349 35.63 35.56 -16.86
N ILE E 350 36.16 35.27 -15.67
CA ILE E 350 35.32 35.08 -14.49
C ILE E 350 34.58 36.37 -14.16
N ILE E 351 35.24 37.52 -14.34
CA ILE E 351 34.61 38.82 -14.07
C ILE E 351 33.45 39.06 -15.02
N GLU E 352 33.66 38.83 -16.32
CA GLU E 352 32.60 39.04 -17.29
C GLU E 352 31.47 38.03 -17.13
N GLN E 353 31.78 36.82 -16.65
CA GLN E 353 30.71 35.90 -16.27
C GLN E 353 29.93 36.40 -15.07
N LEU E 354 30.62 37.02 -14.09
CA LEU E 354 29.96 37.60 -12.94
C LEU E 354 29.01 38.72 -13.35
N ASP E 355 29.36 39.46 -14.39
CA ASP E 355 28.50 40.55 -14.86
C ASP E 355 27.17 40.05 -15.44
N VAL E 356 27.10 38.82 -15.93
CA VAL E 356 25.92 38.35 -16.66
C VAL E 356 25.27 37.22 -15.85
N THR E 357 25.35 37.30 -14.53
CA THR E 357 24.66 36.36 -13.65
C THR E 357 23.82 37.11 -12.62
N THR E 358 22.62 36.60 -12.36
CA THR E 358 21.71 37.17 -11.37
C THR E 358 21.03 36.09 -10.53
N SER E 359 21.62 34.89 -10.46
CA SER E 359 21.01 33.79 -9.73
C SER E 359 21.29 33.83 -8.23
N GLU E 360 22.23 34.66 -7.78
CA GLU E 360 22.64 34.86 -6.39
C GLU E 360 23.25 33.61 -5.74
N TYR E 361 23.46 32.55 -6.51
CA TYR E 361 24.14 31.34 -6.04
C TYR E 361 25.38 31.04 -6.87
N GLU E 362 25.28 31.11 -8.20
CA GLU E 362 26.45 31.00 -9.05
C GLU E 362 27.37 32.21 -8.92
N LYS E 363 26.84 33.36 -8.46
CA LYS E 363 27.69 34.51 -8.19
C LYS E 363 28.65 34.22 -7.05
N GLU E 364 28.19 33.49 -6.03
CA GLU E 364 29.07 33.07 -4.94
C GLU E 364 30.17 32.14 -5.43
N LYS E 365 29.81 31.21 -6.32
CA LYS E 365 30.80 30.28 -6.87
C LYS E 365 31.83 31.02 -7.72
N LEU E 366 31.39 31.99 -8.52
CA LEU E 366 32.33 32.75 -9.34
C LEU E 366 33.22 33.65 -8.48
N ASN E 367 32.67 34.23 -7.41
CA ASN E 367 33.47 35.01 -6.49
C ASN E 367 34.51 34.14 -5.77
N GLU E 368 34.11 32.92 -5.40
CA GLU E 368 35.06 31.99 -4.78
C GLU E 368 36.17 31.59 -5.75
N ARG E 369 35.82 31.34 -7.01
CA ARG E 369 36.84 31.00 -8.01
C ARG E 369 37.79 32.17 -8.25
N LEU E 370 37.26 33.39 -8.32
CA LEU E 370 38.09 34.58 -8.48
C LEU E 370 39.01 34.77 -7.28
N ALA E 371 38.49 34.55 -6.07
CA ALA E 371 39.29 34.70 -4.86
C ALA E 371 40.41 33.66 -4.80
N LYS E 372 40.12 32.41 -5.16
CA LYS E 372 41.15 31.38 -5.20
C LYS E 372 42.21 31.68 -6.24
N LEU E 373 41.80 32.25 -7.38
CA LEU E 373 42.78 32.58 -8.41
C LEU E 373 43.58 33.82 -8.09
N SER E 374 43.04 34.76 -7.31
CA SER E 374 43.65 36.08 -7.17
C SER E 374 44.17 36.38 -5.77
N ASP E 375 43.32 36.34 -4.75
CA ASP E 375 43.69 36.89 -3.44
C ASP E 375 43.41 36.00 -2.25
N GLY E 376 42.69 34.90 -2.41
CA GLY E 376 42.35 34.06 -1.28
C GLY E 376 41.06 34.48 -0.59
N VAL E 377 40.71 33.74 0.45
CA VAL E 377 39.47 33.94 1.17
C VAL E 377 39.78 34.14 2.65
N ALA E 378 38.91 34.88 3.32
CA ALA E 378 39.02 35.14 4.75
C ALA E 378 37.87 34.47 5.48
N VAL E 379 38.18 33.83 6.61
CA VAL E 379 37.18 33.17 7.43
C VAL E 379 37.20 33.83 8.80
N LEU E 380 36.06 34.39 9.21
CA LEU E 380 35.89 34.91 10.55
C LEU E 380 35.15 33.87 11.39
N LYS E 381 35.83 33.34 12.40
CA LYS E 381 35.20 32.43 13.35
C LYS E 381 34.87 33.19 14.62
N VAL E 382 33.59 33.21 14.96
CA VAL E 382 33.09 34.01 16.08
C VAL E 382 33.20 33.19 17.35
N GLY E 383 33.99 33.68 18.30
CA GLY E 383 34.11 33.01 19.58
C GLY E 383 32.92 33.26 20.49
N GLY E 384 32.81 32.42 21.52
CA GLY E 384 31.74 32.58 22.48
C GLY E 384 31.68 31.39 23.41
N THR E 385 30.97 31.60 24.50
CA THR E 385 30.85 30.60 25.55
C THR E 385 29.76 29.57 25.26
N SER E 386 28.65 30.01 24.67
CA SER E 386 27.53 29.14 24.35
C SER E 386 27.03 29.47 22.96
N ASP E 387 26.13 28.62 22.44
CA ASP E 387 25.59 28.81 21.10
C ASP E 387 24.71 30.05 21.00
N VAL E 388 23.99 30.39 22.07
CA VAL E 388 23.15 31.59 22.05
C VAL E 388 24.01 32.84 21.96
N GLU E 389 25.13 32.87 22.68
CA GLU E 389 26.08 33.99 22.58
C GLU E 389 26.72 34.06 21.21
N VAL E 390 27.11 32.91 20.67
CA VAL E 390 27.75 32.86 19.36
C VAL E 390 26.81 33.38 18.27
N ASN E 391 25.53 32.96 18.33
CA ASN E 391 24.56 33.43 17.34
C ASN E 391 24.29 34.92 17.50
N GLU E 392 24.20 35.41 18.74
CA GLU E 392 23.97 36.83 18.98
C GLU E 392 25.13 37.67 18.43
N LYS E 393 26.37 37.25 18.69
CA LYS E 393 27.51 38.00 18.18
C LYS E 393 27.67 37.84 16.67
N LYS E 394 27.28 36.68 16.14
CA LYS E 394 27.36 36.42 14.70
C LYS E 394 26.41 37.31 13.91
N ASP E 395 25.23 37.61 14.48
CA ASP E 395 24.33 38.56 13.85
C ASP E 395 24.98 39.92 13.68
N ARG E 396 25.69 40.39 14.71
CA ARG E 396 26.36 41.69 14.64
C ARG E 396 27.56 41.65 13.70
N VAL E 397 28.27 40.52 13.64
CA VAL E 397 29.41 40.39 12.72
C VAL E 397 28.92 40.43 11.27
N THR E 398 27.82 39.71 10.97
CA THR E 398 27.24 39.73 9.64
C THR E 398 26.73 41.13 9.29
N ASP E 399 26.12 41.82 10.27
CA ASP E 399 25.68 43.20 10.06
C ASP E 399 26.85 44.12 9.73
N ALA E 400 27.97 43.96 10.44
CA ALA E 400 29.13 44.82 10.21
C ALA E 400 29.79 44.51 8.87
N LEU E 401 29.80 43.23 8.47
CA LEU E 401 30.33 42.87 7.16
C LEU E 401 29.49 43.48 6.04
N ASN E 402 28.17 43.38 6.14
CA ASN E 402 27.30 43.94 5.11
C ASN E 402 27.40 45.46 5.07
N ALA E 403 27.47 46.10 6.24
CA ALA E 403 27.58 47.55 6.29
C ALA E 403 28.91 48.03 5.72
N THR E 404 29.99 47.31 5.99
CA THR E 404 31.29 47.68 5.45
C THR E 404 31.32 47.52 3.93
N ARG E 405 30.70 46.45 3.42
CA ARG E 405 30.60 46.29 1.96
C ARG E 405 29.78 47.41 1.34
N ALA E 406 28.68 47.79 1.98
CA ALA E 406 27.86 48.90 1.50
C ALA E 406 28.62 50.22 1.52
N ALA E 407 29.45 50.42 2.55
CA ALA E 407 30.24 51.64 2.64
C ALA E 407 31.35 51.68 1.59
N VAL E 408 31.92 50.52 1.25
CA VAL E 408 32.87 50.47 0.14
C VAL E 408 32.19 50.83 -1.17
N GLU E 409 31.00 50.27 -1.43
CA GLU E 409 30.41 50.51 -2.75
C GLU E 409 29.77 51.90 -2.88
N GLU E 410 29.22 52.49 -1.81
CA GLU E 410 28.49 53.74 -1.98
C GLU E 410 28.89 54.87 -1.02
N GLY E 411 29.92 54.69 -0.21
CA GLY E 411 30.37 55.78 0.65
C GLY E 411 29.68 55.83 1.99
N ILE E 412 29.99 56.90 2.74
CA ILE E 412 29.53 57.06 4.10
C ILE E 412 28.89 58.43 4.31
N VAL E 413 28.02 58.49 5.31
CA VAL E 413 27.41 59.72 5.79
C VAL E 413 27.53 59.75 7.31
N LEU E 414 26.98 60.80 7.92
CA LEU E 414 27.00 60.92 9.37
C LEU E 414 26.04 59.93 10.01
N GLY E 415 26.51 59.28 11.07
CA GLY E 415 25.71 58.31 11.80
C GLY E 415 24.81 58.96 12.82
N GLY E 416 24.21 58.10 13.64
CA GLY E 416 23.30 58.53 14.69
C GLY E 416 22.05 59.25 14.23
N GLY E 417 21.54 58.90 13.06
CA GLY E 417 20.37 59.55 12.53
C GLY E 417 20.56 60.98 12.08
N CYS E 418 21.80 61.47 12.04
CA CYS E 418 22.05 62.87 11.71
C CYS E 418 22.02 63.12 10.21
N ALA E 419 22.31 62.08 9.41
CA ALA E 419 22.27 62.24 7.96
C ALA E 419 20.87 62.54 7.47
N LEU E 420 19.86 61.87 8.03
CA LEU E 420 18.47 62.20 7.70
C LEU E 420 18.06 63.53 8.31
N LEU E 421 18.66 63.91 9.45
CA LEU E 421 18.36 65.18 10.08
C LEU E 421 18.84 66.36 9.24
N ARG E 422 19.98 66.21 8.56
CA ARG E 422 20.50 67.30 7.74
C ARG E 422 19.87 67.36 6.36
N CYS E 423 18.95 66.44 6.03
CA CYS E 423 18.21 66.49 4.79
C CYS E 423 16.90 67.26 4.91
N ILE E 424 16.57 67.75 6.11
CA ILE E 424 15.33 68.52 6.28
C ILE E 424 15.30 69.83 5.49
N PRO E 425 16.36 70.65 5.44
CA PRO E 425 16.29 71.85 4.58
C PRO E 425 16.13 71.57 3.09
N ALA E 426 16.48 70.37 2.62
CA ALA E 426 16.17 70.00 1.24
C ALA E 426 14.67 69.86 1.04
N LEU E 427 13.95 69.38 2.05
CA LEU E 427 12.49 69.34 1.98
C LEU E 427 11.88 70.71 2.18
N ASP E 428 12.54 71.59 2.93
CA ASP E 428 12.01 72.93 3.15
C ASP E 428 12.02 73.78 1.89
N SER E 429 12.80 73.38 0.87
CA SER E 429 12.88 74.12 -0.38
C SER E 429 12.00 73.55 -1.47
N LEU E 430 11.20 72.53 -1.19
CA LEU E 430 10.33 71.94 -2.18
C LEU E 430 9.07 72.77 -2.37
N THR E 431 8.48 72.67 -3.55
CA THR E 431 7.20 73.33 -3.86
C THR E 431 6.17 72.28 -4.21
N PRO E 432 5.25 71.96 -3.30
CA PRO E 432 4.24 70.93 -3.60
C PRO E 432 3.23 71.41 -4.64
N ALA E 433 2.72 70.45 -5.40
CA ALA E 433 1.76 70.77 -6.45
C ALA E 433 0.37 71.07 -5.89
N ASN E 434 0.01 70.45 -4.77
CA ASN E 434 -1.29 70.67 -4.15
C ASN E 434 -1.16 70.38 -2.65
N GLU E 435 -2.28 70.37 -1.96
CA GLU E 435 -2.27 70.24 -0.50
C GLU E 435 -1.95 68.82 -0.04
N ASP E 436 -2.41 67.80 -0.79
CA ASP E 436 -2.13 66.42 -0.41
C ASP E 436 -0.64 66.10 -0.50
N GLN E 437 0.03 66.58 -1.56
CA GLN E 437 1.46 66.39 -1.66
C GLN E 437 2.21 67.20 -0.60
N LYS E 438 1.67 68.35 -0.21
CA LYS E 438 2.23 69.10 0.91
C LYS E 438 2.14 68.30 2.20
N ILE E 439 1.02 67.62 2.40
CA ILE E 439 0.84 66.74 3.56
C ILE E 439 1.87 65.62 3.55
N GLY E 440 2.09 65.01 2.39
CA GLY E 440 3.08 63.94 2.29
C GLY E 440 4.50 64.40 2.55
N ILE E 441 4.86 65.57 2.02
CA ILE E 441 6.17 66.16 2.28
C ILE E 441 6.36 66.43 3.76
N GLU E 442 5.32 66.96 4.42
CA GLU E 442 5.42 67.25 5.85
C GLU E 442 5.49 65.96 6.67
N ILE E 443 4.83 64.90 6.22
CA ILE E 443 4.95 63.59 6.87
C ILE E 443 6.39 63.11 6.83
N ILE E 444 7.03 63.20 5.66
CA ILE E 444 8.43 62.77 5.55
C ILE E 444 9.34 63.68 6.38
N LYS E 445 9.03 64.97 6.42
CA LYS E 445 9.84 65.93 7.19
C LYS E 445 9.79 65.62 8.68
N ARG E 446 8.62 65.27 9.21
CA ARG E 446 8.55 64.85 10.61
C ARG E 446 9.20 63.49 10.82
N THR E 447 9.14 62.62 9.79
CA THR E 447 9.68 61.27 9.93
C THR E 447 11.22 61.29 9.97
N LEU E 448 11.85 62.29 9.37
CA LEU E 448 13.31 62.33 9.30
C LEU E 448 13.97 62.50 10.68
N LYS E 449 13.24 62.99 11.68
CA LYS E 449 13.79 63.11 13.02
C LYS E 449 13.69 61.82 13.83
N ILE E 450 12.94 60.83 13.32
CA ILE E 450 12.61 59.64 14.14
C ILE E 450 13.83 58.79 14.53
N PRO E 451 14.78 58.46 13.63
CA PRO E 451 15.92 57.63 14.09
C PRO E 451 16.77 58.25 15.18
N ALA E 452 17.03 59.56 15.11
CA ALA E 452 17.80 60.23 16.15
C ALA E 452 17.03 60.28 17.47
N MET E 453 15.71 60.51 17.42
CA MET E 453 14.91 60.47 18.63
C MET E 453 14.88 59.08 19.25
N THR E 454 14.82 58.04 18.43
CA THR E 454 14.80 56.68 18.95
C THR E 454 16.14 56.30 19.58
N ILE E 455 17.24 56.72 18.95
CA ILE E 455 18.56 56.45 19.50
C ILE E 455 18.74 57.19 20.83
N ALA E 456 18.30 58.44 20.90
CA ALA E 456 18.40 59.20 22.15
C ALA E 456 17.46 58.65 23.22
N LYS E 457 16.27 58.17 22.83
CA LYS E 457 15.34 57.62 23.79
C LYS E 457 15.85 56.32 24.39
N ASN E 458 16.48 55.48 23.57
CA ASN E 458 17.06 54.24 24.09
C ASN E 458 18.25 54.52 25.02
N ALA E 459 18.86 55.70 24.92
CA ALA E 459 19.95 56.09 25.80
C ALA E 459 19.46 56.77 27.07
N GLY E 460 18.16 56.87 27.27
CA GLY E 460 17.60 57.43 28.49
C GLY E 460 17.56 58.93 28.59
N VAL E 461 17.55 59.64 27.47
CA VAL E 461 17.41 61.09 27.47
C VAL E 461 16.22 61.46 26.60
N GLU E 462 15.75 62.70 26.75
CA GLU E 462 14.63 63.18 25.95
C GLU E 462 15.09 63.41 24.52
N GLY E 463 14.49 62.68 23.57
CA GLY E 463 14.97 62.70 22.20
C GLY E 463 14.68 64.00 21.48
N SER E 464 13.58 64.67 21.81
CA SER E 464 13.21 65.90 21.12
C SER E 464 14.20 67.02 21.40
N LEU E 465 14.64 67.14 22.66
CA LEU E 465 15.64 68.15 23.01
C LEU E 465 16.96 67.88 22.31
N ILE E 466 17.36 66.62 22.24
CA ILE E 466 18.60 66.23 21.56
C ILE E 466 18.53 66.58 20.08
N VAL E 467 17.40 66.28 19.43
CA VAL E 467 17.24 66.56 18.01
C VAL E 467 17.20 68.06 17.74
N GLU E 468 16.57 68.83 18.64
CA GLU E 468 16.56 70.27 18.44
C GLU E 468 17.94 70.88 18.62
N LYS E 469 18.74 70.35 19.55
CA LYS E 469 20.10 70.87 19.70
C LYS E 469 21.00 70.44 18.54
N ILE E 470 20.77 69.25 17.97
CA ILE E 470 21.49 68.86 16.76
C ILE E 470 21.13 69.79 15.59
N MET E 471 19.83 70.09 15.43
CA MET E 471 19.40 70.93 14.31
C MET E 471 19.87 72.37 14.49
N GLN E 472 20.03 72.85 15.72
CA GLN E 472 20.58 74.18 15.93
C GLN E 472 22.11 74.21 15.93
N SER E 473 22.75 73.06 15.72
CA SER E 473 24.21 72.98 15.69
C SER E 473 24.70 73.03 14.25
N SER E 474 26.01 73.16 14.10
CA SER E 474 26.64 73.10 12.79
C SER E 474 26.54 71.67 12.24
N SER E 475 26.70 71.57 10.91
CA SER E 475 26.33 70.36 10.18
C SER E 475 27.20 69.14 10.52
N GLU E 476 28.39 69.36 11.07
CA GLU E 476 29.27 68.25 11.42
C GLU E 476 29.04 67.73 12.84
N VAL E 477 28.18 68.38 13.62
CA VAL E 477 27.99 68.06 15.03
C VAL E 477 26.73 67.22 15.18
N GLY E 478 26.87 66.06 15.82
CA GLY E 478 25.74 65.24 16.18
C GLY E 478 25.81 64.79 17.62
N TYR E 479 24.94 63.86 18.02
CA TYR E 479 24.90 63.37 19.40
C TYR E 479 25.56 62.00 19.48
N ASP E 480 26.56 61.89 20.34
CA ASP E 480 27.11 60.58 20.72
C ASP E 480 26.23 60.05 21.83
N ALA E 481 25.39 59.07 21.50
CA ALA E 481 24.49 58.49 22.50
C ALA E 481 25.24 57.61 23.49
N MET E 482 26.33 56.98 23.04
CA MET E 482 27.13 56.14 23.92
C MET E 482 27.81 56.97 25.00
N ALA E 483 28.31 58.15 24.65
CA ALA E 483 29.03 59.01 25.58
C ALA E 483 28.15 60.10 26.19
N GLY E 484 26.96 60.35 25.64
CA GLY E 484 26.13 61.43 26.14
C GLY E 484 26.62 62.81 25.78
N ASP E 485 27.37 62.96 24.69
CA ASP E 485 27.99 64.22 24.32
C ASP E 485 27.61 64.63 22.91
N PHE E 486 27.74 65.92 22.63
CA PHE E 486 27.58 66.47 21.29
C PHE E 486 28.97 66.64 20.69
N VAL E 487 29.28 65.85 19.67
CA VAL E 487 30.64 65.68 19.18
C VAL E 487 30.67 65.89 17.67
N ASN E 488 31.88 65.97 17.14
CA ASN E 488 32.10 65.85 15.70
C ASN E 488 31.97 64.38 15.30
N MET E 489 30.98 64.07 14.46
CA MET E 489 30.63 62.68 14.23
C MET E 489 31.67 61.96 13.37
N VAL E 490 32.28 62.67 12.43
CA VAL E 490 33.30 62.04 11.57
C VAL E 490 34.57 61.79 12.37
N GLU E 491 34.95 62.74 13.24
CA GLU E 491 36.13 62.59 14.06
C GLU E 491 35.98 61.43 15.04
N LYS E 492 34.80 61.27 15.63
CA LYS E 492 34.57 60.20 16.59
C LYS E 492 34.24 58.87 15.93
N GLY E 493 34.10 58.84 14.61
CA GLY E 493 33.87 57.60 13.91
C GLY E 493 32.42 57.13 13.88
N ILE E 494 31.47 57.96 14.30
CA ILE E 494 30.06 57.60 14.25
C ILE E 494 29.53 57.91 12.85
N ILE E 495 29.68 56.94 11.94
CA ILE E 495 29.36 57.13 10.55
C ILE E 495 28.50 55.96 10.07
N ASP E 496 27.68 56.23 9.06
CA ASP E 496 26.78 55.24 8.50
C ASP E 496 27.02 55.13 7.00
N PRO E 497 26.87 53.94 6.43
CA PRO E 497 26.92 53.84 4.96
C PRO E 497 25.67 54.43 4.33
N THR E 498 25.87 55.18 3.25
CA THR E 498 24.79 55.91 2.58
C THR E 498 23.75 54.94 2.01
N LYS E 499 24.21 53.80 1.50
CA LYS E 499 23.33 52.79 0.93
C LYS E 499 22.31 52.29 1.94
N VAL E 500 22.76 52.05 3.18
CA VAL E 500 21.88 51.55 4.23
C VAL E 500 20.81 52.58 4.58
N VAL E 501 21.21 53.86 4.71
CA VAL E 501 20.27 54.92 5.08
C VAL E 501 19.21 55.11 3.99
N ARG E 502 19.64 55.22 2.73
CA ARG E 502 18.68 55.44 1.66
C ARG E 502 17.81 54.20 1.42
N THR E 503 18.36 53.01 1.59
CA THR E 503 17.59 51.78 1.46
C THR E 503 16.51 51.70 2.53
N ALA E 504 16.87 52.01 3.77
CA ALA E 504 15.91 51.98 4.87
C ALA E 504 14.78 52.98 4.64
N LEU E 505 15.13 54.20 4.22
CA LEU E 505 14.11 55.21 3.99
C LEU E 505 13.18 54.84 2.84
N LEU E 506 13.74 54.38 1.71
CA LEU E 506 12.93 54.03 0.56
C LEU E 506 12.03 52.83 0.84
N ASP E 507 12.57 51.79 1.47
CA ASP E 507 11.80 50.60 1.77
C ASP E 507 10.71 50.88 2.80
N ALA E 508 10.97 51.79 3.75
CA ALA E 508 9.93 52.17 4.68
C ALA E 508 8.83 52.98 3.98
N ALA E 509 9.23 53.96 3.19
CA ALA E 509 8.30 54.94 2.65
C ALA E 509 7.35 54.32 1.64
N GLY E 510 7.86 53.44 0.77
CA GLY E 510 6.99 52.84 -0.23
C GLY E 510 5.85 52.04 0.38
N VAL E 511 6.18 51.12 1.28
CA VAL E 511 5.18 50.27 1.88
C VAL E 511 4.25 51.07 2.80
N ALA E 512 4.81 51.99 3.60
CA ALA E 512 3.97 52.69 4.57
C ALA E 512 3.04 53.70 3.89
N SER E 513 3.52 54.38 2.84
CA SER E 513 2.63 55.28 2.10
C SER E 513 1.63 54.52 1.23
N LEU E 514 1.93 53.27 0.84
CA LEU E 514 0.88 52.45 0.26
C LEU E 514 -0.16 52.06 1.30
N LEU E 515 0.29 51.73 2.51
CA LEU E 515 -0.61 51.33 3.59
C LEU E 515 -1.57 52.46 3.99
N THR E 516 -1.08 53.71 3.97
CA THR E 516 -1.94 54.82 4.34
C THR E 516 -2.96 55.21 3.27
N THR E 517 -3.02 54.51 2.14
CA THR E 517 -4.07 54.74 1.15
C THR E 517 -5.30 53.87 1.38
N ALA E 518 -5.29 53.00 2.38
CA ALA E 518 -6.35 52.01 2.56
C ALA E 518 -7.60 52.63 3.18
N GLU E 519 -8.75 52.21 2.68
CA GLU E 519 -10.05 52.55 3.22
C GLU E 519 -10.82 51.34 3.73
N VAL E 520 -10.60 50.16 3.15
CA VAL E 520 -11.33 48.94 3.46
C VAL E 520 -10.31 47.83 3.69
N VAL E 521 -10.54 47.01 4.71
CA VAL E 521 -9.70 45.84 4.98
C VAL E 521 -10.58 44.60 4.97
N VAL E 522 -10.15 43.58 4.23
CA VAL E 522 -10.88 42.31 4.12
C VAL E 522 -10.01 41.22 4.72
N THR E 523 -10.53 40.54 5.74
CA THR E 523 -9.84 39.45 6.41
C THR E 523 -10.74 38.22 6.46
N GLU E 524 -10.12 37.05 6.55
CA GLU E 524 -10.89 35.83 6.79
C GLU E 524 -11.40 35.78 8.23
N ILE E 525 -12.58 35.19 8.38
CA ILE E 525 -13.13 34.92 9.72
C ILE E 525 -12.28 33.84 10.39
N PRO E 526 -11.81 34.06 11.62
CA PRO E 526 -11.01 33.03 12.29
C PRO E 526 -11.83 31.80 12.63
N LYS E 527 -11.26 30.63 12.37
CA LYS E 527 -11.93 29.37 12.66
C LYS E 527 -11.47 28.80 14.00
N GLY F 3 55.42 -37.82 -31.07
CA GLY F 3 55.14 -37.20 -29.78
C GLY F 3 56.38 -37.05 -28.92
N GLN F 4 56.42 -35.96 -28.15
CA GLN F 4 57.54 -35.65 -27.27
C GLN F 4 57.00 -35.48 -25.86
N ALA F 5 57.60 -36.18 -24.90
CA ALA F 5 57.16 -36.11 -23.51
C ALA F 5 57.97 -35.07 -22.74
N PHE F 6 57.31 -34.43 -21.78
CA PHE F 6 57.93 -33.40 -20.95
C PHE F 6 57.59 -33.69 -19.49
N ARG F 7 58.64 -33.88 -18.68
CA ARG F 7 58.58 -34.36 -17.29
C ARG F 7 57.52 -35.46 -17.12
N LYS F 8 57.79 -36.58 -17.80
CA LYS F 8 56.99 -37.82 -17.83
C LYS F 8 55.50 -37.57 -18.13
N PHE F 9 55.18 -36.53 -18.90
CA PHE F 9 53.83 -36.37 -19.42
C PHE F 9 53.91 -36.24 -20.93
N LEU F 10 53.15 -37.08 -21.63
CA LEU F 10 53.09 -37.10 -23.08
C LEU F 10 51.69 -36.74 -23.54
N PRO F 11 51.53 -35.72 -24.36
CA PRO F 11 50.18 -35.37 -24.85
C PRO F 11 49.69 -36.39 -25.88
N LEU F 12 48.38 -36.41 -26.05
CA LEU F 12 47.72 -37.37 -26.93
C LEU F 12 47.11 -36.64 -28.11
N PHE F 13 47.19 -37.28 -29.29
CA PHE F 13 46.64 -36.80 -30.58
C PHE F 13 47.33 -35.48 -30.92
N ASP F 14 46.62 -34.46 -31.39
CA ASP F 14 47.22 -33.20 -31.77
C ASP F 14 47.24 -32.18 -30.64
N ARG F 15 47.29 -32.63 -29.40
CA ARG F 15 47.37 -31.72 -28.26
C ARG F 15 48.80 -31.24 -28.04
N VAL F 16 48.93 -29.99 -27.59
CA VAL F 16 50.23 -29.36 -27.37
C VAL F 16 50.25 -28.80 -25.96
N LEU F 17 51.32 -29.10 -25.21
CA LEU F 17 51.51 -28.56 -23.87
C LEU F 17 52.44 -27.34 -23.95
N VAL F 18 52.01 -26.24 -23.34
CA VAL F 18 52.78 -25.00 -23.37
C VAL F 18 53.01 -24.53 -21.94
N GLU F 19 54.09 -23.76 -21.78
CA GLU F 19 54.36 -23.04 -20.55
C GLU F 19 54.29 -21.55 -20.86
N ARG F 20 53.44 -20.83 -20.14
CA ARG F 20 53.25 -19.41 -20.41
C ARG F 20 54.46 -18.61 -19.94
N SER F 21 54.67 -17.48 -20.59
CA SER F 21 55.77 -16.59 -20.21
C SER F 21 55.47 -15.92 -18.87
N ALA F 22 56.52 -15.42 -18.24
CA ALA F 22 56.37 -14.71 -16.98
C ALA F 22 55.66 -13.38 -17.21
N ALA F 23 54.69 -13.07 -16.35
CA ALA F 23 53.96 -11.83 -16.45
C ALA F 23 54.87 -10.64 -16.12
N GLU F 24 54.67 -9.54 -16.84
CA GLU F 24 55.48 -8.35 -16.60
C GLU F 24 55.13 -7.74 -15.26
N THR F 25 56.16 -7.52 -14.43
CA THR F 25 55.97 -6.99 -13.10
C THR F 25 56.36 -5.52 -12.98
N VAL F 26 57.18 -5.02 -13.89
CA VAL F 26 57.60 -3.62 -13.89
C VAL F 26 57.59 -3.14 -15.34
N THR F 27 57.23 -1.87 -15.54
CA THR F 27 57.20 -1.31 -16.88
C THR F 27 58.61 -0.88 -17.31
N LYS F 28 58.71 -0.36 -18.54
CA LYS F 28 59.99 0.05 -19.09
C LYS F 28 60.60 1.24 -18.36
N GLY F 29 59.78 2.06 -17.71
CA GLY F 29 60.29 3.22 -16.99
C GLY F 29 60.67 2.93 -15.56
N GLY F 30 60.05 1.91 -14.96
CA GLY F 30 60.34 1.56 -13.59
C GLY F 30 59.12 1.60 -12.69
N ILE F 31 57.94 1.48 -13.27
CA ILE F 31 56.68 1.46 -12.53
C ILE F 31 56.26 0.01 -12.35
N MET F 32 56.12 -0.42 -11.10
CA MET F 32 55.76 -1.79 -10.80
C MET F 32 54.25 -1.95 -10.84
N LEU F 33 53.81 -3.08 -11.39
CA LEU F 33 52.40 -3.32 -11.62
C LEU F 33 51.84 -4.27 -10.57
N PRO F 34 50.60 -4.07 -10.15
CA PRO F 34 49.95 -5.02 -9.24
C PRO F 34 49.73 -6.38 -9.89
N GLU F 35 49.80 -7.42 -9.07
CA GLU F 35 49.72 -8.79 -9.59
C GLU F 35 48.33 -9.12 -10.10
N LYS F 36 47.28 -8.72 -9.36
CA LYS F 36 45.92 -9.06 -9.77
C LYS F 36 45.43 -8.27 -10.98
N SER F 37 46.16 -7.22 -11.39
CA SER F 37 45.84 -6.50 -12.62
C SER F 37 46.50 -7.12 -13.85
N GLN F 38 47.44 -8.05 -13.66
CA GLN F 38 48.12 -8.70 -14.78
C GLN F 38 47.28 -9.86 -15.28
N GLY F 39 46.78 -9.74 -16.50
CA GLY F 39 45.96 -10.79 -17.08
C GLY F 39 46.77 -12.00 -17.49
N LYS F 40 46.07 -12.95 -18.09
CA LYS F 40 46.71 -14.19 -18.55
C LYS F 40 47.64 -13.89 -19.71
N VAL F 41 48.83 -14.50 -19.69
CA VAL F 41 49.87 -14.19 -20.66
C VAL F 41 49.64 -15.03 -21.92
N LEU F 42 49.55 -14.34 -23.06
CA LEU F 42 49.32 -15.00 -24.34
C LEU F 42 50.60 -15.45 -25.01
N GLN F 43 51.76 -15.12 -24.43
CA GLN F 43 53.04 -15.62 -24.90
C GLN F 43 53.39 -16.90 -24.15
N ALA F 44 53.91 -17.88 -24.89
CA ALA F 44 54.13 -19.19 -24.30
C ALA F 44 55.21 -19.93 -25.08
N THR F 45 55.72 -20.99 -24.45
CA THR F 45 56.77 -21.82 -25.02
C THR F 45 56.28 -23.26 -25.07
N VAL F 46 56.49 -23.92 -26.22
CA VAL F 46 56.04 -25.29 -26.39
C VAL F 46 57.00 -26.22 -25.65
N VAL F 47 56.48 -27.00 -24.71
CA VAL F 47 57.28 -27.94 -23.95
C VAL F 47 56.99 -29.40 -24.30
N ALA F 48 55.82 -29.70 -24.86
CA ALA F 48 55.46 -31.08 -25.20
C ALA F 48 54.41 -31.08 -26.30
N VAL F 49 54.57 -31.99 -27.25
CA VAL F 49 53.63 -32.14 -28.35
C VAL F 49 53.14 -33.59 -28.39
N GLY F 50 51.94 -33.77 -28.92
CA GLY F 50 51.43 -35.09 -29.21
C GLY F 50 51.95 -35.62 -30.53
N SER F 51 51.59 -36.87 -30.83
CA SER F 51 52.00 -37.47 -32.09
C SER F 51 51.20 -36.92 -33.27
N GLY F 52 50.00 -36.40 -33.03
CA GLY F 52 49.18 -35.84 -34.07
C GLY F 52 47.97 -36.71 -34.38
N SER F 53 47.03 -36.13 -35.11
CA SER F 53 45.81 -36.81 -35.48
C SER F 53 45.96 -37.48 -36.84
N LYS F 54 44.93 -38.22 -37.24
CA LYS F 54 44.85 -38.84 -38.57
C LYS F 54 43.84 -38.03 -39.37
N GLY F 55 44.31 -36.95 -39.99
CA GLY F 55 43.41 -36.11 -40.76
C GLY F 55 43.02 -36.72 -42.10
N LYS F 56 43.94 -37.44 -42.72
CA LYS F 56 43.70 -38.11 -43.99
C LYS F 56 43.64 -39.62 -43.77
N GLY F 57 43.51 -40.36 -44.87
CA GLY F 57 43.27 -41.78 -44.80
C GLY F 57 44.50 -42.65 -44.60
N GLY F 58 44.68 -43.17 -43.39
CA GLY F 58 45.67 -44.19 -43.12
C GLY F 58 46.97 -43.71 -42.51
N GLU F 59 47.22 -42.40 -42.49
CA GLU F 59 48.48 -41.88 -41.98
C GLU F 59 48.24 -40.89 -40.85
N ILE F 60 49.29 -40.63 -40.09
CA ILE F 60 49.26 -39.73 -38.94
C ILE F 60 49.87 -38.39 -39.36
N GLN F 61 49.14 -37.31 -39.11
CA GLN F 61 49.60 -35.97 -39.43
C GLN F 61 50.30 -35.37 -38.23
N PRO F 62 51.61 -35.10 -38.30
CA PRO F 62 52.30 -34.47 -37.16
C PRO F 62 51.83 -33.04 -36.94
N VAL F 63 52.02 -32.57 -35.70
CA VAL F 63 51.60 -31.23 -35.33
C VAL F 63 52.53 -30.20 -35.97
N SER F 64 52.00 -28.98 -36.14
CA SER F 64 52.72 -27.93 -36.85
C SER F 64 53.84 -27.31 -36.02
N VAL F 65 53.73 -27.34 -34.71
CA VAL F 65 54.76 -26.77 -33.84
C VAL F 65 55.67 -27.88 -33.36
N LYS F 66 56.87 -27.49 -32.96
CA LYS F 66 57.82 -28.41 -32.34
C LYS F 66 58.19 -27.89 -30.97
N VAL F 67 58.90 -28.72 -30.21
CA VAL F 67 59.22 -28.42 -28.82
C VAL F 67 60.33 -27.38 -28.79
N GLY F 68 60.09 -26.31 -28.03
CA GLY F 68 60.99 -25.17 -27.99
C GLY F 68 60.59 -24.00 -28.85
N ASP F 69 59.54 -24.13 -29.65
CA ASP F 69 59.05 -23.02 -30.45
C ASP F 69 58.37 -21.99 -29.56
N LYS F 70 58.56 -20.72 -29.93
CA LYS F 70 57.92 -19.61 -29.23
C LYS F 70 56.64 -19.26 -29.97
N VAL F 71 55.49 -19.36 -29.28
CA VAL F 71 54.19 -19.32 -29.93
C VAL F 71 53.30 -18.28 -29.25
N LEU F 72 52.20 -17.94 -29.92
CA LEU F 72 51.18 -17.04 -29.41
C LEU F 72 49.89 -17.82 -29.18
N LEU F 73 49.26 -17.61 -28.03
CA LEU F 73 48.09 -18.33 -27.60
C LEU F 73 46.83 -17.49 -27.73
N PRO F 74 45.69 -18.12 -27.97
CA PRO F 74 44.41 -17.41 -27.85
C PRO F 74 44.02 -17.20 -26.39
N GLU F 75 43.02 -16.36 -26.18
CA GLU F 75 42.63 -16.01 -24.83
C GLU F 75 41.91 -17.17 -24.14
N TYR F 76 41.09 -17.92 -24.86
CA TYR F 76 40.37 -19.05 -24.32
C TYR F 76 40.75 -20.34 -25.03
N GLY F 77 40.60 -21.47 -24.33
CA GLY F 77 40.75 -22.76 -24.96
C GLY F 77 41.93 -23.59 -24.50
N GLY F 78 42.34 -23.42 -23.25
CA GLY F 78 43.46 -24.18 -22.71
C GLY F 78 43.09 -24.85 -21.41
N THR F 79 43.69 -26.02 -21.20
CA THR F 79 43.37 -26.88 -20.06
C THR F 79 44.50 -26.81 -19.05
N LYS F 80 44.14 -26.59 -17.79
CA LYS F 80 45.10 -26.63 -16.68
C LYS F 80 45.69 -28.03 -16.53
N VAL F 81 47.01 -28.12 -16.60
CA VAL F 81 47.76 -29.34 -16.30
C VAL F 81 48.82 -28.99 -15.28
N VAL F 82 48.81 -29.68 -14.14
CA VAL F 82 49.79 -29.46 -13.08
C VAL F 82 50.84 -30.56 -13.16
N LEU F 83 52.10 -30.17 -13.27
CA LEU F 83 53.20 -31.11 -13.43
C LEU F 83 54.34 -30.69 -12.50
N ASP F 84 54.65 -31.55 -11.52
CA ASP F 84 55.61 -31.27 -10.45
C ASP F 84 55.27 -29.97 -9.72
N ASP F 85 53.97 -29.78 -9.47
CA ASP F 85 53.40 -28.60 -8.80
C ASP F 85 53.79 -27.31 -9.53
N LYS F 86 53.78 -27.35 -10.86
CA LYS F 86 54.12 -26.18 -11.65
C LYS F 86 53.08 -26.04 -12.77
N ASP F 87 52.72 -24.79 -13.07
CA ASP F 87 51.60 -24.49 -13.95
C ASP F 87 51.93 -24.77 -15.40
N TYR F 88 51.03 -25.49 -16.08
CA TYR F 88 51.18 -25.79 -17.50
C TYR F 88 49.81 -25.82 -18.15
N PHE F 89 49.79 -25.67 -19.46
CA PHE F 89 48.53 -25.58 -20.20
C PHE F 89 48.59 -26.41 -21.47
N LEU F 90 47.50 -27.10 -21.75
CA LEU F 90 47.37 -28.01 -22.88
C LEU F 90 46.44 -27.39 -23.92
N PHE F 91 46.88 -27.39 -25.17
CA PHE F 91 46.15 -26.75 -26.26
C PHE F 91 46.08 -27.68 -27.47
N ARG F 92 45.03 -27.50 -28.26
CA ARG F 92 44.97 -28.13 -29.56
C ARG F 92 45.92 -27.41 -30.52
N ASP F 93 46.46 -28.18 -31.47
CA ASP F 93 47.42 -27.63 -32.43
C ASP F 93 46.79 -26.55 -33.30
N GLY F 94 45.54 -26.75 -33.73
CA GLY F 94 44.87 -25.76 -34.55
C GLY F 94 44.49 -24.50 -33.81
N ASP F 95 44.39 -24.56 -32.49
CA ASP F 95 44.02 -23.41 -31.68
C ASP F 95 45.17 -22.41 -31.51
N ILE F 96 46.39 -22.79 -31.82
CA ILE F 96 47.55 -21.92 -31.66
C ILE F 96 47.59 -20.93 -32.82
N LEU F 97 47.82 -19.65 -32.50
CA LEU F 97 47.66 -18.58 -33.49
C LEU F 97 48.88 -18.43 -34.39
N GLY F 98 50.09 -18.45 -33.82
CA GLY F 98 51.27 -18.24 -34.63
C GLY F 98 52.53 -18.52 -33.86
N LYS F 99 53.65 -18.41 -34.56
CA LYS F 99 54.98 -18.67 -34.00
C LYS F 99 55.85 -17.43 -34.09
N TYR F 100 56.78 -17.31 -33.14
CA TYR F 100 57.83 -16.29 -33.18
C TYR F 100 59.09 -16.95 -33.72
N VAL F 101 59.50 -16.53 -34.92
CA VAL F 101 60.57 -17.19 -35.66
C VAL F 101 61.83 -16.35 -35.55
N ASP F 102 62.95 -17.01 -35.25
CA ASP F 102 64.26 -16.35 -35.22
C ASP F 102 65.26 -17.06 -36.12
N GLY G 1 -29.72 16.93 -1.34
CA GLY G 1 -30.34 16.11 -0.32
C GLY G 1 -30.17 16.67 1.09
N SER G 2 -29.31 17.68 1.21
CA SER G 2 -29.09 18.33 2.50
C SER G 2 -30.31 19.18 2.87
N ALA G 3 -30.46 19.43 4.17
CA ALA G 3 -31.57 20.24 4.65
C ALA G 3 -31.44 21.67 4.17
N LYS G 4 -32.57 22.28 3.85
CA LYS G 4 -32.61 23.59 3.22
C LYS G 4 -33.44 24.56 4.04
N ASP G 5 -33.08 25.84 3.93
CA ASP G 5 -33.86 26.93 4.47
C ASP G 5 -34.50 27.69 3.32
N VAL G 6 -35.78 28.01 3.45
CA VAL G 6 -36.54 28.64 2.38
C VAL G 6 -37.12 29.94 2.92
N LYS G 7 -36.77 31.05 2.29
CA LYS G 7 -37.25 32.37 2.69
C LYS G 7 -38.05 33.00 1.56
N PHE G 8 -39.02 33.83 1.94
CA PHE G 8 -40.02 34.36 1.02
C PHE G 8 -40.00 35.88 0.99
N GLY G 9 -40.02 36.43 -0.22
CA GLY G 9 -40.41 37.82 -0.41
C GLY G 9 -39.41 38.83 0.11
N ALA G 10 -39.94 39.80 0.87
CA ALA G 10 -39.19 41.00 1.22
C ALA G 10 -38.05 40.72 2.19
N ASP G 11 -38.20 39.72 3.07
CA ASP G 11 -37.12 39.38 4.00
C ASP G 11 -35.91 38.80 3.25
N ALA G 12 -36.16 37.85 2.34
CA ALA G 12 -35.11 37.28 1.53
C ALA G 12 -34.47 38.34 0.64
N ARG G 13 -35.29 39.23 0.07
CA ARG G 13 -34.76 40.31 -0.77
C ARG G 13 -33.90 41.27 0.03
N ALA G 14 -34.30 41.58 1.27
CA ALA G 14 -33.53 42.49 2.11
C ALA G 14 -32.19 41.88 2.52
N LEU G 15 -32.17 40.57 2.81
CA LEU G 15 -30.89 39.92 3.12
C LEU G 15 -29.96 39.89 1.91
N MET G 16 -30.52 39.59 0.72
CA MET G 16 -29.72 39.59 -0.50
C MET G 16 -29.19 40.99 -0.80
N LEU G 17 -30.01 42.01 -0.58
CA LEU G 17 -29.57 43.39 -0.76
C LEU G 17 -28.51 43.78 0.25
N GLN G 18 -28.55 43.22 1.47
CA GLN G 18 -27.49 43.48 2.44
C GLN G 18 -26.15 42.93 1.96
N GLY G 19 -26.17 41.72 1.39
CA GLY G 19 -24.94 41.20 0.79
C GLY G 19 -24.44 42.02 -0.38
N VAL G 20 -25.35 42.42 -1.27
CA VAL G 20 -25.02 43.28 -2.41
C VAL G 20 -24.44 44.60 -1.92
N ASP G 21 -25.05 45.18 -0.89
CA ASP G 21 -24.63 46.48 -0.38
C ASP G 21 -23.26 46.40 0.27
N LEU G 22 -22.97 45.33 1.01
CA LEU G 22 -21.64 45.22 1.62
C LEU G 22 -20.56 45.08 0.55
N LEU G 23 -20.77 44.22 -0.44
CA LEU G 23 -19.76 44.06 -1.49
C LEU G 23 -19.59 45.35 -2.29
N ALA G 24 -20.70 46.01 -2.64
CA ALA G 24 -20.63 47.22 -3.44
C ALA G 24 -20.07 48.39 -2.64
N ASP G 25 -20.30 48.42 -1.33
CA ASP G 25 -19.71 49.46 -0.50
C ASP G 25 -18.20 49.30 -0.41
N ALA G 26 -17.73 48.05 -0.31
CA ALA G 26 -16.29 47.83 -0.34
C ALA G 26 -15.69 48.17 -1.69
N VAL G 27 -16.40 47.88 -2.78
CA VAL G 27 -15.86 48.17 -4.12
C VAL G 27 -15.88 49.68 -4.42
N ALA G 28 -16.92 50.39 -3.95
CA ALA G 28 -17.16 51.76 -4.37
C ALA G 28 -16.17 52.77 -3.81
N VAL G 29 -15.43 52.42 -2.74
CA VAL G 29 -14.43 53.34 -2.21
C VAL G 29 -13.25 53.51 -3.16
N THR G 30 -13.07 52.59 -4.11
CA THR G 30 -11.94 52.61 -5.02
C THR G 30 -12.19 53.40 -6.29
N MET G 31 -13.37 53.99 -6.45
CA MET G 31 -13.77 54.53 -7.75
C MET G 31 -13.24 55.94 -7.95
N GLY G 32 -12.63 56.16 -9.12
CA GLY G 32 -12.28 57.50 -9.55
C GLY G 32 -10.91 57.96 -9.12
N PRO G 33 -10.57 59.21 -9.48
CA PRO G 33 -9.23 59.72 -9.20
C PRO G 33 -8.94 59.91 -7.71
N LYS G 34 -9.96 60.11 -6.88
CA LYS G 34 -9.77 60.14 -5.44
C LYS G 34 -10.32 58.88 -4.77
N GLY G 35 -10.35 57.78 -5.50
CA GLY G 35 -10.63 56.51 -4.88
C GLY G 35 -9.47 56.04 -4.02
N ARG G 36 -9.79 55.23 -3.02
CA ARG G 36 -8.81 54.71 -2.09
C ARG G 36 -8.64 53.21 -2.34
N THR G 37 -7.80 52.58 -1.52
CA THR G 37 -7.45 51.19 -1.76
C THR G 37 -8.05 50.26 -0.73
N VAL G 38 -8.06 48.97 -1.06
CA VAL G 38 -8.56 47.92 -0.20
C VAL G 38 -7.41 46.96 0.08
N ILE G 39 -7.22 46.62 1.35
CA ILE G 39 -6.22 45.63 1.74
C ILE G 39 -6.93 44.30 1.97
N ILE G 40 -6.47 43.27 1.27
CA ILE G 40 -7.03 41.93 1.37
C ILE G 40 -5.99 41.01 1.99
N GLU G 41 -6.37 40.33 3.06
CA GLU G 41 -5.47 39.38 3.70
C GLU G 41 -5.27 38.16 2.81
N GLN G 42 -4.01 37.75 2.68
CA GLN G 42 -3.66 36.51 1.99
C GLN G 42 -3.15 35.51 3.02
N SER G 43 -3.55 34.24 2.86
CA SER G 43 -3.22 33.23 3.86
C SER G 43 -1.73 32.89 3.85
N TRP G 44 -1.12 32.84 2.66
CA TRP G 44 0.24 32.33 2.55
C TRP G 44 1.30 33.37 2.90
N GLY G 45 0.96 34.65 2.89
CA GLY G 45 2.00 35.66 3.04
C GLY G 45 1.54 37.08 3.21
N SER G 46 2.20 38.00 2.50
CA SER G 46 1.92 39.42 2.61
C SER G 46 0.54 39.76 2.06
N PRO G 47 -0.13 40.75 2.64
CA PRO G 47 -1.45 41.13 2.12
C PRO G 47 -1.37 41.85 0.78
N LYS G 48 -2.50 41.85 0.09
CA LYS G 48 -2.63 42.48 -1.21
C LYS G 48 -3.34 43.82 -1.07
N VAL G 49 -2.76 44.85 -1.70
CA VAL G 49 -3.36 46.19 -1.74
C VAL G 49 -3.81 46.44 -3.18
N THR G 50 -5.06 46.84 -3.35
CA THR G 50 -5.60 46.99 -4.69
C THR G 50 -6.64 48.10 -4.75
N LYS G 51 -6.71 48.74 -5.91
CA LYS G 51 -7.78 49.64 -6.30
C LYS G 51 -8.73 48.98 -7.30
N ASP G 52 -8.50 47.71 -7.63
CA ASP G 52 -9.25 47.04 -8.68
C ASP G 52 -10.55 46.47 -8.15
N GLY G 53 -11.66 46.83 -8.81
CA GLY G 53 -12.97 46.48 -8.30
C GLY G 53 -13.27 45.00 -8.31
N VAL G 54 -12.89 44.30 -9.39
CA VAL G 54 -13.14 42.86 -9.48
C VAL G 54 -12.30 42.09 -8.46
N THR G 55 -11.07 42.55 -8.17
CA THR G 55 -10.25 41.91 -7.16
C THR G 55 -10.88 42.04 -5.77
N VAL G 56 -11.42 43.22 -5.46
CA VAL G 56 -12.12 43.42 -4.20
C VAL G 56 -13.38 42.56 -4.15
N ALA G 57 -14.10 42.49 -5.27
CA ALA G 57 -15.34 41.72 -5.34
C ALA G 57 -15.09 40.23 -5.08
N LYS G 58 -14.09 39.66 -5.77
CA LYS G 58 -13.79 38.24 -5.66
C LYS G 58 -13.29 37.84 -4.27
N SER G 59 -12.74 38.78 -3.50
CA SER G 59 -12.20 38.46 -2.19
C SER G 59 -13.27 38.35 -1.11
N ILE G 60 -14.49 38.79 -1.36
CA ILE G 60 -15.49 38.95 -0.31
C ILE G 60 -16.51 37.82 -0.45
N ASP G 61 -16.55 36.94 0.55
CA ASP G 61 -17.57 35.91 0.69
C ASP G 61 -18.16 36.01 2.09
N LEU G 62 -19.47 35.82 2.19
CA LEU G 62 -20.19 36.08 3.42
C LEU G 62 -20.66 34.78 4.07
N LYS G 63 -20.65 34.78 5.40
CA LYS G 63 -21.09 33.62 6.15
C LYS G 63 -22.60 33.41 6.02
N ASP G 64 -23.37 34.50 6.06
CA ASP G 64 -24.80 34.42 5.81
C ASP G 64 -25.04 34.05 4.35
N LYS G 65 -25.80 32.98 4.14
CA LYS G 65 -25.98 32.45 2.80
C LYS G 65 -26.84 33.34 1.93
N TYR G 66 -27.85 33.99 2.51
CA TYR G 66 -28.70 34.90 1.76
C TYR G 66 -27.93 36.15 1.33
N LYS G 67 -27.09 36.68 2.21
CA LYS G 67 -26.20 37.77 1.83
C LYS G 67 -25.15 37.30 0.82
N ASN G 68 -24.67 36.07 0.99
CA ASN G 68 -23.63 35.55 0.09
C ASN G 68 -24.17 35.32 -1.32
N ILE G 69 -25.47 35.09 -1.47
CA ILE G 69 -26.04 34.94 -2.81
C ILE G 69 -25.94 36.26 -3.58
N GLY G 70 -26.32 37.37 -2.93
CA GLY G 70 -26.17 38.67 -3.55
C GLY G 70 -24.72 39.03 -3.82
N ALA G 71 -23.84 38.66 -2.88
CA ALA G 71 -22.41 38.87 -3.08
C ALA G 71 -21.88 38.07 -4.29
N LYS G 72 -22.30 36.83 -4.44
CA LYS G 72 -21.90 36.02 -5.59
C LYS G 72 -22.41 36.60 -6.89
N LEU G 73 -23.62 37.16 -6.89
CA LEU G 73 -24.17 37.71 -8.12
C LEU G 73 -23.43 38.98 -8.55
N VAL G 74 -23.10 39.86 -7.60
CA VAL G 74 -22.33 41.03 -7.99
C VAL G 74 -20.88 40.65 -8.31
N GLN G 75 -20.37 39.55 -7.73
CA GLN G 75 -19.10 39.00 -8.16
C GLN G 75 -19.16 38.55 -9.62
N ASP G 76 -20.27 37.93 -10.01
CA ASP G 76 -20.46 37.56 -11.41
C ASP G 76 -20.47 38.78 -12.31
N VAL G 77 -21.10 39.87 -11.86
CA VAL G 77 -21.11 41.11 -12.63
C VAL G 77 -19.69 41.62 -12.86
N ALA G 78 -18.91 41.71 -11.78
CA ALA G 78 -17.55 42.22 -11.88
C ALA G 78 -16.66 41.30 -12.72
N ASN G 79 -16.83 39.98 -12.57
CA ASN G 79 -16.02 39.04 -13.32
C ASN G 79 -16.34 39.06 -14.81
N ASN G 80 -17.64 39.17 -15.17
CA ASN G 80 -18.00 39.27 -16.58
C ASN G 80 -17.49 40.56 -17.20
N THR G 81 -17.57 41.67 -16.45
CA THR G 81 -17.02 42.92 -16.96
C THR G 81 -15.51 42.84 -17.13
N ASN G 82 -14.81 42.18 -16.20
CA ASN G 82 -13.36 42.06 -16.32
C ASN G 82 -12.96 41.15 -17.46
N GLU G 83 -13.71 40.07 -17.69
CA GLU G 83 -13.35 39.16 -18.77
C GLU G 83 -13.67 39.75 -20.14
N GLU G 84 -14.72 40.56 -20.24
CA GLU G 84 -15.03 41.14 -21.55
C GLU G 84 -14.22 42.40 -21.85
N ALA G 85 -14.04 43.30 -20.89
CA ALA G 85 -13.40 44.59 -21.16
C ALA G 85 -12.07 44.79 -20.45
N GLY G 86 -11.81 44.10 -19.35
CA GLY G 86 -10.58 44.31 -18.61
C GLY G 86 -10.52 45.59 -17.83
N ASP G 87 -11.64 46.30 -17.71
CA ASP G 87 -11.72 47.57 -17.01
C ASP G 87 -13.19 47.85 -16.73
N GLY G 88 -13.44 48.85 -15.89
CA GLY G 88 -14.80 49.25 -15.59
C GLY G 88 -15.54 48.36 -14.64
N THR G 89 -14.83 47.58 -13.82
CA THR G 89 -15.50 46.63 -12.93
C THR G 89 -16.15 47.33 -11.75
N THR G 90 -15.53 48.41 -11.25
CA THR G 90 -16.13 49.18 -10.17
C THR G 90 -17.40 49.88 -10.62
N THR G 91 -17.40 50.42 -11.85
CA THR G 91 -18.59 51.04 -12.42
C THR G 91 -19.70 50.01 -12.58
N ALA G 92 -19.36 48.81 -13.05
CA ALA G 92 -20.34 47.74 -13.18
C ALA G 92 -20.91 47.33 -11.84
N THR G 93 -20.06 47.28 -10.80
CA THR G 93 -20.52 46.90 -9.47
C THR G 93 -21.50 47.93 -8.91
N VAL G 94 -21.19 49.22 -9.04
CA VAL G 94 -22.10 50.22 -8.48
C VAL G 94 -23.39 50.33 -9.30
N LEU G 95 -23.31 50.12 -10.63
CA LEU G 95 -24.53 50.09 -11.44
C LEU G 95 -25.41 48.91 -11.07
N ALA G 96 -24.80 47.74 -10.84
CA ALA G 96 -25.57 46.56 -10.46
C ALA G 96 -26.21 46.74 -9.09
N ARG G 97 -25.50 47.36 -8.14
CA ARG G 97 -26.10 47.65 -6.84
C ARG G 97 -27.27 48.60 -6.97
N SER G 98 -27.13 49.64 -7.80
CA SER G 98 -28.23 50.57 -8.03
C SER G 98 -29.45 49.88 -8.62
N ILE G 99 -29.24 49.05 -9.65
CA ILE G 99 -30.36 48.37 -10.28
C ILE G 99 -31.03 47.40 -9.32
N ALA G 100 -30.24 46.66 -8.54
CA ALA G 100 -30.80 45.75 -7.55
C ALA G 100 -31.62 46.48 -6.49
N LYS G 101 -31.11 47.61 -5.99
CA LYS G 101 -31.82 48.36 -4.97
C LYS G 101 -33.10 48.98 -5.51
N GLU G 102 -33.04 49.62 -6.68
CA GLU G 102 -34.23 50.25 -7.25
C GLU G 102 -35.27 49.21 -7.67
N GLY G 103 -34.83 48.03 -8.09
CA GLY G 103 -35.77 46.98 -8.42
C GLY G 103 -36.43 46.36 -7.19
N PHE G 104 -35.65 46.21 -6.11
CA PHE G 104 -36.23 45.70 -4.87
C PHE G 104 -37.21 46.69 -4.25
N GLU G 105 -36.97 48.00 -4.43
CA GLU G 105 -37.92 49.00 -3.92
C GLU G 105 -39.25 48.95 -4.66
N LYS G 106 -39.25 48.57 -5.94
CA LYS G 106 -40.43 48.69 -6.78
C LYS G 106 -41.31 47.44 -6.79
N ILE G 107 -40.93 46.39 -6.08
CA ILE G 107 -41.71 45.16 -6.10
C ILE G 107 -42.89 45.28 -5.14
N SER G 108 -44.10 45.18 -5.69
CA SER G 108 -45.34 45.18 -4.93
C SER G 108 -46.17 43.98 -5.37
N LYS G 109 -47.39 43.89 -4.82
CA LYS G 109 -48.28 42.78 -5.17
C LYS G 109 -48.69 42.82 -6.63
N GLY G 110 -49.02 44.00 -7.15
CA GLY G 110 -49.43 44.12 -8.54
C GLY G 110 -48.28 44.23 -9.53
N ALA G 111 -47.05 44.36 -9.05
CA ALA G 111 -45.90 44.49 -9.94
C ALA G 111 -45.55 43.16 -10.58
N ASN G 112 -45.05 43.22 -11.81
CA ASN G 112 -44.60 42.05 -12.56
C ASN G 112 -43.11 42.22 -12.81
N PRO G 113 -42.25 41.64 -11.96
CA PRO G 113 -40.80 41.87 -12.07
C PRO G 113 -40.16 41.38 -13.37
N VAL G 114 -40.73 40.37 -14.02
CA VAL G 114 -40.19 39.91 -15.30
C VAL G 114 -40.40 40.97 -16.38
N GLU G 115 -41.57 41.61 -16.38
CA GLU G 115 -41.80 42.71 -17.31
C GLU G 115 -41.01 43.96 -16.92
N ILE G 116 -40.75 44.15 -15.63
CA ILE G 116 -39.84 45.21 -15.19
C ILE G 116 -38.44 44.97 -15.75
N ARG G 117 -37.99 43.71 -15.72
CA ARG G 117 -36.69 43.35 -16.29
C ARG G 117 -36.66 43.58 -17.80
N ARG G 118 -37.78 43.29 -18.48
CA ARG G 118 -37.87 43.59 -19.91
C ARG G 118 -37.73 45.09 -20.17
N GLY G 119 -38.37 45.92 -19.34
CA GLY G 119 -38.20 47.36 -19.46
C GLY G 119 -36.78 47.82 -19.19
N VAL G 120 -36.12 47.18 -18.22
CA VAL G 120 -34.70 47.46 -17.93
C VAL G 120 -33.84 47.17 -19.15
N MET G 121 -34.04 46.00 -19.77
CA MET G 121 -33.21 45.62 -20.91
C MET G 121 -33.48 46.49 -22.13
N LEU G 122 -34.73 46.90 -22.33
CA LEU G 122 -35.04 47.82 -23.42
C LEU G 122 -34.37 49.18 -23.21
N ALA G 123 -34.42 49.70 -21.97
CA ALA G 123 -33.76 50.96 -21.66
C ALA G 123 -32.24 50.85 -21.83
N VAL G 124 -31.67 49.70 -21.48
CA VAL G 124 -30.24 49.51 -21.60
C VAL G 124 -29.82 49.44 -23.07
N ASP G 125 -30.64 48.79 -23.90
CA ASP G 125 -30.37 48.78 -25.34
C ASP G 125 -30.43 50.18 -25.93
N ALA G 126 -31.40 50.99 -25.48
CA ALA G 126 -31.49 52.38 -25.93
C ALA G 126 -30.26 53.19 -25.50
N VAL G 127 -29.80 52.99 -24.27
CA VAL G 127 -28.62 53.71 -23.78
C VAL G 127 -27.36 53.27 -24.54
N ILE G 128 -27.27 51.99 -24.87
CA ILE G 128 -26.11 51.49 -25.61
C ILE G 128 -26.09 52.05 -27.04
N ALA G 129 -27.27 52.16 -27.65
CA ALA G 129 -27.34 52.80 -28.97
C ALA G 129 -26.95 54.28 -28.90
N GLU G 130 -27.39 54.98 -27.84
CA GLU G 130 -26.98 56.37 -27.65
C GLU G 130 -25.49 56.50 -27.41
N LEU G 131 -24.89 55.54 -26.69
CA LEU G 131 -23.46 55.53 -26.46
C LEU G 131 -22.69 55.33 -27.76
N LYS G 132 -23.18 54.43 -28.62
CA LYS G 132 -22.52 54.22 -29.91
C LYS G 132 -22.67 55.43 -30.82
N LYS G 133 -23.78 56.17 -30.71
CA LYS G 133 -23.88 57.44 -31.42
C LYS G 133 -22.97 58.50 -30.84
N GLN G 134 -22.71 58.45 -29.53
CA GLN G 134 -21.84 59.42 -28.88
C GLN G 134 -20.37 59.13 -29.11
N SER G 135 -20.01 57.92 -29.50
CA SER G 135 -18.62 57.50 -29.54
C SER G 135 -17.87 58.18 -30.68
N LYS G 136 -16.55 58.27 -30.52
CA LYS G 136 -15.67 58.89 -31.48
C LYS G 136 -14.43 58.00 -31.58
N PRO G 137 -13.98 57.66 -32.79
CA PRO G 137 -12.81 56.79 -32.91
C PRO G 137 -11.52 57.50 -32.52
N VAL G 138 -10.56 56.70 -32.05
CA VAL G 138 -9.26 57.22 -31.65
C VAL G 138 -8.41 57.44 -32.89
N THR G 139 -7.92 58.66 -33.07
CA THR G 139 -7.10 59.01 -34.23
C THR G 139 -5.67 59.38 -33.89
N THR G 140 -5.45 60.05 -32.75
CA THR G 140 -4.12 60.53 -32.39
C THR G 140 -3.54 59.73 -31.23
N PRO G 141 -2.21 59.55 -31.19
CA PRO G 141 -1.59 58.91 -30.02
C PRO G 141 -1.69 59.73 -28.74
N GLU G 142 -1.98 61.02 -28.83
CA GLU G 142 -2.28 61.81 -27.64
C GLU G 142 -3.54 61.30 -26.95
N GLU G 143 -4.55 60.88 -27.74
CA GLU G 143 -5.74 60.26 -27.17
C GLU G 143 -5.40 58.91 -26.54
N ILE G 144 -4.46 58.17 -27.14
CA ILE G 144 -3.99 56.91 -26.58
C ILE G 144 -3.38 57.13 -25.20
N ALA G 145 -2.50 58.13 -25.10
CA ALA G 145 -1.87 58.45 -23.82
C ALA G 145 -2.89 58.94 -22.80
N GLN G 146 -3.87 59.73 -23.24
CA GLN G 146 -4.92 60.21 -22.33
C GLN G 146 -5.77 59.07 -21.79
N VAL G 147 -6.15 58.12 -22.65
CA VAL G 147 -6.94 56.97 -22.23
C VAL G 147 -6.18 56.13 -21.22
N ALA G 148 -4.90 55.85 -21.53
CA ALA G 148 -4.09 55.05 -20.62
C ALA G 148 -3.82 55.79 -19.31
N THR G 149 -3.67 57.11 -19.35
CA THR G 149 -3.45 57.90 -18.15
C THR G 149 -4.68 57.88 -17.25
N ILE G 150 -5.86 58.06 -17.83
CA ILE G 150 -7.11 58.00 -17.05
C ILE G 150 -7.29 56.62 -16.43
N SER G 151 -7.06 55.57 -17.23
CA SER G 151 -7.27 54.22 -16.74
C SER G 151 -6.21 53.76 -15.74
N ALA G 152 -5.07 54.45 -15.68
CA ALA G 152 -4.04 54.15 -14.69
C ALA G 152 -4.13 55.05 -13.46
N ASN G 153 -5.31 55.61 -13.21
CA ASN G 153 -5.58 56.50 -12.07
C ASN G 153 -4.70 57.75 -12.10
N GLY G 154 -4.66 58.39 -13.26
CA GLY G 154 -3.98 59.66 -13.41
C GLY G 154 -2.48 59.61 -13.56
N ASP G 155 -1.89 58.42 -13.66
CA ASP G 155 -0.45 58.29 -13.84
C ASP G 155 -0.09 58.63 -15.28
N LYS G 156 0.52 59.80 -15.47
CA LYS G 156 0.89 60.24 -16.81
C LYS G 156 2.06 59.42 -17.36
N GLU G 157 2.92 58.88 -16.50
CA GLU G 157 4.07 58.13 -16.98
C GLU G 157 3.66 56.76 -17.53
N ILE G 158 2.68 56.12 -16.89
CA ILE G 158 2.14 54.86 -17.41
C ILE G 158 1.46 55.10 -18.76
N GLY G 159 0.71 56.20 -18.87
CA GLY G 159 0.09 56.53 -20.13
C GLY G 159 1.09 56.82 -21.23
N ASN G 160 2.16 57.53 -20.88
CA ASN G 160 3.22 57.82 -21.85
C ASN G 160 3.95 56.55 -22.29
N ILE G 161 4.23 55.64 -21.36
CA ILE G 161 4.97 54.44 -21.72
C ILE G 161 4.09 53.49 -22.54
N ILE G 162 2.77 53.48 -22.27
CA ILE G 162 1.87 52.67 -23.09
C ILE G 162 1.71 53.26 -24.48
N SER G 163 1.63 54.59 -24.56
CA SER G 163 1.59 55.26 -25.86
C SER G 163 2.87 55.02 -26.65
N ASP G 164 4.02 55.00 -25.98
CA ASP G 164 5.29 54.72 -26.63
C ASP G 164 5.34 53.27 -27.13
N ALA G 165 4.85 52.33 -26.32
CA ALA G 165 4.81 50.93 -26.75
C ALA G 165 3.92 50.75 -27.97
N MET G 166 2.76 51.42 -27.98
CA MET G 166 1.86 51.32 -29.12
C MET G 166 2.41 52.04 -30.35
N LYS G 167 3.23 53.08 -30.16
CA LYS G 167 3.94 53.66 -31.29
C LYS G 167 4.95 52.69 -31.88
N LYS G 168 5.70 51.99 -31.02
CA LYS G 168 6.77 51.13 -31.51
C LYS G 168 6.25 49.83 -32.12
N VAL G 169 5.29 49.15 -31.49
CA VAL G 169 4.86 47.84 -31.96
C VAL G 169 3.48 47.87 -32.61
N GLY G 170 2.85 49.02 -32.71
CA GLY G 170 1.53 49.08 -33.29
C GLY G 170 0.44 49.07 -32.23
N ARG G 171 -0.70 49.69 -32.57
CA ARG G 171 -1.83 49.74 -31.64
C ARG G 171 -2.46 48.37 -31.42
N LYS G 172 -2.28 47.43 -32.35
CA LYS G 172 -2.72 46.06 -32.18
C LYS G 172 -1.56 45.11 -31.87
N GLY G 173 -0.41 45.66 -31.49
CA GLY G 173 0.78 44.86 -31.25
C GLY G 173 0.76 44.15 -29.90
N VAL G 174 1.78 43.32 -29.70
CA VAL G 174 1.90 42.50 -28.50
C VAL G 174 2.64 43.31 -27.43
N ILE G 175 1.96 43.57 -26.31
CA ILE G 175 2.55 44.27 -25.17
C ILE G 175 2.27 43.43 -23.94
N THR G 176 3.32 43.09 -23.19
CA THR G 176 3.21 42.29 -21.99
C THR G 176 3.71 43.06 -20.78
N VAL G 177 3.11 42.77 -19.63
CA VAL G 177 3.42 43.42 -18.36
C VAL G 177 4.01 42.37 -17.42
N LYS G 178 5.16 42.68 -16.83
CA LYS G 178 5.81 41.76 -15.89
C LYS G 178 6.48 42.54 -14.78
N ASP G 179 7.08 41.80 -13.85
CA ASP G 179 7.81 42.41 -12.73
C ASP G 179 9.02 43.18 -13.23
N GLY G 180 9.32 44.28 -12.55
CA GLY G 180 10.56 45.01 -12.72
C GLY G 180 11.34 44.99 -11.43
N LYS G 181 12.66 44.88 -11.54
CA LYS G 181 13.54 44.81 -10.39
C LYS G 181 14.07 46.16 -9.95
N THR G 182 13.66 47.25 -10.60
CA THR G 182 14.14 48.58 -10.29
C THR G 182 13.03 49.40 -9.65
N LEU G 183 13.31 50.67 -9.39
CA LEU G 183 12.31 51.56 -8.80
C LEU G 183 11.37 52.14 -9.85
N ASN G 184 11.80 52.20 -11.10
CA ASN G 184 11.07 52.90 -12.15
C ASN G 184 10.65 51.94 -13.26
N ASP G 185 9.63 52.35 -14.00
CA ASP G 185 9.15 51.59 -15.15
C ASP G 185 10.12 51.75 -16.31
N GLU G 186 10.32 50.67 -17.05
CA GLU G 186 11.06 50.75 -18.31
C GLU G 186 10.37 49.92 -19.38
N LEU G 187 10.41 50.44 -20.60
CA LEU G 187 9.85 49.76 -21.77
C LEU G 187 10.97 49.11 -22.56
N GLU G 188 10.87 47.80 -22.77
CA GLU G 188 11.84 47.06 -23.57
C GLU G 188 11.17 46.62 -24.87
N ILE G 189 11.76 47.01 -25.99
CA ILE G 189 11.25 46.63 -27.31
C ILE G 189 12.14 45.53 -27.86
N ILE G 190 11.56 44.37 -28.12
CA ILE G 190 12.28 43.23 -28.65
C ILE G 190 11.90 43.05 -30.11
N GLU G 191 12.85 43.30 -31.00
CA GLU G 191 12.63 43.22 -32.43
C GLU G 191 13.20 41.92 -32.99
N GLY G 192 12.74 41.56 -34.19
CA GLY G 192 13.23 40.37 -34.82
C GLY G 192 12.62 39.12 -34.23
N MET G 193 13.35 38.02 -34.32
CA MET G 193 12.95 36.75 -33.72
C MET G 193 13.91 36.41 -32.59
N LYS G 194 13.49 36.70 -31.37
CA LYS G 194 14.20 36.29 -30.17
C LYS G 194 13.37 35.23 -29.47
N PHE G 195 14.00 34.12 -29.10
CA PHE G 195 13.29 33.03 -28.44
C PHE G 195 14.14 32.51 -27.28
N ASP G 196 13.46 31.94 -26.29
CA ASP G 196 14.08 31.58 -25.02
C ASP G 196 14.84 30.25 -25.11
N ARG G 197 15.85 30.23 -25.97
CA ARG G 197 16.73 29.08 -26.13
C ARG G 197 18.15 29.59 -26.32
N GLY G 198 19.05 29.18 -25.43
CA GLY G 198 20.44 29.59 -25.49
C GLY G 198 21.29 28.60 -26.28
N TYR G 199 22.61 28.77 -26.16
CA TYR G 199 23.52 27.84 -26.80
C TYR G 199 23.48 26.48 -26.11
N ILE G 200 23.67 25.42 -26.89
CA ILE G 200 23.68 24.08 -26.32
C ILE G 200 24.94 23.87 -25.49
N SER G 201 26.07 24.34 -25.97
CA SER G 201 27.31 24.27 -25.21
C SER G 201 27.94 25.65 -25.10
N PRO G 202 28.64 25.93 -24.00
CA PRO G 202 29.30 27.24 -23.86
C PRO G 202 30.61 27.38 -24.62
N TYR G 203 31.05 26.34 -25.33
CA TYR G 203 32.26 26.44 -26.14
C TYR G 203 32.07 27.27 -27.40
N PHE G 204 30.84 27.62 -27.75
CA PHE G 204 30.55 28.41 -28.94
C PHE G 204 30.72 29.91 -28.72
N ILE G 205 31.04 30.33 -27.49
CA ILE G 205 31.14 31.75 -27.17
C ILE G 205 32.41 32.32 -27.79
N ASN G 206 32.26 33.40 -28.56
CA ASN G 206 33.38 34.12 -29.14
C ASN G 206 33.45 35.59 -28.75
N THR G 207 32.45 36.11 -28.04
CA THR G 207 32.43 37.47 -27.52
C THR G 207 32.40 37.35 -26.01
N SER G 208 33.57 37.44 -25.38
CA SER G 208 33.69 37.17 -23.95
C SER G 208 33.21 38.32 -23.09
N LYS G 209 32.93 39.49 -23.67
CA LYS G 209 32.45 40.63 -22.88
C LYS G 209 31.07 40.36 -22.29
N GLY G 210 30.18 39.76 -23.06
CA GLY G 210 28.85 39.47 -22.56
C GLY G 210 28.56 38.00 -22.42
N GLN G 211 29.59 37.17 -22.62
CA GLN G 211 29.50 35.71 -22.65
C GLN G 211 28.46 35.26 -23.68
N LYS G 212 28.65 35.71 -24.91
CA LYS G 212 27.69 35.49 -25.97
C LYS G 212 28.41 35.09 -27.26
N CYS G 213 27.67 34.43 -28.14
CA CYS G 213 28.14 34.11 -29.48
C CYS G 213 27.55 35.12 -30.46
N GLU G 214 28.43 35.74 -31.26
CA GLU G 214 28.04 36.85 -32.12
C GLU G 214 28.59 36.60 -33.52
N PHE G 215 27.70 36.52 -34.51
CA PHE G 215 28.06 36.44 -35.90
C PHE G 215 27.33 37.53 -36.68
N GLN G 216 27.91 37.90 -37.81
CA GLN G 216 27.27 38.76 -38.79
C GLN G 216 27.39 38.12 -40.17
N ASP G 217 26.30 38.15 -40.94
CA ASP G 217 26.17 37.43 -42.21
C ASP G 217 26.45 35.94 -42.04
N ALA G 218 25.56 35.28 -41.30
CA ALA G 218 25.69 33.88 -40.94
C ALA G 218 24.64 33.05 -41.66
N TYR G 219 25.01 31.82 -42.02
CA TYR G 219 24.02 30.85 -42.51
C TYR G 219 23.16 30.36 -41.35
N VAL G 220 21.95 29.91 -41.69
CA VAL G 220 21.03 29.32 -40.73
C VAL G 220 20.68 27.92 -41.20
N LEU G 221 20.80 26.93 -40.31
CA LEU G 221 20.42 25.56 -40.57
C LEU G 221 19.25 25.18 -39.66
N LEU G 222 18.12 24.87 -40.26
CA LEU G 222 16.90 24.56 -39.52
C LEU G 222 16.52 23.10 -39.73
N SER G 223 16.38 22.38 -38.62
CA SER G 223 16.03 20.96 -38.64
C SER G 223 14.86 20.72 -37.71
N GLU G 224 13.84 20.02 -38.20
CA GLU G 224 12.67 19.70 -37.39
C GLU G 224 12.93 18.50 -36.48
N LYS G 225 13.98 17.73 -36.73
CA LYS G 225 14.33 16.58 -35.93
C LYS G 225 15.68 16.79 -35.26
N LYS G 226 16.05 15.85 -34.39
CA LYS G 226 17.34 15.91 -33.70
C LYS G 226 18.49 15.66 -34.68
N ILE G 227 19.65 16.22 -34.35
CA ILE G 227 20.86 16.03 -35.12
C ILE G 227 21.85 15.33 -34.20
N SER G 228 22.02 14.02 -34.38
CA SER G 228 22.89 13.24 -33.52
C SER G 228 23.97 12.47 -34.27
N SER G 229 24.03 12.57 -35.60
CA SER G 229 24.92 11.76 -36.41
C SER G 229 25.93 12.64 -37.15
N ILE G 230 27.04 12.00 -37.53
CA ILE G 230 28.09 12.67 -38.29
C ILE G 230 27.57 13.11 -39.66
N GLN G 231 26.90 12.18 -40.36
CA GLN G 231 26.52 12.40 -41.75
C GLN G 231 25.39 13.42 -41.90
N SER G 232 24.62 13.67 -40.84
CA SER G 232 23.57 14.67 -40.91
C SER G 232 24.06 16.08 -40.62
N ILE G 233 25.31 16.24 -40.21
CA ILE G 233 25.84 17.56 -39.89
C ILE G 233 27.08 17.94 -40.70
N VAL G 234 27.84 16.97 -41.25
CA VAL G 234 29.06 17.32 -42.01
C VAL G 234 28.80 18.13 -43.27
N PRO G 235 27.87 17.77 -44.18
CA PRO G 235 27.74 18.56 -45.42
C PRO G 235 27.34 20.02 -45.22
N ALA G 236 26.52 20.32 -44.20
CA ALA G 236 26.19 21.71 -43.91
C ALA G 236 27.43 22.49 -43.48
N LEU G 237 28.29 21.88 -42.67
CA LEU G 237 29.54 22.51 -42.30
C LEU G 237 30.51 22.59 -43.47
N GLU G 238 30.41 21.67 -44.44
CA GLU G 238 31.19 21.79 -45.67
C GLU G 238 30.79 23.04 -46.43
N ILE G 239 29.48 23.29 -46.56
CA ILE G 239 29.00 24.51 -47.21
C ILE G 239 29.46 25.75 -46.44
N ALA G 240 29.34 25.72 -45.12
CA ALA G 240 29.73 26.87 -44.30
C ALA G 240 31.23 27.14 -44.35
N ASN G 241 32.05 26.10 -44.43
CA ASN G 241 33.49 26.28 -44.50
C ASN G 241 33.94 26.69 -45.90
N ALA G 242 33.27 26.17 -46.94
CA ALA G 242 33.63 26.54 -48.31
C ALA G 242 33.23 27.97 -48.62
N HIS G 243 32.13 28.44 -48.06
CA HIS G 243 31.71 29.82 -48.26
C HIS G 243 32.36 30.77 -47.27
N ARG G 244 33.14 30.26 -46.31
CA ARG G 244 33.79 31.03 -45.24
C ARG G 244 32.79 31.91 -44.49
N LYS G 245 31.64 31.32 -44.19
CA LYS G 245 30.49 32.02 -43.67
C LYS G 245 29.92 31.27 -42.48
N PRO G 246 29.58 31.98 -41.40
CA PRO G 246 29.18 31.31 -40.15
C PRO G 246 27.84 30.59 -40.28
N LEU G 247 27.63 29.63 -39.39
CA LEU G 247 26.45 28.79 -39.42
C LEU G 247 25.79 28.77 -38.07
N VAL G 248 24.47 28.97 -38.05
CA VAL G 248 23.66 28.82 -36.86
C VAL G 248 22.76 27.61 -37.08
N ILE G 249 22.84 26.65 -36.18
CA ILE G 249 22.06 25.42 -36.28
C ILE G 249 20.97 25.48 -35.22
N ILE G 250 19.72 25.49 -35.66
CA ILE G 250 18.58 25.46 -34.76
C ILE G 250 17.80 24.18 -35.07
N ALA G 251 17.62 23.34 -34.05
CA ALA G 251 16.96 22.06 -34.21
C ALA G 251 16.35 21.68 -32.87
N GLU G 252 15.69 20.52 -32.84
CA GLU G 252 15.13 20.00 -31.60
C GLU G 252 16.22 19.76 -30.56
N ASP G 253 17.31 19.11 -30.98
CA ASP G 253 18.49 18.97 -30.16
C ASP G 253 19.67 18.66 -31.05
N VAL G 254 20.85 19.09 -30.61
CA VAL G 254 22.11 18.69 -31.23
C VAL G 254 22.96 18.05 -30.13
N ASP G 255 23.05 16.73 -30.15
CA ASP G 255 23.78 15.98 -29.14
C ASP G 255 24.53 14.84 -29.83
N GLY G 256 25.15 13.99 -29.03
CA GLY G 256 25.82 12.83 -29.57
C GLY G 256 27.11 13.20 -30.26
N GLU G 257 27.37 12.56 -31.41
CA GLU G 257 28.61 12.78 -32.13
C GLU G 257 28.63 14.10 -32.90
N ALA G 258 27.44 14.61 -33.28
CA ALA G 258 27.39 15.87 -34.02
C ALA G 258 27.80 17.05 -33.13
N LEU G 259 27.40 17.02 -31.86
CA LEU G 259 27.82 18.05 -30.92
C LEU G 259 29.32 18.02 -30.70
N SER G 260 29.91 16.81 -30.60
CA SER G 260 31.35 16.69 -30.46
C SER G 260 32.07 17.21 -31.70
N THR G 261 31.51 16.95 -32.89
CA THR G 261 32.08 17.48 -34.12
C THR G 261 32.04 19.00 -34.14
N LEU G 262 30.91 19.58 -33.72
CA LEU G 262 30.77 21.03 -33.68
C LEU G 262 31.76 21.66 -32.72
N VAL G 263 31.87 21.10 -31.51
CA VAL G 263 32.76 21.66 -30.51
C VAL G 263 34.22 21.48 -30.92
N LEU G 264 34.57 20.34 -31.50
CA LEU G 264 35.92 20.09 -31.96
C LEU G 264 36.32 21.04 -33.09
N ASN G 265 35.41 21.31 -34.03
CA ASN G 265 35.73 22.22 -35.11
C ASN G 265 35.76 23.67 -34.64
N ARG G 266 34.97 24.01 -33.62
CA ARG G 266 35.04 25.36 -33.07
C ARG G 266 36.34 25.59 -32.30
N LEU G 267 36.78 24.58 -31.53
CA LEU G 267 37.92 24.78 -30.65
C LEU G 267 39.25 24.66 -31.37
N LYS G 268 39.40 23.68 -32.26
CA LYS G 268 40.71 23.41 -32.86
C LYS G 268 41.01 24.37 -34.00
N VAL G 269 40.20 24.34 -35.06
CA VAL G 269 40.52 25.11 -36.26
C VAL G 269 39.88 26.49 -36.24
N GLY G 270 38.86 26.71 -35.41
CA GLY G 270 38.23 28.01 -35.34
C GLY G 270 37.02 28.18 -36.23
N LEU G 271 36.29 27.10 -36.51
CA LEU G 271 35.12 27.18 -37.37
C LEU G 271 33.99 27.92 -36.66
N GLN G 272 33.38 28.88 -37.35
CA GLN G 272 32.33 29.71 -36.77
C GLN G 272 31.00 28.97 -36.85
N VAL G 273 30.53 28.47 -35.71
CA VAL G 273 29.30 27.69 -35.67
C VAL G 273 28.71 27.79 -34.26
N VAL G 274 27.39 27.71 -34.18
CA VAL G 274 26.68 27.70 -32.90
C VAL G 274 25.42 26.86 -33.08
N ALA G 275 25.07 26.11 -32.04
CA ALA G 275 23.90 25.24 -32.05
C ALA G 275 22.94 25.67 -30.96
N VAL G 276 21.68 25.86 -31.32
CA VAL G 276 20.64 26.35 -30.43
C VAL G 276 19.45 25.41 -30.50
N LYS G 277 18.87 25.10 -29.33
CA LYS G 277 17.64 24.31 -29.29
C LYS G 277 16.49 25.07 -29.93
N ALA G 278 15.48 24.32 -30.41
CA ALA G 278 14.33 24.98 -31.00
C ALA G 278 13.30 25.36 -29.93
N PRO G 279 12.59 26.47 -30.11
CA PRO G 279 11.54 26.85 -29.15
C PRO G 279 10.19 26.23 -29.48
N GLY G 280 9.43 25.97 -28.43
CA GLY G 280 8.08 25.43 -28.57
C GLY G 280 8.01 23.97 -28.22
N PHE G 281 6.85 23.55 -27.71
CA PHE G 281 6.60 22.16 -27.32
C PHE G 281 5.33 21.68 -28.02
N GLY G 282 5.49 21.13 -29.21
CA GLY G 282 4.37 20.63 -29.97
C GLY G 282 4.35 21.09 -31.41
N ASP G 283 3.17 21.35 -31.95
CA ASP G 283 3.06 21.93 -33.30
C ASP G 283 3.52 23.38 -33.33
N ASN G 284 3.59 24.04 -32.17
CA ASN G 284 4.11 25.39 -32.10
C ASN G 284 5.59 25.43 -32.49
N ARG G 285 6.34 24.39 -32.13
CA ARG G 285 7.74 24.29 -32.50
C ARG G 285 7.90 24.23 -34.02
N LYS G 286 7.09 23.41 -34.68
CA LYS G 286 7.17 23.30 -36.13
C LYS G 286 6.71 24.57 -36.82
N ASN G 287 5.66 25.22 -36.28
CA ASN G 287 5.19 26.47 -36.86
C ASN G 287 6.23 27.58 -36.72
N GLN G 288 6.89 27.68 -35.56
CA GLN G 288 7.93 28.68 -35.38
C GLN G 288 9.16 28.38 -36.23
N LEU G 289 9.47 27.10 -36.41
CA LEU G 289 10.57 26.73 -37.31
C LEU G 289 10.27 27.12 -38.75
N LYS G 290 9.03 26.91 -39.20
CA LYS G 290 8.66 27.31 -40.55
C LYS G 290 8.66 28.84 -40.69
N ASP G 291 8.25 29.55 -39.63
CA ASP G 291 8.33 31.01 -39.64
C ASP G 291 9.77 31.48 -39.77
N MET G 292 10.68 30.83 -39.03
CA MET G 292 12.10 31.16 -39.12
C MET G 292 12.66 30.86 -40.50
N ALA G 293 12.22 29.75 -41.11
CA ALA G 293 12.67 29.40 -42.45
C ALA G 293 12.20 30.41 -43.48
N ILE G 294 10.96 30.87 -43.36
CA ILE G 294 10.44 31.84 -44.31
C ILE G 294 11.13 33.19 -44.14
N ALA G 295 11.36 33.61 -42.88
CA ALA G 295 11.98 34.91 -42.64
C ALA G 295 13.46 34.92 -43.01
N THR G 296 14.16 33.80 -42.85
CA THR G 296 15.57 33.75 -43.20
C THR G 296 15.82 33.25 -44.62
N GLY G 297 14.80 32.73 -45.29
CA GLY G 297 14.99 32.19 -46.63
C GLY G 297 15.52 30.78 -46.67
N GLY G 298 15.48 30.06 -45.55
CA GLY G 298 15.95 28.69 -45.49
C GLY G 298 14.81 27.69 -45.61
N ALA G 299 15.16 26.42 -45.43
CA ALA G 299 14.22 25.32 -45.54
C ALA G 299 14.31 24.45 -44.29
N VAL G 300 13.15 24.02 -43.79
CA VAL G 300 13.10 23.14 -42.63
C VAL G 300 13.48 21.73 -43.07
N PHE G 301 14.38 21.10 -42.32
CA PHE G 301 14.82 19.75 -42.61
C PHE G 301 14.22 18.75 -41.63
N GLY G 302 14.12 17.51 -42.09
CA GLY G 302 13.60 16.42 -41.26
C GLY G 302 12.14 16.56 -40.91
N GLU G 303 11.32 16.98 -41.87
CA GLU G 303 9.91 17.25 -41.65
C GLU G 303 9.06 16.03 -42.03
N GLU G 304 7.85 15.99 -41.48
CA GLU G 304 6.98 14.85 -41.72
C GLU G 304 6.41 14.85 -43.13
N GLY G 305 6.14 16.03 -43.69
CA GLY G 305 5.46 16.09 -44.98
C GLY G 305 6.34 16.04 -46.21
N LEU G 306 7.26 16.99 -46.34
CA LEU G 306 8.10 17.05 -47.54
C LEU G 306 9.30 16.11 -47.44
N THR G 307 9.75 15.82 -46.21
CA THR G 307 10.82 14.86 -45.91
C THR G 307 12.12 15.23 -46.62
N LEU G 308 12.67 16.38 -46.24
CA LEU G 308 13.97 16.82 -46.73
C LEU G 308 15.05 16.32 -45.79
N ASN G 309 16.08 15.67 -46.35
CA ASN G 309 17.11 15.02 -45.56
C ASN G 309 18.33 15.93 -45.42
N LEU G 310 19.00 15.81 -44.27
CA LEU G 310 20.16 16.64 -43.95
C LEU G 310 21.43 16.14 -44.60
N GLU G 311 21.44 14.94 -45.17
CA GLU G 311 22.64 14.42 -45.82
C GLU G 311 22.88 15.03 -47.19
N ASP G 312 21.86 15.64 -47.79
CA ASP G 312 21.98 16.29 -49.09
C ASP G 312 21.39 17.69 -48.95
N VAL G 313 22.28 18.65 -48.66
CA VAL G 313 21.90 20.03 -48.40
C VAL G 313 22.60 20.90 -49.44
N GLN G 314 21.85 21.77 -50.08
CA GLN G 314 22.41 22.73 -51.01
C GLN G 314 22.57 24.09 -50.32
N PRO G 315 23.44 24.96 -50.83
CA PRO G 315 23.59 26.29 -50.22
C PRO G 315 22.34 27.16 -50.27
N HIS G 316 21.37 26.87 -51.13
CA HIS G 316 20.14 27.64 -51.16
C HIS G 316 19.10 27.13 -50.18
N ASP G 317 19.35 26.02 -49.49
CA ASP G 317 18.45 25.53 -48.45
C ASP G 317 18.73 26.11 -47.09
N LEU G 318 19.68 27.04 -46.98
CA LEU G 318 20.10 27.62 -45.71
C LEU G 318 19.63 29.05 -45.63
N GLY G 319 19.15 29.44 -44.45
CA GLY G 319 18.77 30.82 -44.23
C GLY G 319 19.97 31.74 -44.17
N LYS G 320 19.70 33.03 -44.31
CA LYS G 320 20.72 34.06 -44.30
C LYS G 320 20.26 35.20 -43.40
N VAL G 321 20.86 35.31 -42.23
CA VAL G 321 20.64 36.45 -41.34
C VAL G 321 21.84 37.38 -41.45
N GLY G 322 21.61 38.66 -41.17
CA GLY G 322 22.70 39.60 -41.13
C GLY G 322 23.38 39.71 -39.80
N GLU G 323 22.80 39.12 -38.76
CA GLU G 323 23.29 39.25 -37.39
C GLU G 323 22.61 38.21 -36.54
N VAL G 324 23.35 37.63 -35.59
CA VAL G 324 22.79 36.67 -34.64
C VAL G 324 23.51 36.83 -33.30
N ILE G 325 22.73 36.89 -32.23
CA ILE G 325 23.23 36.89 -30.86
C ILE G 325 22.70 35.65 -30.16
N VAL G 326 23.60 34.84 -29.63
CA VAL G 326 23.24 33.66 -28.85
C VAL G 326 23.86 33.83 -27.47
N THR G 327 23.02 34.01 -26.46
CA THR G 327 23.44 34.09 -25.08
C THR G 327 23.13 32.76 -24.38
N LYS G 328 23.28 32.75 -23.06
CA LYS G 328 23.07 31.52 -22.28
C LYS G 328 21.60 31.09 -22.30
N ASP G 329 20.67 32.05 -22.30
CA ASP G 329 19.25 31.72 -22.21
C ASP G 329 18.46 32.00 -23.47
N ASP G 330 18.90 32.91 -24.33
CA ASP G 330 18.12 33.27 -25.51
C ASP G 330 19.01 33.35 -26.74
N ALA G 331 18.35 33.41 -27.90
CA ALA G 331 19.00 33.56 -29.19
C ALA G 331 18.11 34.41 -30.07
N MET G 332 18.72 35.32 -30.83
CA MET G 332 17.94 36.27 -31.61
C MET G 332 18.55 36.45 -33.00
N LEU G 333 17.69 36.48 -34.01
CA LEU G 333 18.07 36.57 -35.41
C LEU G 333 17.70 37.93 -35.96
N LEU G 334 18.64 38.57 -36.65
CA LEU G 334 18.43 39.90 -37.21
C LEU G 334 18.66 39.88 -38.71
N LYS G 335 17.80 40.61 -39.43
CA LYS G 335 17.94 40.88 -40.87
C LYS G 335 17.95 39.58 -41.69
N GLY G 336 16.93 38.75 -41.46
CA GLY G 336 16.79 37.53 -42.24
C GLY G 336 16.50 37.85 -43.70
N LYS G 337 17.29 37.24 -44.59
CA LYS G 337 17.19 37.54 -46.01
C LYS G 337 16.15 36.66 -46.71
N GLY G 338 14.94 36.62 -46.15
CA GLY G 338 13.86 35.91 -46.78
C GLY G 338 13.14 36.75 -47.81
N ASP G 339 12.36 36.07 -48.65
CA ASP G 339 11.55 36.77 -49.65
C ASP G 339 10.43 37.54 -48.95
N LYS G 340 10.26 38.80 -49.35
CA LYS G 340 9.25 39.65 -48.73
C LYS G 340 7.84 39.11 -48.96
N ALA G 341 7.57 38.64 -50.17
CA ALA G 341 6.25 38.13 -50.51
C ALA G 341 5.89 36.89 -49.71
N GLN G 342 6.86 36.00 -49.47
CA GLN G 342 6.57 34.78 -48.71
C GLN G 342 6.32 35.09 -47.24
N ILE G 343 7.05 36.06 -46.67
CA ILE G 343 6.77 36.51 -45.31
C ILE G 343 5.39 37.14 -45.24
N GLU G 344 5.01 37.92 -46.26
CA GLU G 344 3.66 38.49 -46.29
C GLU G 344 2.59 37.41 -46.37
N LYS G 345 2.80 36.38 -47.19
CA LYS G 345 1.84 35.29 -47.30
C LYS G 345 1.73 34.51 -45.99
N ARG G 346 2.85 34.31 -45.29
CA ARG G 346 2.81 33.67 -43.99
C ARG G 346 2.08 34.53 -42.98
N ILE G 347 2.22 35.86 -43.08
CA ILE G 347 1.53 36.78 -42.19
C ILE G 347 0.02 36.68 -42.39
N GLN G 348 -0.44 36.69 -43.66
CA GLN G 348 -1.87 36.52 -43.90
C GLN G 348 -2.37 35.13 -43.51
N GLU G 349 -1.53 34.11 -43.62
CA GLU G 349 -1.92 32.78 -43.16
C GLU G 349 -2.13 32.76 -41.65
N ILE G 350 -1.23 33.40 -40.90
CA ILE G 350 -1.39 33.51 -39.45
C ILE G 350 -2.63 34.34 -39.10
N ILE G 351 -2.91 35.37 -39.91
CA ILE G 351 -4.09 36.21 -39.68
C ILE G 351 -5.37 35.41 -39.86
N GLU G 352 -5.45 34.62 -40.96
CA GLU G 352 -6.64 33.81 -41.19
C GLU G 352 -6.75 32.67 -40.19
N GLN G 353 -5.61 32.18 -39.66
CA GLN G 353 -5.66 31.24 -38.55
C GLN G 353 -6.22 31.90 -37.30
N LEU G 354 -5.87 33.17 -37.07
CA LEU G 354 -6.40 33.92 -35.94
C LEU G 354 -7.90 34.12 -36.07
N ASP G 355 -8.41 34.29 -37.30
CA ASP G 355 -9.84 34.48 -37.50
C ASP G 355 -10.66 33.24 -37.13
N VAL G 356 -10.05 32.05 -37.11
CA VAL G 356 -10.77 30.80 -36.86
C VAL G 356 -10.63 30.34 -35.42
N THR G 357 -9.53 30.69 -34.75
CA THR G 357 -9.23 30.18 -33.42
C THR G 357 -10.06 30.91 -32.37
N THR G 358 -10.57 30.14 -31.40
CA THR G 358 -11.32 30.71 -30.28
C THR G 358 -10.91 30.08 -28.95
N SER G 359 -9.72 29.49 -28.86
CA SER G 359 -9.28 28.79 -27.67
C SER G 359 -8.72 29.73 -26.60
N GLU G 360 -8.46 30.99 -26.94
CA GLU G 360 -7.90 32.03 -26.07
C GLU G 360 -6.49 31.72 -25.56
N TYR G 361 -5.85 30.69 -26.08
CA TYR G 361 -4.46 30.38 -25.76
C TYR G 361 -3.61 30.20 -27.00
N GLU G 362 -4.16 29.60 -28.06
CA GLU G 362 -3.48 29.55 -29.35
C GLU G 362 -3.52 30.90 -30.05
N LYS G 363 -4.51 31.75 -29.72
CA LYS G 363 -4.54 33.09 -30.26
C LYS G 363 -3.35 33.91 -29.80
N GLU G 364 -2.94 33.73 -28.53
CA GLU G 364 -1.74 34.40 -28.03
C GLU G 364 -0.50 33.93 -28.78
N LYS G 365 -0.40 32.63 -29.05
CA LYS G 365 0.74 32.10 -29.78
C LYS G 365 0.77 32.62 -31.22
N LEU G 366 -0.40 32.70 -31.87
CA LEU G 366 -0.47 33.24 -33.22
C LEU G 366 -0.12 34.72 -33.24
N ASN G 367 -0.56 35.48 -32.23
CA ASN G 367 -0.21 36.89 -32.14
C ASN G 367 1.28 37.07 -31.91
N GLU G 368 1.89 36.21 -31.10
CA GLU G 368 3.33 36.27 -30.88
C GLU G 368 4.11 35.94 -32.15
N ARG G 369 3.66 34.94 -32.91
CA ARG G 369 4.30 34.60 -34.17
C ARG G 369 4.17 35.75 -35.18
N LEU G 370 2.99 36.37 -35.24
CA LEU G 370 2.78 37.52 -36.12
C LEU G 370 3.67 38.70 -35.71
N ALA G 371 3.83 38.91 -34.40
CA ALA G 371 4.68 39.99 -33.91
C ALA G 371 6.15 39.74 -34.26
N LYS G 372 6.61 38.50 -34.09
CA LYS G 372 7.99 38.16 -34.43
C LYS G 372 8.24 38.28 -35.94
N LEU G 373 7.23 37.98 -36.75
CA LEU G 373 7.38 38.15 -38.19
C LEU G 373 7.26 39.60 -38.65
N SER G 374 6.51 40.45 -37.94
CA SER G 374 6.13 41.75 -38.48
C SER G 374 6.73 42.92 -37.72
N ASP G 375 6.46 43.06 -36.42
CA ASP G 375 6.74 44.30 -35.72
C ASP G 375 7.46 44.16 -34.39
N GLY G 376 7.62 42.94 -33.86
CA GLY G 376 8.25 42.78 -32.57
C GLY G 376 7.26 42.87 -31.42
N VAL G 377 7.80 42.74 -30.21
CA VAL G 377 7.01 42.69 -28.99
C VAL G 377 7.51 43.75 -28.02
N ALA G 378 6.61 44.24 -27.19
CA ALA G 378 6.92 45.24 -26.17
C ALA G 378 6.73 44.62 -24.78
N VAL G 379 7.68 44.89 -23.89
CA VAL G 379 7.64 44.39 -22.53
C VAL G 379 7.66 45.59 -21.60
N LEU G 380 6.60 45.74 -20.79
CA LEU G 380 6.54 46.74 -19.74
C LEU G 380 6.93 46.08 -18.43
N LYS G 381 8.07 46.47 -17.88
CA LYS G 381 8.49 46.00 -16.56
C LYS G 381 8.15 47.07 -15.54
N VAL G 382 7.39 46.69 -14.51
CA VAL G 382 6.81 47.63 -13.56
C VAL G 382 7.76 47.77 -12.39
N GLY G 383 8.28 48.98 -12.20
CA GLY G 383 9.16 49.24 -11.09
C GLY G 383 8.43 49.39 -9.78
N GLY G 384 9.16 49.22 -8.69
CA GLY G 384 8.60 49.40 -7.38
C GLY G 384 9.56 49.03 -6.27
N THR G 385 9.28 49.54 -5.06
CA THR G 385 10.14 49.29 -3.93
C THR G 385 9.93 47.89 -3.35
N SER G 386 8.71 47.38 -3.40
CA SER G 386 8.35 46.11 -2.80
C SER G 386 7.33 45.40 -3.68
N ASP G 387 7.09 44.13 -3.38
CA ASP G 387 6.17 43.32 -4.19
C ASP G 387 4.73 43.79 -4.08
N VAL G 388 4.32 44.29 -2.91
CA VAL G 388 2.96 44.78 -2.75
C VAL G 388 2.72 46.03 -3.61
N GLU G 389 3.70 46.94 -3.65
CA GLU G 389 3.61 48.12 -4.52
C GLU G 389 3.65 47.72 -5.99
N VAL G 390 4.51 46.75 -6.34
CA VAL G 390 4.64 46.29 -7.71
C VAL G 390 3.31 45.70 -8.20
N ASN G 391 2.67 44.88 -7.37
CA ASN G 391 1.40 44.28 -7.75
C ASN G 391 0.30 45.33 -7.85
N GLU G 392 0.29 46.30 -6.92
CA GLU G 392 -0.70 47.37 -6.97
C GLU G 392 -0.57 48.20 -8.24
N LYS G 393 0.66 48.55 -8.61
CA LYS G 393 0.87 49.33 -9.83
C LYS G 393 0.62 48.48 -11.08
N LYS G 394 0.93 47.19 -11.02
CA LYS G 394 0.73 46.28 -12.15
C LYS G 394 -0.75 46.12 -12.48
N ASP G 395 -1.60 46.13 -11.45
CA ASP G 395 -3.04 46.09 -11.68
C ASP G 395 -3.50 47.27 -12.51
N ARG G 396 -3.00 48.47 -12.20
CA ARG G 396 -3.39 49.67 -12.94
C ARG G 396 -2.76 49.69 -14.33
N VAL G 397 -1.56 49.15 -14.49
CA VAL G 397 -0.93 49.07 -15.80
C VAL G 397 -1.72 48.11 -16.72
N THR G 398 -2.15 46.96 -16.17
CA THR G 398 -2.97 46.03 -16.93
C THR G 398 -4.33 46.65 -17.29
N ASP G 399 -4.92 47.40 -16.34
CA ASP G 399 -6.17 48.10 -16.59
C ASP G 399 -6.01 49.12 -17.73
N ALA G 400 -4.90 49.86 -17.72
CA ALA G 400 -4.68 50.87 -18.75
C ALA G 400 -4.40 50.24 -20.11
N LEU G 401 -3.69 49.10 -20.13
CA LEU G 401 -3.47 48.38 -21.37
C LEU G 401 -4.78 47.87 -21.97
N ASN G 402 -5.64 47.28 -21.14
CA ASN G 402 -6.93 46.79 -21.61
C ASN G 402 -7.82 47.93 -22.08
N ALA G 403 -7.82 49.05 -21.35
CA ALA G 403 -8.65 50.19 -21.74
C ALA G 403 -8.16 50.82 -23.03
N THR G 404 -6.85 50.89 -23.23
CA THR G 404 -6.32 51.43 -24.48
C THR G 404 -6.65 50.52 -25.66
N ARG G 405 -6.56 49.20 -25.45
CA ARG G 405 -6.95 48.27 -26.52
C ARG G 405 -8.43 48.39 -26.86
N ALA G 406 -9.28 48.54 -25.83
CA ALA G 406 -10.70 48.72 -26.05
C ALA G 406 -10.99 50.04 -26.76
N ALA G 407 -10.21 51.09 -26.46
CA ALA G 407 -10.42 52.38 -27.12
C ALA G 407 -9.97 52.34 -28.58
N VAL G 408 -8.92 51.57 -28.89
CA VAL G 408 -8.56 51.35 -30.29
C VAL G 408 -9.68 50.58 -31.01
N GLU G 409 -10.27 49.59 -30.33
CA GLU G 409 -11.30 48.78 -30.97
C GLU G 409 -12.58 49.59 -31.24
N GLU G 410 -13.09 50.30 -30.23
CA GLU G 410 -14.45 50.84 -30.33
C GLU G 410 -14.57 52.33 -30.05
N GLY G 411 -13.47 53.05 -29.93
CA GLY G 411 -13.54 54.49 -29.75
C GLY G 411 -13.67 54.91 -28.30
N ILE G 412 -13.91 56.22 -28.13
CA ILE G 412 -13.94 56.85 -26.82
C ILE G 412 -15.20 57.66 -26.64
N VAL G 413 -15.59 57.82 -25.37
CA VAL G 413 -16.67 58.70 -24.95
C VAL G 413 -16.16 59.57 -23.81
N LEU G 414 -17.01 60.48 -23.33
CA LEU G 414 -16.65 61.34 -22.21
C LEU G 414 -16.51 60.51 -20.93
N GLY G 415 -15.47 60.81 -20.16
CA GLY G 415 -15.21 60.13 -18.92
C GLY G 415 -16.00 60.71 -17.76
N GLY G 416 -15.64 60.27 -16.57
CA GLY G 416 -16.25 60.74 -15.33
C GLY G 416 -17.72 60.43 -15.17
N GLY G 417 -18.21 59.35 -15.76
CA GLY G 417 -19.62 59.04 -15.71
C GLY G 417 -20.51 59.93 -16.54
N CYS G 418 -19.94 60.83 -17.34
CA CYS G 418 -20.73 61.78 -18.10
C CYS G 418 -21.34 61.16 -19.35
N ALA G 419 -20.72 60.11 -19.89
CA ALA G 419 -21.26 59.43 -21.06
C ALA G 419 -22.62 58.80 -20.76
N LEU G 420 -22.75 58.15 -19.59
CA LEU G 420 -24.05 57.63 -19.18
C LEU G 420 -25.01 58.76 -18.81
N LEU G 421 -24.48 59.88 -18.30
CA LEU G 421 -25.33 61.00 -17.94
C LEU G 421 -25.97 61.65 -19.16
N ARG G 422 -25.26 61.68 -20.30
CA ARG G 422 -25.82 62.28 -21.50
C ARG G 422 -26.73 61.32 -22.27
N CYS G 423 -26.91 60.10 -21.80
CA CYS G 423 -27.83 59.14 -22.40
C CYS G 423 -29.23 59.18 -21.79
N ILE G 424 -29.42 60.01 -20.75
CA ILE G 424 -30.76 60.12 -20.13
C ILE G 424 -31.83 60.64 -21.08
N PRO G 425 -31.60 61.69 -21.91
CA PRO G 425 -32.67 62.08 -22.86
C PRO G 425 -33.03 61.02 -23.89
N ALA G 426 -32.17 60.04 -24.15
CA ALA G 426 -32.56 58.92 -24.99
C ALA G 426 -33.63 58.06 -24.30
N LEU G 427 -33.56 57.94 -22.98
CA LEU G 427 -34.61 57.27 -22.24
C LEU G 427 -35.84 58.13 -22.08
N ASP G 428 -35.68 59.45 -22.08
CA ASP G 428 -36.83 60.35 -21.98
C ASP G 428 -37.72 60.28 -23.20
N SER G 429 -37.22 59.79 -24.33
CA SER G 429 -37.99 59.71 -25.57
C SER G 429 -38.59 58.33 -25.80
N LEU G 430 -38.42 57.39 -24.88
CA LEU G 430 -38.96 56.05 -25.04
C LEU G 430 -40.45 56.02 -24.70
N THR G 431 -41.15 55.06 -25.27
CA THR G 431 -42.57 54.82 -24.97
C THR G 431 -42.75 53.42 -24.43
N PRO G 432 -42.95 53.24 -23.13
CA PRO G 432 -43.11 51.90 -22.58
C PRO G 432 -44.43 51.26 -22.99
N ALA G 433 -44.43 49.92 -23.05
CA ALA G 433 -45.62 49.18 -23.44
C ALA G 433 -46.65 49.13 -22.32
N ASN G 434 -46.20 49.12 -21.07
CA ASN G 434 -47.11 49.10 -19.92
C ASN G 434 -46.36 49.69 -18.72
N GLU G 435 -46.94 49.51 -17.53
CA GLU G 435 -46.42 50.18 -16.33
C GLU G 435 -45.14 49.52 -15.83
N ASP G 436 -45.01 48.20 -15.95
CA ASP G 436 -43.82 47.51 -15.46
C ASP G 436 -42.58 47.88 -16.26
N GLN G 437 -42.72 47.97 -17.59
CA GLN G 437 -41.61 48.43 -18.42
C GLN G 437 -41.28 49.89 -18.16
N LYS G 438 -42.28 50.71 -17.84
CA LYS G 438 -42.03 52.09 -17.42
C LYS G 438 -41.22 52.12 -16.13
N ILE G 439 -41.53 51.22 -15.19
CA ILE G 439 -40.77 51.10 -13.96
C ILE G 439 -39.32 50.72 -14.24
N GLY G 440 -39.11 49.77 -15.16
CA GLY G 440 -37.75 49.36 -15.50
C GLY G 440 -36.95 50.47 -16.18
N ILE G 441 -37.61 51.21 -17.08
CA ILE G 441 -36.96 52.36 -17.74
C ILE G 441 -36.58 53.41 -16.71
N GLU G 442 -37.47 53.70 -15.75
CA GLU G 442 -37.15 54.64 -14.69
C GLU G 442 -36.02 54.15 -13.80
N ILE G 443 -35.93 52.83 -13.56
CA ILE G 443 -34.82 52.26 -12.79
C ILE G 443 -33.50 52.54 -13.49
N ILE G 444 -33.46 52.30 -14.80
CA ILE G 444 -32.23 52.56 -15.56
C ILE G 444 -31.91 54.06 -15.61
N LYS G 445 -32.96 54.88 -15.72
CA LYS G 445 -32.78 56.33 -15.77
C LYS G 445 -32.18 56.87 -14.47
N ARG G 446 -32.63 56.34 -13.34
CA ARG G 446 -32.03 56.71 -12.06
C ARG G 446 -30.63 56.14 -11.91
N THR G 447 -30.40 54.95 -12.47
CA THR G 447 -29.10 54.28 -12.34
C THR G 447 -28.01 54.99 -13.15
N LEU G 448 -28.38 55.67 -14.23
CA LEU G 448 -27.39 56.32 -15.08
C LEU G 448 -26.62 57.45 -14.39
N LYS G 449 -27.12 57.99 -13.29
CA LYS G 449 -26.40 59.00 -12.53
C LYS G 449 -25.42 58.43 -11.52
N ILE G 450 -25.46 57.12 -11.28
CA ILE G 450 -24.70 56.53 -10.17
C ILE G 450 -23.19 56.64 -10.32
N PRO G 451 -22.57 56.35 -11.50
CA PRO G 451 -21.10 56.51 -11.57
C PRO G 451 -20.58 57.91 -11.31
N ALA G 452 -21.25 58.93 -11.83
CA ALA G 452 -20.80 60.30 -11.58
C ALA G 452 -21.00 60.70 -10.12
N MET G 453 -22.09 60.26 -9.49
CA MET G 453 -22.29 60.51 -8.07
C MET G 453 -21.25 59.80 -7.21
N THR G 454 -20.88 58.58 -7.58
CA THR G 454 -19.86 57.85 -6.82
C THR G 454 -18.50 58.51 -6.96
N ILE G 455 -18.16 58.97 -8.18
CA ILE G 455 -16.89 59.66 -8.40
C ILE G 455 -16.84 60.97 -7.61
N ALA G 456 -17.95 61.71 -7.60
CA ALA G 456 -18.00 62.95 -6.84
C ALA G 456 -17.99 62.70 -5.33
N LYS G 457 -18.63 61.62 -4.89
CA LYS G 457 -18.66 61.30 -3.46
C LYS G 457 -17.29 60.89 -2.95
N ASN G 458 -16.53 60.14 -3.75
CA ASN G 458 -15.18 59.76 -3.35
C ASN G 458 -14.24 60.97 -3.32
N ALA G 459 -14.58 62.05 -4.01
CA ALA G 459 -13.79 63.28 -3.98
C ALA G 459 -14.21 64.23 -2.87
N GLY G 460 -15.16 63.83 -2.02
CA GLY G 460 -15.54 64.63 -0.88
C GLY G 460 -16.50 65.77 -1.15
N VAL G 461 -17.27 65.70 -2.23
CA VAL G 461 -18.28 66.71 -2.51
C VAL G 461 -19.63 66.01 -2.64
N GLU G 462 -20.70 66.81 -2.59
CA GLU G 462 -22.05 66.28 -2.73
C GLU G 462 -22.29 65.87 -4.18
N GLY G 463 -22.55 64.58 -4.40
CA GLY G 463 -22.63 64.07 -5.76
C GLY G 463 -23.88 64.51 -6.50
N SER G 464 -24.98 64.71 -5.79
CA SER G 464 -26.23 65.08 -6.45
C SER G 464 -26.16 66.47 -7.05
N LEU G 465 -25.57 67.43 -6.33
CA LEU G 465 -25.41 68.78 -6.85
C LEU G 465 -24.48 68.80 -8.06
N ILE G 466 -23.39 68.01 -8.01
CA ILE G 466 -22.46 67.91 -9.12
C ILE G 466 -23.15 67.35 -10.36
N VAL G 467 -23.93 66.28 -10.18
CA VAL G 467 -24.63 65.67 -11.31
C VAL G 467 -25.70 66.59 -11.87
N GLU G 468 -26.40 67.35 -11.01
CA GLU G 468 -27.37 68.30 -11.52
C GLU G 468 -26.71 69.43 -12.31
N LYS G 469 -25.55 69.91 -11.84
CA LYS G 469 -24.87 70.96 -12.61
C LYS G 469 -24.28 70.41 -13.91
N ILE G 470 -23.87 69.14 -13.94
CA ILE G 470 -23.47 68.52 -15.20
C ILE G 470 -24.64 68.44 -16.16
N MET G 471 -25.81 68.02 -15.68
CA MET G 471 -26.97 67.87 -16.55
C MET G 471 -27.51 69.22 -17.03
N GLN G 472 -27.31 70.28 -16.25
CA GLN G 472 -27.73 71.60 -16.72
C GLN G 472 -26.70 72.29 -17.60
N SER G 473 -25.50 71.75 -17.73
CA SER G 473 -24.49 72.36 -18.58
C SER G 473 -24.55 71.79 -19.99
N SER G 474 -23.74 72.36 -20.88
CA SER G 474 -23.66 71.89 -22.24
C SER G 474 -22.99 70.51 -22.30
N SER G 475 -23.20 69.81 -23.42
CA SER G 475 -22.93 68.38 -23.50
C SER G 475 -21.45 68.03 -23.40
N GLU G 476 -20.55 68.98 -23.65
CA GLU G 476 -19.12 68.71 -23.58
C GLU G 476 -18.53 68.98 -22.21
N VAL G 477 -19.32 69.47 -21.26
CA VAL G 477 -18.82 69.90 -19.96
C VAL G 477 -19.14 68.83 -18.93
N GLY G 478 -18.11 68.39 -18.20
CA GLY G 478 -18.29 67.47 -17.10
C GLY G 478 -17.52 67.91 -15.88
N TYR G 479 -17.49 67.07 -14.84
CA TYR G 479 -16.81 67.40 -13.60
C TYR G 479 -15.43 66.76 -13.56
N ASP G 480 -14.40 67.58 -13.42
CA ASP G 480 -13.06 67.08 -13.11
C ASP G 480 -12.99 66.84 -11.60
N ALA G 481 -13.03 65.58 -11.19
CA ALA G 481 -13.01 65.27 -9.77
C ALA G 481 -11.63 65.47 -9.17
N MET G 482 -10.57 65.28 -9.96
CA MET G 482 -9.21 65.49 -9.47
C MET G 482 -8.95 66.96 -9.17
N ALA G 483 -9.48 67.87 -9.99
CA ALA G 483 -9.25 69.29 -9.82
C ALA G 483 -10.41 70.01 -9.14
N GLY G 484 -11.55 69.35 -8.98
CA GLY G 484 -12.71 70.00 -8.41
C GLY G 484 -13.30 71.10 -9.27
N ASP G 485 -13.29 70.93 -10.59
CA ASP G 485 -13.74 71.96 -11.51
C ASP G 485 -14.64 71.35 -12.57
N PHE G 486 -15.42 72.22 -13.21
CA PHE G 486 -16.26 71.84 -14.35
C PHE G 486 -15.55 72.27 -15.63
N VAL G 487 -15.16 71.29 -16.44
CA VAL G 487 -14.22 71.50 -17.54
C VAL G 487 -14.77 70.85 -18.81
N ASN G 488 -14.13 71.21 -19.93
CA ASN G 488 -14.28 70.47 -21.17
C ASN G 488 -13.52 69.15 -21.04
N MET G 489 -14.23 68.03 -21.03
CA MET G 489 -13.62 66.76 -20.67
C MET G 489 -12.74 66.20 -21.77
N VAL G 490 -13.09 66.44 -23.04
CA VAL G 490 -12.24 66.00 -24.15
C VAL G 490 -10.96 66.81 -24.19
N GLU G 491 -11.05 68.12 -23.92
CA GLU G 491 -9.86 68.96 -23.88
C GLU G 491 -8.93 68.58 -22.74
N LYS G 492 -9.49 68.26 -21.56
CA LYS G 492 -8.68 67.89 -20.40
C LYS G 492 -8.24 66.44 -20.43
N GLY G 493 -8.69 65.66 -21.39
CA GLY G 493 -8.28 64.27 -21.50
C GLY G 493 -9.03 63.29 -20.63
N ILE G 494 -10.12 63.73 -19.98
CA ILE G 494 -10.92 62.83 -19.16
C ILE G 494 -11.89 62.08 -20.06
N ILE G 495 -11.45 60.96 -20.62
CA ILE G 495 -12.21 60.22 -21.62
C ILE G 495 -12.22 58.75 -21.23
N ASP G 496 -13.27 58.05 -21.65
CA ASP G 496 -13.45 56.64 -21.37
C ASP G 496 -13.64 55.89 -22.68
N PRO G 497 -13.17 54.66 -22.77
CA PRO G 497 -13.50 53.84 -23.94
C PRO G 497 -14.95 53.40 -23.90
N THR G 498 -15.60 53.45 -25.08
CA THR G 498 -17.02 53.16 -25.20
C THR G 498 -17.33 51.72 -24.86
N LYS G 499 -16.43 50.81 -25.24
CA LYS G 499 -16.61 49.38 -24.96
C LYS G 499 -16.71 49.11 -23.47
N VAL G 500 -15.87 49.76 -22.67
CA VAL G 500 -15.88 49.56 -21.22
C VAL G 500 -17.20 50.03 -20.61
N VAL G 501 -17.68 51.20 -21.03
CA VAL G 501 -18.92 51.75 -20.49
C VAL G 501 -20.11 50.86 -20.83
N ARG G 502 -20.24 50.46 -22.11
CA ARG G 502 -21.38 49.64 -22.48
C ARG G 502 -21.29 48.24 -21.90
N THR G 503 -20.08 47.69 -21.77
CA THR G 503 -19.89 46.38 -21.16
C THR G 503 -20.29 46.40 -19.69
N ALA G 504 -19.88 47.44 -18.96
CA ALA G 504 -20.22 47.56 -17.55
C ALA G 504 -21.74 47.68 -17.37
N LEU G 505 -22.38 48.50 -18.20
CA LEU G 505 -23.83 48.67 -18.09
C LEU G 505 -24.58 47.38 -18.40
N LEU G 506 -24.23 46.71 -19.51
CA LEU G 506 -24.93 45.49 -19.89
C LEU G 506 -24.73 44.38 -18.86
N ASP G 507 -23.48 44.20 -18.39
CA ASP G 507 -23.17 43.16 -17.42
C ASP G 507 -23.87 43.40 -16.09
N ALA G 508 -23.95 44.67 -15.66
CA ALA G 508 -24.67 44.98 -14.43
C ALA G 508 -26.16 44.74 -14.60
N ALA G 509 -26.74 45.24 -15.71
CA ALA G 509 -28.18 45.26 -15.87
C ALA G 509 -28.75 43.86 -16.00
N GLY G 510 -28.08 42.97 -16.75
CA GLY G 510 -28.61 41.64 -16.92
C GLY G 510 -28.74 40.86 -15.63
N VAL G 511 -27.67 40.80 -14.85
CA VAL G 511 -27.68 40.05 -13.61
C VAL G 511 -28.58 40.71 -12.57
N ALA G 512 -28.52 42.04 -12.44
CA ALA G 512 -29.29 42.70 -11.39
C ALA G 512 -30.80 42.67 -11.69
N SER G 513 -31.18 42.83 -12.96
CA SER G 513 -32.59 42.71 -13.30
C SER G 513 -33.08 41.27 -13.25
N LEU G 514 -32.21 40.28 -13.43
CA LEU G 514 -32.62 38.92 -13.12
C LEU G 514 -32.81 38.73 -11.62
N LEU G 515 -31.93 39.32 -10.81
CA LEU G 515 -32.01 39.19 -9.36
C LEU G 515 -33.30 39.80 -8.81
N THR G 516 -33.73 40.91 -9.38
CA THR G 516 -34.95 41.57 -8.89
C THR G 516 -36.24 40.85 -9.31
N THR G 517 -36.17 39.71 -9.99
CA THR G 517 -37.36 38.92 -10.26
C THR G 517 -37.63 37.87 -9.19
N ALA G 518 -36.77 37.76 -8.18
CA ALA G 518 -36.85 36.67 -7.22
C ALA G 518 -37.95 36.89 -6.19
N GLU G 519 -38.64 35.81 -5.84
CA GLU G 519 -39.63 35.79 -4.78
C GLU G 519 -39.28 34.82 -3.66
N VAL G 520 -38.55 33.75 -3.96
CA VAL G 520 -38.19 32.71 -3.01
C VAL G 520 -36.69 32.47 -3.12
N VAL G 521 -36.03 32.30 -1.98
CA VAL G 521 -34.61 31.97 -1.96
C VAL G 521 -34.44 30.67 -1.18
N VAL G 522 -33.70 29.72 -1.76
CA VAL G 522 -33.43 28.42 -1.16
C VAL G 522 -31.95 28.32 -0.87
N THR G 523 -31.59 28.17 0.41
CA THR G 523 -30.21 28.02 0.84
C THR G 523 -30.09 26.77 1.71
N GLU G 524 -28.88 26.25 1.78
CA GLU G 524 -28.60 25.12 2.66
C GLU G 524 -28.51 25.56 4.11
N ILE G 525 -28.92 24.68 5.00
CA ILE G 525 -28.74 24.91 6.44
C ILE G 525 -27.25 24.86 6.76
N PRO G 526 -26.70 25.87 7.44
CA PRO G 526 -25.25 25.85 7.75
C PRO G 526 -24.93 24.77 8.78
N LYS G 527 -23.94 23.94 8.46
CA LYS G 527 -23.50 22.88 9.36
C LYS G 527 -22.44 23.39 10.33
N GLY H 3 54.45 -19.70 -45.89
CA GLY H 3 54.23 -18.69 -44.88
C GLY H 3 55.28 -17.60 -44.88
N GLN H 4 54.85 -16.37 -44.59
CA GLN H 4 55.72 -15.21 -44.56
C GLN H 4 55.62 -14.57 -43.18
N ALA H 5 56.76 -14.27 -42.57
CA ALA H 5 56.80 -13.73 -41.23
C ALA H 5 56.93 -12.21 -41.26
N PHE H 6 56.39 -11.56 -40.24
CA PHE H 6 56.43 -10.11 -40.12
C PHE H 6 56.69 -9.73 -38.67
N ARG H 7 57.77 -8.95 -38.46
CA ARG H 7 58.24 -8.53 -37.13
C ARG H 7 58.44 -9.73 -36.22
N LYS H 8 59.15 -10.73 -36.74
CA LYS H 8 59.42 -12.01 -36.06
C LYS H 8 58.15 -12.69 -35.59
N PHE H 9 57.09 -12.64 -36.39
CA PHE H 9 55.85 -13.36 -36.10
C PHE H 9 55.36 -14.02 -37.37
N LEU H 10 55.20 -15.33 -37.33
CA LEU H 10 54.73 -16.11 -38.46
C LEU H 10 53.36 -16.69 -38.14
N PRO H 11 52.34 -16.42 -38.95
CA PRO H 11 51.02 -17.00 -38.68
C PRO H 11 50.99 -18.49 -38.99
N LEU H 12 50.04 -19.18 -38.39
CA LEU H 12 49.91 -20.63 -38.50
C LEU H 12 48.66 -20.96 -39.31
N PHE H 13 48.79 -21.99 -40.15
CA PHE H 13 47.72 -22.56 -40.99
C PHE H 13 47.26 -21.47 -41.96
N ASP H 14 45.96 -21.29 -42.18
CA ASP H 14 45.47 -20.31 -43.14
C ASP H 14 45.20 -18.95 -42.52
N ARG H 15 45.85 -18.62 -41.41
CA ARG H 15 45.66 -17.33 -40.78
C ARG H 15 46.45 -16.25 -41.53
N VAL H 16 45.90 -15.03 -41.52
CA VAL H 16 46.48 -13.89 -42.22
C VAL H 16 46.57 -12.72 -41.24
N LEU H 17 47.73 -12.09 -41.17
CA LEU H 17 47.95 -10.91 -40.34
C LEU H 17 47.81 -9.66 -41.18
N VAL H 18 46.95 -8.75 -40.75
CA VAL H 18 46.69 -7.52 -41.49
C VAL H 18 47.03 -6.31 -40.61
N GLU H 19 47.30 -5.20 -41.27
CA GLU H 19 47.41 -3.90 -40.61
C GLU H 19 46.34 -2.99 -41.18
N ARG H 20 45.48 -2.49 -40.31
CA ARG H 20 44.37 -1.66 -40.75
C ARG H 20 44.86 -0.28 -41.21
N SER H 21 44.10 0.32 -42.10
CA SER H 21 44.41 1.66 -42.59
C SER H 21 44.16 2.69 -41.50
N ALA H 22 44.80 3.85 -41.66
CA ALA H 22 44.59 4.95 -40.73
C ALA H 22 43.19 5.51 -40.87
N ALA H 23 42.56 5.80 -39.73
CA ALA H 23 41.22 6.37 -39.73
C ALA H 23 41.23 7.78 -40.31
N GLU H 24 40.18 8.11 -41.06
CA GLU H 24 40.05 9.42 -41.68
C GLU H 24 39.82 10.46 -40.59
N THR H 25 40.78 11.39 -40.44
CA THR H 25 40.71 12.41 -39.41
C THR H 25 40.02 13.68 -39.89
N VAL H 26 40.05 13.95 -41.20
CA VAL H 26 39.45 15.14 -41.76
C VAL H 26 38.73 14.74 -43.04
N THR H 27 37.59 15.41 -43.31
CA THR H 27 36.83 15.13 -44.51
C THR H 27 37.44 15.86 -45.71
N LYS H 28 36.83 15.68 -46.87
CA LYS H 28 37.33 16.30 -48.10
C LYS H 28 37.09 17.80 -48.12
N GLY H 29 36.23 18.33 -47.25
CA GLY H 29 36.00 19.75 -47.20
C GLY H 29 36.89 20.48 -46.21
N GLY H 30 37.36 19.77 -45.18
CA GLY H 30 38.20 20.38 -44.18
C GLY H 30 37.62 20.33 -42.79
N ILE H 31 36.82 19.31 -42.51
CA ILE H 31 36.13 19.16 -41.24
C ILE H 31 36.82 18.07 -40.44
N MET H 32 37.35 18.44 -39.29
CA MET H 32 38.00 17.47 -38.41
C MET H 32 36.97 16.62 -37.69
N LEU H 33 37.20 15.31 -37.69
CA LEU H 33 36.25 14.38 -37.09
C LEU H 33 36.73 13.94 -35.72
N PRO H 34 35.82 13.74 -34.77
CA PRO H 34 36.22 13.20 -33.46
C PRO H 34 36.69 11.77 -33.57
N GLU H 35 37.67 11.41 -32.73
CA GLU H 35 38.25 10.07 -32.79
C GLU H 35 37.31 9.01 -32.22
N LYS H 36 36.41 9.40 -31.32
CA LYS H 36 35.43 8.45 -30.79
C LYS H 36 34.44 8.03 -31.86
N SER H 37 34.02 8.97 -32.71
CA SER H 37 33.05 8.65 -33.77
C SER H 37 33.65 7.82 -34.88
N GLN H 38 34.98 7.77 -34.99
CA GLN H 38 35.64 7.00 -36.04
C GLN H 38 35.61 5.52 -35.66
N GLY H 39 34.82 4.74 -36.39
CA GLY H 39 34.69 3.33 -36.10
C GLY H 39 35.88 2.53 -36.62
N LYS H 40 35.72 1.22 -36.58
CA LYS H 40 36.78 0.31 -36.97
C LYS H 40 36.96 0.34 -38.49
N VAL H 41 38.21 0.43 -38.93
CA VAL H 41 38.51 0.59 -40.35
C VAL H 41 38.49 -0.76 -41.04
N LEU H 42 37.69 -0.87 -42.11
CA LEU H 42 37.54 -2.11 -42.85
C LEU H 42 38.58 -2.29 -43.95
N GLN H 43 39.38 -1.27 -44.23
CA GLN H 43 40.49 -1.40 -45.16
C GLN H 43 41.75 -1.79 -44.41
N ALA H 44 42.55 -2.66 -45.02
CA ALA H 44 43.72 -3.19 -44.33
C ALA H 44 44.74 -3.65 -45.36
N THR H 45 45.97 -3.84 -44.88
CA THR H 45 47.09 -4.26 -45.70
C THR H 45 47.63 -5.57 -45.13
N VAL H 46 47.81 -6.57 -46.00
CA VAL H 46 48.32 -7.86 -45.57
C VAL H 46 49.81 -7.75 -45.29
N VAL H 47 50.22 -8.05 -44.06
CA VAL H 47 51.62 -7.98 -43.67
C VAL H 47 52.24 -9.35 -43.42
N ALA H 48 51.44 -10.38 -43.14
CA ALA H 48 51.97 -11.71 -42.90
C ALA H 48 50.89 -12.75 -43.19
N VAL H 49 51.29 -13.85 -43.82
CA VAL H 49 50.37 -14.93 -44.14
C VAL H 49 50.93 -16.22 -43.56
N GLY H 50 50.03 -17.14 -43.24
CA GLY H 50 50.42 -18.48 -42.85
C GLY H 50 50.78 -19.34 -44.06
N SER H 51 51.27 -20.54 -43.78
CA SER H 51 51.61 -21.46 -44.86
C SER H 51 50.37 -22.06 -45.52
N GLY H 52 49.24 -22.05 -44.84
CA GLY H 52 48.01 -22.58 -45.37
C GLY H 52 47.64 -23.90 -44.72
N SER H 53 46.39 -24.31 -44.93
CA SER H 53 45.86 -25.54 -44.37
C SER H 53 45.84 -26.63 -45.44
N LYS H 54 45.55 -27.85 -45.00
CA LYS H 54 45.47 -29.02 -45.87
C LYS H 54 43.99 -29.28 -46.16
N GLY H 55 43.45 -28.58 -47.15
CA GLY H 55 42.04 -28.74 -47.47
C GLY H 55 41.75 -30.03 -48.21
N LYS H 56 42.68 -30.49 -49.02
CA LYS H 56 42.55 -31.74 -49.74
C LYS H 56 43.50 -32.79 -49.16
N GLY H 57 43.55 -33.96 -49.80
CA GLY H 57 44.29 -35.08 -49.26
C GLY H 57 45.77 -35.10 -49.57
N GLY H 58 46.60 -34.78 -48.56
CA GLY H 58 48.03 -34.97 -48.64
C GLY H 58 48.84 -33.74 -48.99
N GLU H 59 48.22 -32.66 -49.46
CA GLU H 59 48.95 -31.47 -49.86
C GLU H 59 48.49 -30.25 -49.08
N ILE H 60 49.30 -29.21 -49.12
CA ILE H 60 49.05 -27.96 -48.40
C ILE H 60 48.51 -26.93 -49.38
N GLN H 61 47.38 -26.32 -49.02
CA GLN H 61 46.74 -25.31 -49.86
C GLN H 61 47.23 -23.92 -49.44
N PRO H 62 47.94 -23.20 -50.30
CA PRO H 62 48.35 -21.83 -49.95
C PRO H 62 47.16 -20.88 -49.84
N VAL H 63 47.38 -19.79 -49.11
CA VAL H 63 46.33 -18.80 -48.92
C VAL H 63 46.15 -17.97 -50.19
N SER H 64 44.95 -17.39 -50.32
CA SER H 64 44.59 -16.68 -51.54
C SER H 64 45.26 -15.31 -51.64
N VAL H 65 45.56 -14.67 -50.52
CA VAL H 65 46.17 -13.35 -50.52
C VAL H 65 47.67 -13.50 -50.33
N LYS H 66 48.41 -12.50 -50.79
CA LYS H 66 49.84 -12.43 -50.60
C LYS H 66 50.18 -11.17 -49.81
N VAL H 67 51.44 -11.08 -49.40
CA VAL H 67 51.89 -9.99 -48.54
C VAL H 67 52.01 -8.72 -49.35
N GLY H 68 51.40 -7.65 -48.86
CA GLY H 68 51.35 -6.39 -49.57
C GLY H 68 50.05 -6.12 -50.30
N ASP H 69 49.12 -7.06 -50.30
CA ASP H 69 47.83 -6.87 -50.95
C ASP H 69 46.94 -5.97 -50.10
N LYS H 70 46.19 -5.10 -50.77
CA LYS H 70 45.20 -4.26 -50.12
C LYS H 70 43.86 -5.00 -50.13
N VAL H 71 43.30 -5.23 -48.95
CA VAL H 71 42.15 -6.11 -48.78
C VAL H 71 41.05 -5.38 -48.01
N LEU H 72 39.85 -5.97 -48.06
CA LEU H 72 38.70 -5.49 -47.32
C LEU H 72 38.33 -6.51 -46.26
N LEU H 73 38.11 -6.04 -45.04
CA LEU H 73 37.91 -6.85 -43.85
C LEU H 73 36.45 -6.96 -43.47
N PRO H 74 36.04 -8.09 -42.91
CA PRO H 74 34.71 -8.19 -42.31
C PRO H 74 34.60 -7.35 -41.05
N GLU H 75 33.36 -7.06 -40.66
CA GLU H 75 33.12 -6.18 -39.52
C GLU H 75 33.41 -6.89 -38.20
N TYR H 76 33.30 -8.22 -38.17
CA TYR H 76 33.66 -9.02 -37.00
C TYR H 76 34.61 -10.13 -37.41
N GLY H 77 35.39 -10.61 -36.44
CA GLY H 77 36.15 -11.83 -36.64
C GLY H 77 37.65 -11.70 -36.72
N GLY H 78 38.23 -10.74 -36.01
CA GLY H 78 39.66 -10.52 -36.03
C GLY H 78 40.26 -10.60 -34.64
N THR H 79 41.49 -11.10 -34.57
CA THR H 79 42.19 -11.32 -33.32
C THR H 79 43.25 -10.24 -33.13
N LYS H 80 43.21 -9.56 -31.99
CA LYS H 80 44.20 -8.53 -31.67
C LYS H 80 45.56 -9.16 -31.42
N VAL H 81 46.56 -8.74 -32.19
CA VAL H 81 47.94 -9.16 -32.01
C VAL H 81 48.80 -7.91 -31.88
N VAL H 82 49.60 -7.83 -30.82
CA VAL H 82 50.46 -6.69 -30.56
C VAL H 82 51.88 -7.08 -30.93
N LEU H 83 52.50 -6.30 -31.81
CA LEU H 83 53.86 -6.54 -32.27
C LEU H 83 54.63 -5.22 -32.22
N ASP H 84 55.65 -5.16 -31.35
CA ASP H 84 56.45 -3.95 -31.10
C ASP H 84 55.57 -2.77 -30.70
N ASP H 85 54.55 -3.06 -29.88
CA ASP H 85 53.57 -2.09 -29.37
C ASP H 85 52.86 -1.35 -30.51
N LYS H 86 52.25 -2.13 -31.41
CA LYS H 86 51.45 -1.57 -32.48
C LYS H 86 50.33 -2.56 -32.81
N ASP H 87 49.14 -2.05 -33.10
CA ASP H 87 47.98 -2.88 -33.34
C ASP H 87 48.12 -3.67 -34.64
N TYR H 88 47.89 -4.97 -34.55
CA TYR H 88 47.81 -5.85 -35.72
C TYR H 88 46.68 -6.82 -35.50
N PHE H 89 46.11 -7.32 -36.59
CA PHE H 89 44.93 -8.15 -36.51
C PHE H 89 45.11 -9.41 -37.35
N LEU H 90 44.73 -10.54 -36.76
CA LEU H 90 44.87 -11.85 -37.36
C LEU H 90 43.52 -12.33 -37.84
N PHE H 91 43.46 -12.78 -39.09
CA PHE H 91 42.22 -13.21 -39.72
C PHE H 91 42.43 -14.54 -40.42
N ARG H 92 41.35 -15.31 -40.52
CA ARG H 92 41.38 -16.47 -41.40
C ARG H 92 41.35 -16.00 -42.85
N ASP H 93 41.90 -16.84 -43.73
CA ASP H 93 41.93 -16.53 -45.16
C ASP H 93 40.52 -16.44 -45.72
N GLY H 94 39.61 -17.31 -45.27
CA GLY H 94 38.24 -17.29 -45.73
C GLY H 94 37.43 -16.10 -45.22
N ASP H 95 37.87 -15.47 -44.14
CA ASP H 95 37.13 -14.32 -43.60
C ASP H 95 37.25 -13.09 -44.49
N ILE H 96 38.33 -12.99 -45.27
CA ILE H 96 38.61 -11.77 -46.03
C ILE H 96 37.65 -11.68 -47.21
N LEU H 97 37.06 -10.49 -47.40
CA LEU H 97 35.98 -10.33 -48.37
C LEU H 97 36.50 -10.13 -49.79
N GLY H 98 37.56 -9.35 -49.97
CA GLY H 98 38.03 -9.09 -51.31
C GLY H 98 39.34 -8.33 -51.29
N LYS H 99 39.89 -8.13 -52.49
CA LYS H 99 41.17 -7.45 -52.68
C LYS H 99 40.98 -6.19 -53.50
N TYR H 100 41.87 -5.23 -53.29
CA TYR H 100 41.92 -4.01 -54.10
C TYR H 100 43.06 -4.16 -55.10
N VAL H 101 42.71 -4.48 -56.34
CA VAL H 101 43.68 -4.78 -57.38
C VAL H 101 44.05 -3.50 -58.12
N ASP H 102 45.36 -3.30 -58.33
CA ASP H 102 45.84 -2.17 -59.11
C ASP H 102 46.49 -2.62 -60.41
N GLY I 1 -32.33 -1.44 11.19
CA GLY I 1 -31.93 -1.65 12.56
C GLY I 1 -31.78 -0.36 13.35
N SER I 2 -31.91 0.77 12.66
CA SER I 2 -31.84 2.06 13.32
C SER I 2 -33.09 2.29 14.16
N ALA I 3 -32.93 3.10 15.22
CA ALA I 3 -34.07 3.46 16.05
C ALA I 3 -35.05 4.32 15.25
N LYS I 4 -36.34 4.07 15.46
CA LYS I 4 -37.38 4.70 14.67
C LYS I 4 -38.35 5.44 15.56
N ASP I 5 -38.90 6.53 15.03
CA ASP I 5 -40.00 7.26 15.63
C ASP I 5 -41.25 6.99 14.82
N VAL I 6 -42.36 6.77 15.52
CA VAL I 6 -43.61 6.37 14.88
C VAL I 6 -44.71 7.33 15.33
N LYS I 7 -45.34 8.02 14.38
CA LYS I 7 -46.43 8.93 14.66
C LYS I 7 -47.72 8.43 14.01
N PHE I 8 -48.85 8.80 14.60
CA PHE I 8 -50.15 8.25 14.27
C PHE I 8 -51.11 9.36 13.87
N GLY I 9 -51.83 9.13 12.77
CA GLY I 9 -53.03 9.90 12.48
C GLY I 9 -52.79 11.37 12.13
N ALA I 10 -53.54 12.23 12.82
CA ALA I 10 -53.65 13.63 12.41
C ALA I 10 -52.36 14.41 12.61
N ASP I 11 -51.58 14.08 13.65
CA ASP I 11 -50.31 14.77 13.86
C ASP I 11 -49.32 14.48 12.74
N ALA I 12 -49.20 13.20 12.38
CA ALA I 12 -48.31 12.80 11.28
C ALA I 12 -48.78 13.39 9.95
N ARG I 13 -50.09 13.39 9.72
CA ARG I 13 -50.62 13.96 8.49
C ARG I 13 -50.41 15.48 8.43
N ALA I 14 -50.52 16.16 9.58
CA ALA I 14 -50.29 17.59 9.63
C ALA I 14 -48.83 17.93 9.35
N LEU I 15 -47.89 17.13 9.88
CA LEU I 15 -46.48 17.37 9.58
C LEU I 15 -46.16 17.12 8.10
N MET I 16 -46.70 16.04 7.53
CA MET I 16 -46.48 15.79 6.10
C MET I 16 -47.11 16.89 5.25
N LEU I 17 -48.28 17.39 5.66
CA LEU I 17 -48.91 18.49 4.96
C LEU I 17 -48.10 19.78 5.08
N GLN I 18 -47.42 19.98 6.21
CA GLN I 18 -46.53 21.14 6.34
C GLN I 18 -45.38 21.06 5.35
N GLY I 19 -44.80 19.87 5.18
CA GLY I 19 -43.77 19.71 4.16
C GLY I 19 -44.29 19.93 2.75
N VAL I 20 -45.46 19.36 2.45
CA VAL I 20 -46.09 19.53 1.14
C VAL I 20 -46.39 21.01 0.88
N ASP I 21 -46.91 21.70 1.88
CA ASP I 21 -47.26 23.12 1.75
C ASP I 21 -46.02 23.98 1.55
N LEU I 22 -44.91 23.68 2.26
CA LEU I 22 -43.70 24.46 2.06
C LEU I 22 -43.17 24.32 0.64
N LEU I 23 -43.06 23.08 0.15
CA LEU I 23 -42.54 22.89 -1.20
C LEU I 23 -43.48 23.47 -2.25
N ALA I 24 -44.79 23.29 -2.07
CA ALA I 24 -45.76 23.80 -3.04
C ALA I 24 -45.85 25.32 -3.00
N ASP I 25 -45.68 25.93 -1.83
CA ASP I 25 -45.66 27.38 -1.72
C ASP I 25 -44.44 27.94 -2.44
N ALA I 26 -43.29 27.28 -2.32
CA ALA I 26 -42.12 27.74 -3.05
C ALA I 26 -42.29 27.56 -4.56
N VAL I 27 -42.93 26.47 -4.99
CA VAL I 27 -43.11 26.23 -6.42
C VAL I 27 -44.16 27.17 -7.01
N ALA I 28 -45.22 27.46 -6.27
CA ALA I 28 -46.41 28.12 -6.81
C ALA I 28 -46.18 29.60 -7.13
N VAL I 29 -45.13 30.22 -6.62
CA VAL I 29 -44.86 31.62 -6.96
C VAL I 29 -44.41 31.76 -8.41
N THR I 30 -43.97 30.68 -9.04
CA THR I 30 -43.46 30.71 -10.40
C THR I 30 -44.53 30.51 -11.46
N MET I 31 -45.78 30.29 -11.08
CA MET I 31 -46.79 29.85 -12.02
C MET I 31 -47.35 31.02 -12.82
N GLY I 32 -47.44 30.84 -14.13
CA GLY I 32 -48.17 31.75 -14.99
C GLY I 32 -47.35 32.91 -15.51
N PRO I 33 -47.99 33.78 -16.29
CA PRO I 33 -47.25 34.87 -16.94
C PRO I 33 -46.74 35.94 -15.98
N LYS I 34 -47.30 36.05 -14.78
CA LYS I 34 -46.77 36.94 -13.75
C LYS I 34 -46.14 36.17 -12.61
N GLY I 35 -45.66 34.96 -12.89
CA GLY I 35 -44.88 34.23 -11.91
C GLY I 35 -43.50 34.85 -11.74
N ARG I 36 -42.92 34.63 -10.57
CA ARG I 36 -41.62 35.16 -10.22
C ARG I 36 -40.62 34.01 -10.13
N THR I 37 -39.37 34.32 -9.83
CA THR I 37 -38.33 33.31 -9.87
C THR I 37 -37.91 32.89 -8.46
N VAL I 38 -37.19 31.77 -8.42
CA VAL I 38 -36.63 31.23 -7.20
C VAL I 38 -35.11 31.15 -7.37
N ILE I 39 -34.38 31.70 -6.42
CA ILE I 39 -32.93 31.62 -6.39
C ILE I 39 -32.52 30.46 -5.50
N ILE I 40 -31.71 29.55 -6.04
CA ILE I 40 -31.25 28.37 -5.32
C ILE I 40 -29.74 28.48 -5.16
N GLU I 41 -29.28 28.35 -3.91
CA GLU I 41 -27.85 28.35 -3.63
C GLU I 41 -27.20 27.09 -4.20
N GLN I 42 -26.06 27.26 -4.85
CA GLN I 42 -25.23 26.16 -5.30
C GLN I 42 -23.94 26.17 -4.50
N SER I 43 -23.45 24.97 -4.15
CA SER I 43 -22.28 24.88 -3.29
C SER I 43 -21.01 25.29 -4.03
N TRP I 44 -20.91 24.97 -5.32
CA TRP I 44 -19.65 25.13 -6.05
C TRP I 44 -19.46 26.53 -6.62
N GLY I 45 -20.48 27.38 -6.61
CA GLY I 45 -20.33 28.66 -7.27
C GLY I 45 -21.55 29.56 -7.31
N SER I 46 -21.84 30.08 -8.49
CA SER I 46 -22.89 31.08 -8.65
C SER I 46 -24.27 30.45 -8.41
N PRO I 47 -25.20 31.19 -7.81
CA PRO I 47 -26.54 30.65 -7.57
C PRO I 47 -27.33 30.48 -8.87
N LYS I 48 -28.33 29.63 -8.80
CA LYS I 48 -29.22 29.34 -9.92
C LYS I 48 -30.53 30.09 -9.76
N VAL I 49 -30.97 30.75 -10.83
CA VAL I 49 -32.24 31.45 -10.87
C VAL I 49 -33.15 30.68 -11.83
N THR I 50 -34.35 30.35 -11.37
CA THR I 50 -35.21 29.49 -12.17
C THR I 50 -36.68 29.85 -11.96
N LYS I 51 -37.46 29.65 -13.01
CA LYS I 51 -38.92 29.65 -12.97
C LYS I 51 -39.48 28.23 -13.09
N ASP I 52 -38.61 27.23 -13.17
CA ASP I 52 -39.01 25.86 -13.45
C ASP I 52 -39.45 25.17 -12.16
N GLY I 53 -40.66 24.62 -12.17
CA GLY I 53 -41.23 24.08 -10.94
C GLY I 53 -40.51 22.85 -10.42
N VAL I 54 -40.10 21.96 -11.33
CA VAL I 54 -39.42 20.73 -10.91
C VAL I 54 -38.03 21.04 -10.36
N THR I 55 -37.36 22.06 -10.92
CA THR I 55 -36.06 22.49 -10.40
C THR I 55 -36.19 23.04 -8.98
N VAL I 56 -37.23 23.84 -8.73
CA VAL I 56 -37.49 24.34 -7.39
C VAL I 56 -37.82 23.20 -6.44
N ALA I 57 -38.62 22.25 -6.91
CA ALA I 57 -39.04 21.11 -6.08
C ALA I 57 -37.85 20.26 -5.67
N LYS I 58 -36.97 19.95 -6.62
CA LYS I 58 -35.82 19.08 -6.36
C LYS I 58 -34.80 19.73 -5.43
N SER I 59 -34.79 21.05 -5.31
CA SER I 59 -33.80 21.73 -4.50
C SER I 59 -34.17 21.81 -3.03
N ILE I 60 -35.36 21.37 -2.64
CA ILE I 60 -35.86 21.58 -1.28
C ILE I 60 -35.95 20.24 -0.57
N ASP I 61 -35.11 20.07 0.45
CA ASP I 61 -35.19 18.96 1.40
C ASP I 61 -35.25 19.53 2.80
N LEU I 62 -36.04 18.91 3.66
CA LEU I 62 -36.35 19.46 4.98
C LEU I 62 -35.68 18.66 6.07
N LYS I 63 -35.24 19.38 7.12
CA LYS I 63 -34.61 18.75 8.27
C LYS I 63 -35.60 17.85 9.02
N ASP I 64 -36.83 18.32 9.20
CA ASP I 64 -37.87 17.50 9.78
C ASP I 64 -38.23 16.39 8.82
N LYS I 65 -38.15 15.14 9.30
CA LYS I 65 -38.29 13.98 8.41
C LYS I 65 -39.74 13.74 8.02
N TYR I 66 -40.68 14.06 8.90
CA TYR I 66 -42.10 13.96 8.55
C TYR I 66 -42.49 14.98 7.50
N LYS I 67 -41.93 16.19 7.59
CA LYS I 67 -42.12 17.19 6.54
C LYS I 67 -41.38 16.79 5.26
N ASN I 68 -40.20 16.18 5.42
CA ASN I 68 -39.41 15.77 4.28
C ASN I 68 -40.06 14.63 3.50
N ILE I 69 -40.89 13.82 4.15
CA ILE I 69 -41.60 12.76 3.43
C ILE I 69 -42.61 13.36 2.45
N GLY I 70 -43.40 14.34 2.91
CA GLY I 70 -44.32 15.02 2.02
C GLY I 70 -43.62 15.79 0.93
N ALA I 71 -42.51 16.45 1.27
CA ALA I 71 -41.71 17.15 0.27
C ALA I 71 -41.15 16.18 -0.78
N LYS I 72 -40.70 15.00 -0.36
CA LYS I 72 -40.17 14.01 -1.29
C LYS I 72 -41.26 13.47 -2.20
N LEU I 73 -42.49 13.32 -1.68
CA LEU I 73 -43.58 12.82 -2.52
C LEU I 73 -44.00 13.85 -3.57
N VAL I 74 -44.06 15.13 -3.21
CA VAL I 74 -44.39 16.11 -4.24
C VAL I 74 -43.21 16.32 -5.19
N GLN I 75 -41.98 16.06 -4.72
CA GLN I 75 -40.84 15.98 -5.63
C GLN I 75 -41.02 14.87 -6.66
N ASP I 76 -41.54 13.71 -6.21
CA ASP I 76 -41.84 12.63 -7.14
C ASP I 76 -42.88 13.06 -8.16
N VAL I 77 -43.91 13.80 -7.72
CA VAL I 77 -44.92 14.32 -8.64
C VAL I 77 -44.28 15.18 -9.73
N ALA I 78 -43.46 16.15 -9.31
CA ALA I 78 -42.85 17.07 -10.26
C ALA I 78 -41.88 16.35 -11.19
N ASN I 79 -41.11 15.39 -10.66
CA ASN I 79 -40.13 14.67 -11.47
C ASN I 79 -40.82 13.76 -12.49
N ASN I 80 -41.91 13.09 -12.10
CA ASN I 80 -42.64 12.26 -13.05
C ASN I 80 -43.27 13.10 -14.15
N THR I 81 -43.82 14.27 -13.78
CA THR I 81 -44.40 15.15 -14.78
C THR I 81 -43.33 15.67 -15.74
N ASN I 82 -42.13 15.97 -15.22
CA ASN I 82 -41.06 16.47 -16.08
C ASN I 82 -40.54 15.37 -16.99
N GLU I 83 -40.43 14.13 -16.50
CA GLU I 83 -39.90 13.07 -17.34
C GLU I 83 -40.91 12.61 -18.37
N GLU I 84 -42.20 12.77 -18.10
CA GLU I 84 -43.17 12.36 -19.13
C GLU I 84 -43.47 13.48 -20.13
N ALA I 85 -43.73 14.70 -19.65
CA ALA I 85 -44.16 15.77 -20.55
C ALA I 85 -43.13 16.86 -20.77
N GLY I 86 -42.18 17.04 -19.86
CA GLY I 86 -41.21 18.11 -19.99
C GLY I 86 -41.75 19.48 -19.67
N ASP I 87 -42.96 19.58 -19.14
CA ASP I 87 -43.62 20.84 -18.85
C ASP I 87 -44.76 20.55 -17.89
N GLY I 88 -45.30 21.62 -17.31
CA GLY I 88 -46.44 21.47 -16.42
C GLY I 88 -46.11 20.98 -15.03
N THR I 89 -44.87 21.14 -14.58
CA THR I 89 -44.49 20.62 -13.26
C THR I 89 -45.04 21.48 -12.13
N THR I 90 -45.14 22.80 -12.36
CA THR I 90 -45.75 23.68 -11.35
C THR I 90 -47.23 23.38 -11.19
N THR I 91 -47.92 23.14 -12.31
CA THR I 91 -49.33 22.77 -12.26
C THR I 91 -49.51 21.44 -11.52
N ALA I 92 -48.64 20.47 -11.80
CA ALA I 92 -48.69 19.19 -11.11
C ALA I 92 -48.46 19.35 -9.61
N THR I 93 -47.53 20.22 -9.23
CA THR I 93 -47.24 20.45 -7.82
C THR I 93 -48.43 21.07 -7.09
N VAL I 94 -49.07 22.09 -7.70
CA VAL I 94 -50.19 22.72 -7.00
C VAL I 94 -51.41 21.80 -6.98
N LEU I 95 -51.61 20.99 -8.03
CA LEU I 95 -52.69 20.01 -8.02
C LEU I 95 -52.46 18.95 -6.94
N ALA I 96 -51.22 18.49 -6.79
CA ALA I 96 -50.90 17.49 -5.78
C ALA I 96 -51.09 18.05 -4.38
N ARG I 97 -50.68 19.30 -4.15
CA ARG I 97 -50.91 19.93 -2.85
C ARG I 97 -52.40 20.06 -2.55
N SER I 98 -53.19 20.44 -3.55
CA SER I 98 -54.64 20.56 -3.36
C SER I 98 -55.26 19.21 -3.02
N ILE I 99 -54.90 18.16 -3.76
CA ILE I 99 -55.47 16.83 -3.49
C ILE I 99 -55.05 16.33 -2.11
N ALA I 100 -53.79 16.54 -1.73
CA ALA I 100 -53.31 16.13 -0.42
C ALA I 100 -54.03 16.87 0.70
N LYS I 101 -54.23 18.18 0.55
CA LYS I 101 -54.91 18.96 1.58
C LYS I 101 -56.37 18.55 1.71
N GLU I 102 -57.09 18.44 0.57
CA GLU I 102 -58.49 18.07 0.63
C GLU I 102 -58.70 16.65 1.11
N GLY I 103 -57.76 15.74 0.83
CA GLY I 103 -57.86 14.39 1.34
C GLY I 103 -57.56 14.30 2.82
N PHE I 104 -56.60 15.10 3.31
CA PHE I 104 -56.33 15.13 4.73
C PHE I 104 -57.49 15.74 5.52
N GLU I 105 -58.18 16.72 4.94
CA GLU I 105 -59.35 17.31 5.60
C GLU I 105 -60.49 16.31 5.76
N LYS I 106 -60.61 15.36 4.84
CA LYS I 106 -61.79 14.50 4.78
C LYS I 106 -61.63 13.19 5.55
N ILE I 107 -60.48 12.94 6.17
CA ILE I 107 -60.25 11.69 6.88
C ILE I 107 -60.92 11.77 8.26
N SER I 108 -61.87 10.89 8.50
CA SER I 108 -62.53 10.74 9.80
C SER I 108 -62.50 9.26 10.18
N LYS I 109 -63.12 8.95 11.31
CA LYS I 109 -63.15 7.57 11.80
C LYS I 109 -63.92 6.66 10.85
N GLY I 110 -65.07 7.12 10.34
CA GLY I 110 -65.84 6.31 9.42
C GLY I 110 -65.39 6.34 7.98
N ALA I 111 -64.47 7.22 7.64
CA ALA I 111 -64.01 7.35 6.26
C ALA I 111 -63.08 6.20 5.88
N ASN I 112 -63.14 5.80 4.62
CA ASN I 112 -62.27 4.76 4.07
C ASN I 112 -61.39 5.40 3.01
N PRO I 113 -60.15 5.80 3.35
CA PRO I 113 -59.31 6.54 2.39
C PRO I 113 -58.92 5.79 1.14
N VAL I 114 -58.88 4.44 1.17
CA VAL I 114 -58.59 3.68 -0.04
C VAL I 114 -59.73 3.80 -1.05
N GLU I 115 -60.98 3.77 -0.57
CA GLU I 115 -62.11 3.98 -1.45
C GLU I 115 -62.23 5.44 -1.88
N ILE I 116 -61.78 6.38 -1.04
CA ILE I 116 -61.66 7.77 -1.45
C ILE I 116 -60.67 7.90 -2.59
N ARG I 117 -59.55 7.19 -2.52
CA ARG I 117 -58.55 7.18 -3.58
C ARG I 117 -59.11 6.58 -4.86
N ARG I 118 -59.94 5.53 -4.74
CA ARG I 118 -60.62 4.98 -5.91
C ARG I 118 -61.55 6.01 -6.56
N GLY I 119 -62.29 6.76 -5.73
CA GLY I 119 -63.10 7.84 -6.28
C GLY I 119 -62.29 8.93 -6.95
N VAL I 120 -61.13 9.26 -6.38
CA VAL I 120 -60.21 10.23 -6.98
C VAL I 120 -59.75 9.76 -8.36
N MET I 121 -59.35 8.50 -8.47
CA MET I 121 -58.84 7.99 -9.73
C MET I 121 -59.94 7.87 -10.78
N LEU I 122 -61.17 7.53 -10.36
CA LEU I 122 -62.29 7.50 -11.29
C LEU I 122 -62.61 8.90 -11.81
N ALA I 123 -62.62 9.90 -10.92
CA ALA I 123 -62.86 11.28 -11.35
C ALA I 123 -61.75 11.77 -12.28
N VAL I 124 -60.52 11.36 -12.03
CA VAL I 124 -59.40 11.79 -12.87
C VAL I 124 -59.48 11.15 -14.25
N ASP I 125 -59.89 9.89 -14.32
CA ASP I 125 -60.12 9.25 -15.61
C ASP I 125 -61.23 9.95 -16.39
N ALA I 126 -62.30 10.36 -15.70
CA ALA I 126 -63.37 11.11 -16.36
C ALA I 126 -62.87 12.46 -16.88
N VAL I 127 -62.05 13.16 -16.10
CA VAL I 127 -61.51 14.44 -16.53
C VAL I 127 -60.57 14.27 -17.72
N ILE I 128 -59.79 13.19 -17.73
CA ILE I 128 -58.87 12.95 -18.84
C ILE I 128 -59.63 12.62 -20.12
N ALA I 129 -60.72 11.87 -20.00
CA ALA I 129 -61.58 11.63 -21.17
C ALA I 129 -62.21 12.92 -21.67
N GLU I 130 -62.64 13.79 -20.76
CA GLU I 130 -63.19 15.08 -21.17
C GLU I 130 -62.13 15.96 -21.83
N LEU I 131 -60.90 15.90 -21.35
CA LEU I 131 -59.80 16.65 -21.95
C LEU I 131 -59.50 16.14 -23.35
N LYS I 132 -59.54 14.82 -23.56
CA LYS I 132 -59.32 14.27 -24.90
C LYS I 132 -60.47 14.61 -25.84
N LYS I 133 -61.69 14.73 -25.32
CA LYS I 133 -62.77 15.22 -26.17
C LYS I 133 -62.66 16.72 -26.44
N GLN I 134 -62.02 17.46 -25.54
CA GLN I 134 -61.83 18.89 -25.74
C GLN I 134 -60.66 19.22 -26.68
N SER I 135 -59.76 18.27 -26.89
CA SER I 135 -58.52 18.52 -27.60
C SER I 135 -58.77 18.78 -29.09
N LYS I 136 -57.88 19.59 -29.68
CA LYS I 136 -57.87 19.87 -31.11
C LYS I 136 -56.45 19.72 -31.63
N PRO I 137 -56.26 19.01 -32.74
CA PRO I 137 -54.91 18.82 -33.28
C PRO I 137 -54.31 20.11 -33.83
N VAL I 138 -52.99 20.20 -33.77
CA VAL I 138 -52.26 21.35 -34.27
C VAL I 138 -52.14 21.23 -35.79
N THR I 139 -52.62 22.24 -36.51
CA THR I 139 -52.59 22.24 -37.96
C THR I 139 -51.71 23.32 -38.55
N THR I 140 -51.68 24.51 -37.96
CA THR I 140 -50.91 25.63 -38.51
C THR I 140 -49.65 25.88 -37.70
N PRO I 141 -48.57 26.33 -38.35
CA PRO I 141 -47.37 26.72 -37.59
C PRO I 141 -47.58 27.94 -36.69
N GLU I 142 -48.61 28.74 -36.94
CA GLU I 142 -48.96 29.82 -36.01
C GLU I 142 -49.36 29.25 -34.66
N GLU I 143 -50.06 28.11 -34.65
CA GLU I 143 -50.38 27.43 -33.41
C GLU I 143 -49.13 26.93 -32.70
N ILE I 144 -48.15 26.45 -33.47
CA ILE I 144 -46.88 26.00 -32.91
C ILE I 144 -46.14 27.15 -32.25
N ALA I 145 -46.13 28.31 -32.93
CA ALA I 145 -45.50 29.50 -32.36
C ALA I 145 -46.23 29.97 -31.11
N GLN I 146 -47.56 29.89 -31.10
CA GLN I 146 -48.34 30.27 -29.92
C GLN I 146 -48.05 29.35 -28.73
N VAL I 147 -47.99 28.04 -28.97
CA VAL I 147 -47.68 27.07 -27.92
C VAL I 147 -46.29 27.34 -27.34
N ALA I 148 -45.30 27.53 -28.21
CA ALA I 148 -43.95 27.79 -27.73
C ALA I 148 -43.84 29.13 -27.02
N THR I 149 -44.59 30.14 -27.47
CA THR I 149 -44.58 31.44 -26.81
C THR I 149 -45.18 31.37 -25.41
N ILE I 150 -46.29 30.66 -25.26
CA ILE I 150 -46.90 30.47 -23.95
C ILE I 150 -45.97 29.70 -23.03
N SER I 151 -45.36 28.63 -23.54
CA SER I 151 -44.52 27.79 -22.70
C SER I 151 -43.18 28.44 -22.37
N ALA I 152 -42.76 29.47 -23.10
CA ALA I 152 -41.56 30.23 -22.80
C ALA I 152 -41.84 31.47 -21.98
N ASN I 153 -42.98 31.50 -21.28
CA ASN I 153 -43.41 32.62 -20.42
C ASN I 153 -43.59 33.91 -21.23
N GLY I 154 -44.31 33.80 -22.34
CA GLY I 154 -44.68 34.96 -23.12
C GLY I 154 -43.62 35.48 -24.07
N ASP I 155 -42.47 34.82 -24.16
CA ASP I 155 -41.41 35.27 -25.06
C ASP I 155 -41.78 34.93 -26.51
N LYS I 156 -42.14 35.96 -27.28
CA LYS I 156 -42.55 35.73 -28.66
C LYS I 156 -41.38 35.34 -29.54
N GLU I 157 -40.16 35.78 -29.21
CA GLU I 157 -39.01 35.48 -30.04
C GLU I 157 -38.60 34.01 -29.92
N ILE I 158 -38.71 33.44 -28.71
CA ILE I 158 -38.46 32.01 -28.54
C ILE I 158 -39.50 31.20 -29.31
N GLY I 159 -40.76 31.62 -29.26
CA GLY I 159 -41.79 30.94 -30.03
C GLY I 159 -41.55 31.02 -31.53
N ASN I 160 -41.13 32.19 -32.01
CA ASN I 160 -40.85 32.36 -33.44
C ASN I 160 -39.65 31.53 -33.88
N ILE I 161 -38.59 31.48 -33.07
CA ILE I 161 -37.40 30.73 -33.47
C ILE I 161 -37.67 29.22 -33.41
N ILE I 162 -38.51 28.77 -32.48
CA ILE I 162 -38.88 27.36 -32.42
C ILE I 162 -39.78 26.99 -33.60
N SER I 163 -40.71 27.90 -33.95
CA SER I 163 -41.55 27.69 -35.13
C SER I 163 -40.72 27.65 -36.40
N ASP I 164 -39.69 28.50 -36.50
CA ASP I 164 -38.80 28.49 -37.66
C ASP I 164 -38.00 27.20 -37.73
N ALA I 165 -37.49 26.72 -36.59
CA ALA I 165 -36.77 25.46 -36.56
C ALA I 165 -37.66 24.30 -36.98
N MET I 166 -38.92 24.29 -36.52
CA MET I 166 -39.82 23.22 -36.90
C MET I 166 -40.29 23.34 -38.34
N LYS I 167 -40.32 24.55 -38.90
CA LYS I 167 -40.55 24.69 -40.33
C LYS I 167 -39.39 24.14 -41.14
N LYS I 168 -38.16 24.32 -40.67
CA LYS I 168 -37.00 23.96 -41.48
C LYS I 168 -36.60 22.49 -41.34
N VAL I 169 -36.69 21.90 -40.15
CA VAL I 169 -36.28 20.51 -39.96
C VAL I 169 -37.45 19.57 -39.73
N GLY I 170 -38.68 20.08 -39.74
CA GLY I 170 -39.83 19.24 -39.48
C GLY I 170 -40.29 19.31 -38.04
N ARG I 171 -41.59 19.08 -37.84
CA ARG I 171 -42.17 19.09 -36.50
C ARG I 171 -41.69 17.94 -35.64
N LYS I 172 -41.21 16.86 -36.25
CA LYS I 172 -40.61 15.74 -35.54
C LYS I 172 -39.10 15.69 -35.71
N GLY I 173 -38.50 16.79 -36.18
CA GLY I 173 -37.08 16.82 -36.42
C GLY I 173 -36.25 17.03 -35.17
N VAL I 174 -34.94 16.98 -35.34
CA VAL I 174 -34.00 17.07 -34.23
C VAL I 174 -33.65 18.53 -33.98
N ILE I 175 -34.02 19.03 -32.80
CA ILE I 175 -33.70 20.40 -32.38
C ILE I 175 -33.03 20.32 -31.02
N THR I 176 -31.82 20.86 -30.92
CA THR I 176 -31.06 20.84 -29.67
C THR I 176 -30.82 22.26 -29.18
N VAL I 177 -30.70 22.39 -27.86
CA VAL I 177 -30.49 23.67 -27.20
C VAL I 177 -29.12 23.65 -26.53
N LYS I 178 -28.30 24.65 -26.82
CA LYS I 178 -27.01 24.80 -26.16
C LYS I 178 -26.77 26.28 -25.89
N ASP I 179 -25.71 26.57 -25.15
CA ASP I 179 -25.39 27.94 -24.79
C ASP I 179 -24.94 28.75 -26.00
N GLY I 180 -25.18 30.05 -25.93
CA GLY I 180 -24.72 30.98 -26.96
C GLY I 180 -23.77 31.98 -26.33
N LYS I 181 -22.75 32.35 -27.10
CA LYS I 181 -21.75 33.31 -26.64
C LYS I 181 -22.15 34.75 -26.93
N THR I 182 -23.29 34.98 -27.56
CA THR I 182 -23.77 36.31 -27.90
C THR I 182 -24.87 36.73 -26.94
N LEU I 183 -25.41 37.92 -27.17
CA LEU I 183 -26.52 38.44 -26.37
C LEU I 183 -27.88 37.96 -26.87
N ASN I 184 -27.97 37.58 -28.14
CA ASN I 184 -29.24 37.25 -28.76
C ASN I 184 -29.30 35.77 -29.13
N ASP I 185 -30.51 35.22 -29.13
CA ASP I 185 -30.71 33.85 -29.56
C ASP I 185 -30.57 33.75 -31.07
N GLU I 186 -29.94 32.67 -31.53
CA GLU I 186 -29.71 32.46 -32.95
C GLU I 186 -29.93 30.99 -33.30
N LEU I 187 -30.54 30.77 -34.46
CA LEU I 187 -30.88 29.43 -34.94
C LEU I 187 -29.89 29.02 -36.03
N GLU I 188 -29.27 27.86 -35.85
CA GLU I 188 -28.35 27.31 -36.83
C GLU I 188 -28.96 26.04 -37.41
N ILE I 189 -29.10 26.00 -38.73
CA ILE I 189 -29.62 24.84 -39.44
C ILE I 189 -28.45 24.12 -40.08
N ILE I 190 -28.28 22.85 -39.72
CA ILE I 190 -27.18 22.02 -40.21
C ILE I 190 -27.78 20.99 -41.15
N GLU I 191 -27.42 21.08 -42.42
CA GLU I 191 -27.93 20.17 -43.45
C GLU I 191 -26.82 19.27 -43.96
N GLY I 192 -27.23 18.18 -44.60
CA GLY I 192 -26.29 17.23 -45.16
C GLY I 192 -25.77 16.25 -44.14
N MET I 193 -24.48 15.90 -44.25
CA MET I 193 -23.84 14.92 -43.37
C MET I 193 -22.67 15.60 -42.68
N LYS I 194 -22.93 16.24 -41.56
CA LYS I 194 -21.90 16.90 -40.76
C LYS I 194 -21.58 16.03 -39.56
N PHE I 195 -20.29 15.86 -39.29
CA PHE I 195 -19.85 15.05 -38.15
C PHE I 195 -18.59 15.67 -37.57
N ASP I 196 -18.40 15.47 -36.26
CA ASP I 196 -17.37 16.19 -35.50
C ASP I 196 -16.00 15.53 -35.65
N ARG I 197 -15.53 15.48 -36.90
CA ARG I 197 -14.21 14.95 -37.23
C ARG I 197 -13.57 15.86 -38.27
N GLY I 198 -12.43 16.46 -37.93
CA GLY I 198 -11.70 17.30 -38.85
C GLY I 198 -10.72 16.50 -39.68
N TYR I 199 -9.82 17.23 -40.36
CA TYR I 199 -8.79 16.57 -41.13
C TYR I 199 -7.75 15.94 -40.20
N ILE I 200 -7.09 14.90 -40.71
CA ILE I 200 -6.05 14.25 -39.94
C ILE I 200 -4.78 15.09 -39.92
N SER I 201 -4.41 15.68 -41.06
CA SER I 201 -3.25 16.54 -41.13
C SER I 201 -3.63 17.89 -41.73
N PRO I 202 -2.99 18.97 -41.29
CA PRO I 202 -3.29 20.29 -41.85
C PRO I 202 -2.70 20.56 -43.22
N TYR I 203 -1.92 19.63 -43.77
CA TYR I 203 -1.36 19.81 -45.11
C TYR I 203 -2.40 19.64 -46.21
N PHE I 204 -3.60 19.16 -45.89
CA PHE I 204 -4.66 18.98 -46.86
C PHE I 204 -5.43 20.27 -47.14
N ILE I 205 -5.13 21.35 -46.43
CA ILE I 205 -5.86 22.60 -46.60
C ILE I 205 -5.51 23.23 -47.93
N ASN I 206 -6.54 23.56 -48.72
CA ASN I 206 -6.36 24.26 -49.99
C ASN I 206 -7.12 25.57 -50.07
N THR I 207 -7.87 25.94 -49.04
CA THR I 207 -8.59 27.20 -48.98
C THR I 207 -8.14 27.89 -47.69
N SER I 208 -7.23 28.85 -47.83
CA SER I 208 -6.59 29.48 -46.68
C SER I 208 -7.45 30.57 -46.04
N LYS I 209 -8.60 30.92 -46.65
CA LYS I 209 -9.46 31.95 -46.08
C LYS I 209 -10.07 31.48 -44.76
N GLY I 210 -10.56 30.24 -44.72
CA GLY I 210 -11.11 29.68 -43.50
C GLY I 210 -10.31 28.55 -42.89
N GLN I 211 -9.10 28.27 -43.38
CA GLN I 211 -8.27 27.12 -42.98
C GLN I 211 -9.05 25.81 -43.15
N LYS I 212 -9.56 25.60 -44.36
CA LYS I 212 -10.43 24.48 -44.64
C LYS I 212 -10.07 23.86 -45.99
N CYS I 213 -10.45 22.59 -46.15
CA CYS I 213 -10.30 21.88 -47.41
C CYS I 213 -11.63 21.90 -48.16
N GLU I 214 -11.59 22.33 -49.41
CA GLU I 214 -12.80 22.51 -50.22
C GLU I 214 -12.67 21.72 -51.51
N PHE I 215 -13.56 20.77 -51.73
CA PHE I 215 -13.65 20.07 -53.00
C PHE I 215 -15.09 20.13 -53.50
N GLN I 216 -15.24 20.07 -54.82
CA GLN I 216 -16.52 19.91 -55.47
C GLN I 216 -16.43 18.80 -56.50
N ASP I 217 -17.46 17.95 -56.55
CA ASP I 217 -17.53 16.75 -57.37
C ASP I 217 -16.35 15.81 -57.06
N ALA I 218 -16.37 15.31 -55.84
CA ALA I 218 -15.27 14.53 -55.30
C ALA I 218 -15.68 13.08 -55.04
N TYR I 219 -14.72 12.17 -55.18
CA TYR I 219 -14.91 10.79 -54.78
C TYR I 219 -14.87 10.67 -53.26
N VAL I 220 -15.55 9.65 -52.75
CA VAL I 220 -15.56 9.34 -51.32
C VAL I 220 -15.09 7.91 -51.13
N LEU I 221 -14.10 7.72 -50.26
CA LEU I 221 -13.59 6.40 -49.91
C LEU I 221 -13.92 6.12 -48.45
N LEU I 222 -14.67 5.05 -48.20
CA LEU I 222 -15.14 4.69 -46.87
C LEU I 222 -14.50 3.38 -46.45
N SER I 223 -13.84 3.38 -45.29
CA SER I 223 -13.18 2.20 -44.77
C SER I 223 -13.59 2.00 -43.31
N GLU I 224 -14.01 0.77 -42.98
CA GLU I 224 -14.38 0.44 -41.62
C GLU I 224 -13.17 0.09 -40.76
N LYS I 225 -12.01 -0.09 -41.37
CA LYS I 225 -10.77 -0.39 -40.66
C LYS I 225 -9.75 0.70 -40.91
N LYS I 226 -8.66 0.65 -40.15
CA LYS I 226 -7.57 1.61 -40.30
C LYS I 226 -6.87 1.43 -41.65
N ILE I 227 -6.37 2.54 -42.18
CA ILE I 227 -5.59 2.54 -43.41
C ILE I 227 -4.17 2.92 -43.03
N SER I 228 -3.29 1.91 -42.95
CA SER I 228 -1.92 2.12 -42.52
C SER I 228 -0.88 1.65 -43.52
N SER I 229 -1.30 1.03 -44.63
CA SER I 229 -0.37 0.44 -45.58
C SER I 229 -0.44 1.13 -46.93
N ILE I 230 0.63 0.98 -47.70
CA ILE I 230 0.72 1.58 -49.03
C ILE I 230 -0.32 0.99 -49.97
N GLN I 231 -0.40 -0.35 -50.02
CA GLN I 231 -1.24 -1.02 -51.01
C GLN I 231 -2.72 -0.91 -50.70
N SER I 232 -3.10 -0.52 -49.48
CA SER I 232 -4.49 -0.29 -49.15
C SER I 232 -4.98 1.09 -49.58
N ILE I 233 -4.09 1.97 -50.02
CA ILE I 233 -4.47 3.33 -50.39
C ILE I 233 -4.06 3.71 -51.81
N VAL I 234 -3.05 3.06 -52.40
CA VAL I 234 -2.61 3.45 -53.74
C VAL I 234 -3.65 3.24 -54.84
N PRO I 235 -4.36 2.08 -54.95
CA PRO I 235 -5.31 1.94 -56.07
C PRO I 235 -6.44 2.96 -56.09
N ALA I 236 -6.98 3.33 -54.92
CA ALA I 236 -7.99 4.39 -54.86
C ALA I 236 -7.41 5.72 -55.33
N LEU I 237 -6.15 5.99 -54.97
CA LEU I 237 -5.49 7.20 -55.44
C LEU I 237 -5.28 7.18 -56.95
N GLU I 238 -5.00 6.01 -57.54
CA GLU I 238 -4.89 5.93 -58.99
C GLU I 238 -6.22 6.15 -59.69
N ILE I 239 -7.32 5.64 -59.12
CA ILE I 239 -8.64 5.95 -59.69
C ILE I 239 -8.93 7.45 -59.60
N ALA I 240 -8.62 8.07 -58.46
CA ALA I 240 -8.87 9.50 -58.29
C ALA I 240 -7.99 10.33 -59.22
N ASN I 241 -6.75 9.90 -59.46
CA ASN I 241 -5.87 10.63 -60.35
C ASN I 241 -6.22 10.41 -61.82
N ALA I 242 -6.65 9.20 -62.19
CA ALA I 242 -7.02 8.93 -63.57
C ALA I 242 -8.32 9.63 -63.96
N HIS I 243 -9.25 9.77 -63.01
CA HIS I 243 -10.48 10.50 -63.27
C HIS I 243 -10.34 12.00 -63.05
N ARG I 244 -9.17 12.45 -62.58
CA ARG I 244 -8.90 13.86 -62.26
C ARG I 244 -9.94 14.44 -61.30
N LYS I 245 -10.29 13.65 -60.29
CA LYS I 245 -11.31 14.03 -59.33
C LYS I 245 -10.75 13.99 -57.91
N PRO I 246 -11.24 14.85 -57.03
CA PRO I 246 -10.79 14.80 -55.63
C PRO I 246 -11.32 13.57 -54.91
N LEU I 247 -10.60 13.20 -53.85
CA LEU I 247 -10.93 12.03 -53.05
C LEU I 247 -11.03 12.42 -51.59
N VAL I 248 -12.12 12.00 -50.94
CA VAL I 248 -12.29 12.15 -49.50
C VAL I 248 -12.21 10.75 -48.90
N ILE I 249 -11.27 10.57 -47.97
CA ILE I 249 -11.05 9.29 -47.33
C ILE I 249 -11.57 9.38 -45.91
N ILE I 250 -12.62 8.62 -45.61
CA ILE I 250 -13.19 8.57 -44.27
C ILE I 250 -13.00 7.16 -43.76
N ALA I 251 -12.13 7.00 -42.77
CA ALA I 251 -11.82 5.70 -42.19
C ALA I 251 -11.74 5.86 -40.68
N GLU I 252 -11.51 4.72 -40.00
CA GLU I 252 -11.29 4.75 -38.56
C GLU I 252 -10.08 5.60 -38.21
N ASP I 253 -8.98 5.38 -38.91
CA ASP I 253 -7.80 6.24 -38.82
C ASP I 253 -6.94 6.00 -40.04
N VAL I 254 -6.26 7.05 -40.49
CA VAL I 254 -5.27 6.97 -41.56
C VAL I 254 -3.94 7.43 -40.98
N ASP I 255 -2.96 6.53 -40.95
CA ASP I 255 -1.68 6.79 -40.33
C ASP I 255 -0.61 5.98 -41.05
N GLY I 256 0.62 6.08 -40.54
CA GLY I 256 1.68 5.23 -41.06
C GLY I 256 2.15 5.70 -42.41
N GLU I 257 2.39 4.73 -43.31
CA GLU I 257 2.90 5.04 -44.63
C GLU I 257 1.83 5.61 -45.57
N ALA I 258 0.56 5.28 -45.32
CA ALA I 258 -0.52 5.81 -46.14
C ALA I 258 -0.70 7.30 -45.93
N LEU I 259 -0.60 7.76 -44.69
CA LEU I 259 -0.67 9.19 -44.40
C LEU I 259 0.48 9.95 -45.05
N SER I 260 1.70 9.38 -44.98
CA SER I 260 2.85 10.01 -45.62
C SER I 260 2.67 10.05 -47.14
N THR I 261 2.10 8.99 -47.72
CA THR I 261 1.81 8.99 -49.15
C THR I 261 0.81 10.07 -49.52
N LEU I 262 -0.25 10.23 -48.71
CA LEU I 262 -1.26 11.24 -48.97
C LEU I 262 -0.67 12.65 -48.90
N VAL I 263 0.11 12.92 -47.85
CA VAL I 263 0.69 14.24 -47.67
C VAL I 263 1.73 14.53 -48.76
N LEU I 264 2.53 13.52 -49.13
CA LEU I 264 3.53 13.70 -50.18
C LEU I 264 2.87 13.98 -51.53
N ASN I 265 1.78 13.28 -51.84
CA ASN I 265 1.11 13.53 -53.11
C ASN I 265 0.36 14.84 -53.11
N ARG I 266 -0.11 15.29 -51.94
CA ARG I 266 -0.76 16.60 -51.86
C ARG I 266 0.24 17.73 -52.03
N LEU I 267 1.43 17.59 -51.44
CA LEU I 267 2.37 18.70 -51.42
C LEU I 267 3.17 18.81 -52.72
N LYS I 268 3.64 17.69 -53.26
CA LYS I 268 4.55 17.75 -54.40
C LYS I 268 3.79 18.02 -55.71
N VAL I 269 2.91 17.11 -56.10
CA VAL I 269 2.24 17.24 -57.38
C VAL I 269 0.92 17.99 -57.29
N GLY I 270 0.31 18.06 -56.10
CA GLY I 270 -0.93 18.77 -55.95
C GLY I 270 -2.14 17.90 -56.12
N LEU I 271 -2.07 16.66 -55.60
CA LEU I 271 -3.18 15.75 -55.71
C LEU I 271 -4.28 16.12 -54.73
N GLN I 272 -5.50 16.28 -55.24
CA GLN I 272 -6.64 16.70 -54.43
C GLN I 272 -7.12 15.52 -53.60
N VAL I 273 -6.80 15.53 -52.29
CA VAL I 273 -7.17 14.44 -51.41
C VAL I 273 -7.23 14.97 -49.99
N VAL I 274 -8.12 14.41 -49.18
CA VAL I 274 -8.24 14.74 -47.76
C VAL I 274 -8.62 13.47 -47.02
N ALA I 275 -8.18 13.37 -45.77
CA ALA I 275 -8.43 12.20 -44.94
C ALA I 275 -9.06 12.63 -43.62
N VAL I 276 -10.18 12.02 -43.27
CA VAL I 276 -10.97 12.40 -42.11
C VAL I 276 -11.25 11.15 -41.29
N LYS I 277 -11.10 11.25 -39.97
CA LYS I 277 -11.46 10.17 -39.07
C LYS I 277 -12.96 9.89 -39.12
N ALA I 278 -13.35 8.66 -38.78
CA ALA I 278 -14.76 8.34 -38.78
C ALA I 278 -15.42 8.73 -37.46
N PRO I 279 -16.68 9.15 -37.47
CA PRO I 279 -17.38 9.46 -36.23
C PRO I 279 -18.03 8.24 -35.59
N GLY I 280 -18.12 8.28 -34.27
CA GLY I 280 -18.76 7.22 -33.52
C GLY I 280 -17.81 6.26 -32.84
N PHE I 281 -18.14 5.82 -31.64
CA PHE I 281 -17.33 4.89 -30.85
C PHE I 281 -18.15 3.64 -30.59
N GLY I 282 -18.07 2.67 -31.51
CA GLY I 282 -18.80 1.42 -31.36
C GLY I 282 -19.52 1.00 -32.62
N ASP I 283 -20.70 0.41 -32.48
CA ASP I 283 -21.52 0.07 -33.64
C ASP I 283 -22.12 1.30 -34.30
N ASN I 284 -22.17 2.43 -33.59
CA ASN I 284 -22.60 3.69 -34.19
C ASN I 284 -21.68 4.12 -35.32
N ARG I 285 -20.37 3.86 -35.18
CA ARG I 285 -19.43 4.15 -36.25
C ARG I 285 -19.76 3.37 -37.51
N LYS I 286 -20.05 2.06 -37.37
CA LYS I 286 -20.42 1.24 -38.50
C LYS I 286 -21.73 1.69 -39.12
N ASN I 287 -22.72 2.01 -38.29
CA ASN I 287 -24.02 2.43 -38.81
C ASN I 287 -23.92 3.76 -39.55
N GLN I 288 -23.17 4.72 -39.00
CA GLN I 288 -23.01 6.01 -39.67
C GLN I 288 -22.18 5.88 -40.93
N LEU I 289 -21.18 4.99 -40.94
CA LEU I 289 -20.41 4.76 -42.15
C LEU I 289 -21.26 4.15 -43.25
N LYS I 290 -22.13 3.20 -42.90
CA LYS I 290 -23.04 2.64 -43.89
C LYS I 290 -24.06 3.67 -44.36
N ASP I 291 -24.48 4.58 -43.46
CA ASP I 291 -25.34 5.69 -43.87
C ASP I 291 -24.65 6.59 -44.88
N MET I 292 -23.36 6.88 -44.66
CA MET I 292 -22.59 7.67 -45.62
C MET I 292 -22.45 6.94 -46.95
N ALA I 293 -22.25 5.62 -46.90
CA ALA I 293 -22.13 4.84 -48.12
C ALA I 293 -23.42 4.87 -48.93
N ILE I 294 -24.56 4.75 -48.25
CA ILE I 294 -25.85 4.77 -48.94
C ILE I 294 -26.12 6.17 -49.50
N ALA I 295 -25.82 7.22 -48.73
CA ALA I 295 -26.13 8.57 -49.16
C ALA I 295 -25.20 9.04 -50.28
N THR I 296 -23.96 8.54 -50.31
CA THR I 296 -23.01 8.94 -51.35
C THR I 296 -22.96 7.97 -52.52
N GLY I 297 -23.50 6.77 -52.38
CA GLY I 297 -23.41 5.77 -53.43
C GLY I 297 -22.14 4.96 -53.41
N GLY I 298 -21.44 4.92 -52.28
CA GLY I 298 -20.21 4.16 -52.15
C GLY I 298 -20.41 2.87 -51.36
N ALA I 299 -19.30 2.20 -51.12
CA ALA I 299 -19.29 0.93 -50.40
C ALA I 299 -18.32 1.01 -49.24
N VAL I 300 -18.73 0.47 -48.10
CA VAL I 300 -17.86 0.42 -46.92
C VAL I 300 -16.83 -0.69 -47.13
N PHE I 301 -15.56 -0.38 -46.88
CA PHE I 301 -14.48 -1.34 -47.04
C PHE I 301 -13.97 -1.82 -45.68
N GLY I 302 -13.40 -3.01 -45.68
CA GLY I 302 -12.84 -3.60 -44.47
C GLY I 302 -13.87 -3.94 -43.42
N GLU I 303 -14.99 -4.52 -43.84
CA GLU I 303 -16.10 -4.83 -42.96
C GLU I 303 -16.05 -6.29 -42.51
N GLU I 304 -16.74 -6.57 -41.41
CA GLU I 304 -16.70 -7.92 -40.84
C GLU I 304 -17.51 -8.91 -41.65
N GLY I 305 -18.61 -8.48 -42.26
CA GLY I 305 -19.51 -9.40 -42.92
C GLY I 305 -19.22 -9.69 -44.39
N LEU I 306 -19.20 -8.65 -45.22
CA LEU I 306 -18.98 -8.85 -46.65
C LEU I 306 -17.49 -8.94 -46.99
N THR I 307 -16.65 -8.30 -46.19
CA THR I 307 -15.18 -8.34 -46.27
C THR I 307 -14.69 -7.89 -47.66
N LEU I 308 -14.95 -6.62 -47.95
CA LEU I 308 -14.45 -5.99 -49.16
C LEU I 308 -13.06 -5.43 -48.89
N ASN I 309 -12.10 -5.78 -49.74
CA ASN I 309 -10.70 -5.43 -49.52
C ASN I 309 -10.35 -4.13 -50.23
N LEU I 310 -9.47 -3.36 -49.59
CA LEU I 310 -9.11 -2.04 -50.10
C LEU I 310 -8.10 -2.11 -51.25
N GLU I 311 -7.43 -3.24 -51.45
CA GLU I 311 -6.59 -3.41 -52.62
C GLU I 311 -7.41 -3.62 -53.88
N ASP I 312 -8.63 -4.10 -53.74
CA ASP I 312 -9.53 -4.33 -54.87
C ASP I 312 -10.64 -3.28 -54.78
N VAL I 313 -10.39 -2.13 -55.40
CA VAL I 313 -11.33 -1.01 -55.42
C VAL I 313 -11.65 -0.69 -56.88
N GLN I 314 -12.92 -0.66 -57.20
CA GLN I 314 -13.40 -0.26 -58.52
C GLN I 314 -13.92 1.17 -58.47
N PRO I 315 -13.99 1.86 -59.61
CA PRO I 315 -14.51 3.24 -59.61
C PRO I 315 -15.97 3.36 -59.19
N HIS I 316 -16.77 2.29 -59.27
CA HIS I 316 -18.15 2.36 -58.82
C HIS I 316 -18.31 2.06 -57.34
N ASP I 317 -17.23 1.68 -56.66
CA ASP I 317 -17.26 1.41 -55.22
C ASP I 317 -16.98 2.65 -54.39
N LEU I 318 -16.92 3.81 -55.01
CA LEU I 318 -16.62 5.07 -54.31
C LEU I 318 -17.86 5.96 -54.33
N GLY I 319 -18.10 6.64 -53.22
CA GLY I 319 -19.18 7.60 -53.17
C GLY I 319 -18.88 8.82 -54.02
N LYS I 320 -19.94 9.57 -54.32
CA LYS I 320 -19.85 10.77 -55.15
C LYS I 320 -20.63 11.88 -54.46
N VAL I 321 -19.91 12.83 -53.86
CA VAL I 321 -20.53 14.04 -53.34
C VAL I 321 -20.30 15.15 -54.35
N GLY I 322 -21.09 16.22 -54.23
CA GLY I 322 -20.91 17.36 -55.08
C GLY I 322 -20.13 18.46 -54.40
N GLU I 323 -19.84 18.27 -53.11
CA GLU I 323 -19.32 19.34 -52.27
C GLU I 323 -18.87 18.73 -50.94
N VAL I 324 -17.74 19.21 -50.42
CA VAL I 324 -17.25 18.79 -49.10
C VAL I 324 -16.46 19.94 -48.46
N ILE I 325 -16.71 20.16 -47.17
CA ILE I 325 -15.90 21.05 -46.32
C ILE I 325 -15.26 20.21 -45.24
N VAL I 326 -13.94 20.34 -45.09
CA VAL I 326 -13.21 19.72 -43.99
C VAL I 326 -12.44 20.82 -43.28
N THR I 327 -12.90 21.20 -42.10
CA THR I 327 -12.24 22.17 -41.25
C THR I 327 -11.42 21.46 -40.18
N LYS I 328 -10.97 22.21 -39.17
CA LYS I 328 -10.11 21.65 -38.13
C LYS I 328 -10.83 20.60 -37.30
N ASP I 329 -12.10 20.83 -36.98
CA ASP I 329 -12.82 20.01 -36.01
C ASP I 329 -13.96 19.19 -36.61
N ASP I 330 -14.40 19.51 -37.83
CA ASP I 330 -15.57 18.84 -38.37
C ASP I 330 -15.48 18.78 -39.89
N ALA I 331 -16.19 17.80 -40.45
CA ALA I 331 -16.30 17.62 -41.89
C ALA I 331 -17.76 17.46 -42.27
N MET I 332 -18.11 17.95 -43.45
CA MET I 332 -19.50 17.92 -43.89
C MET I 332 -19.58 17.61 -45.37
N LEU I 333 -20.44 16.66 -45.73
CA LEU I 333 -20.61 16.20 -47.11
C LEU I 333 -21.96 16.63 -47.63
N LEU I 334 -21.97 17.20 -48.84
CA LEU I 334 -23.19 17.72 -49.45
C LEU I 334 -23.44 17.07 -50.80
N LYS I 335 -24.72 16.78 -51.06
CA LYS I 335 -25.21 16.36 -52.38
C LYS I 335 -24.57 15.05 -52.82
N GLY I 336 -24.61 14.07 -51.91
CA GLY I 336 -24.14 12.73 -52.25
C GLY I 336 -25.00 12.10 -53.33
N LYS I 337 -24.35 11.52 -54.33
CA LYS I 337 -25.05 10.96 -55.47
C LYS I 337 -25.45 9.50 -55.23
N GLY I 338 -26.10 9.24 -54.10
CA GLY I 338 -26.58 7.91 -53.81
C GLY I 338 -27.93 7.64 -54.45
N ASP I 339 -28.27 6.37 -54.52
CA ASP I 339 -29.58 5.97 -55.05
C ASP I 339 -30.66 6.39 -54.05
N LYS I 340 -31.67 7.09 -54.56
CA LYS I 340 -32.71 7.65 -53.69
C LYS I 340 -33.52 6.55 -53.01
N ALA I 341 -33.82 5.47 -53.75
CA ALA I 341 -34.57 4.36 -53.19
C ALA I 341 -33.80 3.67 -52.06
N GLN I 342 -32.48 3.57 -52.21
CA GLN I 342 -31.67 2.97 -51.16
C GLN I 342 -31.66 3.83 -49.90
N ILE I 343 -31.61 5.15 -50.05
CA ILE I 343 -31.70 6.05 -48.91
C ILE I 343 -33.07 5.94 -48.25
N GLU I 344 -34.13 5.78 -49.05
CA GLU I 344 -35.46 5.59 -48.49
C GLU I 344 -35.55 4.29 -47.70
N LYS I 345 -34.99 3.21 -48.23
CA LYS I 345 -35.00 1.93 -47.52
C LYS I 345 -34.18 2.00 -46.23
N ARG I 346 -33.05 2.71 -46.25
CA ARG I 346 -32.27 2.90 -45.04
C ARG I 346 -33.03 3.74 -44.01
N ILE I 347 -33.80 4.72 -44.49
CA ILE I 347 -34.62 5.55 -43.61
C ILE I 347 -35.70 4.70 -42.94
N GLN I 348 -36.37 3.83 -43.70
CA GLN I 348 -37.35 2.93 -43.09
C GLN I 348 -36.69 1.93 -42.15
N GLU I 349 -35.47 1.48 -42.45
CA GLU I 349 -34.73 0.63 -41.53
C GLU I 349 -34.48 1.33 -40.20
N ILE I 350 -34.06 2.60 -40.25
CA ILE I 350 -33.85 3.38 -39.03
C ILE I 350 -35.17 3.60 -38.30
N ILE I 351 -36.26 3.77 -39.04
CA ILE I 351 -37.58 3.96 -38.42
C ILE I 351 -38.01 2.72 -37.66
N GLU I 352 -37.90 1.54 -38.29
CA GLU I 352 -38.28 0.30 -37.62
C GLU I 352 -37.31 -0.05 -36.49
N GLN I 353 -36.06 0.42 -36.58
CA GLN I 353 -35.15 0.31 -35.45
C GLN I 353 -35.61 1.18 -34.29
N LEU I 354 -36.11 2.38 -34.61
CA LEU I 354 -36.63 3.28 -33.58
C LEU I 354 -37.85 2.70 -32.90
N ASP I 355 -38.68 1.96 -33.64
CA ASP I 355 -39.88 1.38 -33.07
C ASP I 355 -39.59 0.30 -32.03
N VAL I 356 -38.41 -0.32 -32.06
CA VAL I 356 -38.11 -1.44 -31.17
C VAL I 356 -37.00 -1.08 -30.17
N THR I 357 -36.78 0.21 -29.90
CA THR I 357 -35.78 0.64 -28.94
C THR I 357 -36.43 1.41 -27.81
N THR I 358 -35.96 1.17 -26.58
CA THR I 358 -36.47 1.87 -25.41
C THR I 358 -35.36 2.26 -24.45
N SER I 359 -34.12 2.37 -24.91
CA SER I 359 -33.00 2.69 -24.05
C SER I 359 -32.86 4.19 -23.76
N GLU I 360 -33.59 5.04 -24.49
CA GLU I 360 -33.60 6.50 -24.39
C GLU I 360 -32.23 7.13 -24.68
N TYR I 361 -31.27 6.37 -25.19
CA TYR I 361 -29.99 6.89 -25.63
C TYR I 361 -29.64 6.45 -27.05
N GLU I 362 -29.97 5.21 -27.40
CA GLU I 362 -29.85 4.78 -28.79
C GLU I 362 -30.95 5.37 -29.67
N LYS I 363 -32.09 5.74 -29.07
CA LYS I 363 -33.13 6.42 -29.82
C LYS I 363 -32.66 7.79 -30.29
N GLU I 364 -31.87 8.48 -29.47
CA GLU I 364 -31.28 9.75 -29.88
C GLU I 364 -30.33 9.57 -31.05
N LYS I 365 -29.51 8.50 -31.01
CA LYS I 365 -28.58 8.24 -32.11
C LYS I 365 -29.32 7.88 -33.40
N LEU I 366 -30.40 7.09 -33.29
CA LEU I 366 -31.20 6.76 -34.46
C LEU I 366 -31.90 7.98 -35.03
N ASN I 367 -32.42 8.86 -34.16
CA ASN I 367 -33.03 10.10 -34.63
C ASN I 367 -32.01 11.01 -35.29
N GLU I 368 -30.79 11.05 -34.76
CA GLU I 368 -29.72 11.84 -35.38
C GLU I 368 -29.35 11.29 -36.75
N ARG I 369 -29.26 9.97 -36.88
CA ARG I 369 -28.98 9.35 -38.17
C ARG I 369 -30.09 9.62 -39.18
N LEU I 370 -31.34 9.53 -38.73
CA LEU I 370 -32.49 9.83 -39.59
C LEU I 370 -32.48 11.29 -40.03
N ALA I 371 -32.14 12.20 -39.12
CA ALA I 371 -32.09 13.62 -39.46
C ALA I 371 -30.98 13.92 -40.45
N LYS I 372 -29.80 13.31 -40.26
CA LYS I 372 -28.70 13.51 -41.21
C LYS I 372 -29.04 12.93 -42.58
N LEU I 373 -29.79 11.83 -42.61
CA LEU I 373 -30.17 11.25 -43.89
C LEU I 373 -31.30 12.02 -44.57
N SER I 374 -32.19 12.65 -43.81
CA SER I 374 -33.44 13.15 -44.38
C SER I 374 -33.56 14.67 -44.37
N ASP I 375 -33.49 15.32 -43.21
CA ASP I 375 -33.88 16.73 -43.11
C ASP I 375 -32.88 17.63 -42.40
N GLY I 376 -31.84 17.09 -41.78
CA GLY I 376 -30.90 17.92 -41.05
C GLY I 376 -31.31 18.15 -39.60
N VAL I 377 -30.48 18.89 -38.90
CA VAL I 377 -30.68 19.17 -37.48
C VAL I 377 -30.66 20.68 -37.25
N ALA I 378 -31.34 21.11 -36.19
CA ALA I 378 -31.41 22.51 -35.81
C ALA I 378 -30.77 22.69 -34.44
N VAL I 379 -29.99 23.75 -34.30
CA VAL I 379 -29.33 24.08 -33.04
C VAL I 379 -29.80 25.45 -32.61
N LEU I 380 -30.45 25.51 -31.44
CA LEU I 380 -30.83 26.77 -30.82
C LEU I 380 -29.75 27.16 -29.83
N LYS I 381 -29.07 28.26 -30.09
CA LYS I 381 -28.09 28.82 -29.17
C LYS I 381 -28.72 29.98 -28.43
N VAL I 382 -28.72 29.91 -27.10
CA VAL I 382 -29.45 30.83 -26.24
C VAL I 382 -28.50 31.96 -25.87
N GLY I 383 -28.87 33.18 -26.27
CA GLY I 383 -28.07 34.34 -25.93
C GLY I 383 -28.26 34.78 -24.49
N GLY I 384 -27.36 35.62 -24.04
CA GLY I 384 -27.45 36.16 -22.69
C GLY I 384 -26.17 36.86 -22.31
N THR I 385 -26.28 37.65 -21.24
CA THR I 385 -25.17 38.46 -20.76
C THR I 385 -24.28 37.67 -19.80
N SER I 386 -24.85 36.74 -19.04
CA SER I 386 -24.12 35.96 -18.06
C SER I 386 -24.67 34.53 -18.05
N ASP I 387 -23.94 33.65 -17.38
CA ASP I 387 -24.31 32.24 -17.34
C ASP I 387 -25.61 32.00 -16.57
N VAL I 388 -25.87 32.79 -15.53
CA VAL I 388 -27.13 32.64 -14.78
C VAL I 388 -28.33 33.01 -15.64
N GLU I 389 -28.20 34.08 -16.44
CA GLU I 389 -29.26 34.46 -17.37
C GLU I 389 -29.43 33.43 -18.48
N VAL I 390 -28.31 32.90 -18.99
CA VAL I 390 -28.36 31.91 -20.06
C VAL I 390 -29.05 30.64 -19.58
N ASN I 391 -28.72 30.19 -18.38
CA ASN I 391 -29.36 28.98 -17.83
C ASN I 391 -30.85 29.22 -17.56
N GLU I 392 -31.19 30.40 -17.04
CA GLU I 392 -32.60 30.71 -16.78
C GLU I 392 -33.42 30.73 -18.07
N LYS I 393 -32.89 31.35 -19.12
CA LYS I 393 -33.60 31.37 -20.40
C LYS I 393 -33.60 30.00 -21.07
N LYS I 394 -32.54 29.22 -20.88
CA LYS I 394 -32.43 27.90 -21.47
C LYS I 394 -33.45 26.94 -20.88
N ASP I 395 -33.78 27.10 -19.59
CA ASP I 395 -34.85 26.32 -18.99
C ASP I 395 -36.19 26.56 -19.71
N ARG I 396 -36.49 27.83 -20.00
CA ARG I 396 -37.74 28.16 -20.68
C ARG I 396 -37.74 27.71 -22.13
N VAL I 397 -36.58 27.76 -22.80
CA VAL I 397 -36.47 27.27 -24.17
C VAL I 397 -36.71 25.76 -24.23
N THR I 398 -36.11 25.01 -23.28
CA THR I 398 -36.34 23.57 -23.20
C THR I 398 -37.80 23.26 -22.90
N ASP I 399 -38.42 24.05 -22.01
CA ASP I 399 -39.85 23.90 -21.71
C ASP I 399 -40.70 24.12 -22.97
N ALA I 400 -40.37 25.13 -23.76
CA ALA I 400 -41.16 25.44 -24.94
C ALA I 400 -40.97 24.38 -26.02
N LEU I 401 -39.76 23.84 -26.16
CA LEU I 401 -39.55 22.74 -27.10
C LEU I 401 -40.33 21.49 -26.70
N ASN I 402 -40.30 21.14 -25.40
CA ASN I 402 -41.04 19.97 -24.94
C ASN I 402 -42.55 20.16 -25.11
N ALA I 403 -43.04 21.36 -24.80
CA ALA I 403 -44.48 21.62 -24.94
C ALA I 403 -44.91 21.62 -26.40
N THR I 404 -44.09 22.15 -27.30
CA THR I 404 -44.43 22.12 -28.71
C THR I 404 -44.41 20.71 -29.26
N ARG I 405 -43.46 19.89 -28.81
CA ARG I 405 -43.43 18.48 -29.21
C ARG I 405 -44.68 17.75 -28.72
N ALA I 406 -45.08 18.02 -27.47
CA ALA I 406 -46.28 17.41 -26.92
C ALA I 406 -47.54 17.87 -27.66
N ALA I 407 -47.56 19.13 -28.10
CA ALA I 407 -48.71 19.63 -28.83
C ALA I 407 -48.78 19.05 -30.24
N VAL I 408 -47.63 18.78 -30.86
CA VAL I 408 -47.62 18.06 -32.14
C VAL I 408 -48.13 16.63 -31.94
N GLU I 409 -47.74 15.99 -30.83
CA GLU I 409 -48.23 14.64 -30.56
C GLU I 409 -49.74 14.59 -30.32
N GLU I 410 -50.23 15.30 -29.30
CA GLU I 410 -51.58 15.05 -28.82
C GLU I 410 -52.53 16.24 -28.89
N GLY I 411 -52.16 17.31 -29.57
CA GLY I 411 -53.08 18.43 -29.74
C GLY I 411 -53.01 19.46 -28.63
N ILE I 412 -53.95 20.40 -28.69
CA ILE I 412 -53.96 21.53 -27.78
C ILE I 412 -55.33 21.67 -27.13
N VAL I 413 -55.33 22.27 -25.94
CA VAL I 413 -56.54 22.66 -25.22
C VAL I 413 -56.39 24.13 -24.81
N LEU I 414 -57.40 24.64 -24.10
CA LEU I 414 -57.35 26.01 -23.61
C LEU I 414 -56.32 26.15 -22.49
N GLY I 415 -55.53 27.22 -22.55
CA GLY I 415 -54.55 27.51 -21.53
C GLY I 415 -55.16 28.25 -20.35
N GLY I 416 -54.28 28.68 -19.46
CA GLY I 416 -54.68 29.42 -18.27
C GLY I 416 -55.50 28.65 -17.28
N GLY I 417 -55.33 27.32 -17.23
CA GLY I 417 -56.13 26.50 -16.32
C GLY I 417 -57.57 26.34 -16.70
N CYS I 418 -57.98 26.81 -17.88
CA CYS I 418 -59.38 26.75 -18.28
C CYS I 418 -59.80 25.38 -18.78
N ALA I 419 -58.85 24.59 -19.29
CA ALA I 419 -59.16 23.26 -19.78
C ALA I 419 -59.62 22.35 -18.64
N LEU I 420 -58.96 22.45 -17.48
CA LEU I 420 -59.43 21.71 -16.31
C LEU I 420 -60.71 22.31 -15.75
N LEU I 421 -60.91 23.62 -15.92
CA LEU I 421 -62.12 24.26 -15.44
C LEU I 421 -63.35 23.80 -16.20
N ARG I 422 -63.21 23.57 -17.51
CA ARG I 422 -64.35 23.14 -18.32
C ARG I 422 -64.60 21.64 -18.23
N CYS I 423 -63.79 20.90 -17.49
CA CYS I 423 -64.03 19.47 -17.25
C CYS I 423 -64.87 19.22 -16.01
N ILE I 424 -65.24 20.27 -15.27
CA ILE I 424 -66.05 20.09 -14.06
C ILE I 424 -67.45 19.52 -14.33
N PRO I 425 -68.20 19.96 -15.35
CA PRO I 425 -69.50 19.30 -15.63
C PRO I 425 -69.39 17.82 -16.00
N ALA I 426 -68.23 17.36 -16.47
CA ALA I 426 -68.05 15.91 -16.65
C ALA I 426 -68.04 15.19 -15.31
N LEU I 427 -67.50 15.82 -14.26
CA LEU I 427 -67.57 15.25 -12.92
C LEU I 427 -68.94 15.39 -12.31
N ASP I 428 -69.69 16.44 -12.69
CA ASP I 428 -71.03 16.62 -12.14
C ASP I 428 -72.01 15.56 -12.64
N SER I 429 -71.67 14.81 -13.68
CA SER I 429 -72.54 13.80 -14.25
C SER I 429 -72.17 12.38 -13.81
N LEU I 430 -71.19 12.23 -12.92
CA LEU I 430 -70.81 10.91 -12.44
C LEU I 430 -71.73 10.44 -11.32
N THR I 431 -71.86 9.13 -11.19
CA THR I 431 -72.62 8.51 -10.11
C THR I 431 -71.69 7.69 -9.24
N PRO I 432 -71.31 8.17 -8.05
CA PRO I 432 -70.41 7.40 -7.19
C PRO I 432 -71.08 6.17 -6.63
N ALA I 433 -70.26 5.13 -6.39
CA ALA I 433 -70.77 3.88 -5.86
C ALA I 433 -71.10 3.97 -4.38
N ASN I 434 -70.37 4.79 -3.63
CA ASN I 434 -70.61 4.95 -2.20
C ASN I 434 -70.17 6.34 -1.80
N GLU I 435 -70.13 6.60 -0.48
CA GLU I 435 -69.84 7.94 0.01
C GLU I 435 -68.36 8.30 -0.10
N ASP I 436 -67.46 7.32 0.07
CA ASP I 436 -66.03 7.59 0.00
C ASP I 436 -65.62 7.98 -1.43
N GLN I 437 -66.16 7.29 -2.43
CA GLN I 437 -65.88 7.68 -3.80
C GLN I 437 -66.51 9.02 -4.15
N LYS I 438 -67.64 9.35 -3.54
CA LYS I 438 -68.21 10.69 -3.70
C LYS I 438 -67.29 11.76 -3.12
N ILE I 439 -66.66 11.45 -1.98
CA ILE I 439 -65.69 12.33 -1.38
C ILE I 439 -64.50 12.54 -2.32
N GLY I 440 -64.01 11.45 -2.92
CA GLY I 440 -62.90 11.56 -3.84
C GLY I 440 -63.22 12.36 -5.09
N ILE I 441 -64.43 12.16 -5.63
CA ILE I 441 -64.89 12.92 -6.79
C ILE I 441 -64.97 14.41 -6.45
N GLU I 442 -65.50 14.74 -5.26
CA GLU I 442 -65.58 16.14 -4.86
C GLU I 442 -64.20 16.74 -4.61
N ILE I 443 -63.24 15.92 -4.14
CA ILE I 443 -61.87 16.39 -3.99
C ILE I 443 -61.29 16.80 -5.33
N ILE I 444 -61.49 15.97 -6.35
CA ILE I 444 -60.99 16.29 -7.68
C ILE I 444 -61.72 17.50 -8.27
N LYS I 445 -63.02 17.60 -8.00
CA LYS I 445 -63.80 18.74 -8.50
C LYS I 445 -63.32 20.06 -7.90
N ARG I 446 -62.99 20.06 -6.60
CA ARG I 446 -62.41 21.25 -5.99
C ARG I 446 -61.01 21.52 -6.52
N THR I 447 -60.23 20.47 -6.78
CA THR I 447 -58.86 20.61 -7.25
C THR I 447 -58.80 21.19 -8.66
N LEU I 448 -59.83 20.96 -9.47
CA LEU I 448 -59.80 21.42 -10.86
C LEU I 448 -59.77 22.94 -11.00
N LYS I 449 -60.20 23.70 -9.99
CA LYS I 449 -60.10 25.15 -10.03
C LYS I 449 -58.72 25.69 -9.65
N ILE I 450 -57.85 24.83 -9.11
CA ILE I 450 -56.60 25.32 -8.49
C ILE I 450 -55.63 25.98 -9.48
N PRO I 451 -55.35 25.42 -10.67
CA PRO I 451 -54.38 26.12 -11.56
C PRO I 451 -54.81 27.52 -11.98
N ALA I 452 -56.10 27.71 -12.31
CA ALA I 452 -56.58 29.04 -12.68
C ALA I 452 -56.52 30.01 -11.50
N MET I 453 -56.85 29.53 -10.30
CA MET I 453 -56.76 30.37 -9.11
C MET I 453 -55.31 30.76 -8.82
N THR I 454 -54.37 29.83 -8.99
CA THR I 454 -52.96 30.13 -8.74
C THR I 454 -52.42 31.12 -9.76
N ILE I 455 -52.82 30.96 -11.03
CA ILE I 455 -52.40 31.90 -12.07
C ILE I 455 -52.96 33.30 -11.80
N ALA I 456 -54.23 33.38 -11.38
CA ALA I 456 -54.83 34.67 -11.07
C ALA I 456 -54.23 35.28 -9.81
N LYS I 457 -53.89 34.44 -8.82
CA LYS I 457 -53.30 34.95 -7.58
C LYS I 457 -51.90 35.51 -7.82
N ASN I 458 -51.12 34.86 -8.70
CA ASN I 458 -49.81 35.38 -9.03
C ASN I 458 -49.88 36.69 -9.81
N ALA I 459 -51.02 36.98 -10.44
CA ALA I 459 -51.23 38.24 -11.14
C ALA I 459 -51.81 39.32 -10.23
N GLY I 460 -51.96 39.05 -8.94
CA GLY I 460 -52.41 40.06 -8.00
C GLY I 460 -53.89 40.35 -7.98
N VAL I 461 -54.73 39.41 -8.44
CA VAL I 461 -56.17 39.56 -8.35
C VAL I 461 -56.72 38.39 -7.54
N GLU I 462 -57.97 38.53 -7.10
CA GLU I 462 -58.64 37.47 -6.36
C GLU I 462 -59.00 36.33 -7.30
N GLY I 463 -58.42 35.15 -7.05
CA GLY I 463 -58.57 34.05 -7.99
C GLY I 463 -59.95 33.42 -8.00
N SER I 464 -60.66 33.46 -6.88
CA SER I 464 -61.98 32.84 -6.80
C SER I 464 -62.99 33.58 -7.65
N LEU I 465 -62.96 34.92 -7.63
CA LEU I 465 -63.85 35.72 -8.46
C LEU I 465 -63.57 35.51 -9.94
N ILE I 466 -62.28 35.43 -10.30
CA ILE I 466 -61.89 35.17 -11.68
C ILE I 466 -62.40 33.82 -12.13
N VAL I 467 -62.26 32.79 -11.29
CA VAL I 467 -62.66 31.44 -11.66
C VAL I 467 -64.19 31.35 -11.77
N GLU I 468 -64.92 32.04 -10.90
CA GLU I 468 -66.38 32.04 -11.00
C GLU I 468 -66.86 32.77 -12.25
N LYS I 469 -66.18 33.86 -12.63
CA LYS I 469 -66.57 34.54 -13.87
C LYS I 469 -66.20 33.72 -15.10
N ILE I 470 -65.12 32.94 -15.04
CA ILE I 470 -64.80 32.01 -16.13
C ILE I 470 -65.88 30.94 -16.25
N MET I 471 -66.32 30.40 -15.12
CA MET I 471 -67.39 29.38 -15.14
C MET I 471 -68.70 29.94 -15.67
N GLN I 472 -69.05 31.17 -15.29
CA GLN I 472 -70.28 31.77 -15.79
C GLN I 472 -70.16 32.24 -17.24
N SER I 473 -68.96 32.23 -17.82
CA SER I 473 -68.76 32.64 -19.20
C SER I 473 -69.01 31.47 -20.15
N SER I 474 -69.00 31.77 -21.44
CA SER I 474 -69.08 30.73 -22.45
C SER I 474 -67.76 29.97 -22.53
N SER I 475 -67.80 28.80 -23.17
CA SER I 475 -66.73 27.81 -23.05
C SER I 475 -65.41 28.26 -23.66
N GLU I 476 -65.42 29.22 -24.58
CA GLU I 476 -64.19 29.68 -25.22
C GLU I 476 -63.54 30.85 -24.50
N VAL I 477 -64.18 31.39 -23.46
CA VAL I 477 -63.70 32.59 -22.77
C VAL I 477 -62.92 32.18 -21.54
N GLY I 478 -61.70 32.71 -21.41
CA GLY I 478 -60.90 32.52 -20.22
C GLY I 478 -60.28 33.84 -19.78
N TYR I 479 -59.44 33.76 -18.75
CA TYR I 479 -58.78 34.93 -18.21
C TYR I 479 -57.37 35.06 -18.78
N ASP I 480 -57.09 36.20 -19.40
CA ASP I 480 -55.73 36.58 -19.76
C ASP I 480 -55.11 37.22 -18.52
N ALA I 481 -54.26 36.48 -17.82
CA ALA I 481 -53.64 37.01 -16.61
C ALA I 481 -52.61 38.07 -16.93
N MET I 482 -51.96 37.97 -18.09
CA MET I 482 -50.97 38.96 -18.47
C MET I 482 -51.60 40.30 -18.80
N ALA I 483 -52.78 40.30 -19.40
CA ALA I 483 -53.48 41.53 -19.76
C ALA I 483 -54.55 41.93 -18.76
N GLY I 484 -54.95 41.04 -17.85
CA GLY I 484 -56.02 41.33 -16.93
C GLY I 484 -57.39 41.37 -17.54
N ASP I 485 -57.62 40.64 -18.63
CA ASP I 485 -58.86 40.69 -19.39
C ASP I 485 -59.45 39.30 -19.55
N PHE I 486 -60.75 39.27 -19.83
CA PHE I 486 -61.46 38.03 -20.15
C PHE I 486 -61.60 37.96 -21.67
N VAL I 487 -60.91 37.00 -22.28
CA VAL I 487 -60.69 36.98 -23.73
C VAL I 487 -61.04 35.61 -24.29
N ASN I 488 -61.15 35.56 -25.61
CA ASN I 488 -61.14 34.31 -26.34
C ASN I 488 -59.72 33.74 -26.33
N MET I 489 -59.54 32.58 -25.72
CA MET I 489 -58.19 32.07 -25.46
C MET I 489 -57.52 31.52 -26.71
N VAL I 490 -58.29 30.92 -27.62
CA VAL I 490 -57.71 30.41 -28.87
C VAL I 490 -57.29 31.57 -29.77
N GLU I 491 -58.12 32.62 -29.83
CA GLU I 491 -57.78 33.79 -30.64
C GLU I 491 -56.55 34.51 -30.10
N LYS I 492 -56.43 34.62 -28.77
CA LYS I 492 -55.28 35.28 -28.17
C LYS I 492 -54.06 34.37 -28.07
N GLY I 493 -54.19 33.10 -28.40
CA GLY I 493 -53.06 32.20 -28.39
C GLY I 493 -52.71 31.62 -27.03
N ILE I 494 -53.55 31.79 -26.02
CA ILE I 494 -53.30 31.22 -24.71
C ILE I 494 -53.80 29.78 -24.72
N ILE I 495 -52.95 28.86 -25.14
CA ILE I 495 -53.31 27.47 -25.35
C ILE I 495 -52.27 26.58 -24.68
N ASP I 496 -52.69 25.38 -24.31
CA ASP I 496 -51.84 24.42 -23.64
C ASP I 496 -51.89 23.10 -24.40
N PRO I 497 -50.80 22.34 -24.41
CA PRO I 497 -50.87 20.98 -24.96
C PRO I 497 -51.63 20.05 -24.02
N THR I 498 -52.46 19.19 -24.62
CA THR I 498 -53.33 18.29 -23.85
C THR I 498 -52.51 17.29 -23.03
N LYS I 499 -51.39 16.82 -23.61
CA LYS I 499 -50.53 15.85 -22.95
C LYS I 499 -50.00 16.38 -21.63
N VAL I 500 -49.58 17.65 -21.60
CA VAL I 500 -49.03 18.26 -20.39
C VAL I 500 -50.09 18.34 -19.30
N VAL I 501 -51.29 18.77 -19.66
CA VAL I 501 -52.38 18.92 -18.69
C VAL I 501 -52.76 17.58 -18.08
N ARG I 502 -52.97 16.57 -18.94
CA ARG I 502 -53.38 15.28 -18.42
C ARG I 502 -52.26 14.58 -17.65
N THR I 503 -50.99 14.77 -18.07
CA THR I 503 -49.87 14.19 -17.35
C THR I 503 -49.74 14.80 -15.95
N ALA I 504 -49.86 16.13 -15.85
CA ALA I 504 -49.77 16.80 -14.56
C ALA I 504 -50.87 16.33 -13.63
N LEU I 505 -52.12 16.27 -14.15
CA LEU I 505 -53.24 15.83 -13.33
C LEU I 505 -53.08 14.38 -12.87
N LEU I 506 -52.67 13.49 -13.79
CA LEU I 506 -52.57 12.07 -13.43
C LEU I 506 -51.47 11.82 -12.42
N ASP I 507 -50.30 12.45 -12.60
CA ASP I 507 -49.19 12.25 -11.66
C ASP I 507 -49.52 12.80 -10.27
N ALA I 508 -50.08 14.01 -10.23
CA ALA I 508 -50.48 14.61 -8.97
C ALA I 508 -51.52 13.77 -8.25
N ALA I 509 -52.53 13.32 -8.98
CA ALA I 509 -53.62 12.55 -8.39
C ALA I 509 -53.13 11.23 -7.83
N GLY I 510 -52.31 10.51 -8.61
CA GLY I 510 -51.81 9.22 -8.16
C GLY I 510 -51.01 9.32 -6.88
N VAL I 511 -50.01 10.20 -6.85
CA VAL I 511 -49.17 10.26 -5.65
C VAL I 511 -49.92 10.85 -4.46
N ALA I 512 -50.71 11.91 -4.67
CA ALA I 512 -51.36 12.56 -3.53
C ALA I 512 -52.49 11.72 -2.96
N SER I 513 -53.23 11.00 -3.81
CA SER I 513 -54.27 10.11 -3.29
C SER I 513 -53.67 8.86 -2.66
N LEU I 514 -52.46 8.45 -3.05
CA LEU I 514 -51.78 7.44 -2.24
C LEU I 514 -51.38 8.00 -0.88
N LEU I 515 -50.91 9.25 -0.86
CA LEU I 515 -50.46 9.87 0.38
C LEU I 515 -51.60 10.02 1.39
N THR I 516 -52.81 10.34 0.90
CA THR I 516 -53.93 10.56 1.81
C THR I 516 -54.52 9.27 2.37
N THR I 517 -54.00 8.10 2.03
CA THR I 517 -54.43 6.85 2.65
C THR I 517 -53.66 6.53 3.93
N ALA I 518 -52.66 7.33 4.27
CA ALA I 518 -51.75 7.00 5.36
C ALA I 518 -52.38 7.24 6.72
N GLU I 519 -52.06 6.35 7.66
CA GLU I 519 -52.44 6.47 9.06
C GLU I 519 -51.24 6.51 10.00
N VAL I 520 -50.13 5.87 9.63
CA VAL I 520 -48.93 5.74 10.45
C VAL I 520 -47.74 6.16 9.61
N VAL I 521 -46.83 6.93 10.20
CA VAL I 521 -45.59 7.31 9.52
C VAL I 521 -44.41 6.84 10.38
N VAL I 522 -43.46 6.16 9.75
CA VAL I 522 -42.28 5.64 10.42
C VAL I 522 -41.06 6.36 9.86
N THR I 523 -40.34 7.06 10.71
CA THR I 523 -39.11 7.77 10.35
C THR I 523 -37.98 7.35 11.28
N GLU I 524 -36.75 7.57 10.83
CA GLU I 524 -35.59 7.28 11.66
C GLU I 524 -35.37 8.41 12.67
N ILE I 525 -34.83 8.03 13.82
CA ILE I 525 -34.43 9.04 14.82
C ILE I 525 -33.26 9.84 14.26
N PRO I 526 -33.32 11.16 14.24
CA PRO I 526 -32.21 11.95 13.69
C PRO I 526 -30.97 11.87 14.58
N LYS I 527 -29.85 11.50 13.97
CA LYS I 527 -28.59 11.39 14.71
C LYS I 527 -27.88 12.73 14.75
N GLY J 3 37.81 -14.69 -61.73
CA GLY J 3 37.46 -13.48 -61.02
C GLY J 3 37.49 -12.23 -61.87
N GLN J 4 36.50 -11.38 -61.69
CA GLN J 4 36.38 -10.12 -62.43
C GLN J 4 36.29 -8.97 -61.44
N ALA J 5 37.15 -7.97 -61.61
CA ALA J 5 37.18 -6.83 -60.72
C ALA J 5 36.27 -5.73 -61.20
N PHE J 6 35.78 -4.92 -60.27
CA PHE J 6 34.90 -3.80 -60.59
C PHE J 6 35.26 -2.63 -59.68
N ARG J 7 35.61 -1.49 -60.29
CA ARG J 7 36.13 -0.30 -59.60
C ARG J 7 37.30 -0.68 -58.69
N LYS J 8 38.28 -1.36 -59.30
CA LYS J 8 39.50 -1.90 -58.66
C LYS J 8 39.23 -2.70 -57.38
N PHE J 9 38.04 -3.32 -57.29
CA PHE J 9 37.73 -4.24 -56.20
C PHE J 9 37.44 -5.61 -56.79
N LEU J 10 38.18 -6.61 -56.33
CA LEU J 10 38.02 -7.99 -56.77
C LEU J 10 37.53 -8.84 -55.62
N PRO J 11 36.40 -9.53 -55.76
CA PRO J 11 35.91 -10.38 -54.66
C PRO J 11 36.73 -11.65 -54.52
N LEU J 12 36.72 -12.20 -53.32
CA LEU J 12 37.51 -13.39 -52.99
C LEU J 12 36.61 -14.61 -52.92
N PHE J 13 37.15 -15.74 -53.39
CA PHE J 13 36.50 -17.07 -53.40
C PHE J 13 35.23 -16.97 -54.24
N ASP J 14 34.08 -17.45 -53.77
CA ASP J 14 32.86 -17.47 -54.54
C ASP J 14 31.94 -16.29 -54.26
N ARG J 15 32.46 -15.23 -53.64
CA ARG J 15 31.65 -14.05 -53.35
C ARG J 15 31.30 -13.31 -54.65
N VAL J 16 30.12 -12.70 -54.66
CA VAL J 16 29.61 -11.97 -55.81
C VAL J 16 29.21 -10.57 -55.36
N LEU J 17 29.63 -9.55 -56.10
CA LEU J 17 29.27 -8.16 -55.81
C LEU J 17 28.15 -7.73 -56.72
N VAL J 18 27.08 -7.19 -56.13
CA VAL J 18 25.90 -6.78 -56.90
C VAL J 18 25.61 -5.30 -56.63
N GLU J 19 24.95 -4.69 -57.60
CA GLU J 19 24.41 -3.34 -57.43
C GLU J 19 22.90 -3.42 -57.49
N ARG J 20 22.25 -3.00 -56.42
CA ARG J 20 20.79 -3.07 -56.33
C ARG J 20 20.15 -2.10 -57.31
N SER J 21 18.99 -2.49 -57.83
CA SER J 21 18.26 -1.65 -58.76
C SER J 21 17.66 -0.44 -58.03
N ALA J 22 17.32 0.58 -58.82
CA ALA J 22 16.73 1.79 -58.26
C ALA J 22 15.33 1.50 -57.71
N ALA J 23 15.06 2.02 -56.52
CA ALA J 23 13.76 1.84 -55.91
C ALA J 23 12.70 2.61 -56.68
N GLU J 24 11.50 2.03 -56.77
CA GLU J 24 10.41 2.67 -57.48
C GLU J 24 9.92 3.89 -56.72
N THR J 25 9.96 5.05 -57.38
CA THR J 25 9.55 6.30 -56.76
C THR J 25 8.13 6.71 -57.09
N VAL J 26 7.57 6.16 -58.17
CA VAL J 26 6.21 6.50 -58.59
C VAL J 26 5.59 5.24 -59.19
N THR J 27 4.30 5.04 -58.93
CA THR J 27 3.61 3.87 -59.45
C THR J 27 3.20 4.10 -60.90
N LYS J 28 2.56 3.09 -61.49
CA LYS J 28 2.11 3.16 -62.87
C LYS J 28 1.01 4.20 -63.06
N GLY J 29 0.20 4.43 -62.03
CA GLY J 29 -0.86 5.41 -62.09
C GLY J 29 -0.43 6.84 -61.80
N GLY J 30 0.86 7.08 -61.58
CA GLY J 30 1.34 8.42 -61.31
C GLY J 30 1.27 8.84 -59.86
N ILE J 31 1.35 7.89 -58.94
CA ILE J 31 1.28 8.18 -57.51
C ILE J 31 2.69 8.04 -56.94
N MET J 32 3.22 9.14 -56.41
CA MET J 32 4.57 9.13 -55.87
C MET J 32 4.59 8.43 -54.51
N LEU J 33 5.66 7.68 -54.27
CA LEU J 33 5.78 6.92 -53.04
C LEU J 33 6.79 7.55 -52.10
N PRO J 34 6.55 7.49 -50.79
CA PRO J 34 7.56 7.99 -49.84
C PRO J 34 8.81 7.13 -49.83
N GLU J 35 9.93 7.77 -49.53
CA GLU J 35 11.23 7.10 -49.62
C GLU J 35 11.40 6.05 -48.53
N LYS J 36 11.04 6.37 -47.29
CA LYS J 36 11.23 5.43 -46.18
C LYS J 36 10.26 4.25 -46.22
N SER J 37 9.24 4.29 -47.07
CA SER J 37 8.36 3.15 -47.26
C SER J 37 8.88 2.16 -48.29
N GLN J 38 9.94 2.51 -49.01
CA GLN J 38 10.52 1.62 -50.02
C GLN J 38 11.62 0.80 -49.37
N GLY J 39 11.43 -0.51 -49.32
CA GLY J 39 12.41 -1.40 -48.75
C GLY J 39 13.58 -1.64 -49.68
N LYS J 40 14.42 -2.60 -49.29
CA LYS J 40 15.57 -2.96 -50.11
C LYS J 40 15.11 -3.65 -51.38
N VAL J 41 15.75 -3.31 -52.50
CA VAL J 41 15.37 -3.85 -53.79
C VAL J 41 16.00 -5.22 -53.96
N LEU J 42 15.18 -6.23 -54.20
CA LEU J 42 15.66 -7.59 -54.38
C LEU J 42 16.20 -7.83 -55.78
N GLN J 43 15.89 -6.94 -56.72
CA GLN J 43 16.49 -7.02 -58.05
C GLN J 43 17.83 -6.30 -58.03
N ALA J 44 18.80 -6.88 -58.74
CA ALA J 44 20.14 -6.32 -58.80
C ALA J 44 20.86 -6.87 -60.02
N THR J 45 21.99 -6.25 -60.34
CA THR J 45 22.83 -6.67 -61.44
C THR J 45 24.22 -7.00 -60.90
N VAL J 46 24.88 -7.96 -61.53
CA VAL J 46 26.17 -8.44 -61.08
C VAL J 46 27.26 -7.55 -61.68
N VAL J 47 28.07 -6.94 -60.82
CA VAL J 47 29.17 -6.10 -61.28
C VAL J 47 30.53 -6.75 -61.08
N ALA J 48 30.68 -7.70 -60.15
CA ALA J 48 31.96 -8.33 -59.90
C ALA J 48 31.74 -9.72 -59.31
N VAL J 49 32.53 -10.68 -59.79
CA VAL J 49 32.50 -12.04 -59.27
C VAL J 49 33.90 -12.42 -58.80
N GLY J 50 33.95 -13.33 -57.84
CA GLY J 50 35.21 -13.93 -57.42
C GLY J 50 35.63 -15.04 -58.37
N SER J 51 36.81 -15.59 -58.09
CA SER J 51 37.31 -16.70 -58.91
C SER J 51 36.57 -17.99 -58.63
N GLY J 52 35.95 -18.12 -57.47
CA GLY J 52 35.25 -19.32 -57.09
C GLY J 52 36.00 -20.11 -56.03
N SER J 53 35.29 -21.05 -55.42
CA SER J 53 35.85 -21.89 -54.37
C SER J 53 36.25 -23.26 -54.94
N LYS J 54 36.89 -24.06 -54.11
CA LYS J 54 37.33 -25.41 -54.48
C LYS J 54 36.36 -26.40 -53.84
N GLY J 55 35.24 -26.66 -54.54
CA GLY J 55 34.26 -27.60 -54.01
C GLY J 55 34.72 -29.03 -54.09
N LYS J 56 35.40 -29.41 -55.18
CA LYS J 56 35.92 -30.75 -55.36
C LYS J 56 37.43 -30.75 -55.14
N GLY J 57 38.05 -31.91 -55.40
CA GLY J 57 39.45 -32.10 -55.07
C GLY J 57 40.44 -31.62 -56.10
N GLY J 58 41.09 -30.48 -55.83
CA GLY J 58 42.21 -30.02 -56.62
C GLY J 58 41.90 -28.95 -57.65
N GLU J 59 40.63 -28.67 -57.93
CA GLU J 59 40.27 -27.70 -58.95
C GLU J 59 39.38 -26.62 -58.36
N ILE J 60 39.31 -25.48 -59.07
CA ILE J 60 38.54 -24.32 -58.65
C ILE J 60 37.21 -24.34 -59.42
N GLN J 61 36.11 -24.24 -58.67
CA GLN J 61 34.78 -24.21 -59.26
C GLN J 61 34.36 -22.77 -59.51
N PRO J 62 34.18 -22.35 -60.76
CA PRO J 62 33.71 -20.99 -61.03
C PRO J 62 32.28 -20.76 -60.55
N VAL J 63 31.96 -19.49 -60.30
CA VAL J 63 30.64 -19.14 -59.81
C VAL J 63 29.61 -19.25 -60.93
N SER J 64 28.34 -19.40 -60.54
CA SER J 64 27.28 -19.67 -61.49
C SER J 64 26.87 -18.45 -62.30
N VAL J 65 26.98 -17.25 -61.73
CA VAL J 65 26.57 -16.04 -62.42
C VAL J 65 27.79 -15.40 -63.07
N LYS J 66 27.55 -14.47 -63.98
CA LYS J 66 28.60 -13.72 -64.64
C LYS J 66 28.29 -12.23 -64.51
N VAL J 67 29.26 -11.41 -64.89
CA VAL J 67 29.12 -9.97 -64.74
C VAL J 67 28.16 -9.44 -65.80
N GLY J 68 27.16 -8.70 -65.35
CA GLY J 68 26.09 -8.23 -66.23
C GLY J 68 24.81 -9.01 -66.13
N ASP J 69 24.79 -10.12 -65.38
CA ASP J 69 23.56 -10.88 -65.18
C ASP J 69 22.59 -10.11 -64.29
N LYS J 70 21.31 -10.15 -64.65
CA LYS J 70 20.25 -9.62 -63.81
C LYS J 70 19.78 -10.74 -62.89
N VAL J 71 19.85 -10.51 -61.58
CA VAL J 71 19.67 -11.56 -60.59
C VAL J 71 18.66 -11.13 -59.54
N LEU J 72 18.14 -12.12 -58.81
CA LEU J 72 17.22 -11.91 -57.70
C LEU J 72 17.91 -12.29 -56.40
N LEU J 73 17.73 -11.45 -55.38
CA LEU J 73 18.51 -11.58 -54.16
C LEU J 73 17.61 -11.95 -52.98
N PRO J 74 18.14 -12.62 -51.97
CA PRO J 74 17.33 -12.91 -50.77
C PRO J 74 17.14 -11.67 -49.91
N GLU J 75 16.26 -11.81 -48.91
CA GLU J 75 15.96 -10.69 -48.02
C GLU J 75 17.15 -10.30 -47.17
N TYR J 76 17.93 -11.29 -46.71
CA TYR J 76 19.08 -11.04 -45.85
C TYR J 76 20.28 -11.82 -46.37
N GLY J 77 21.47 -11.39 -45.93
CA GLY J 77 22.69 -12.13 -46.22
C GLY J 77 23.64 -11.42 -47.16
N GLY J 78 23.66 -10.10 -47.13
CA GLY J 78 24.54 -9.33 -47.98
C GLY J 78 25.37 -8.34 -47.19
N THR J 79 26.60 -8.14 -47.63
CA THR J 79 27.56 -7.29 -46.93
C THR J 79 27.66 -5.94 -47.62
N LYS J 80 27.56 -4.87 -46.84
CA LYS J 80 27.72 -3.52 -47.37
C LYS J 80 29.16 -3.28 -47.80
N VAL J 81 29.33 -2.87 -49.05
CA VAL J 81 30.63 -2.52 -49.61
C VAL J 81 30.51 -1.15 -50.27
N VAL J 82 31.36 -0.22 -49.89
CA VAL J 82 31.33 1.14 -50.43
C VAL J 82 32.49 1.28 -51.42
N LEU J 83 32.16 1.66 -52.65
CA LEU J 83 33.14 1.82 -53.72
C LEU J 83 32.90 3.14 -54.42
N ASP J 84 33.91 4.03 -54.36
CA ASP J 84 33.82 5.40 -54.87
C ASP J 84 32.62 6.15 -54.29
N ASP J 85 32.39 5.94 -52.98
CA ASP J 85 31.27 6.51 -52.24
C ASP J 85 29.92 6.16 -52.86
N LYS J 86 29.79 4.93 -53.34
CA LYS J 86 28.56 4.45 -53.94
C LYS J 86 28.22 3.07 -53.37
N ASP J 87 26.94 2.83 -53.17
CA ASP J 87 26.46 1.66 -52.44
C ASP J 87 26.59 0.40 -53.28
N TYR J 88 27.16 -0.65 -52.69
CA TYR J 88 27.28 -1.96 -53.32
C TYR J 88 27.14 -3.03 -52.26
N PHE J 89 26.79 -4.24 -52.70
CA PHE J 89 26.53 -5.33 -51.79
C PHE J 89 27.21 -6.60 -52.28
N LEU J 90 27.79 -7.34 -51.33
CA LEU J 90 28.57 -8.54 -51.60
C LEU J 90 27.79 -9.75 -51.10
N PHE J 91 27.67 -10.77 -51.95
CA PHE J 91 26.88 -11.95 -51.66
C PHE J 91 27.67 -13.21 -51.99
N ARG J 92 27.35 -14.29 -51.28
CA ARG J 92 27.83 -15.61 -51.69
C ARG J 92 27.09 -16.06 -52.94
N ASP J 93 27.77 -16.91 -53.72
CA ASP J 93 27.20 -17.39 -54.98
C ASP J 93 25.95 -18.23 -54.74
N GLY J 94 25.96 -19.07 -53.70
CA GLY J 94 24.82 -19.92 -53.42
C GLY J 94 23.62 -19.19 -52.85
N ASP J 95 23.83 -17.99 -52.32
CA ASP J 95 22.71 -17.23 -51.75
C ASP J 95 21.80 -16.63 -52.81
N ILE J 96 22.25 -16.51 -54.05
CA ILE J 96 21.50 -15.85 -55.10
C ILE J 96 20.38 -16.77 -55.57
N LEU J 97 19.14 -16.24 -55.60
CA LEU J 97 17.96 -17.06 -55.84
C LEU J 97 17.83 -17.47 -57.31
N GLY J 98 18.07 -16.55 -58.23
CA GLY J 98 17.89 -16.88 -59.63
C GLY J 98 18.32 -15.73 -60.53
N LYS J 99 18.23 -15.98 -61.83
CA LYS J 99 18.65 -15.04 -62.85
C LYS J 99 17.48 -14.64 -63.74
N TYR J 100 17.55 -13.43 -64.27
CA TYR J 100 16.59 -12.95 -65.27
C TYR J 100 17.23 -13.07 -66.64
N VAL J 101 16.74 -13.99 -67.44
CA VAL J 101 17.30 -14.28 -68.76
C VAL J 101 16.55 -13.48 -69.81
N ASP J 102 17.26 -13.12 -70.88
CA ASP J 102 16.66 -12.37 -71.97
C ASP J 102 17.09 -12.94 -73.32
N GLY K 1 -19.10 -9.32 27.09
CA GLY K 1 -18.12 -8.58 27.86
C GLY K 1 -18.53 -7.16 28.16
N SER K 2 -19.46 -6.63 27.36
CA SER K 2 -19.97 -5.28 27.59
C SER K 2 -20.86 -5.26 28.83
N ALA K 3 -20.99 -4.07 29.41
CA ALA K 3 -21.81 -3.91 30.61
C ALA K 3 -23.28 -4.13 30.29
N LYS K 4 -23.99 -4.75 31.22
CA LYS K 4 -25.36 -5.19 31.01
C LYS K 4 -26.29 -4.60 32.06
N ASP K 5 -27.53 -4.35 31.64
CA ASP K 5 -28.60 -3.98 32.54
C ASP K 5 -29.54 -5.17 32.68
N VAL K 6 -29.94 -5.47 33.90
CA VAL K 6 -30.74 -6.65 34.21
C VAL K 6 -32.01 -6.19 34.93
N LYS K 7 -33.16 -6.52 34.36
CA LYS K 7 -34.45 -6.14 34.92
C LYS K 7 -35.26 -7.38 35.25
N PHE K 8 -36.15 -7.25 36.24
CA PHE K 8 -36.83 -8.38 36.84
C PHE K 8 -38.34 -8.19 36.77
N GLY K 9 -39.03 -9.25 36.35
CA GLY K 9 -40.47 -9.37 36.60
C GLY K 9 -41.33 -8.39 35.83
N ALA K 10 -42.23 -7.72 36.57
CA ALA K 10 -43.32 -6.97 35.96
C ALA K 10 -42.83 -5.73 35.23
N ASP K 11 -41.74 -5.10 35.71
CA ASP K 11 -41.22 -3.92 35.03
C ASP K 11 -40.64 -4.28 33.66
N ALA K 12 -39.83 -5.34 33.61
CA ALA K 12 -39.28 -5.82 32.35
C ALA K 12 -40.38 -6.27 31.41
N ARG K 13 -41.39 -6.97 31.93
CA ARG K 13 -42.50 -7.42 31.11
C ARG K 13 -43.32 -6.25 30.58
N ALA K 14 -43.49 -5.20 31.39
CA ALA K 14 -44.23 -4.02 30.95
C ALA K 14 -43.49 -3.28 29.85
N LEU K 15 -42.17 -3.16 29.95
CA LEU K 15 -41.40 -2.52 28.88
C LEU K 15 -41.46 -3.34 27.59
N MET K 16 -41.33 -4.67 27.71
CA MET K 16 -41.42 -5.54 26.54
C MET K 16 -42.80 -5.45 25.89
N LEU K 17 -43.86 -5.41 26.72
CA LEU K 17 -45.21 -5.23 26.20
C LEU K 17 -45.40 -3.87 25.56
N GLN K 18 -44.71 -2.85 26.04
CA GLN K 18 -44.77 -1.54 25.39
C GLN K 18 -44.20 -1.60 23.98
N GLY K 19 -43.07 -2.31 23.81
CA GLY K 19 -42.54 -2.50 22.47
C GLY K 19 -43.46 -3.31 21.57
N VAL K 20 -44.02 -4.39 22.11
CA VAL K 20 -44.97 -5.23 21.38
C VAL K 20 -46.20 -4.43 20.98
N ASP K 21 -46.70 -3.60 21.89
CA ASP K 21 -47.90 -2.79 21.64
C ASP K 21 -47.64 -1.74 20.59
N LEU K 22 -46.46 -1.10 20.61
CA LEU K 22 -46.17 -0.10 19.59
C LEU K 22 -46.11 -0.72 18.20
N LEU K 23 -45.39 -1.84 18.07
CA LEU K 23 -45.29 -2.46 16.75
C LEU K 23 -46.64 -2.99 16.27
N ALA K 24 -47.42 -3.61 17.18
CA ALA K 24 -48.71 -4.14 16.79
C ALA K 24 -49.72 -3.03 16.51
N ASP K 25 -49.62 -1.90 17.20
CA ASP K 25 -50.47 -0.76 16.92
C ASP K 25 -50.19 -0.21 15.53
N ALA K 26 -48.92 -0.12 15.15
CA ALA K 26 -48.60 0.33 13.80
C ALA K 26 -49.04 -0.67 12.74
N VAL K 27 -48.95 -1.97 13.05
CA VAL K 27 -49.34 -2.98 12.06
C VAL K 27 -50.86 -3.06 11.92
N ALA K 28 -51.59 -2.91 13.03
CA ALA K 28 -53.02 -3.19 13.08
C ALA K 28 -53.89 -2.21 12.31
N VAL K 29 -53.37 -1.02 11.99
CA VAL K 29 -54.17 -0.05 11.22
C VAL K 29 -54.37 -0.51 9.78
N THR K 30 -53.54 -1.44 9.30
CA THR K 30 -53.59 -1.90 7.92
C THR K 30 -54.54 -3.06 7.70
N MET K 31 -55.19 -3.56 8.74
CA MET K 31 -55.90 -4.82 8.66
C MET K 31 -57.29 -4.65 8.07
N GLY K 32 -57.63 -5.50 7.11
CA GLY K 32 -58.99 -5.60 6.62
C GLY K 32 -59.30 -4.69 5.45
N PRO K 33 -60.54 -4.74 4.96
CA PRO K 33 -60.91 -3.95 3.78
C PRO K 33 -60.90 -2.44 4.00
N LYS K 34 -61.06 -1.97 5.23
CA LYS K 34 -60.93 -0.55 5.54
C LYS K 34 -59.65 -0.24 6.29
N GLY K 35 -58.62 -1.06 6.10
CA GLY K 35 -57.32 -0.74 6.62
C GLY K 35 -56.67 0.41 5.86
N ARG K 36 -55.76 1.09 6.53
CA ARG K 36 -55.05 2.23 5.97
C ARG K 36 -53.58 1.86 5.79
N THR K 37 -52.80 2.81 5.27
CA THR K 37 -51.43 2.50 4.91
C THR K 37 -50.45 3.11 5.90
N VAL K 38 -49.22 2.61 5.85
CA VAL K 38 -48.12 3.10 6.65
C VAL K 38 -47.05 3.62 5.70
N ILE K 39 -46.59 4.84 5.95
CA ILE K 39 -45.49 5.44 5.19
C ILE K 39 -44.19 5.23 5.96
N ILE K 40 -43.21 4.64 5.29
CA ILE K 40 -41.91 4.34 5.90
C ILE K 40 -40.86 5.16 5.16
N GLU K 41 -40.09 5.94 5.93
CA GLU K 41 -39.00 6.72 5.37
C GLU K 41 -37.90 5.80 4.87
N GLN K 42 -37.42 6.06 3.65
CA GLN K 42 -36.27 5.38 3.09
C GLN K 42 -35.11 6.35 3.02
N SER K 43 -33.91 5.88 3.36
CA SER K 43 -32.76 6.77 3.45
C SER K 43 -32.29 7.26 2.09
N TRP K 44 -32.40 6.43 1.05
CA TRP K 44 -31.81 6.75 -0.23
C TRP K 44 -32.71 7.56 -1.16
N GLY K 45 -34.00 7.68 -0.84
CA GLY K 45 -34.90 8.32 -1.78
C GLY K 45 -36.34 8.47 -1.34
N SER K 46 -37.25 8.12 -2.25
CA SER K 46 -38.68 8.28 -2.01
C SER K 46 -39.15 7.33 -0.90
N PRO K 47 -40.12 7.74 -0.10
CA PRO K 47 -40.63 6.86 0.96
C PRO K 47 -41.49 5.74 0.40
N LYS K 48 -41.65 4.71 1.23
CA LYS K 48 -42.43 3.53 0.87
C LYS K 48 -43.80 3.60 1.52
N VAL K 49 -44.84 3.33 0.75
CA VAL K 49 -46.21 3.26 1.24
C VAL K 49 -46.65 1.80 1.17
N THR K 50 -47.15 1.27 2.29
CA THR K 50 -47.47 -0.14 2.32
C THR K 50 -48.68 -0.41 3.21
N LYS K 51 -49.44 -1.43 2.82
CA LYS K 51 -50.46 -2.05 3.66
C LYS K 51 -50.00 -3.39 4.21
N ASP K 52 -48.76 -3.78 3.91
CA ASP K 52 -48.27 -5.11 4.26
C ASP K 52 -47.76 -5.13 5.69
N GLY K 53 -48.26 -6.09 6.49
CA GLY K 53 -47.95 -6.11 7.91
C GLY K 53 -46.50 -6.40 8.23
N VAL K 54 -45.90 -7.36 7.52
CA VAL K 54 -44.51 -7.72 7.79
C VAL K 54 -43.55 -6.60 7.37
N THR K 55 -43.89 -5.85 6.31
CA THR K 55 -43.07 -4.70 5.92
C THR K 55 -43.10 -3.61 6.99
N VAL K 56 -44.27 -3.37 7.58
CA VAL K 56 -44.39 -2.42 8.69
C VAL K 56 -43.62 -2.92 9.90
N ALA K 57 -43.71 -4.22 10.18
CA ALA K 57 -43.03 -4.80 11.34
C ALA K 57 -41.52 -4.68 11.22
N LYS K 58 -40.97 -5.04 10.06
CA LYS K 58 -39.53 -5.04 9.83
C LYS K 58 -38.92 -3.65 9.88
N SER K 59 -39.70 -2.61 9.65
CA SER K 59 -39.18 -1.25 9.59
C SER K 59 -39.14 -0.55 10.94
N ILE K 60 -39.57 -1.20 12.01
CA ILE K 60 -39.70 -0.55 13.31
C ILE K 60 -38.71 -1.19 14.27
N ASP K 61 -37.69 -0.43 14.67
CA ASP K 61 -36.78 -0.80 15.74
C ASP K 61 -36.75 0.35 16.74
N LEU K 62 -36.71 0.00 18.02
CA LEU K 62 -36.88 0.98 19.09
C LEU K 62 -35.57 1.28 19.79
N LYS K 63 -35.43 2.53 20.23
CA LYS K 63 -34.23 2.96 20.95
C LYS K 63 -34.09 2.26 22.29
N ASP K 64 -35.20 2.14 23.03
CA ASP K 64 -35.18 1.41 24.28
C ASP K 64 -34.97 -0.08 24.00
N LYS K 65 -34.00 -0.67 24.70
CA LYS K 65 -33.61 -2.06 24.43
C LYS K 65 -34.70 -3.03 24.85
N TYR K 66 -35.36 -2.76 25.97
CA TYR K 66 -36.41 -3.66 26.47
C TYR K 66 -37.64 -3.62 25.57
N LYS K 67 -37.99 -2.45 25.05
CA LYS K 67 -39.06 -2.37 24.06
C LYS K 67 -38.63 -2.99 22.74
N ASN K 68 -37.36 -2.86 22.38
CA ASN K 68 -36.86 -3.42 21.14
C ASN K 68 -36.85 -4.93 21.15
N ILE K 69 -36.74 -5.55 22.33
CA ILE K 69 -36.79 -7.01 22.40
C ILE K 69 -38.18 -7.52 22.03
N GLY K 70 -39.23 -6.90 22.59
CA GLY K 70 -40.58 -7.26 22.22
C GLY K 70 -40.90 -6.96 20.76
N ALA K 71 -40.41 -5.82 20.26
CA ALA K 71 -40.58 -5.50 18.85
C ALA K 71 -39.89 -6.51 17.95
N LYS K 72 -38.69 -6.96 18.34
CA LYS K 72 -37.96 -7.94 17.54
C LYS K 72 -38.66 -9.29 17.54
N LEU K 73 -39.28 -9.66 18.66
CA LEU K 73 -39.98 -10.94 18.71
C LEU K 73 -41.24 -10.93 17.85
N VAL K 74 -42.01 -9.84 17.88
CA VAL K 74 -43.16 -9.79 16.98
C VAL K 74 -42.73 -9.62 15.52
N GLN K 75 -41.55 -9.03 15.28
CA GLN K 75 -40.95 -9.07 13.94
C GLN K 75 -40.68 -10.49 13.49
N ASP K 76 -40.17 -11.33 14.41
CA ASP K 76 -39.97 -12.74 14.11
C ASP K 76 -41.28 -13.43 13.76
N VAL K 77 -42.36 -13.09 14.49
CA VAL K 77 -43.69 -13.65 14.18
C VAL K 77 -44.10 -13.30 12.76
N ALA K 78 -44.01 -12.00 12.41
CA ALA K 78 -44.44 -11.57 11.08
C ALA K 78 -43.56 -12.14 9.98
N ASN K 79 -42.24 -12.21 10.21
CA ASN K 79 -41.33 -12.77 9.22
C ASN K 79 -41.56 -14.26 9.01
N ASN K 80 -41.81 -15.02 10.08
CA ASN K 80 -42.08 -16.44 9.92
C ASN K 80 -43.39 -16.68 9.20
N THR K 81 -44.41 -15.87 9.50
CA THR K 81 -45.68 -15.99 8.78
C THR K 81 -45.52 -15.65 7.31
N ASN K 82 -44.72 -14.63 6.99
CA ASN K 82 -44.51 -14.25 5.60
C ASN K 82 -43.71 -15.31 4.84
N GLU K 83 -42.71 -15.90 5.49
CA GLU K 83 -41.91 -16.91 4.82
C GLU K 83 -42.63 -18.24 4.67
N GLU K 84 -43.58 -18.56 5.55
CA GLU K 84 -44.31 -19.80 5.36
C GLU K 84 -45.53 -19.64 4.44
N ALA K 85 -46.30 -18.57 4.60
CA ALA K 85 -47.56 -18.44 3.86
C ALA K 85 -47.57 -17.30 2.85
N GLY K 86 -46.73 -16.28 3.01
CA GLY K 86 -46.78 -15.15 2.11
C GLY K 86 -47.93 -14.21 2.30
N ASP K 87 -48.71 -14.40 3.37
CA ASP K 87 -49.89 -13.61 3.65
C ASP K 87 -50.25 -13.82 5.12
N GLY K 88 -51.17 -13.00 5.61
CA GLY K 88 -51.63 -13.13 6.97
C GLY K 88 -50.69 -12.62 8.03
N THR K 89 -49.78 -11.72 7.69
CA THR K 89 -48.80 -11.23 8.65
C THR K 89 -49.40 -10.25 9.65
N THR K 90 -50.37 -9.44 9.21
CA THR K 90 -51.06 -8.54 10.13
C THR K 90 -51.89 -9.32 11.16
N THR K 91 -52.57 -10.38 10.70
CA THR K 91 -53.32 -11.25 11.60
C THR K 91 -52.40 -11.92 12.61
N ALA K 92 -51.24 -12.38 12.14
CA ALA K 92 -50.26 -13.00 13.04
C ALA K 92 -49.75 -12.01 14.08
N THR K 93 -49.51 -10.77 13.66
CA THR K 93 -49.03 -9.75 14.59
C THR K 93 -50.06 -9.43 15.67
N VAL K 94 -51.32 -9.27 15.29
CA VAL K 94 -52.32 -8.93 16.30
C VAL K 94 -52.62 -10.12 17.21
N LEU K 95 -52.58 -11.35 16.67
CA LEU K 95 -52.72 -12.54 17.52
C LEU K 95 -51.56 -12.65 18.51
N ALA K 96 -50.34 -12.38 18.06
CA ALA K 96 -49.18 -12.44 18.94
C ALA K 96 -49.25 -11.40 20.04
N ARG K 97 -49.70 -10.18 19.70
CA ARG K 97 -49.88 -9.15 20.71
C ARG K 97 -50.94 -9.55 21.73
N SER K 98 -52.05 -10.13 21.26
CA SER K 98 -53.09 -10.59 22.17
C SER K 98 -52.58 -11.66 23.13
N ILE K 99 -51.85 -12.65 22.60
CA ILE K 99 -51.33 -13.73 23.45
C ILE K 99 -50.33 -13.19 24.45
N ALA K 100 -49.44 -12.28 24.01
CA ALA K 100 -48.44 -11.70 24.90
C ALA K 100 -49.10 -10.90 26.02
N LYS K 101 -50.13 -10.10 25.69
CA LYS K 101 -50.79 -9.28 26.70
C LYS K 101 -51.57 -10.15 27.68
N GLU K 102 -52.34 -11.12 27.17
CA GLU K 102 -53.10 -12.01 28.05
C GLU K 102 -52.20 -12.86 28.93
N GLY K 103 -51.03 -13.26 28.42
CA GLY K 103 -50.12 -14.04 29.23
C GLY K 103 -49.40 -13.21 30.28
N PHE K 104 -49.04 -11.98 29.93
CA PHE K 104 -48.44 -11.07 30.91
C PHE K 104 -49.42 -10.71 32.02
N GLU K 105 -50.72 -10.61 31.70
CA GLU K 105 -51.71 -10.30 32.71
C GLU K 105 -51.90 -11.45 33.70
N LYS K 106 -51.60 -12.68 33.30
CA LYS K 106 -51.91 -13.86 34.10
C LYS K 106 -50.75 -14.34 34.95
N ILE K 107 -49.59 -13.69 34.89
CA ILE K 107 -48.43 -14.14 35.65
C ILE K 107 -48.53 -13.64 37.08
N SER K 108 -48.56 -14.57 38.03
CA SER K 108 -48.56 -14.28 39.46
C SER K 108 -47.50 -15.13 40.13
N LYS K 109 -47.46 -15.07 41.47
CA LYS K 109 -46.48 -15.84 42.22
C LYS K 109 -46.70 -17.34 42.07
N GLY K 110 -47.94 -17.78 42.16
CA GLY K 110 -48.24 -19.20 42.06
C GLY K 110 -48.39 -19.74 40.65
N ALA K 111 -48.36 -18.87 39.64
CA ALA K 111 -48.53 -19.31 38.27
C ALA K 111 -47.25 -19.96 37.74
N ASN K 112 -47.42 -20.89 36.82
CA ASN K 112 -46.31 -21.56 36.15
C ASN K 112 -46.38 -21.25 34.66
N PRO K 113 -45.64 -20.24 34.18
CA PRO K 113 -45.79 -19.81 32.77
C PRO K 113 -45.40 -20.86 31.73
N VAL K 114 -44.52 -21.81 32.07
CA VAL K 114 -44.19 -22.88 31.14
C VAL K 114 -45.37 -23.81 30.92
N GLU K 115 -46.10 -24.14 32.00
CA GLU K 115 -47.30 -24.94 31.85
C GLU K 115 -48.44 -24.14 31.21
N ILE K 116 -48.46 -22.82 31.41
CA ILE K 116 -49.38 -21.96 30.69
C ILE K 116 -49.11 -22.03 29.19
N ARG K 117 -47.83 -22.01 28.81
CA ARG K 117 -47.44 -22.14 27.41
C ARG K 117 -47.84 -23.50 26.85
N ARG K 118 -47.72 -24.57 27.66
CA ARG K 118 -48.18 -25.88 27.23
C ARG K 118 -49.68 -25.89 26.97
N GLY K 119 -50.46 -25.24 27.84
CA GLY K 119 -51.89 -25.10 27.60
C GLY K 119 -52.20 -24.30 26.35
N VAL K 120 -51.42 -23.24 26.09
CA VAL K 120 -51.56 -22.45 24.88
C VAL K 120 -51.34 -23.31 23.63
N MET K 121 -50.27 -24.10 23.64
CA MET K 121 -49.96 -24.92 22.47
C MET K 121 -50.99 -26.03 22.26
N LEU K 122 -51.50 -26.61 23.34
CA LEU K 122 -52.56 -27.61 23.22
C LEU K 122 -53.84 -27.00 22.64
N ALA K 123 -54.20 -25.80 23.10
CA ALA K 123 -55.37 -25.11 22.56
C ALA K 123 -55.18 -24.76 21.09
N VAL K 124 -53.96 -24.37 20.71
CA VAL K 124 -53.69 -24.03 19.32
C VAL K 124 -53.76 -25.26 18.42
N ASP K 125 -53.26 -26.40 18.91
CA ASP K 125 -53.41 -27.65 18.16
C ASP K 125 -54.88 -28.02 17.97
N ALA K 126 -55.70 -27.83 19.01
CA ALA K 126 -57.13 -28.08 18.89
C ALA K 126 -57.79 -27.16 17.87
N VAL K 127 -57.40 -25.88 17.86
CA VAL K 127 -57.97 -24.93 16.91
C VAL K 127 -57.54 -25.26 15.49
N ILE K 128 -56.29 -25.72 15.31
CA ILE K 128 -55.80 -26.07 13.99
C ILE K 128 -56.52 -27.32 13.46
N ALA K 129 -56.80 -28.28 14.33
CA ALA K 129 -57.60 -29.44 13.92
C ALA K 129 -59.02 -29.03 13.53
N GLU K 130 -59.62 -28.10 14.29
CA GLU K 130 -60.95 -27.61 13.94
C GLU K 130 -60.93 -26.85 12.62
N LEU K 131 -59.87 -26.11 12.36
CA LEU K 131 -59.72 -25.39 11.08
C LEU K 131 -59.61 -26.37 9.91
N LYS K 132 -58.85 -27.45 10.10
CA LYS K 132 -58.74 -28.45 9.03
C LYS K 132 -60.06 -29.19 8.82
N LYS K 133 -60.87 -29.35 9.86
CA LYS K 133 -62.21 -29.89 9.64
C LYS K 133 -63.14 -28.86 8.98
N GLN K 134 -62.89 -27.58 9.19
CA GLN K 134 -63.70 -26.53 8.60
C GLN K 134 -63.38 -26.29 7.12
N SER K 135 -62.22 -26.71 6.65
CA SER K 135 -61.73 -26.32 5.34
C SER K 135 -62.49 -27.02 4.22
N LYS K 136 -62.65 -26.29 3.11
CA LYS K 136 -63.19 -26.82 1.87
C LYS K 136 -62.13 -26.72 0.78
N PRO K 137 -61.91 -27.78 0.00
CA PRO K 137 -60.98 -27.67 -1.13
C PRO K 137 -61.53 -26.75 -2.22
N VAL K 138 -60.61 -26.09 -2.92
CA VAL K 138 -60.97 -25.18 -3.99
C VAL K 138 -61.24 -25.98 -5.26
N THR K 139 -62.41 -25.78 -5.85
CA THR K 139 -62.82 -26.51 -7.04
C THR K 139 -63.03 -25.62 -8.27
N THR K 140 -63.56 -24.42 -8.09
CA THR K 140 -63.91 -23.57 -9.22
C THR K 140 -62.94 -22.40 -9.35
N PRO K 141 -62.68 -21.93 -10.57
CA PRO K 141 -61.87 -20.70 -10.73
C PRO K 141 -62.54 -19.45 -10.19
N GLU K 142 -63.86 -19.46 -9.99
CA GLU K 142 -64.52 -18.37 -9.31
C GLU K 142 -64.04 -18.23 -7.87
N GLU K 143 -63.78 -19.36 -7.21
CA GLU K 143 -63.18 -19.34 -5.88
C GLU K 143 -61.74 -18.80 -5.93
N ILE K 144 -61.02 -19.13 -6.99
CA ILE K 144 -59.67 -18.60 -7.19
C ILE K 144 -59.70 -17.08 -7.29
N ALA K 145 -60.61 -16.56 -8.10
CA ALA K 145 -60.76 -15.12 -8.26
C ALA K 145 -61.21 -14.46 -6.95
N GLN K 146 -62.11 -15.10 -6.20
CA GLN K 146 -62.56 -14.55 -4.93
C GLN K 146 -61.42 -14.48 -3.91
N VAL K 147 -60.61 -15.54 -3.82
CA VAL K 147 -59.47 -15.56 -2.90
C VAL K 147 -58.48 -14.47 -3.27
N ALA K 148 -58.15 -14.35 -4.55
CA ALA K 148 -57.18 -13.34 -4.98
C ALA K 148 -57.74 -11.93 -4.79
N THR K 149 -59.06 -11.75 -4.97
CA THR K 149 -59.69 -10.45 -4.77
C THR K 149 -59.65 -10.04 -3.29
N ILE K 150 -59.98 -10.97 -2.39
CA ILE K 150 -59.92 -10.68 -0.96
C ILE K 150 -58.50 -10.37 -0.53
N SER K 151 -57.53 -11.16 -1.00
CA SER K 151 -56.15 -10.96 -0.59
C SER K 151 -55.51 -9.73 -1.22
N ALA K 152 -56.10 -9.16 -2.27
CA ALA K 152 -55.61 -7.93 -2.89
C ALA K 152 -56.37 -6.70 -2.39
N ASN K 153 -57.00 -6.79 -1.22
CA ASN K 153 -57.77 -5.72 -0.58
C ASN K 153 -58.95 -5.29 -1.46
N GLY K 154 -59.71 -6.27 -1.93
CA GLY K 154 -60.93 -6.01 -2.65
C GLY K 154 -60.76 -5.63 -4.11
N ASP K 155 -59.55 -5.64 -4.65
CA ASP K 155 -59.33 -5.33 -6.05
C ASP K 155 -59.81 -6.49 -6.90
N LYS K 156 -60.94 -6.31 -7.59
CA LYS K 156 -61.50 -7.38 -8.40
C LYS K 156 -60.69 -7.63 -9.66
N GLU K 157 -60.01 -6.60 -10.17
CA GLU K 157 -59.24 -6.78 -11.39
C GLU K 157 -57.98 -7.59 -11.15
N ILE K 158 -57.35 -7.43 -9.98
CA ILE K 158 -56.20 -8.27 -9.62
C ILE K 158 -56.65 -9.72 -9.46
N GLY K 159 -57.82 -9.94 -8.85
CA GLY K 159 -58.35 -11.28 -8.74
C GLY K 159 -58.67 -11.91 -10.08
N ASN K 160 -59.25 -11.13 -11.00
CA ASN K 160 -59.55 -11.62 -12.34
C ASN K 160 -58.28 -11.94 -13.12
N ILE K 161 -57.26 -11.09 -13.03
CA ILE K 161 -56.04 -11.33 -13.81
C ILE K 161 -55.26 -12.51 -13.24
N ILE K 162 -55.30 -12.72 -11.92
CA ILE K 162 -54.66 -13.89 -11.33
C ILE K 162 -55.41 -15.16 -11.69
N SER K 163 -56.75 -15.10 -11.69
CA SER K 163 -57.56 -16.24 -12.12
C SER K 163 -57.32 -16.57 -13.59
N ASP K 164 -57.16 -15.55 -14.43
CA ASP K 164 -56.85 -15.77 -15.84
C ASP K 164 -55.47 -16.39 -16.02
N ALA K 165 -54.49 -15.92 -15.25
CA ALA K 165 -53.15 -16.50 -15.32
C ALA K 165 -53.16 -17.96 -14.89
N MET K 166 -53.90 -18.29 -13.84
CA MET K 166 -53.97 -19.67 -13.39
C MET K 166 -54.79 -20.55 -14.33
N LYS K 167 -55.74 -19.96 -15.06
CA LYS K 167 -56.43 -20.73 -16.09
C LYS K 167 -55.53 -21.00 -17.29
N LYS K 168 -54.62 -20.07 -17.61
CA LYS K 168 -53.77 -20.28 -18.78
C LYS K 168 -52.55 -21.14 -18.51
N VAL K 169 -51.86 -20.97 -17.38
CA VAL K 169 -50.63 -21.72 -17.11
C VAL K 169 -50.81 -22.79 -16.06
N GLY K 170 -52.01 -22.97 -15.53
CA GLY K 170 -52.23 -23.94 -14.50
C GLY K 170 -52.20 -23.33 -13.12
N ARG K 171 -52.94 -23.95 -12.18
CA ARG K 171 -52.97 -23.47 -10.80
C ARG K 171 -51.65 -23.68 -10.09
N LYS K 172 -50.80 -24.59 -10.58
CA LYS K 172 -49.46 -24.78 -10.05
C LYS K 172 -48.39 -24.23 -11.00
N GLY K 173 -48.79 -23.41 -11.97
CA GLY K 173 -47.86 -22.90 -12.95
C GLY K 173 -47.03 -21.73 -12.45
N VAL K 174 -46.11 -21.28 -13.30
CA VAL K 174 -45.17 -20.22 -12.96
C VAL K 174 -45.80 -18.87 -13.30
N ILE K 175 -45.99 -18.04 -12.29
CA ILE K 175 -46.52 -16.69 -12.44
C ILE K 175 -45.57 -15.73 -11.73
N THR K 176 -45.08 -14.72 -12.46
CA THR K 176 -44.14 -13.75 -11.92
C THR K 176 -44.74 -12.35 -11.97
N VAL K 177 -44.34 -11.53 -11.00
CA VAL K 177 -44.81 -10.15 -10.86
C VAL K 177 -43.63 -9.22 -11.08
N LYS K 178 -43.81 -8.22 -11.93
CA LYS K 178 -42.77 -7.23 -12.17
C LYS K 178 -43.40 -5.87 -12.43
N ASP K 179 -42.53 -4.87 -12.60
CA ASP K 179 -42.97 -3.51 -12.88
C ASP K 179 -43.67 -3.44 -14.24
N GLY K 180 -44.66 -2.55 -14.31
CA GLY K 180 -45.29 -2.21 -15.57
C GLY K 180 -45.05 -0.75 -15.87
N LYS K 181 -44.86 -0.44 -17.15
CA LYS K 181 -44.58 0.91 -17.60
C LYS K 181 -45.84 1.67 -17.99
N THR K 182 -47.02 1.09 -17.81
CA THR K 182 -48.28 1.71 -18.18
C THR K 182 -49.09 2.01 -16.92
N LEU K 183 -50.31 2.53 -17.13
CA LEU K 183 -51.22 2.83 -16.05
C LEU K 183 -52.00 1.61 -15.58
N ASN K 184 -52.10 0.58 -16.42
CA ASN K 184 -52.98 -0.56 -16.17
C ASN K 184 -52.17 -1.85 -16.13
N ASP K 185 -52.74 -2.85 -15.46
CA ASP K 185 -52.13 -4.16 -15.39
C ASP K 185 -52.27 -4.90 -16.71
N GLU K 186 -51.23 -5.65 -17.08
CA GLU K 186 -51.29 -6.54 -18.23
C GLU K 186 -50.80 -7.93 -17.83
N LEU K 187 -51.47 -8.95 -18.35
CA LEU K 187 -51.04 -10.34 -18.21
C LEU K 187 -50.39 -10.77 -19.52
N GLU K 188 -49.13 -11.16 -19.46
CA GLU K 188 -48.40 -11.65 -20.62
C GLU K 188 -48.17 -13.15 -20.45
N ILE K 189 -48.67 -13.93 -21.40
CA ILE K 189 -48.48 -15.38 -21.41
C ILE K 189 -47.39 -15.70 -22.42
N ILE K 190 -46.31 -16.32 -21.95
CA ILE K 190 -45.17 -16.68 -22.78
C ILE K 190 -45.18 -18.19 -22.94
N GLU K 191 -45.43 -18.66 -24.15
CA GLU K 191 -45.53 -20.09 -24.43
C GLU K 191 -44.29 -20.58 -25.16
N GLY K 192 -44.08 -21.89 -25.11
CA GLY K 192 -42.94 -22.49 -25.78
C GLY K 192 -41.66 -22.30 -25.00
N MET K 193 -40.54 -22.41 -25.71
CA MET K 193 -39.22 -22.30 -25.12
C MET K 193 -38.66 -20.92 -25.50
N LYS K 194 -38.79 -19.96 -24.59
CA LYS K 194 -38.29 -18.61 -24.81
C LYS K 194 -37.24 -18.31 -23.76
N PHE K 195 -36.09 -17.80 -24.19
CA PHE K 195 -34.98 -17.51 -23.30
C PHE K 195 -34.33 -16.20 -23.72
N ASP K 196 -33.68 -15.53 -22.76
CA ASP K 196 -33.19 -14.17 -22.95
C ASP K 196 -31.80 -14.16 -23.60
N ARG K 197 -31.75 -14.72 -24.81
CA ARG K 197 -30.55 -14.67 -25.64
C ARG K 197 -30.97 -14.28 -27.05
N GLY K 198 -30.31 -13.26 -27.61
CA GLY K 198 -30.64 -12.75 -28.92
C GLY K 198 -29.76 -13.32 -30.02
N TYR K 199 -29.88 -12.69 -31.19
CA TYR K 199 -29.01 -13.05 -32.30
C TYR K 199 -27.57 -12.65 -31.99
N ILE K 200 -26.63 -13.47 -32.44
CA ILE K 200 -25.21 -13.17 -32.20
C ILE K 200 -24.77 -11.99 -33.06
N SER K 201 -25.21 -11.95 -34.32
CA SER K 201 -24.92 -10.83 -35.19
C SER K 201 -26.21 -10.28 -35.79
N PRO K 202 -26.29 -8.97 -36.03
CA PRO K 202 -27.50 -8.39 -36.63
C PRO K 202 -27.66 -8.67 -38.11
N TYR K 203 -26.70 -9.33 -38.76
CA TYR K 203 -26.82 -9.64 -40.18
C TYR K 203 -27.79 -10.80 -40.46
N PHE K 204 -28.26 -11.48 -39.43
CA PHE K 204 -29.19 -12.60 -39.60
C PHE K 204 -30.64 -12.14 -39.71
N ILE K 205 -30.90 -10.84 -39.59
CA ILE K 205 -32.28 -10.33 -39.61
C ILE K 205 -32.83 -10.40 -41.01
N ASN K 206 -34.00 -11.03 -41.17
CA ASN K 206 -34.69 -11.10 -42.44
C ASN K 206 -36.10 -10.52 -42.40
N THR K 207 -36.60 -10.13 -41.24
CA THR K 207 -37.89 -9.46 -41.09
C THR K 207 -37.60 -8.08 -40.50
N SER K 208 -37.53 -7.08 -41.37
CA SER K 208 -37.07 -5.76 -40.97
C SER K 208 -38.16 -4.94 -40.29
N LYS K 209 -39.40 -5.42 -40.25
CA LYS K 209 -40.48 -4.69 -39.60
C LYS K 209 -40.25 -4.58 -38.09
N GLY K 210 -39.83 -5.66 -37.45
CA GLY K 210 -39.54 -5.65 -36.03
C GLY K 210 -38.10 -5.90 -35.66
N GLN K 211 -37.18 -5.86 -36.64
CA GLN K 211 -35.75 -6.19 -36.46
C GLN K 211 -35.58 -7.58 -35.87
N LYS K 212 -36.14 -8.58 -36.56
CA LYS K 212 -36.18 -9.94 -36.06
C LYS K 212 -35.87 -10.93 -37.17
N CYS K 213 -35.41 -12.11 -36.78
CA CYS K 213 -35.21 -13.22 -37.70
C CYS K 213 -36.37 -14.20 -37.58
N GLU K 214 -36.95 -14.57 -38.72
CA GLU K 214 -38.17 -15.35 -38.77
C GLU K 214 -38.00 -16.53 -39.70
N PHE K 215 -38.11 -17.74 -39.15
CA PHE K 215 -38.13 -18.96 -39.94
C PHE K 215 -39.33 -19.81 -39.57
N GLN K 216 -39.77 -20.64 -40.51
CA GLN K 216 -40.77 -21.66 -40.27
C GLN K 216 -40.28 -22.97 -40.86
N ASP K 217 -40.48 -24.06 -40.10
CA ASP K 217 -39.96 -25.40 -40.42
C ASP K 217 -38.44 -25.38 -40.59
N ALA K 218 -37.78 -25.07 -39.48
CA ALA K 218 -36.33 -24.89 -39.45
C ALA K 218 -35.65 -26.01 -38.66
N TYR K 219 -34.46 -26.37 -39.12
CA TYR K 219 -33.61 -27.27 -38.34
C TYR K 219 -33.05 -26.54 -37.13
N VAL K 220 -32.73 -27.31 -36.10
CA VAL K 220 -32.15 -26.78 -34.86
C VAL K 220 -30.86 -27.53 -34.59
N LEU K 221 -29.77 -26.79 -34.40
CA LEU K 221 -28.46 -27.36 -34.08
C LEU K 221 -28.08 -26.92 -32.67
N LEU K 222 -27.84 -27.88 -31.80
CA LEU K 222 -27.54 -27.65 -30.40
C LEU K 222 -26.12 -28.09 -30.09
N SER K 223 -25.31 -27.19 -29.54
CA SER K 223 -23.94 -27.48 -29.17
C SER K 223 -23.71 -27.06 -27.72
N GLU K 224 -23.11 -27.96 -26.94
CA GLU K 224 -22.76 -27.66 -25.56
C GLU K 224 -21.42 -26.95 -25.44
N LYS K 225 -20.66 -26.88 -26.53
CA LYS K 225 -19.38 -26.20 -26.57
C LYS K 225 -19.41 -25.08 -27.60
N LYS K 226 -18.37 -24.26 -27.57
CA LYS K 226 -18.24 -23.17 -28.53
C LYS K 226 -18.01 -23.71 -29.93
N ILE K 227 -18.52 -22.99 -30.92
CA ILE K 227 -18.33 -23.31 -32.33
C ILE K 227 -17.46 -22.21 -32.92
N SER K 228 -16.18 -22.51 -33.12
CA SER K 228 -15.23 -21.53 -33.59
C SER K 228 -14.49 -21.95 -34.87
N SER K 229 -14.71 -23.15 -35.37
CA SER K 229 -13.93 -23.67 -36.48
C SER K 229 -14.81 -23.93 -37.70
N ILE K 230 -14.16 -23.99 -38.86
CA ILE K 230 -14.84 -24.23 -40.12
C ILE K 230 -15.48 -25.62 -40.14
N GLN K 231 -14.69 -26.64 -39.77
CA GLN K 231 -15.14 -28.02 -39.90
C GLN K 231 -16.22 -28.40 -38.89
N SER K 232 -16.38 -27.63 -37.81
CA SER K 232 -17.44 -27.91 -36.85
C SER K 232 -18.78 -27.32 -37.27
N ILE K 233 -18.82 -26.46 -38.29
CA ILE K 233 -20.06 -25.82 -38.69
C ILE K 233 -20.43 -26.08 -40.15
N VAL K 234 -19.49 -26.46 -41.02
CA VAL K 234 -19.83 -26.69 -42.44
C VAL K 234 -20.81 -27.85 -42.67
N PRO K 235 -20.59 -29.08 -42.12
CA PRO K 235 -21.52 -30.18 -42.48
C PRO K 235 -22.98 -29.96 -42.13
N ALA K 236 -23.26 -29.32 -40.98
CA ALA K 236 -24.63 -28.97 -40.65
C ALA K 236 -25.21 -27.97 -41.65
N LEU K 237 -24.38 -27.02 -42.11
CA LEU K 237 -24.81 -26.10 -43.16
C LEU K 237 -25.08 -26.83 -44.47
N GLU K 238 -24.30 -27.88 -44.78
CA GLU K 238 -24.58 -28.67 -45.98
C GLU K 238 -25.91 -29.42 -45.87
N ILE K 239 -26.22 -29.96 -44.68
CA ILE K 239 -27.53 -30.57 -44.48
C ILE K 239 -28.65 -29.55 -44.66
N ALA K 240 -28.48 -28.36 -44.06
CA ALA K 240 -29.51 -27.33 -44.16
C ALA K 240 -29.68 -26.83 -45.59
N ASN K 241 -28.59 -26.75 -46.36
CA ASN K 241 -28.68 -26.31 -47.74
C ASN K 241 -29.23 -27.39 -48.66
N ALA K 242 -28.89 -28.66 -48.39
CA ALA K 242 -29.39 -29.75 -49.23
C ALA K 242 -30.87 -30.00 -49.00
N HIS K 243 -31.34 -29.80 -47.77
CA HIS K 243 -32.76 -29.95 -47.49
C HIS K 243 -33.56 -28.69 -47.76
N ARG K 244 -32.89 -27.59 -48.14
CA ARG K 244 -33.49 -26.28 -48.37
C ARG K 244 -34.30 -25.80 -47.16
N LYS K 245 -33.75 -26.04 -45.98
CA LYS K 245 -34.42 -25.71 -44.73
C LYS K 245 -33.58 -24.73 -43.92
N PRO K 246 -34.21 -23.85 -43.13
CA PRO K 246 -33.45 -22.96 -42.27
C PRO K 246 -32.83 -23.71 -41.10
N LEU K 247 -31.80 -23.09 -40.53
CA LEU K 247 -31.06 -23.68 -39.42
C LEU K 247 -30.94 -22.66 -38.30
N VAL K 248 -31.24 -23.09 -37.08
CA VAL K 248 -31.03 -22.29 -35.87
C VAL K 248 -29.92 -22.98 -35.09
N ILE K 249 -28.87 -22.23 -34.78
CA ILE K 249 -27.71 -22.76 -34.08
C ILE K 249 -27.72 -22.17 -32.69
N ILE K 250 -27.97 -23.01 -31.68
CA ILE K 250 -27.91 -22.59 -30.28
C ILE K 250 -26.71 -23.27 -29.65
N ALA K 251 -25.70 -22.47 -29.29
CA ALA K 251 -24.48 -22.98 -28.71
C ALA K 251 -24.06 -22.04 -27.59
N GLU K 252 -22.98 -22.43 -26.89
CA GLU K 252 -22.38 -21.56 -25.88
C GLU K 252 -21.92 -20.24 -26.51
N ASP K 253 -21.24 -20.33 -27.65
CA ASP K 253 -20.87 -19.17 -28.44
C ASP K 253 -20.56 -19.63 -29.85
N VAL K 254 -20.88 -18.78 -30.82
CA VAL K 254 -20.46 -18.97 -32.22
C VAL K 254 -19.64 -17.75 -32.60
N ASP K 255 -18.32 -17.95 -32.70
CA ASP K 255 -17.39 -16.85 -32.92
C ASP K 255 -16.30 -17.31 -33.88
N GLY K 256 -15.39 -16.39 -34.18
CA GLY K 256 -14.23 -16.75 -34.98
C GLY K 256 -14.59 -16.95 -36.44
N GLU K 257 -14.06 -18.03 -37.01
CA GLU K 257 -14.25 -18.29 -38.44
C GLU K 257 -15.64 -18.84 -38.75
N ALA K 258 -16.25 -19.55 -37.80
CA ALA K 258 -17.58 -20.11 -38.03
C ALA K 258 -18.63 -19.00 -38.13
N LEU K 259 -18.51 -17.98 -37.29
CA LEU K 259 -19.42 -16.83 -37.38
C LEU K 259 -19.23 -16.09 -38.70
N SER K 260 -17.98 -15.96 -39.15
CA SER K 260 -17.70 -15.34 -40.44
C SER K 260 -18.32 -16.15 -41.58
N THR K 261 -18.24 -17.47 -41.50
CA THR K 261 -18.86 -18.32 -42.51
C THR K 261 -20.38 -18.16 -42.51
N LEU K 262 -20.99 -18.10 -41.32
CA LEU K 262 -22.43 -17.93 -41.21
C LEU K 262 -22.88 -16.60 -41.80
N VAL K 263 -22.18 -15.52 -41.45
CA VAL K 263 -22.55 -14.20 -41.95
C VAL K 263 -22.33 -14.10 -43.46
N LEU K 264 -21.23 -14.66 -43.95
CA LEU K 264 -20.94 -14.60 -45.38
C LEU K 264 -21.94 -15.41 -46.19
N ASN K 265 -22.38 -16.56 -45.66
CA ASN K 265 -23.37 -17.35 -46.37
C ASN K 265 -24.76 -16.73 -46.29
N ARG K 266 -25.07 -16.02 -45.20
CA ARG K 266 -26.34 -15.31 -45.12
C ARG K 266 -26.38 -14.12 -46.08
N LEU K 267 -25.26 -13.39 -46.19
CA LEU K 267 -25.27 -12.16 -46.97
C LEU K 267 -25.14 -12.42 -48.47
N LYS K 268 -24.24 -13.30 -48.88
CA LYS K 268 -23.95 -13.46 -50.29
C LYS K 268 -25.02 -14.29 -51.00
N VAL K 269 -25.18 -15.55 -50.61
CA VAL K 269 -26.08 -16.44 -51.33
C VAL K 269 -27.50 -16.44 -50.76
N GLY K 270 -27.67 -15.97 -49.54
CA GLY K 270 -28.99 -15.95 -48.94
C GLY K 270 -29.35 -17.17 -48.13
N LEU K 271 -28.37 -17.83 -47.51
CA LEU K 271 -28.63 -19.03 -46.75
C LEU K 271 -29.36 -18.68 -45.45
N GLN K 272 -30.45 -19.39 -45.18
CA GLN K 272 -31.29 -19.12 -44.02
C GLN K 272 -30.66 -19.75 -42.79
N VAL K 273 -30.07 -18.92 -41.92
CA VAL K 273 -29.38 -19.40 -40.74
C VAL K 273 -29.35 -18.29 -39.71
N VAL K 274 -29.38 -18.67 -38.43
CA VAL K 274 -29.27 -17.74 -37.31
C VAL K 274 -28.56 -18.46 -36.17
N ALA K 275 -27.70 -17.72 -35.46
CA ALA K 275 -26.94 -18.25 -34.34
C ALA K 275 -27.34 -17.52 -33.07
N VAL K 276 -27.62 -18.27 -32.01
CA VAL K 276 -28.10 -17.73 -30.73
C VAL K 276 -27.25 -18.33 -29.62
N LYS K 277 -26.83 -17.49 -28.68
CA LYS K 277 -26.14 -17.96 -27.49
C LYS K 277 -27.05 -18.85 -26.64
N ALA K 278 -26.44 -19.73 -25.84
CA ALA K 278 -27.22 -20.61 -24.99
C ALA K 278 -27.53 -19.92 -23.65
N PRO K 279 -28.72 -20.16 -23.10
CA PRO K 279 -29.05 -19.60 -21.79
C PRO K 279 -28.56 -20.47 -20.65
N GLY K 280 -28.27 -19.82 -19.52
CA GLY K 280 -27.83 -20.54 -18.33
C GLY K 280 -26.35 -20.42 -18.06
N PHE K 281 -25.98 -20.28 -16.78
CA PHE K 281 -24.59 -20.15 -16.37
C PHE K 281 -24.27 -21.30 -15.40
N GLY K 282 -23.82 -22.42 -15.95
CA GLY K 282 -23.49 -23.58 -15.15
C GLY K 282 -24.14 -24.85 -15.66
N ASP K 283 -24.57 -25.72 -14.74
CA ASP K 283 -25.27 -26.94 -15.13
C ASP K 283 -26.68 -26.65 -15.64
N ASN K 284 -27.21 -25.47 -15.33
CA ASN K 284 -28.50 -25.07 -15.88
C ASN K 284 -28.46 -24.92 -17.39
N ARG K 285 -27.31 -24.49 -17.93
CA ARG K 285 -27.13 -24.42 -19.38
C ARG K 285 -27.25 -25.80 -20.01
N LYS K 286 -26.57 -26.80 -19.42
CA LYS K 286 -26.64 -28.17 -19.92
C LYS K 286 -28.06 -28.72 -19.82
N ASN K 287 -28.73 -28.48 -18.68
CA ASN K 287 -30.07 -29.01 -18.48
C ASN K 287 -31.07 -28.37 -19.44
N GLN K 288 -30.98 -27.06 -19.66
CA GLN K 288 -31.87 -26.40 -20.60
C GLN K 288 -31.58 -26.79 -22.03
N LEU K 289 -30.31 -27.00 -22.37
CA LEU K 289 -29.97 -27.44 -23.73
C LEU K 289 -30.50 -28.84 -23.99
N LYS K 290 -30.40 -29.74 -23.02
CA LYS K 290 -31.01 -31.06 -23.16
C LYS K 290 -32.54 -30.97 -23.20
N ASP K 291 -33.12 -29.99 -22.50
CA ASP K 291 -34.57 -29.77 -22.57
C ASP K 291 -34.99 -29.38 -23.99
N MET K 292 -34.25 -28.45 -24.61
CA MET K 292 -34.54 -28.11 -26.01
C MET K 292 -34.26 -29.26 -26.96
N ALA K 293 -33.26 -30.10 -26.65
CA ALA K 293 -33.00 -31.26 -27.49
C ALA K 293 -34.16 -32.25 -27.45
N ILE K 294 -34.72 -32.47 -26.27
CA ILE K 294 -35.86 -33.38 -26.15
C ILE K 294 -37.10 -32.77 -26.78
N ALA K 295 -37.32 -31.47 -26.58
CA ALA K 295 -38.53 -30.81 -27.10
C ALA K 295 -38.50 -30.67 -28.61
N THR K 296 -37.32 -30.48 -29.22
CA THR K 296 -37.22 -30.30 -30.65
C THR K 296 -36.89 -31.60 -31.39
N GLY K 297 -36.52 -32.66 -30.68
CA GLY K 297 -36.11 -33.88 -31.34
C GLY K 297 -34.68 -33.88 -31.83
N GLY K 298 -33.82 -33.04 -31.26
CA GLY K 298 -32.43 -32.99 -31.64
C GLY K 298 -31.52 -33.64 -30.62
N ALA K 299 -30.23 -33.52 -30.88
CA ALA K 299 -29.20 -34.10 -30.01
C ALA K 299 -28.20 -33.02 -29.63
N VAL K 300 -27.80 -33.03 -28.36
CA VAL K 300 -26.78 -32.10 -27.87
C VAL K 300 -25.42 -32.57 -28.38
N PHE K 301 -24.63 -31.64 -28.91
CA PHE K 301 -23.29 -31.92 -29.39
C PHE K 301 -22.25 -31.33 -28.44
N GLY K 302 -21.06 -31.94 -28.46
CA GLY K 302 -19.96 -31.48 -27.64
C GLY K 302 -20.18 -31.65 -26.15
N GLU K 303 -20.76 -32.78 -25.73
CA GLU K 303 -21.08 -33.04 -24.34
C GLU K 303 -19.96 -33.83 -23.68
N GLU K 304 -19.95 -33.79 -22.34
CA GLU K 304 -18.88 -34.44 -21.60
C GLU K 304 -19.05 -35.95 -21.57
N GLY K 305 -20.27 -36.45 -21.51
CA GLY K 305 -20.49 -37.88 -21.33
C GLY K 305 -20.57 -38.72 -22.60
N LEU K 306 -21.51 -38.38 -23.49
CA LEU K 306 -21.69 -39.17 -24.71
C LEU K 306 -20.66 -38.80 -25.78
N THR K 307 -20.21 -37.53 -25.78
CA THR K 307 -19.14 -37.02 -26.65
C THR K 307 -19.48 -37.20 -28.13
N LEU K 308 -20.53 -36.50 -28.54
CA LEU K 308 -20.94 -36.44 -29.95
C LEU K 308 -20.27 -35.24 -30.60
N ASN K 309 -19.62 -35.48 -31.74
CA ASN K 309 -18.83 -34.46 -32.41
C ASN K 309 -19.63 -33.80 -33.53
N LEU K 310 -19.31 -32.53 -33.79
CA LEU K 310 -20.02 -31.74 -34.79
C LEU K 310 -19.54 -32.02 -36.21
N GLU K 311 -18.42 -32.72 -36.38
CA GLU K 311 -17.91 -32.97 -37.72
C GLU K 311 -18.72 -34.04 -38.44
N ASP K 312 -19.35 -34.93 -37.70
CA ASP K 312 -20.16 -36.01 -38.25
C ASP K 312 -21.59 -35.86 -37.71
N VAL K 313 -22.39 -35.09 -38.44
CA VAL K 313 -23.77 -34.79 -38.07
C VAL K 313 -24.68 -35.40 -39.13
N GLN K 314 -25.66 -36.17 -38.69
CA GLN K 314 -26.67 -36.71 -39.57
C GLN K 314 -27.92 -35.84 -39.52
N PRO K 315 -28.79 -35.93 -40.54
CA PRO K 315 -30.03 -35.12 -40.51
C PRO K 315 -30.98 -35.45 -39.37
N HIS K 316 -30.88 -36.63 -38.74
CA HIS K 316 -31.75 -36.96 -37.63
C HIS K 316 -31.24 -36.44 -36.29
N ASP K 317 -30.01 -35.93 -36.24
CA ASP K 317 -29.46 -35.38 -35.00
C ASP K 317 -29.78 -33.89 -34.84
N LEU K 318 -30.70 -33.35 -35.64
CA LEU K 318 -31.05 -31.95 -35.59
C LEU K 318 -32.51 -31.81 -35.16
N GLY K 319 -32.76 -30.84 -34.28
CA GLY K 319 -34.12 -30.55 -33.88
C GLY K 319 -34.93 -29.96 -35.02
N LYS K 320 -36.25 -30.03 -34.88
CA LYS K 320 -37.16 -29.52 -35.90
C LYS K 320 -38.26 -28.73 -35.21
N VAL K 321 -38.19 -27.41 -35.33
CA VAL K 321 -39.26 -26.54 -34.86
C VAL K 321 -40.12 -26.14 -36.05
N GLY K 322 -41.36 -25.76 -35.77
CA GLY K 322 -42.21 -25.22 -36.80
C GLY K 322 -42.13 -23.73 -36.96
N GLU K 323 -41.49 -23.05 -36.02
CA GLU K 323 -41.46 -21.59 -36.00
C GLU K 323 -40.40 -21.15 -35.00
N VAL K 324 -39.62 -20.12 -35.36
CA VAL K 324 -38.61 -19.54 -34.46
C VAL K 324 -38.60 -18.03 -34.65
N ILE K 325 -38.58 -17.30 -33.53
CA ILE K 325 -38.42 -15.86 -33.50
C ILE K 325 -37.11 -15.57 -32.80
N VAL K 326 -36.22 -14.83 -33.46
CA VAL K 326 -34.98 -14.35 -32.86
C VAL K 326 -34.97 -12.83 -32.95
N THR K 327 -34.85 -12.17 -31.81
CA THR K 327 -34.75 -10.71 -31.73
C THR K 327 -33.39 -10.36 -31.13
N LYS K 328 -33.22 -9.08 -30.81
CA LYS K 328 -31.93 -8.62 -30.28
C LYS K 328 -31.66 -9.17 -28.88
N ASP K 329 -32.70 -9.31 -28.08
CA ASP K 329 -32.55 -9.79 -26.72
C ASP K 329 -33.17 -11.16 -26.46
N ASP K 330 -34.04 -11.65 -27.34
CA ASP K 330 -34.79 -12.86 -27.06
C ASP K 330 -34.75 -13.81 -28.25
N ALA K 331 -34.97 -15.09 -27.95
CA ALA K 331 -35.16 -16.14 -28.94
C ALA K 331 -36.18 -17.13 -28.41
N MET K 332 -37.11 -17.54 -29.25
CA MET K 332 -38.18 -18.42 -28.83
C MET K 332 -38.47 -19.47 -29.90
N LEU K 333 -38.65 -20.72 -29.45
CA LEU K 333 -38.86 -21.87 -30.32
C LEU K 333 -40.30 -22.34 -30.19
N LEU K 334 -40.96 -22.54 -31.32
CA LEU K 334 -42.36 -22.92 -31.37
C LEU K 334 -42.53 -24.25 -32.08
N LYS K 335 -43.30 -25.15 -31.46
CA LYS K 335 -43.79 -26.40 -32.08
C LYS K 335 -42.63 -27.31 -32.47
N GLY K 336 -41.77 -27.58 -31.49
CA GLY K 336 -40.68 -28.51 -31.72
C GLY K 336 -41.21 -29.91 -31.95
N LYS K 337 -40.68 -30.59 -32.96
CA LYS K 337 -41.16 -31.91 -33.35
C LYS K 337 -40.45 -33.03 -32.58
N GLY K 338 -40.43 -32.91 -31.26
CA GLY K 338 -39.87 -33.95 -30.43
C GLY K 338 -40.86 -35.05 -30.14
N ASP K 339 -40.34 -36.20 -29.70
CA ASP K 339 -41.19 -37.31 -29.31
C ASP K 339 -41.92 -36.96 -28.02
N LYS K 340 -43.24 -37.15 -28.01
CA LYS K 340 -44.05 -36.76 -26.86
C LYS K 340 -43.72 -37.59 -25.63
N ALA K 341 -43.42 -38.88 -25.83
CA ALA K 341 -43.06 -39.75 -24.72
C ALA K 341 -41.76 -39.32 -24.07
N GLN K 342 -40.79 -38.87 -24.86
CA GLN K 342 -39.52 -38.41 -24.30
C GLN K 342 -39.70 -37.10 -23.54
N ILE K 343 -40.57 -36.21 -24.03
CA ILE K 343 -40.88 -34.98 -23.30
C ILE K 343 -41.59 -35.30 -21.99
N GLU K 344 -42.50 -36.28 -22.00
CA GLU K 344 -43.15 -36.69 -20.76
C GLU K 344 -42.15 -37.30 -19.78
N LYS K 345 -41.20 -38.09 -20.27
CA LYS K 345 -40.17 -38.66 -19.40
C LYS K 345 -39.28 -37.57 -18.82
N ARG K 346 -38.93 -36.56 -19.61
CA ARG K 346 -38.16 -35.43 -19.09
C ARG K 346 -38.94 -34.64 -18.06
N ILE K 347 -40.25 -34.51 -18.26
CA ILE K 347 -41.11 -33.82 -17.29
C ILE K 347 -41.14 -34.59 -15.97
N GLN K 348 -41.28 -35.91 -16.04
CA GLN K 348 -41.26 -36.72 -14.82
C GLN K 348 -39.90 -36.67 -14.13
N GLU K 349 -38.83 -36.62 -14.92
CA GLU K 349 -37.49 -36.47 -14.36
C GLU K 349 -37.34 -35.14 -13.62
N ILE K 350 -37.86 -34.06 -14.20
CA ILE K 350 -37.82 -32.75 -13.55
C ILE K 350 -38.68 -32.76 -12.28
N ILE K 351 -39.79 -33.49 -12.31
CA ILE K 351 -40.66 -33.59 -11.13
C ILE K 351 -39.96 -34.31 -9.99
N GLU K 352 -39.31 -35.45 -10.28
CA GLU K 352 -38.59 -36.18 -9.25
C GLU K 352 -37.35 -35.41 -8.79
N GLN K 353 -36.78 -34.57 -9.64
CA GLN K 353 -35.72 -33.67 -9.18
C GLN K 353 -36.28 -32.60 -8.23
N LEU K 354 -37.50 -32.12 -8.50
CA LEU K 354 -38.17 -31.19 -7.60
C LEU K 354 -38.42 -31.82 -6.24
N ASP K 355 -38.76 -33.11 -6.21
CA ASP K 355 -39.05 -33.77 -4.95
C ASP K 355 -37.85 -33.86 -4.01
N VAL K 356 -36.62 -33.79 -4.54
CA VAL K 356 -35.42 -33.99 -3.74
C VAL K 356 -34.58 -32.71 -3.64
N THR K 357 -35.17 -31.54 -3.87
CA THR K 357 -34.45 -30.28 -3.77
C THR K 357 -35.05 -29.43 -2.66
N THR K 358 -34.17 -28.79 -1.88
CA THR K 358 -34.61 -27.90 -0.80
C THR K 358 -33.79 -26.62 -0.73
N SER K 359 -33.13 -26.23 -1.82
CA SER K 359 -32.29 -25.06 -1.84
C SER K 359 -33.06 -23.75 -2.03
N GLU K 360 -34.34 -23.83 -2.41
CA GLU K 360 -35.24 -22.70 -2.68
C GLU K 360 -34.77 -21.80 -3.81
N TYR K 361 -33.77 -22.21 -4.57
CA TYR K 361 -33.31 -21.50 -5.76
C TYR K 361 -33.23 -22.40 -6.98
N GLU K 362 -32.79 -23.64 -6.81
CA GLU K 362 -32.85 -24.62 -7.90
C GLU K 362 -34.27 -25.12 -8.14
N LYS K 363 -35.14 -25.03 -7.13
CA LYS K 363 -36.54 -25.36 -7.32
C LYS K 363 -37.21 -24.40 -8.30
N GLU K 364 -36.83 -23.12 -8.23
CA GLU K 364 -37.34 -22.14 -9.20
C GLU K 364 -36.87 -22.48 -10.62
N LYS K 365 -35.61 -22.88 -10.77
CA LYS K 365 -35.09 -23.25 -12.09
C LYS K 365 -35.80 -24.49 -12.63
N LEU K 366 -36.05 -25.48 -11.77
CA LEU K 366 -36.73 -26.69 -12.21
C LEU K 366 -38.19 -26.41 -12.56
N ASN K 367 -38.86 -25.56 -11.78
CA ASN K 367 -40.23 -25.16 -12.10
C ASN K 367 -40.29 -24.40 -13.41
N GLU K 368 -39.29 -23.54 -13.66
CA GLU K 368 -39.22 -22.82 -14.93
C GLU K 368 -39.00 -23.77 -16.11
N ARG K 369 -38.13 -24.76 -15.94
CA ARG K 369 -37.91 -25.75 -16.99
C ARG K 369 -39.17 -26.56 -17.27
N LEU K 370 -39.87 -26.96 -16.21
CA LEU K 370 -41.14 -27.68 -16.36
C LEU K 370 -42.18 -26.81 -17.06
N ALA K 371 -42.20 -25.52 -16.76
CA ALA K 371 -43.13 -24.60 -17.40
C ALA K 371 -42.84 -24.46 -18.89
N LYS K 372 -41.55 -24.32 -19.25
CA LYS K 372 -41.18 -24.21 -20.66
C LYS K 372 -41.47 -25.51 -21.41
N LEU K 373 -41.37 -26.65 -20.73
CA LEU K 373 -41.66 -27.91 -21.42
C LEU K 373 -43.16 -28.23 -21.45
N SER K 374 -43.95 -27.63 -20.55
CA SER K 374 -45.35 -28.04 -20.42
C SER K 374 -46.37 -26.97 -20.81
N ASP K 375 -46.38 -25.82 -20.12
CA ASP K 375 -47.48 -24.87 -20.33
C ASP K 375 -47.05 -23.41 -20.37
N GLY K 376 -45.75 -23.11 -20.39
CA GLY K 376 -45.33 -21.74 -20.44
C GLY K 376 -45.43 -21.02 -19.10
N VAL K 377 -45.18 -19.72 -19.14
CA VAL K 377 -45.11 -18.88 -17.95
C VAL K 377 -46.04 -17.68 -18.12
N ALA K 378 -46.47 -17.14 -16.98
CA ALA K 378 -47.32 -15.96 -16.94
C ALA K 378 -46.56 -14.82 -16.27
N VAL K 379 -46.63 -13.64 -16.85
CA VAL K 379 -45.98 -12.45 -16.31
C VAL K 379 -47.06 -11.41 -16.05
N LEU K 380 -47.19 -11.01 -14.78
CA LEU K 380 -48.09 -9.93 -14.39
C LEU K 380 -47.29 -8.64 -14.31
N LYS K 381 -47.62 -7.68 -15.16
CA LYS K 381 -47.04 -6.35 -15.12
C LYS K 381 -47.99 -5.45 -14.35
N VAL K 382 -47.50 -4.86 -13.26
CA VAL K 382 -48.34 -4.03 -12.40
C VAL K 382 -48.26 -2.60 -12.88
N GLY K 383 -49.40 -2.07 -13.33
CA GLY K 383 -49.45 -0.69 -13.78
C GLY K 383 -49.44 0.29 -12.62
N GLY K 384 -49.22 1.55 -12.97
CA GLY K 384 -49.20 2.60 -11.97
C GLY K 384 -48.59 3.88 -12.48
N THR K 385 -48.95 4.99 -11.85
CA THR K 385 -48.49 6.30 -12.29
C THR K 385 -47.06 6.55 -11.85
N SER K 386 -46.68 6.09 -10.66
CA SER K 386 -45.37 6.35 -10.09
C SER K 386 -44.85 5.09 -9.42
N ASP K 387 -43.58 5.11 -9.04
CA ASP K 387 -42.94 3.93 -8.45
C ASP K 387 -43.50 3.61 -7.07
N VAL K 388 -43.90 4.62 -6.29
CA VAL K 388 -44.47 4.37 -4.97
C VAL K 388 -45.82 3.66 -5.10
N GLU K 389 -46.65 4.07 -6.05
CA GLU K 389 -47.91 3.38 -6.31
C GLU K 389 -47.68 1.99 -6.86
N VAL K 390 -46.69 1.83 -7.74
CA VAL K 390 -46.39 0.53 -8.34
C VAL K 390 -45.96 -0.46 -7.26
N ASN K 391 -45.08 -0.03 -6.35
CA ASN K 391 -44.63 -0.91 -5.28
C ASN K 391 -45.76 -1.23 -4.31
N GLU K 392 -46.60 -0.24 -4.00
CA GLU K 392 -47.74 -0.48 -3.11
C GLU K 392 -48.70 -1.50 -3.70
N LYS K 393 -49.03 -1.38 -4.98
CA LYS K 393 -49.92 -2.34 -5.62
C LYS K 393 -49.24 -3.69 -5.81
N LYS K 394 -47.94 -3.70 -6.05
CA LYS K 394 -47.20 -4.94 -6.24
C LYS K 394 -47.16 -5.78 -4.98
N ASP K 395 -47.10 -5.13 -3.81
CA ASP K 395 -47.19 -5.86 -2.55
C ASP K 395 -48.51 -6.63 -2.44
N ARG K 396 -49.61 -5.98 -2.83
CA ARG K 396 -50.91 -6.64 -2.77
C ARG K 396 -51.05 -7.72 -3.83
N VAL K 397 -50.44 -7.53 -5.00
CA VAL K 397 -50.46 -8.56 -6.04
C VAL K 397 -49.69 -9.80 -5.59
N THR K 398 -48.52 -9.60 -4.97
CA THR K 398 -47.74 -10.71 -4.45
C THR K 398 -48.49 -11.42 -3.32
N ASP K 399 -49.17 -10.65 -2.46
CA ASP K 399 -49.99 -11.24 -1.40
C ASP K 399 -51.11 -12.09 -1.98
N ALA K 400 -51.78 -11.60 -3.03
CA ALA K 400 -52.87 -12.34 -3.63
C ALA K 400 -52.40 -13.59 -4.35
N LEU K 401 -51.22 -13.51 -4.99
CA LEU K 401 -50.64 -14.68 -5.63
C LEU K 401 -50.28 -15.76 -4.61
N ASN K 402 -49.65 -15.36 -3.50
CA ASN K 402 -49.30 -16.32 -2.45
C ASN K 402 -50.54 -16.92 -1.80
N ALA K 403 -51.56 -16.10 -1.56
CA ALA K 403 -52.79 -16.60 -0.95
C ALA K 403 -53.54 -17.54 -1.87
N THR K 404 -53.54 -17.25 -3.18
CA THR K 404 -54.18 -18.16 -4.12
C THR K 404 -53.45 -19.48 -4.22
N ARG K 405 -52.10 -19.45 -4.19
CA ARG K 405 -51.33 -20.69 -4.17
C ARG K 405 -51.62 -21.50 -2.89
N ALA K 406 -51.71 -20.82 -1.75
CA ALA K 406 -52.02 -21.49 -0.50
C ALA K 406 -53.42 -22.08 -0.52
N ALA K 407 -54.37 -21.38 -1.13
CA ALA K 407 -55.73 -21.89 -1.23
C ALA K 407 -55.84 -23.08 -2.16
N VAL K 408 -55.04 -23.10 -3.24
CA VAL K 408 -54.98 -24.29 -4.09
C VAL K 408 -54.42 -25.47 -3.31
N GLU K 409 -53.34 -25.26 -2.56
CA GLU K 409 -52.72 -26.42 -1.92
C GLU K 409 -53.46 -26.91 -0.68
N GLU K 410 -54.12 -26.05 0.10
CA GLU K 410 -54.70 -26.50 1.36
C GLU K 410 -56.16 -26.11 1.57
N GLY K 411 -56.83 -25.50 0.60
CA GLY K 411 -58.24 -25.19 0.74
C GLY K 411 -58.52 -23.85 1.36
N ILE K 412 -59.81 -23.60 1.60
CA ILE K 412 -60.28 -22.30 2.07
C ILE K 412 -61.19 -22.46 3.28
N VAL K 413 -61.27 -21.38 4.06
CA VAL K 413 -62.17 -21.25 5.18
C VAL K 413 -62.88 -19.89 5.08
N LEU K 414 -63.76 -19.61 6.03
CA LEU K 414 -64.46 -18.34 6.07
C LEU K 414 -63.49 -17.21 6.41
N GLY K 415 -63.62 -16.09 5.69
CA GLY K 415 -62.79 -14.93 5.91
C GLY K 415 -63.34 -14.02 6.99
N GLY K 416 -62.72 -12.86 7.11
CA GLY K 416 -63.10 -11.87 8.10
C GLY K 416 -62.93 -12.30 9.54
N GLY K 417 -61.93 -13.13 9.82
CA GLY K 417 -61.71 -13.62 11.17
C GLY K 417 -62.75 -14.57 11.70
N CYS K 418 -63.69 -15.03 10.86
CA CYS K 418 -64.77 -15.88 11.33
C CYS K 418 -64.36 -17.33 11.46
N ALA K 419 -63.33 -17.77 10.73
CA ALA K 419 -62.84 -19.14 10.85
C ALA K 419 -62.27 -19.41 12.24
N LEU K 420 -61.52 -18.45 12.79
CA LEU K 420 -61.05 -18.58 14.16
C LEU K 420 -62.17 -18.41 15.17
N LEU K 421 -63.19 -17.60 14.83
CA LEU K 421 -64.32 -17.40 15.72
C LEU K 421 -65.13 -18.69 15.88
N ARG K 422 -65.27 -19.47 14.80
CA ARG K 422 -66.03 -20.71 14.87
C ARG K 422 -65.22 -21.86 15.46
N CYS K 423 -63.96 -21.65 15.82
CA CYS K 423 -63.15 -22.65 16.50
C CYS K 423 -63.24 -22.55 18.02
N ILE K 424 -63.97 -21.56 18.55
CA ILE K 424 -64.13 -21.43 20.01
C ILE K 424 -64.82 -22.63 20.66
N PRO K 425 -65.92 -23.19 20.13
CA PRO K 425 -66.50 -24.39 20.78
C PRO K 425 -65.58 -25.61 20.79
N ALA K 426 -64.59 -25.68 19.91
CA ALA K 426 -63.58 -26.74 20.01
C ALA K 426 -62.74 -26.57 21.27
N LEU K 427 -62.45 -25.33 21.67
CA LEU K 427 -61.76 -25.09 22.93
C LEU K 427 -62.68 -25.26 24.13
N ASP K 428 -63.98 -25.03 23.94
CA ASP K 428 -64.92 -25.19 25.05
C ASP K 428 -65.07 -26.65 25.47
N SER K 429 -64.70 -27.60 24.61
CA SER K 429 -64.82 -29.02 24.91
C SER K 429 -63.52 -29.63 25.42
N LEU K 430 -62.47 -28.84 25.59
CA LEU K 430 -61.20 -29.35 26.08
C LEU K 430 -61.23 -29.55 27.59
N THR K 431 -60.41 -30.48 28.07
CA THR K 431 -60.25 -30.73 29.50
C THR K 431 -58.81 -30.47 29.91
N PRO K 432 -58.51 -29.35 30.55
CA PRO K 432 -57.13 -29.06 30.94
C PRO K 432 -56.64 -29.97 32.06
N ALA K 433 -55.33 -30.23 32.05
CA ALA K 433 -54.74 -31.10 33.05
C ALA K 433 -54.58 -30.42 34.40
N ASN K 434 -54.36 -29.11 34.41
CA ASN K 434 -54.22 -28.36 35.65
C ASN K 434 -54.66 -26.92 35.39
N GLU K 435 -54.40 -26.04 36.36
CA GLU K 435 -54.90 -24.67 36.28
C GLU K 435 -54.10 -23.81 35.30
N ASP K 436 -52.79 -24.04 35.19
CA ASP K 436 -51.98 -23.26 34.26
C ASP K 436 -52.35 -23.55 32.81
N GLN K 437 -52.61 -24.81 32.49
CA GLN K 437 -53.05 -25.14 31.14
C GLN K 437 -54.46 -24.61 30.87
N LYS K 438 -55.31 -24.55 31.89
CA LYS K 438 -56.61 -23.91 31.75
C LYS K 438 -56.45 -22.42 31.45
N ILE K 439 -55.49 -21.76 32.10
CA ILE K 439 -55.17 -20.37 31.83
C ILE K 439 -54.73 -20.19 30.38
N GLY K 440 -53.87 -21.08 29.90
CA GLY K 440 -53.40 -20.97 28.52
C GLY K 440 -54.50 -21.20 27.49
N ILE K 441 -55.37 -22.17 27.75
CA ILE K 441 -56.52 -22.41 26.88
C ILE K 441 -57.43 -21.19 26.83
N GLU K 442 -57.69 -20.58 27.99
CA GLU K 442 -58.54 -19.39 28.02
C GLU K 442 -57.88 -18.19 27.36
N ILE K 443 -56.54 -18.10 27.43
CA ILE K 443 -55.81 -17.07 26.69
C ILE K 443 -56.04 -17.22 25.19
N ILE K 444 -55.93 -18.45 24.69
CA ILE K 444 -56.15 -18.68 23.26
C ILE K 444 -57.60 -18.42 22.88
N LYS K 445 -58.53 -18.76 23.77
CA LYS K 445 -59.94 -18.57 23.47
C LYS K 445 -60.31 -17.10 23.41
N ARG K 446 -59.72 -16.25 24.27
CA ARG K 446 -59.92 -14.81 24.10
C ARG K 446 -59.19 -14.27 22.88
N THR K 447 -58.05 -14.86 22.53
CA THR K 447 -57.28 -14.38 21.38
C THR K 447 -58.00 -14.68 20.06
N LEU K 448 -58.85 -15.72 20.02
CA LEU K 448 -59.51 -16.12 18.79
C LEU K 448 -60.49 -15.07 18.25
N LYS K 449 -60.93 -14.12 19.07
CA LYS K 449 -61.80 -13.04 18.59
C LYS K 449 -61.04 -11.82 18.08
N ILE K 450 -59.72 -11.78 18.28
CA ILE K 450 -58.96 -10.58 17.96
C ILE K 450 -58.96 -10.17 16.49
N PRO K 451 -58.77 -11.07 15.50
CA PRO K 451 -58.80 -10.61 14.10
C PRO K 451 -60.12 -10.00 13.66
N ALA K 452 -61.25 -10.57 14.06
CA ALA K 452 -62.55 -10.01 13.69
C ALA K 452 -62.79 -8.67 14.38
N MET K 453 -62.37 -8.54 15.64
CA MET K 453 -62.48 -7.25 16.33
C MET K 453 -61.60 -6.19 15.68
N THR K 454 -60.39 -6.57 15.25
CA THR K 454 -59.51 -5.61 14.59
C THR K 454 -60.07 -5.16 13.24
N ILE K 455 -60.64 -6.11 12.48
CA ILE K 455 -61.24 -5.79 11.20
C ILE K 455 -62.45 -4.86 11.39
N ALA K 456 -63.29 -5.15 12.39
CA ALA K 456 -64.45 -4.30 12.63
C ALA K 456 -64.04 -2.94 13.19
N LYS K 457 -62.99 -2.88 14.01
CA LYS K 457 -62.52 -1.61 14.54
C LYS K 457 -61.95 -0.72 13.45
N ASN K 458 -61.22 -1.31 12.50
CA ASN K 458 -60.70 -0.53 11.39
C ASN K 458 -61.81 -0.04 10.46
N ALA K 459 -62.99 -0.65 10.51
CA ALA K 459 -64.15 -0.20 9.76
C ALA K 459 -64.98 0.82 10.51
N GLY K 460 -64.54 1.25 11.69
CA GLY K 460 -65.21 2.30 12.43
C GLY K 460 -66.44 1.88 13.20
N VAL K 461 -66.59 0.59 13.53
CA VAL K 461 -67.70 0.11 14.34
C VAL K 461 -67.12 -0.55 15.59
N GLU K 462 -68.00 -0.81 16.56
CA GLU K 462 -67.58 -1.46 17.79
C GLU K 462 -67.37 -2.95 17.54
N GLY K 463 -66.13 -3.41 17.72
CA GLY K 463 -65.79 -4.77 17.34
C GLY K 463 -66.38 -5.84 18.23
N SER K 464 -66.57 -5.54 19.51
CA SER K 464 -67.10 -6.53 20.44
C SER K 464 -68.55 -6.88 20.13
N LEU K 465 -69.37 -5.87 19.82
CA LEU K 465 -70.76 -6.12 19.45
C LEU K 465 -70.86 -6.91 18.15
N ILE K 466 -70.01 -6.58 17.18
CA ILE K 466 -69.97 -7.30 15.91
C ILE K 466 -69.60 -8.76 16.14
N VAL K 467 -68.59 -9.01 16.98
CA VAL K 467 -68.13 -10.36 17.24
C VAL K 467 -69.18 -11.17 17.99
N GLU K 468 -69.88 -10.54 18.94
CA GLU K 468 -70.92 -11.27 19.66
C GLU K 468 -72.12 -11.57 18.76
N LYS K 469 -72.44 -10.67 17.82
CA LYS K 469 -73.53 -10.98 16.90
C LYS K 469 -73.11 -12.05 15.89
N ILE K 470 -71.82 -12.11 15.51
CA ILE K 470 -71.33 -13.21 14.69
C ILE K 470 -71.45 -14.53 15.43
N MET K 471 -71.05 -14.55 16.71
CA MET K 471 -71.10 -15.78 17.48
C MET K 471 -72.53 -16.24 17.76
N GLN K 472 -73.48 -15.30 17.91
CA GLN K 472 -74.86 -15.70 18.05
C GLN K 472 -75.52 -16.05 16.72
N SER K 473 -74.87 -15.75 15.59
CA SER K 473 -75.41 -16.10 14.29
C SER K 473 -75.12 -17.55 13.95
N SER K 474 -75.74 -18.03 12.87
CA SER K 474 -75.45 -19.35 12.37
C SER K 474 -74.06 -19.39 11.74
N SER K 475 -73.55 -20.61 11.55
CA SER K 475 -72.12 -20.81 11.30
C SER K 475 -71.64 -20.25 9.96
N GLU K 476 -72.55 -20.02 9.01
CA GLU K 476 -72.15 -19.49 7.71
C GLU K 476 -72.17 -17.97 7.67
N VAL K 477 -72.68 -17.30 8.70
CA VAL K 477 -72.90 -15.86 8.68
C VAL K 477 -71.73 -15.17 9.38
N GLY K 478 -71.15 -14.18 8.71
CA GLY K 478 -70.14 -13.33 9.32
C GLY K 478 -70.35 -11.88 8.96
N TYR K 479 -69.41 -11.02 9.31
CA TYR K 479 -69.54 -9.58 9.08
C TYR K 479 -68.81 -9.18 7.80
N ASP K 480 -69.52 -8.58 6.86
CA ASP K 480 -68.91 -7.91 5.73
C ASP K 480 -68.52 -6.52 6.20
N ALA K 481 -67.24 -6.31 6.48
CA ALA K 481 -66.77 -5.03 6.98
C ALA K 481 -66.79 -3.97 5.90
N MET K 482 -66.59 -4.36 4.64
CA MET K 482 -66.58 -3.40 3.54
C MET K 482 -67.98 -2.82 3.29
N ALA K 483 -69.01 -3.64 3.46
CA ALA K 483 -70.39 -3.20 3.25
C ALA K 483 -71.14 -2.89 4.53
N GLY K 484 -70.55 -3.19 5.70
CA GLY K 484 -71.23 -2.98 6.96
C GLY K 484 -72.45 -3.87 7.17
N ASP K 485 -72.38 -5.12 6.73
CA ASP K 485 -73.53 -6.01 6.72
C ASP K 485 -73.13 -7.38 7.25
N PHE K 486 -74.11 -8.10 7.78
CA PHE K 486 -73.93 -9.48 8.22
C PHE K 486 -74.43 -10.38 7.11
N VAL K 487 -73.52 -11.12 6.47
CA VAL K 487 -73.79 -11.81 5.22
C VAL K 487 -73.33 -13.26 5.33
N ASN K 488 -73.79 -14.06 4.38
CA ASN K 488 -73.23 -15.37 4.10
C ASN K 488 -71.86 -15.16 3.45
N MET K 489 -70.79 -15.54 4.16
CA MET K 489 -69.44 -15.18 3.73
C MET K 489 -68.99 -15.95 2.50
N VAL K 490 -69.46 -17.19 2.34
CA VAL K 490 -69.00 -18.01 1.23
C VAL K 490 -69.59 -17.51 -0.09
N GLU K 491 -70.89 -17.20 -0.12
CA GLU K 491 -71.50 -16.75 -1.37
C GLU K 491 -71.11 -15.31 -1.72
N LYS K 492 -70.70 -14.51 -0.73
CA LYS K 492 -70.18 -13.18 -0.98
C LYS K 492 -68.69 -13.18 -1.31
N GLY K 493 -68.03 -14.33 -1.20
CA GLY K 493 -66.65 -14.45 -1.57
C GLY K 493 -65.64 -13.99 -0.54
N ILE K 494 -66.07 -13.73 0.70
CA ILE K 494 -65.14 -13.32 1.76
C ILE K 494 -64.61 -14.61 2.37
N ILE K 495 -63.54 -15.14 1.77
CA ILE K 495 -62.97 -16.41 2.16
C ILE K 495 -61.48 -16.25 2.36
N ASP K 496 -60.92 -17.11 3.20
CA ASP K 496 -59.50 -17.09 3.51
C ASP K 496 -58.90 -18.46 3.25
N PRO K 497 -57.66 -18.53 2.78
CA PRO K 497 -56.98 -19.82 2.71
C PRO K 497 -56.64 -20.36 4.09
N THR K 498 -56.88 -21.65 4.27
CA THR K 498 -56.73 -22.31 5.58
C THR K 498 -55.28 -22.29 6.04
N LYS K 499 -54.35 -22.47 5.10
CA LYS K 499 -52.92 -22.46 5.39
C LYS K 499 -52.49 -21.14 6.02
N VAL K 500 -53.00 -20.03 5.50
CA VAL K 500 -52.65 -18.71 6.02
C VAL K 500 -53.14 -18.54 7.45
N VAL K 501 -54.38 -18.95 7.72
CA VAL K 501 -54.97 -18.80 9.06
C VAL K 501 -54.21 -19.64 10.08
N ARG K 502 -53.96 -20.92 9.77
CA ARG K 502 -53.27 -21.77 10.73
C ARG K 502 -51.81 -21.38 10.89
N THR K 503 -51.16 -20.91 9.81
CA THR K 503 -49.79 -20.45 9.88
C THR K 503 -49.67 -19.22 10.77
N ALA K 504 -50.58 -18.27 10.61
CA ALA K 504 -50.57 -17.06 11.43
C ALA K 504 -50.78 -17.39 12.90
N LEU K 505 -51.74 -18.28 13.18
CA LEU K 505 -52.01 -18.64 14.58
C LEU K 505 -50.82 -19.36 15.21
N LEU K 506 -50.24 -20.34 14.51
CA LEU K 506 -49.12 -21.10 15.06
C LEU K 506 -47.89 -20.23 15.27
N ASP K 507 -47.57 -19.39 14.27
CA ASP K 507 -46.41 -18.50 14.35
C ASP K 507 -46.56 -17.48 15.45
N ALA K 508 -47.78 -16.97 15.65
CA ALA K 508 -48.01 -16.03 16.75
C ALA K 508 -47.89 -16.74 18.09
N ALA K 509 -48.53 -17.91 18.23
CA ALA K 509 -48.66 -18.56 19.52
C ALA K 509 -47.33 -19.04 20.05
N GLY K 510 -46.49 -19.61 19.18
CA GLY K 510 -45.21 -20.14 19.65
C GLY K 510 -44.32 -19.07 20.26
N VAL K 511 -44.08 -17.98 19.52
CA VAL K 511 -43.21 -16.93 20.00
C VAL K 511 -43.83 -16.18 21.17
N ALA K 512 -45.14 -15.91 21.13
CA ALA K 512 -45.73 -15.10 22.19
C ALA K 512 -45.85 -15.89 23.50
N SER K 513 -46.16 -17.19 23.42
CA SER K 513 -46.19 -18.00 24.62
C SER K 513 -44.78 -18.32 25.13
N LEU K 514 -43.76 -18.28 24.28
CA LEU K 514 -42.40 -18.32 24.80
C LEU K 514 -42.04 -17.02 25.49
N LEU K 515 -42.49 -15.90 24.94
CA LEU K 515 -42.25 -14.58 25.54
C LEU K 515 -42.88 -14.46 26.93
N THR K 516 -44.07 -15.00 27.11
CA THR K 516 -44.72 -14.87 28.40
C THR K 516 -44.14 -15.78 29.49
N THR K 517 -43.10 -16.56 29.22
CA THR K 517 -42.43 -17.34 30.25
C THR K 517 -41.28 -16.59 30.92
N ALA K 518 -40.98 -15.37 30.47
CA ALA K 518 -39.80 -14.66 30.93
C ALA K 518 -39.99 -14.05 32.32
N GLU K 519 -38.93 -14.08 33.10
CA GLU K 519 -38.86 -13.42 34.40
C GLU K 519 -37.75 -12.38 34.47
N VAL K 520 -36.68 -12.55 33.70
CA VAL K 520 -35.50 -11.68 33.73
C VAL K 520 -35.18 -11.29 32.30
N VAL K 521 -34.81 -10.02 32.10
CA VAL K 521 -34.37 -9.55 30.78
C VAL K 521 -32.99 -8.94 30.93
N VAL K 522 -32.06 -9.34 30.07
CA VAL K 522 -30.68 -8.86 30.08
C VAL K 522 -30.44 -8.09 28.78
N THR K 523 -30.10 -6.81 28.91
CA THR K 523 -29.79 -5.97 27.77
C THR K 523 -28.44 -5.29 27.98
N GLU K 524 -27.76 -4.96 26.88
CA GLU K 524 -26.55 -4.17 26.95
C GLU K 524 -26.84 -2.73 27.38
N ILE K 525 -25.91 -2.16 28.15
CA ILE K 525 -25.97 -0.73 28.46
C ILE K 525 -25.81 0.07 27.17
N PRO K 526 -26.70 1.03 26.88
CA PRO K 526 -26.56 1.81 25.64
C PRO K 526 -25.37 2.76 25.72
N LYS K 527 -24.48 2.66 24.73
CA LYS K 527 -23.31 3.52 24.68
C LYS K 527 -23.64 4.87 24.03
N GLY L 3 18.25 -26.44 -66.57
CA GLY L 3 17.34 -25.44 -66.01
C GLY L 3 16.33 -24.92 -67.01
N GLN L 4 15.13 -24.64 -66.55
CA GLN L 4 14.04 -24.14 -67.38
C GLN L 4 13.57 -22.82 -66.81
N ALA L 5 13.35 -21.84 -67.67
CA ALA L 5 12.96 -20.49 -67.25
C ALA L 5 11.47 -20.28 -67.39
N PHE L 6 10.92 -19.42 -66.54
CA PHE L 6 9.51 -19.09 -66.55
C PHE L 6 9.34 -17.60 -66.30
N ARG L 7 8.67 -16.91 -67.23
CA ARG L 7 8.43 -15.46 -67.18
C ARG L 7 9.74 -14.69 -67.02
N LYS L 8 10.72 -15.07 -67.83
CA LYS L 8 12.07 -14.49 -67.83
C LYS L 8 12.75 -14.62 -66.47
N PHE L 9 12.50 -15.72 -65.77
CA PHE L 9 13.16 -16.01 -64.50
C PHE L 9 13.67 -17.45 -64.51
N LEU L 10 14.97 -17.62 -64.32
CA LEU L 10 15.60 -18.93 -64.27
C LEU L 10 16.11 -19.20 -62.87
N PRO L 11 15.65 -20.26 -62.21
CA PRO L 11 16.14 -20.57 -60.86
C PRO L 11 17.58 -21.05 -60.90
N LEU L 12 18.27 -20.85 -59.78
CA LEU L 12 19.69 -21.17 -59.66
C LEU L 12 19.86 -22.41 -58.77
N PHE L 13 20.81 -23.25 -59.16
CA PHE L 13 21.20 -24.50 -58.46
C PHE L 13 19.99 -25.43 -58.45
N ASP L 14 19.64 -26.04 -57.33
CA ASP L 14 18.54 -26.99 -57.28
C ASP L 14 17.22 -26.35 -56.86
N ARG L 15 17.09 -25.03 -56.97
CA ARG L 15 15.86 -24.36 -56.60
C ARG L 15 14.75 -24.65 -57.61
N VAL L 16 13.52 -24.72 -57.12
CA VAL L 16 12.34 -25.02 -57.93
C VAL L 16 11.31 -23.94 -57.70
N LEU L 17 10.74 -23.41 -58.78
CA LEU L 17 9.69 -22.39 -58.71
C LEU L 17 8.33 -23.03 -58.95
N VAL L 18 7.38 -22.73 -58.07
CA VAL L 18 6.02 -23.27 -58.18
C VAL L 18 5.02 -22.14 -58.07
N GLU L 19 3.82 -22.39 -58.57
CA GLU L 19 2.64 -21.60 -58.24
C GLU L 19 1.68 -22.49 -57.46
N ARG L 20 1.16 -21.96 -56.35
CA ARG L 20 0.18 -22.69 -55.57
C ARG L 20 -1.15 -22.75 -56.30
N SER L 21 -1.90 -23.81 -56.03
CA SER L 21 -3.23 -23.95 -56.61
C SER L 21 -4.19 -22.93 -56.00
N ALA L 22 -5.31 -22.72 -56.69
CA ALA L 22 -6.31 -21.78 -56.21
C ALA L 22 -6.95 -22.31 -54.94
N ALA L 23 -7.08 -21.44 -53.93
CA ALA L 23 -7.72 -21.81 -52.69
C ALA L 23 -9.20 -22.07 -52.93
N GLU L 24 -9.72 -23.13 -52.29
CA GLU L 24 -11.10 -23.53 -52.53
C GLU L 24 -12.04 -22.54 -51.86
N THR L 25 -13.02 -22.05 -52.62
CA THR L 25 -13.90 -20.99 -52.16
C THR L 25 -15.26 -21.49 -51.71
N VAL L 26 -15.72 -22.61 -52.24
CA VAL L 26 -17.04 -23.17 -51.90
C VAL L 26 -16.88 -24.67 -51.72
N THR L 27 -17.62 -25.24 -50.77
CA THR L 27 -17.54 -26.66 -50.51
C THR L 27 -18.33 -27.45 -51.54
N LYS L 28 -18.30 -28.78 -51.40
CA LYS L 28 -19.00 -29.66 -52.34
C LYS L 28 -20.51 -29.59 -52.19
N GLY L 29 -21.01 -29.09 -51.06
CA GLY L 29 -22.44 -28.95 -50.86
C GLY L 29 -22.97 -27.61 -51.34
N GLY L 30 -22.11 -26.60 -51.32
CA GLY L 30 -22.51 -25.27 -51.77
C GLY L 30 -22.34 -24.22 -50.69
N ILE L 31 -21.46 -24.46 -49.73
CA ILE L 31 -21.22 -23.54 -48.63
C ILE L 31 -19.97 -22.73 -48.96
N MET L 32 -20.15 -21.42 -49.07
CA MET L 32 -19.04 -20.54 -49.41
C MET L 32 -18.13 -20.33 -48.20
N LEU L 33 -16.83 -20.26 -48.46
CA LEU L 33 -15.86 -20.13 -47.38
C LEU L 33 -15.27 -18.73 -47.33
N PRO L 34 -15.02 -18.20 -46.14
CA PRO L 34 -14.37 -16.90 -46.04
C PRO L 34 -12.91 -16.96 -46.50
N GLU L 35 -12.44 -15.82 -47.01
CA GLU L 35 -11.10 -15.77 -47.60
C GLU L 35 -10.01 -15.89 -46.54
N LYS L 36 -10.16 -15.18 -45.41
CA LYS L 36 -9.12 -15.18 -44.38
C LYS L 36 -9.05 -16.48 -43.59
N SER L 37 -10.02 -17.38 -43.74
CA SER L 37 -9.95 -18.70 -43.13
C SER L 37 -9.24 -19.72 -43.99
N GLN L 38 -8.94 -19.39 -45.24
CA GLN L 38 -8.26 -20.31 -46.15
C GLN L 38 -6.75 -20.10 -46.04
N GLY L 39 -6.04 -21.14 -45.59
CA GLY L 39 -4.61 -21.08 -45.45
C GLY L 39 -3.90 -21.25 -46.78
N LYS L 40 -2.58 -21.38 -46.71
CA LYS L 40 -1.77 -21.56 -47.91
C LYS L 40 -2.01 -22.94 -48.49
N VAL L 41 -2.09 -23.00 -49.82
CA VAL L 41 -2.37 -24.25 -50.52
C VAL L 41 -1.08 -25.05 -50.62
N LEU L 42 -1.10 -26.27 -50.10
CA LEU L 42 0.04 -27.16 -50.20
C LEU L 42 0.11 -27.84 -51.56
N GLN L 43 -0.96 -27.76 -52.35
CA GLN L 43 -0.95 -28.24 -53.72
C GLN L 43 -0.37 -27.16 -54.64
N ALA L 44 0.48 -27.60 -55.57
CA ALA L 44 1.18 -26.66 -56.44
C ALA L 44 1.65 -27.39 -57.69
N THR L 45 1.97 -26.61 -58.71
CA THR L 45 2.51 -27.14 -59.95
C THR L 45 3.83 -26.43 -60.27
N VAL L 46 4.74 -27.15 -60.90
CA VAL L 46 6.10 -26.67 -61.12
C VAL L 46 6.11 -25.84 -62.40
N VAL L 47 6.58 -24.61 -62.29
CA VAL L 47 6.68 -23.72 -63.44
C VAL L 47 8.11 -23.48 -63.89
N ALA L 48 9.11 -23.68 -63.02
CA ALA L 48 10.50 -23.45 -63.39
C ALA L 48 11.40 -24.25 -62.46
N VAL L 49 12.42 -24.88 -63.04
CA VAL L 49 13.41 -25.63 -62.29
C VAL L 49 14.79 -25.04 -62.55
N GLY L 50 15.69 -25.21 -61.58
CA GLY L 50 17.08 -24.88 -61.77
C GLY L 50 17.84 -25.99 -62.47
N SER L 51 19.11 -25.72 -62.75
CA SER L 51 19.95 -26.72 -63.39
C SER L 51 20.34 -27.84 -62.45
N GLY L 52 20.33 -27.58 -61.14
CA GLY L 52 20.67 -28.58 -60.16
C GLY L 52 22.04 -28.31 -59.54
N SER L 53 22.29 -29.00 -58.42
CA SER L 53 23.53 -28.86 -57.69
C SER L 53 24.54 -29.92 -58.13
N LYS L 54 25.75 -29.83 -57.60
CA LYS L 54 26.80 -30.81 -57.84
C LYS L 54 26.97 -31.61 -56.54
N GLY L 55 26.14 -32.66 -56.39
CA GLY L 55 26.19 -33.46 -55.19
C GLY L 55 27.39 -34.38 -55.15
N LYS L 56 27.81 -34.89 -56.31
CA LYS L 56 28.97 -35.75 -56.42
C LYS L 56 30.11 -35.00 -57.11
N GLY L 57 31.20 -35.71 -57.38
CA GLY L 57 32.41 -35.07 -57.86
C GLY L 57 32.48 -34.84 -59.36
N GLY L 58 32.25 -33.60 -59.78
CA GLY L 58 32.52 -33.18 -61.14
C GLY L 58 31.33 -33.08 -62.06
N GLU L 59 30.16 -33.58 -61.66
CA GLU L 59 28.99 -33.58 -62.53
C GLU L 59 27.83 -32.85 -61.86
N ILE L 60 26.86 -32.46 -62.70
CA ILE L 60 25.69 -31.72 -62.26
C ILE L 60 24.54 -32.70 -62.07
N GLN L 61 23.89 -32.62 -60.91
CA GLN L 61 22.76 -33.49 -60.58
C GLN L 61 21.47 -32.76 -60.90
N PRO L 62 20.70 -33.19 -61.91
CA PRO L 62 19.42 -32.53 -62.19
C PRO L 62 18.40 -32.76 -61.07
N VAL L 63 17.44 -31.83 -61.00
CA VAL L 63 16.41 -31.90 -59.96
C VAL L 63 15.45 -33.05 -60.26
N SER L 64 14.76 -33.50 -59.20
CA SER L 64 13.89 -34.67 -59.29
C SER L 64 12.58 -34.37 -60.00
N VAL L 65 12.10 -33.13 -59.95
CA VAL L 65 10.85 -32.77 -60.57
C VAL L 65 11.13 -32.11 -61.91
N LYS L 66 10.09 -32.01 -62.73
CA LYS L 66 10.17 -31.36 -64.03
C LYS L 66 9.04 -30.34 -64.13
N VAL L 67 9.09 -29.53 -65.19
CA VAL L 67 8.12 -28.46 -65.36
C VAL L 67 6.79 -29.06 -65.81
N GLY L 68 5.71 -28.67 -65.12
CA GLY L 68 4.42 -29.26 -65.32
C GLY L 68 4.05 -30.35 -64.34
N ASP L 69 4.99 -30.77 -63.49
CA ASP L 69 4.70 -31.75 -62.46
C ASP L 69 3.77 -31.15 -61.42
N LYS L 70 2.81 -31.95 -60.97
CA LYS L 70 1.90 -31.56 -59.90
C LYS L 70 2.45 -32.11 -58.59
N VAL L 71 2.77 -31.21 -57.65
CA VAL L 71 3.57 -31.57 -56.48
C VAL L 71 2.86 -31.16 -55.19
N LEU L 72 3.37 -31.68 -54.08
CA LEU L 72 2.91 -31.34 -52.74
C LEU L 72 4.02 -30.64 -51.99
N LEU L 73 3.69 -29.52 -51.34
CA LEU L 73 4.61 -28.61 -50.67
C LEU L 73 4.54 -28.77 -49.16
N PRO L 74 5.64 -28.49 -48.45
CA PRO L 74 5.59 -28.45 -46.99
C PRO L 74 4.93 -27.17 -46.49
N GLU L 75 4.72 -27.11 -45.17
CA GLU L 75 4.08 -25.96 -44.56
C GLU L 75 4.95 -24.71 -44.66
N TYR L 76 6.26 -24.86 -44.47
CA TYR L 76 7.18 -23.73 -44.50
C TYR L 76 8.36 -24.05 -45.42
N GLY L 77 9.05 -23.00 -45.85
CA GLY L 77 10.29 -23.16 -46.59
C GLY L 77 10.29 -22.64 -48.00
N GLY L 78 9.38 -21.72 -48.31
CA GLY L 78 9.27 -21.16 -49.64
C GLY L 78 9.48 -19.65 -49.64
N THR L 79 10.06 -19.16 -50.73
CA THR L 79 10.39 -17.75 -50.86
C THR L 79 9.43 -17.09 -51.84
N LYS L 80 8.85 -15.96 -51.43
CA LYS L 80 8.00 -15.17 -52.31
C LYS L 80 8.79 -14.63 -53.49
N VAL L 81 8.33 -14.92 -54.70
CA VAL L 81 8.90 -14.40 -55.94
C VAL L 81 7.76 -13.80 -56.74
N VAL L 82 7.87 -12.51 -57.07
CA VAL L 82 6.84 -11.81 -57.83
C VAL L 82 7.26 -11.72 -59.28
N LEU L 83 6.44 -12.25 -60.18
CA LEU L 83 6.71 -12.25 -61.61
C LEU L 83 5.48 -11.73 -62.33
N ASP L 84 5.61 -10.56 -62.96
CA ASP L 84 4.49 -9.85 -63.62
C ASP L 84 3.31 -9.65 -62.69
N ASP L 85 3.63 -9.25 -61.44
CA ASP L 85 2.65 -8.99 -60.38
C ASP L 85 1.77 -10.20 -60.09
N LYS L 86 2.40 -11.35 -59.93
CA LYS L 86 1.72 -12.58 -59.53
C LYS L 86 2.61 -13.35 -58.56
N ASP L 87 1.99 -13.94 -57.54
CA ASP L 87 2.75 -14.65 -56.51
C ASP L 87 3.30 -15.96 -57.06
N TYR L 88 4.60 -16.17 -56.85
CA TYR L 88 5.24 -17.43 -57.14
C TYR L 88 6.15 -17.77 -55.97
N PHE L 89 6.44 -19.06 -55.82
CA PHE L 89 7.17 -19.52 -54.64
C PHE L 89 8.33 -20.39 -55.07
N LEU L 90 9.50 -20.12 -54.49
CA LEU L 90 10.75 -20.78 -54.84
C LEU L 90 11.12 -21.75 -53.73
N PHE L 91 11.44 -22.98 -54.11
CA PHE L 91 11.69 -24.05 -53.15
C PHE L 91 12.96 -24.80 -53.51
N ARG L 92 13.65 -25.29 -52.49
CA ARG L 92 14.70 -26.27 -52.72
C ARG L 92 14.08 -27.59 -53.19
N ASP L 93 14.84 -28.31 -54.02
CA ASP L 93 14.34 -29.55 -54.63
C ASP L 93 14.03 -30.61 -53.57
N GLY L 94 14.87 -30.70 -52.54
CA GLY L 94 14.64 -31.67 -51.49
C GLY L 94 13.49 -31.33 -50.54
N ASP L 95 12.97 -30.11 -50.61
CA ASP L 95 11.85 -29.73 -49.76
C ASP L 95 10.51 -30.24 -50.25
N ILE L 96 10.38 -30.60 -51.53
CA ILE L 96 9.10 -31.07 -52.05
C ILE L 96 8.80 -32.46 -51.50
N LEU L 97 7.62 -32.62 -50.92
CA LEU L 97 7.26 -33.87 -50.25
C LEU L 97 6.99 -34.99 -51.24
N GLY L 98 6.32 -34.68 -52.34
CA GLY L 98 6.00 -35.69 -53.33
C GLY L 98 5.27 -35.04 -54.49
N LYS L 99 5.02 -35.85 -55.51
CA LYS L 99 4.35 -35.36 -56.71
C LYS L 99 3.21 -36.27 -57.11
N TYR L 100 2.21 -35.69 -57.77
CA TYR L 100 1.01 -36.40 -58.19
C TYR L 100 1.19 -36.91 -59.62
N VAL L 101 0.99 -38.21 -59.81
CA VAL L 101 1.16 -38.85 -61.10
C VAL L 101 -0.21 -39.06 -61.73
N ASP L 102 -0.23 -39.08 -63.07
CA ASP L 102 -1.48 -39.30 -63.81
C ASP L 102 -1.25 -40.24 -64.99
N GLY M 1 0.15 -1.12 34.15
CA GLY M 1 0.67 0.21 34.36
C GLY M 1 -0.40 1.28 34.47
N SER M 2 -1.64 0.88 34.20
CA SER M 2 -2.77 1.79 34.33
C SER M 2 -3.06 2.07 35.80
N ALA M 3 -3.73 3.19 36.04
CA ALA M 3 -4.07 3.59 37.40
C ALA M 3 -5.09 2.62 38.00
N LYS M 4 -4.94 2.35 39.29
CA LYS M 4 -5.72 1.33 39.96
C LYS M 4 -6.45 1.91 41.16
N ASP M 5 -7.61 1.34 41.44
CA ASP M 5 -8.36 1.60 42.66
C ASP M 5 -8.24 0.40 43.57
N VAL M 6 -8.00 0.64 44.86
CA VAL M 6 -7.73 -0.41 45.83
C VAL M 6 -8.72 -0.26 46.98
N LYS M 7 -9.52 -1.29 47.21
CA LYS M 7 -10.51 -1.29 48.28
C LYS M 7 -10.19 -2.39 49.29
N PHE M 8 -10.58 -2.14 50.54
CA PHE M 8 -10.18 -2.97 51.67
C PHE M 8 -11.39 -3.54 52.40
N GLY M 9 -11.31 -4.82 52.74
CA GLY M 9 -12.18 -5.40 53.75
C GLY M 9 -13.64 -5.48 53.37
N ALA M 10 -14.48 -4.97 54.29
CA ALA M 10 -15.92 -5.23 54.23
C ALA M 10 -16.60 -4.50 53.08
N ASP M 11 -16.12 -3.30 52.72
CA ASP M 11 -16.72 -2.59 51.59
C ASP M 11 -16.45 -3.31 50.28
N ALA M 12 -15.21 -3.78 50.08
CA ALA M 12 -14.86 -4.55 48.89
C ALA M 12 -15.64 -5.85 48.84
N ARG M 13 -15.76 -6.54 49.97
CA ARG M 13 -16.51 -7.78 50.01
C ARG M 13 -17.99 -7.55 49.74
N ALA M 14 -18.54 -6.43 50.22
CA ALA M 14 -19.95 -6.13 49.98
C ALA M 14 -20.22 -5.83 48.52
N LEU M 15 -19.32 -5.10 47.85
CA LEU M 15 -19.50 -4.86 46.42
C LEU M 15 -19.37 -6.15 45.61
N MET M 16 -18.41 -7.02 45.97
CA MET M 16 -18.26 -8.29 45.28
C MET M 16 -19.49 -9.17 45.50
N LEU M 17 -20.04 -9.16 46.72
CA LEU M 17 -21.27 -9.89 47.01
C LEU M 17 -22.46 -9.31 46.25
N GLN M 18 -22.48 -8.00 46.01
CA GLN M 18 -23.54 -7.41 45.21
C GLN M 18 -23.51 -7.94 43.78
N GLY M 19 -22.31 -8.03 43.19
CA GLY M 19 -22.19 -8.64 41.87
C GLY M 19 -22.59 -10.10 41.84
N VAL M 20 -22.14 -10.87 42.85
CA VAL M 20 -22.49 -12.28 42.97
C VAL M 20 -23.99 -12.44 43.13
N ASP M 21 -24.62 -11.59 43.95
CA ASP M 21 -26.04 -11.66 44.21
C ASP M 21 -26.86 -11.32 42.98
N LEU M 22 -26.43 -10.33 42.20
CA LEU M 22 -27.20 -9.99 40.99
C LEU M 22 -27.15 -11.12 39.97
N LEU M 23 -25.96 -11.67 39.73
CA LEU M 23 -25.88 -12.77 38.76
C LEU M 23 -26.63 -14.00 39.25
N ALA M 24 -26.51 -14.32 40.54
CA ALA M 24 -27.19 -15.49 41.09
C ALA M 24 -28.70 -15.30 41.15
N ASP M 25 -29.16 -14.06 41.38
CA ASP M 25 -30.59 -13.79 41.37
C ASP M 25 -31.16 -13.96 39.97
N ALA M 26 -30.42 -13.52 38.96
CA ALA M 26 -30.89 -13.74 37.59
C ALA M 26 -30.86 -15.22 37.21
N VAL M 27 -29.88 -15.98 37.69
CA VAL M 27 -29.79 -17.39 37.36
C VAL M 27 -30.87 -18.19 38.10
N ALA M 28 -31.15 -17.83 39.35
CA ALA M 28 -31.97 -18.66 40.24
C ALA M 28 -33.45 -18.69 39.87
N VAL M 29 -33.92 -17.75 39.04
CA VAL M 29 -35.32 -17.79 38.62
C VAL M 29 -35.60 -18.95 37.69
N THR M 30 -34.57 -19.54 37.09
CA THR M 30 -34.72 -20.62 36.13
C THR M 30 -34.74 -22.00 36.75
N MET M 31 -34.60 -22.11 38.07
CA MET M 31 -34.31 -23.39 38.70
C MET M 31 -35.59 -24.18 38.94
N GLY M 32 -35.58 -25.44 38.52
CA GLY M 32 -36.63 -26.37 38.88
C GLY M 32 -37.77 -26.43 37.90
N PRO M 33 -38.77 -27.27 38.20
CA PRO M 33 -39.89 -27.47 37.26
C PRO M 33 -40.78 -26.25 37.09
N LYS M 34 -40.80 -25.32 38.05
CA LYS M 34 -41.51 -24.06 37.89
C LYS M 34 -40.56 -22.88 37.74
N GLY M 35 -39.36 -23.15 37.22
CA GLY M 35 -38.47 -22.06 36.85
C GLY M 35 -38.97 -21.35 35.61
N ARG M 36 -38.56 -20.09 35.47
CA ARG M 36 -38.96 -19.24 34.37
C ARG M 36 -37.74 -18.95 33.50
N THR M 37 -37.95 -18.25 32.40
CA THR M 37 -36.87 -18.04 31.44
C THR M 37 -36.27 -16.65 31.57
N VAL M 38 -35.10 -16.50 30.95
CA VAL M 38 -34.38 -15.24 30.88
C VAL M 38 -34.23 -14.88 29.40
N ILE M 39 -34.58 -13.65 29.05
CA ILE M 39 -34.40 -13.14 27.70
C ILE M 39 -33.12 -12.33 27.64
N ILE M 40 -32.24 -12.69 26.72
CA ILE M 40 -30.95 -12.03 26.55
C ILE M 40 -30.94 -11.36 25.20
N GLU M 41 -30.64 -10.06 25.19
CA GLU M 41 -30.55 -9.31 23.94
C GLU M 41 -29.31 -9.74 23.16
N GLN M 42 -29.49 -10.00 21.88
CA GLN M 42 -28.39 -10.26 20.96
C GLN M 42 -28.22 -9.06 20.04
N SER M 43 -26.97 -8.69 19.77
CA SER M 43 -26.71 -7.48 19.00
C SER M 43 -27.08 -7.65 17.53
N TRP M 44 -26.89 -8.85 16.99
CA TRP M 44 -27.02 -9.05 15.55
C TRP M 44 -28.46 -9.33 15.12
N GLY M 45 -29.35 -9.71 16.03
CA GLY M 45 -30.66 -10.15 15.62
C GLY M 45 -31.67 -10.41 16.72
N SER M 46 -32.40 -11.52 16.58
CA SER M 46 -33.47 -11.85 17.51
C SER M 46 -32.90 -12.18 18.90
N PRO M 47 -33.63 -11.84 19.95
CA PRO M 47 -33.16 -12.16 21.30
C PRO M 47 -33.22 -13.66 21.59
N LYS M 48 -32.48 -14.05 22.61
CA LYS M 48 -32.34 -15.44 23.02
C LYS M 48 -33.10 -15.68 24.31
N VAL M 49 -33.92 -16.72 24.33
CA VAL M 49 -34.70 -17.12 25.50
C VAL M 49 -34.13 -18.41 26.04
N THR M 50 -33.80 -18.43 27.33
CA THR M 50 -33.12 -19.60 27.88
C THR M 50 -33.55 -19.84 29.33
N LYS M 51 -33.59 -21.13 29.68
CA LYS M 51 -33.69 -21.60 31.05
C LYS M 51 -32.35 -22.09 31.58
N ASP M 52 -31.29 -21.96 30.79
CA ASP M 52 -30.00 -22.55 31.10
C ASP M 52 -29.17 -21.60 31.96
N GLY M 53 -28.70 -22.10 33.10
CA GLY M 53 -28.04 -21.24 34.08
C GLY M 53 -26.71 -20.67 33.62
N VAL M 54 -25.90 -21.49 32.94
CA VAL M 54 -24.59 -21.02 32.48
C VAL M 54 -24.76 -19.99 31.36
N THR M 55 -25.78 -20.15 30.51
CA THR M 55 -26.05 -19.16 29.47
C THR M 55 -26.44 -17.81 30.06
N VAL M 56 -27.27 -17.83 31.11
CA VAL M 56 -27.63 -16.61 31.82
C VAL M 56 -26.40 -16.00 32.49
N ALA M 57 -25.57 -16.85 33.10
CA ALA M 57 -24.38 -16.36 33.79
C ALA M 57 -23.41 -15.68 32.84
N LYS M 58 -23.13 -16.29 31.69
CA LYS M 58 -22.19 -15.74 30.72
C LYS M 58 -22.68 -14.44 30.09
N SER M 59 -23.97 -14.17 30.08
CA SER M 59 -24.49 -12.98 29.44
C SER M 59 -24.37 -11.74 30.32
N ILE M 60 -24.05 -11.88 31.60
CA ILE M 60 -24.13 -10.77 32.54
C ILE M 60 -22.72 -10.30 32.87
N ASP M 61 -22.41 -9.08 32.46
CA ASP M 61 -21.19 -8.37 32.85
C ASP M 61 -21.58 -7.01 33.38
N LEU M 62 -20.93 -6.58 34.46
CA LEU M 62 -21.35 -5.40 35.19
C LEU M 62 -20.38 -4.25 34.96
N LYS M 63 -20.94 -3.03 34.95
CA LYS M 63 -20.13 -1.83 34.76
C LYS M 63 -19.23 -1.58 35.97
N ASP M 64 -19.75 -1.76 37.17
CA ASP M 64 -18.93 -1.67 38.37
C ASP M 64 -17.97 -2.84 38.42
N LYS M 65 -16.67 -2.54 38.54
CA LYS M 65 -15.64 -3.56 38.41
C LYS M 65 -15.54 -4.46 39.64
N TYR M 66 -15.84 -3.92 40.82
CA TYR M 66 -15.89 -4.74 42.02
C TYR M 66 -17.06 -5.72 41.98
N LYS M 67 -18.21 -5.28 41.48
CA LYS M 67 -19.32 -6.20 41.25
C LYS M 67 -18.99 -7.17 40.12
N ASN M 68 -18.27 -6.69 39.11
CA ASN M 68 -17.94 -7.53 37.96
C ASN M 68 -16.96 -8.64 38.33
N ILE M 69 -16.13 -8.43 39.35
CA ILE M 69 -15.22 -9.50 39.78
C ILE M 69 -16.00 -10.68 40.36
N GLY M 70 -16.98 -10.39 41.22
CA GLY M 70 -17.83 -11.44 41.75
C GLY M 70 -18.66 -12.11 40.66
N ALA M 71 -19.15 -11.32 39.70
CA ALA M 71 -19.87 -11.87 38.56
C ALA M 71 -18.99 -12.81 37.73
N LYS M 72 -17.73 -12.42 37.48
CA LYS M 72 -16.81 -13.28 36.75
C LYS M 72 -16.52 -14.57 37.50
N LEU M 73 -16.43 -14.51 38.83
CA LEU M 73 -16.12 -15.72 39.59
C LEU M 73 -17.30 -16.70 39.56
N VAL M 74 -18.53 -16.20 39.70
CA VAL M 74 -19.65 -17.14 39.60
C VAL M 74 -19.87 -17.60 38.16
N GLN M 75 -19.46 -16.78 37.18
CA GLN M 75 -19.41 -17.24 35.79
C GLN M 75 -18.44 -18.40 35.64
N ASP M 76 -17.28 -18.33 36.31
CA ASP M 76 -16.34 -19.43 36.31
C ASP M 76 -16.94 -20.69 36.90
N VAL M 77 -17.70 -20.54 38.00
CA VAL M 77 -18.39 -21.68 38.62
C VAL M 77 -19.32 -22.35 37.61
N ALA M 78 -20.18 -21.55 36.97
CA ALA M 78 -21.16 -22.09 36.04
C ALA M 78 -20.49 -22.71 34.81
N ASN M 79 -19.44 -22.06 34.30
CA ASN M 79 -18.73 -22.58 33.12
C ASN M 79 -18.00 -23.88 33.43
N ASN M 80 -17.36 -23.98 34.60
CA ASN M 80 -16.69 -25.22 34.97
C ASN M 80 -17.67 -26.36 35.17
N THR M 81 -18.82 -26.06 35.79
CA THR M 81 -19.86 -27.08 35.95
C THR M 81 -20.40 -27.53 34.60
N ASN M 82 -20.57 -26.59 33.66
CA ASN M 82 -21.08 -26.95 32.34
C ASN M 82 -20.06 -27.76 31.55
N GLU M 83 -18.76 -27.44 31.68
CA GLU M 83 -17.78 -28.19 30.93
C GLU M 83 -17.55 -29.58 31.51
N GLU M 84 -17.67 -29.74 32.84
CA GLU M 84 -17.46 -31.07 33.40
C GLU M 84 -18.70 -31.95 33.28
N ALA M 85 -19.89 -31.41 33.55
CA ALA M 85 -21.10 -32.23 33.62
C ALA M 85 -22.12 -31.94 32.54
N GLY M 86 -22.15 -30.73 31.97
CA GLY M 86 -23.15 -30.40 30.98
C GLY M 86 -24.53 -30.13 31.54
N ASP M 87 -24.66 -30.05 32.86
CA ASP M 87 -25.92 -29.85 33.54
C ASP M 87 -25.62 -29.39 34.95
N GLY M 88 -26.66 -28.94 35.65
CA GLY M 88 -26.52 -28.53 37.03
C GLY M 88 -25.85 -27.19 37.25
N THR M 89 -25.86 -26.31 36.27
CA THR M 89 -25.17 -25.03 36.39
C THR M 89 -25.92 -24.05 37.28
N THR M 90 -27.26 -24.10 37.27
CA THR M 90 -28.04 -23.25 38.16
C THR M 90 -27.84 -23.65 39.63
N THR M 91 -27.79 -24.96 39.88
CA THR M 91 -27.52 -25.46 41.23
C THR M 91 -26.14 -25.01 41.69
N ALA M 92 -25.15 -25.10 40.81
CA ALA M 92 -23.79 -24.66 41.14
C ALA M 92 -23.76 -23.17 41.44
N THR M 93 -24.51 -22.37 40.67
CA THR M 93 -24.54 -20.92 40.90
C THR M 93 -25.16 -20.58 42.25
N VAL M 94 -26.28 -21.22 42.61
CA VAL M 94 -26.90 -20.88 43.88
C VAL M 94 -26.09 -21.40 45.07
N LEU M 95 -25.43 -22.56 44.90
CA LEU M 95 -24.53 -23.05 45.94
C LEU M 95 -23.34 -22.10 46.14
N ALA M 96 -22.78 -21.60 45.04
CA ALA M 96 -21.64 -20.68 45.13
C ALA M 96 -22.05 -19.36 45.78
N ARG M 97 -23.24 -18.86 45.45
CA ARG M 97 -23.73 -17.65 46.10
C ARG M 97 -23.92 -17.86 47.59
N SER M 98 -24.48 -19.03 47.98
CA SER M 98 -24.66 -19.33 49.39
C SER M 98 -23.34 -19.40 50.13
N ILE M 99 -22.35 -20.08 49.55
CA ILE M 99 -21.04 -20.21 50.21
C ILE M 99 -20.36 -18.84 50.32
N ALA M 100 -20.44 -18.03 49.26
CA ALA M 100 -19.86 -16.68 49.30
C ALA M 100 -20.52 -15.81 50.36
N LYS M 101 -21.84 -15.85 50.44
CA LYS M 101 -22.56 -15.03 51.42
C LYS M 101 -22.25 -15.47 52.85
N GLU M 102 -22.32 -16.78 53.12
CA GLU M 102 -22.04 -17.28 54.46
C GLU M 102 -20.59 -17.05 54.86
N GLY M 103 -19.65 -17.15 53.93
CA GLY M 103 -18.26 -16.86 54.24
C GLY M 103 -18.01 -15.40 54.51
N PHE M 104 -18.65 -14.52 53.73
CA PHE M 104 -18.51 -13.08 53.96
C PHE M 104 -19.12 -12.66 55.29
N GLU M 105 -20.21 -13.32 55.71
CA GLU M 105 -20.79 -13.01 57.01
C GLU M 105 -19.86 -13.40 58.17
N LYS M 106 -19.06 -14.43 58.00
CA LYS M 106 -18.29 -15.01 59.10
C LYS M 106 -16.89 -14.41 59.25
N ILE M 107 -16.50 -13.46 58.42
CA ILE M 107 -15.16 -12.90 58.48
C ILE M 107 -15.12 -11.82 59.56
N SER M 108 -14.23 -12.00 60.53
CA SER M 108 -14.03 -11.03 61.60
C SER M 108 -12.53 -10.83 61.77
N LYS M 109 -12.15 -10.07 62.81
CA LYS M 109 -10.74 -9.81 63.07
C LYS M 109 -9.99 -11.08 63.44
N GLY M 110 -10.56 -11.92 64.31
CA GLY M 110 -9.90 -13.12 64.74
C GLY M 110 -10.06 -14.32 63.83
N ALA M 111 -10.91 -14.22 62.81
CA ALA M 111 -11.15 -15.34 61.91
C ALA M 111 -9.99 -15.51 60.93
N ASN M 112 -9.75 -16.76 60.54
CA ASN M 112 -8.74 -17.09 59.54
C ASN M 112 -9.44 -17.69 58.33
N PRO M 113 -9.70 -16.88 57.28
CA PRO M 113 -10.50 -17.38 56.15
C PRO M 113 -9.88 -18.51 55.36
N VAL M 114 -8.55 -18.65 55.37
CA VAL M 114 -7.91 -19.77 54.67
C VAL M 114 -8.21 -21.09 55.38
N GLU M 115 -8.18 -21.08 56.71
CA GLU M 115 -8.57 -22.27 57.47
C GLU M 115 -10.08 -22.52 57.40
N ILE M 116 -10.88 -21.46 57.24
CA ILE M 116 -12.30 -21.63 56.97
C ILE M 116 -12.51 -22.33 55.62
N ARG M 117 -11.71 -21.95 54.63
CA ARG M 117 -11.76 -22.60 53.32
C ARG M 117 -11.34 -24.08 53.43
N ARG M 118 -10.35 -24.37 54.26
CA ARG M 118 -9.96 -25.76 54.52
C ARG M 118 -11.12 -26.55 55.11
N GLY M 119 -11.83 -25.96 56.09
CA GLY M 119 -13.01 -26.61 56.64
C GLY M 119 -14.11 -26.81 55.62
N VAL M 120 -14.28 -25.84 54.72
CA VAL M 120 -15.26 -25.95 53.63
C VAL M 120 -14.93 -27.13 52.73
N MET M 121 -13.66 -27.24 52.32
CA MET M 121 -13.26 -28.32 51.42
C MET M 121 -13.35 -29.69 52.09
N LEU M 122 -13.03 -29.77 53.38
CA LEU M 122 -13.18 -31.03 54.10
C LEU M 122 -14.65 -31.45 54.20
N ALA M 123 -15.54 -30.48 54.50
CA ALA M 123 -16.97 -30.77 54.53
C ALA M 123 -17.48 -31.21 53.16
N VAL M 124 -16.98 -30.59 52.09
CA VAL M 124 -17.41 -30.94 50.74
C VAL M 124 -16.95 -32.34 50.36
N ASP M 125 -15.73 -32.71 50.77
CA ASP M 125 -15.26 -34.08 50.54
C ASP M 125 -16.12 -35.09 51.29
N ALA M 126 -16.53 -34.76 52.52
CA ALA M 126 -17.42 -35.64 53.27
C ALA M 126 -18.78 -35.79 52.59
N VAL M 127 -19.33 -34.68 52.07
CA VAL M 127 -20.60 -34.72 51.38
C VAL M 127 -20.50 -35.53 50.07
N ILE M 128 -19.37 -35.40 49.37
CA ILE M 128 -19.18 -36.14 48.13
C ILE M 128 -19.06 -37.64 48.40
N ALA M 129 -18.39 -38.02 49.48
CA ALA M 129 -18.34 -39.43 49.88
C ALA M 129 -19.73 -39.95 50.25
N GLU M 130 -20.51 -39.14 50.96
CA GLU M 130 -21.88 -39.54 51.29
C GLU M 130 -22.75 -39.67 50.03
N LEU M 131 -22.53 -38.79 49.05
CA LEU M 131 -23.24 -38.86 47.78
C LEU M 131 -22.89 -40.14 47.02
N LYS M 132 -21.61 -40.52 47.02
CA LYS M 132 -21.22 -41.75 46.36
C LYS M 132 -21.75 -42.98 47.07
N LYS M 133 -21.91 -42.91 48.40
CA LYS M 133 -22.59 -44.00 49.09
C LYS M 133 -24.09 -44.00 48.82
N GLN M 134 -24.67 -42.84 48.53
CA GLN M 134 -26.10 -42.74 48.23
C GLN M 134 -26.42 -43.15 46.79
N SER M 135 -25.42 -43.20 45.92
CA SER M 135 -25.65 -43.40 44.50
C SER M 135 -26.10 -44.83 44.21
N LYS M 136 -26.88 -44.98 43.12
CA LYS M 136 -27.36 -46.27 42.66
C LYS M 136 -27.16 -46.29 41.14
N PRO M 137 -26.57 -47.35 40.60
CA PRO M 137 -26.36 -47.42 39.15
C PRO M 137 -27.66 -47.55 38.38
N VAL M 138 -27.65 -47.03 37.15
CA VAL M 138 -28.81 -47.10 36.27
C VAL M 138 -28.84 -48.48 35.62
N THR M 139 -29.96 -49.19 35.80
CA THR M 139 -30.12 -50.53 35.26
C THR M 139 -31.19 -50.62 34.19
N THR M 140 -32.31 -49.91 34.33
CA THR M 140 -33.42 -50.02 33.40
C THR M 140 -33.49 -48.79 32.49
N PRO M 141 -33.94 -48.96 31.24
CA PRO M 141 -34.16 -47.80 30.36
C PRO M 141 -35.27 -46.88 30.84
N GLU M 142 -36.17 -47.35 31.70
CA GLU M 142 -37.16 -46.47 32.31
C GLU M 142 -36.48 -45.41 33.18
N GLU M 143 -35.40 -45.79 33.87
CA GLU M 143 -34.60 -44.82 34.62
C GLU M 143 -33.94 -43.82 33.69
N ILE M 144 -33.48 -44.28 32.53
CA ILE M 144 -32.90 -43.39 31.52
C ILE M 144 -33.92 -42.37 31.05
N ALA M 145 -35.15 -42.82 30.77
CA ALA M 145 -36.21 -41.92 30.37
C ALA M 145 -36.57 -40.94 31.48
N GLN M 146 -36.58 -41.40 32.74
CA GLN M 146 -36.88 -40.52 33.86
C GLN M 146 -35.81 -39.44 34.04
N VAL M 147 -34.53 -39.82 33.92
CA VAL M 147 -33.43 -38.86 34.02
C VAL M 147 -33.54 -37.82 32.92
N ALA M 148 -33.75 -38.26 31.68
CA ALA M 148 -33.85 -37.33 30.57
C ALA M 148 -35.09 -36.44 30.68
N THR M 149 -36.19 -36.97 31.23
CA THR M 149 -37.40 -36.18 31.42
C THR M 149 -37.19 -35.09 32.47
N ILE M 150 -36.57 -35.44 33.60
CA ILE M 150 -36.29 -34.46 34.64
C ILE M 150 -35.34 -33.38 34.11
N SER M 151 -34.29 -33.78 33.40
CA SER M 151 -33.32 -32.83 32.91
C SER M 151 -33.82 -31.98 31.74
N ALA M 152 -34.91 -32.38 31.08
CA ALA M 152 -35.52 -31.58 30.03
C ALA M 152 -36.71 -30.76 30.53
N ASN M 153 -36.74 -30.49 31.85
CA ASN M 153 -37.78 -29.69 32.52
C ASN M 153 -39.16 -30.35 32.37
N GLY M 154 -39.22 -31.65 32.65
CA GLY M 154 -40.47 -32.36 32.69
C GLY M 154 -41.03 -32.80 31.36
N ASP M 155 -40.32 -32.56 30.25
CA ASP M 155 -40.79 -32.97 28.94
C ASP M 155 -40.63 -34.48 28.79
N LYS M 156 -41.76 -35.20 28.84
CA LYS M 156 -41.71 -36.65 28.75
C LYS M 156 -41.38 -37.12 27.34
N GLU M 157 -41.71 -36.33 26.32
CA GLU M 157 -41.41 -36.72 24.95
C GLU M 157 -39.91 -36.67 24.67
N ILE M 158 -39.21 -35.67 25.21
CA ILE M 158 -37.75 -35.60 25.08
C ILE M 158 -37.10 -36.77 25.80
N GLY M 159 -37.61 -37.12 26.99
CA GLY M 159 -37.10 -38.28 27.70
C GLY M 159 -37.31 -39.57 26.94
N ASN M 160 -38.50 -39.72 26.33
CA ASN M 160 -38.80 -40.92 25.55
C ASN M 160 -37.93 -41.02 24.31
N ILE M 161 -37.69 -39.90 23.61
CA ILE M 161 -36.92 -39.99 22.37
C ILE M 161 -35.45 -40.20 22.68
N ILE M 162 -34.95 -39.68 23.81
CA ILE M 162 -33.58 -39.95 24.22
C ILE M 162 -33.42 -41.41 24.65
N SER M 163 -34.43 -41.93 25.37
CA SER M 163 -34.41 -43.35 25.76
C SER M 163 -34.47 -44.25 24.54
N ASP M 164 -35.24 -43.87 23.52
CA ASP M 164 -35.29 -44.64 22.28
C ASP M 164 -33.96 -44.59 21.54
N ALA M 165 -33.32 -43.42 21.50
CA ALA M 165 -32.01 -43.31 20.86
C ALA M 165 -30.98 -44.18 21.57
N MET M 166 -30.99 -44.20 22.90
CA MET M 166 -30.04 -45.03 23.62
C MET M 166 -30.39 -46.51 23.55
N LYS M 167 -31.67 -46.84 23.32
CA LYS M 167 -32.01 -48.24 23.02
C LYS M 167 -31.45 -48.65 21.66
N LYS M 168 -31.49 -47.76 20.67
CA LYS M 168 -31.06 -48.14 19.33
C LYS M 168 -29.54 -48.16 19.20
N VAL M 169 -28.85 -47.09 19.61
CA VAL M 169 -27.42 -46.98 19.35
C VAL M 169 -26.57 -47.31 20.58
N GLY M 170 -27.19 -47.64 21.70
CA GLY M 170 -26.44 -47.92 22.90
C GLY M 170 -26.36 -46.73 23.83
N ARG M 171 -26.20 -47.01 25.12
CA ARG M 171 -26.09 -45.95 26.12
C ARG M 171 -24.81 -45.15 25.98
N LYS M 172 -23.77 -45.71 25.37
CA LYS M 172 -22.55 -44.99 25.07
C LYS M 172 -22.43 -44.64 23.60
N GLY M 173 -23.53 -44.74 22.83
CA GLY M 173 -23.49 -44.48 21.41
C GLY M 173 -23.47 -43.00 21.08
N VAL M 174 -23.36 -42.71 19.79
CA VAL M 174 -23.24 -41.34 19.30
C VAL M 174 -24.64 -40.80 19.03
N ILE M 175 -25.01 -39.74 19.74
CA ILE M 175 -26.28 -39.05 19.56
C ILE M 175 -25.99 -37.57 19.39
N THR M 176 -26.47 -36.98 18.31
CA THR M 176 -26.26 -35.57 18.02
C THR M 176 -27.60 -34.84 17.94
N VAL M 177 -27.58 -33.56 18.30
CA VAL M 177 -28.75 -32.72 18.33
C VAL M 177 -28.58 -31.61 17.31
N LYS M 178 -29.58 -31.42 16.45
CA LYS M 178 -29.55 -30.37 15.45
C LYS M 178 -30.94 -29.80 15.25
N ASP M 179 -31.01 -28.76 14.40
CA ASP M 179 -32.28 -28.11 14.10
C ASP M 179 -33.20 -29.05 13.35
N GLY M 180 -34.50 -28.84 13.54
CA GLY M 180 -35.52 -29.53 12.78
C GLY M 180 -36.39 -28.51 12.08
N LYS M 181 -36.83 -28.82 10.87
CA LYS M 181 -37.65 -27.92 10.07
C LYS M 181 -39.13 -28.14 10.27
N THR M 182 -39.54 -29.05 11.16
CA THR M 182 -40.94 -29.35 11.41
C THR M 182 -41.34 -28.85 12.79
N LEU M 183 -42.60 -29.12 13.14
CA LEU M 183 -43.11 -28.72 14.45
C LEU M 183 -42.72 -29.70 15.55
N ASN M 184 -42.38 -30.93 15.20
CA ASN M 184 -42.21 -32.00 16.16
C ASN M 184 -40.79 -32.57 16.07
N ASP M 185 -40.37 -33.20 17.16
CA ASP M 185 -39.08 -33.85 17.20
C ASP M 185 -39.10 -35.16 16.41
N GLU M 186 -38.02 -35.45 15.71
CA GLU M 186 -37.82 -36.72 15.04
C GLU M 186 -36.48 -37.31 15.43
N LEU M 187 -36.45 -38.62 15.66
CA LEU M 187 -35.22 -39.36 15.85
C LEU M 187 -34.89 -40.11 14.56
N GLU M 188 -33.74 -39.80 13.98
CA GLU M 188 -33.26 -40.50 12.80
C GLU M 188 -32.10 -41.39 13.20
N ILE M 189 -32.21 -42.69 12.91
CA ILE M 189 -31.16 -43.65 13.16
C ILE M 189 -30.47 -43.94 11.83
N ILE M 190 -29.18 -43.63 11.77
CA ILE M 190 -28.37 -43.85 10.58
C ILE M 190 -27.50 -45.07 10.85
N GLU M 191 -27.86 -46.20 10.24
CA GLU M 191 -27.15 -47.45 10.41
C GLU M 191 -26.14 -47.65 9.28
N GLY M 192 -25.27 -48.62 9.48
CA GLY M 192 -24.31 -48.96 8.44
C GLY M 192 -23.18 -47.98 8.42
N MET M 193 -22.92 -47.40 7.25
CA MET M 193 -21.75 -46.56 7.04
C MET M 193 -22.10 -45.50 5.99
N LYS M 194 -22.52 -44.33 6.47
CA LYS M 194 -22.90 -43.21 5.61
C LYS M 194 -21.92 -42.06 5.82
N PHE M 195 -21.55 -41.41 4.73
CA PHE M 195 -20.63 -40.28 4.77
C PHE M 195 -21.10 -39.23 3.77
N ASP M 196 -20.74 -37.97 4.05
CA ASP M 196 -21.29 -36.82 3.33
C ASP M 196 -20.59 -36.61 1.99
N ARG M 197 -20.63 -37.64 1.15
CA ARG M 197 -20.05 -37.57 -0.19
C ARG M 197 -21.02 -38.24 -1.16
N GLY M 198 -21.48 -37.50 -2.16
CA GLY M 198 -22.38 -38.02 -3.17
C GLY M 198 -21.64 -38.55 -4.39
N TYR M 199 -22.41 -38.67 -5.48
CA TYR M 199 -21.81 -39.03 -6.75
C TYR M 199 -20.93 -37.90 -7.30
N ILE M 200 -19.94 -38.31 -8.10
CA ILE M 200 -19.10 -37.33 -8.79
C ILE M 200 -19.82 -36.75 -10.00
N SER M 201 -20.46 -37.60 -10.79
CA SER M 201 -21.19 -37.15 -11.97
C SER M 201 -22.61 -37.66 -11.91
N PRO M 202 -23.58 -36.88 -12.41
CA PRO M 202 -24.99 -37.32 -12.33
C PRO M 202 -25.40 -38.36 -13.36
N TYR M 203 -24.48 -38.80 -14.21
CA TYR M 203 -24.82 -39.81 -15.20
C TYR M 203 -24.85 -41.21 -14.61
N PHE M 204 -24.46 -41.38 -13.34
CA PHE M 204 -24.46 -42.66 -12.66
C PHE M 204 -25.81 -43.02 -12.05
N ILE M 205 -26.80 -42.13 -12.14
CA ILE M 205 -28.09 -42.33 -11.51
C ILE M 205 -28.89 -43.36 -12.31
N ASN M 206 -29.33 -44.43 -11.64
CA ASN M 206 -30.17 -45.44 -12.25
C ASN M 206 -31.56 -45.55 -11.63
N THR M 207 -31.78 -45.00 -10.45
CA THR M 207 -33.09 -44.97 -9.81
C THR M 207 -33.58 -43.53 -9.88
N SER M 208 -34.45 -43.25 -10.84
CA SER M 208 -34.84 -41.88 -11.14
C SER M 208 -35.89 -41.33 -10.19
N LYS M 209 -36.46 -42.16 -9.32
CA LYS M 209 -37.49 -41.68 -8.39
C LYS M 209 -36.90 -40.72 -7.37
N GLY M 210 -35.81 -41.10 -6.72
CA GLY M 210 -35.14 -40.25 -5.76
C GLY M 210 -33.88 -39.58 -6.26
N GLN M 211 -33.59 -39.68 -7.56
CA GLN M 211 -32.34 -39.17 -8.16
C GLN M 211 -31.12 -39.77 -7.47
N LYS M 212 -31.10 -41.10 -7.38
CA LYS M 212 -30.07 -41.82 -6.63
C LYS M 212 -29.60 -43.03 -7.42
N CYS M 213 -28.38 -43.48 -7.10
CA CYS M 213 -27.81 -44.68 -7.66
C CYS M 213 -27.93 -45.82 -6.65
N GLU M 214 -28.53 -46.93 -7.07
CA GLU M 214 -28.79 -48.07 -6.21
C GLU M 214 -28.25 -49.34 -6.83
N PHE M 215 -27.42 -50.07 -6.09
CA PHE M 215 -26.95 -51.38 -6.49
C PHE M 215 -27.20 -52.38 -5.37
N GLN M 216 -27.24 -53.65 -5.73
CA GLN M 216 -27.30 -54.75 -4.78
C GLN M 216 -26.24 -55.76 -5.15
N ASP M 217 -25.50 -56.24 -4.14
CA ASP M 217 -24.36 -57.16 -4.30
C ASP M 217 -23.31 -56.57 -5.24
N ALA M 218 -22.71 -55.49 -4.77
CA ALA M 218 -21.80 -54.67 -5.57
C ALA M 218 -20.37 -54.79 -5.06
N TYR M 219 -19.41 -54.73 -5.98
CA TYR M 219 -18.01 -54.63 -5.62
C TYR M 219 -17.68 -53.23 -5.12
N VAL M 220 -16.65 -53.12 -4.29
CA VAL M 220 -16.18 -51.85 -3.75
C VAL M 220 -14.70 -51.70 -4.08
N LEU M 221 -14.33 -50.54 -4.61
CA LEU M 221 -12.95 -50.21 -4.93
C LEU M 221 -12.51 -49.01 -4.09
N LEU M 222 -11.54 -49.24 -3.22
CA LEU M 222 -11.05 -48.21 -2.31
C LEU M 222 -9.65 -47.76 -2.76
N SER M 223 -9.51 -46.46 -3.01
CA SER M 223 -8.25 -45.88 -3.44
C SER M 223 -7.90 -44.69 -2.56
N GLU M 224 -6.65 -44.68 -2.07
CA GLU M 224 -6.16 -43.59 -1.23
C GLU M 224 -5.62 -42.42 -2.06
N LYS M 225 -5.47 -42.60 -3.37
CA LYS M 225 -5.00 -41.54 -4.24
C LYS M 225 -6.05 -41.29 -5.34
N LYS M 226 -5.84 -40.20 -6.07
CA LYS M 226 -6.74 -39.86 -7.16
C LYS M 226 -6.64 -40.87 -8.29
N ILE M 227 -7.77 -41.16 -8.93
CA ILE M 227 -7.83 -42.04 -10.09
C ILE M 227 -8.13 -41.16 -11.31
N SER M 228 -7.10 -40.89 -12.09
CA SER M 228 -7.23 -40.03 -13.26
C SER M 228 -6.75 -40.66 -14.56
N SER M 229 -6.37 -41.94 -14.54
CA SER M 229 -5.78 -42.58 -15.70
C SER M 229 -6.59 -43.81 -16.10
N ILE M 230 -6.49 -44.16 -17.40
CA ILE M 230 -7.16 -45.34 -17.94
C ILE M 230 -6.60 -46.61 -17.32
N GLN M 231 -5.27 -46.69 -17.16
CA GLN M 231 -4.65 -47.92 -16.71
C GLN M 231 -4.94 -48.20 -15.24
N SER M 232 -5.28 -47.15 -14.49
CA SER M 232 -5.60 -47.35 -13.07
C SER M 232 -7.01 -47.88 -12.88
N ILE M 233 -7.91 -47.63 -13.81
CA ILE M 233 -9.33 -47.88 -13.61
C ILE M 233 -9.85 -49.05 -14.44
N VAL M 234 -9.21 -49.32 -15.60
CA VAL M 234 -9.74 -50.36 -16.50
C VAL M 234 -9.72 -51.78 -15.93
N PRO M 235 -8.62 -52.29 -15.31
CA PRO M 235 -8.67 -53.68 -14.82
C PRO M 235 -9.75 -53.96 -13.77
N ALA M 236 -10.03 -52.99 -12.89
CA ALA M 236 -11.13 -53.16 -11.94
C ALA M 236 -12.46 -53.23 -12.67
N LEU M 237 -12.64 -52.41 -13.70
CA LEU M 237 -13.83 -52.50 -14.54
C LEU M 237 -13.94 -53.83 -15.27
N GLU M 238 -12.81 -54.42 -15.69
CA GLU M 238 -12.85 -55.75 -16.30
C GLU M 238 -13.26 -56.82 -15.30
N ILE M 239 -12.79 -56.73 -14.05
CA ILE M 239 -13.26 -57.65 -13.01
C ILE M 239 -14.75 -57.50 -12.78
N ALA M 240 -15.23 -56.25 -12.70
CA ALA M 240 -16.65 -56.02 -12.47
C ALA M 240 -17.52 -56.46 -13.65
N ASN M 241 -17.01 -56.33 -14.88
CA ASN M 241 -17.77 -56.76 -16.05
C ASN M 241 -17.74 -58.28 -16.22
N ALA M 242 -16.61 -58.92 -15.90
CA ALA M 242 -16.51 -60.36 -16.03
C ALA M 242 -17.34 -61.07 -14.96
N HIS M 243 -17.40 -60.50 -13.75
CA HIS M 243 -18.25 -61.08 -12.72
C HIS M 243 -19.70 -60.62 -12.83
N ARG M 244 -19.99 -59.69 -13.74
CA ARG M 244 -21.32 -59.08 -13.91
C ARG M 244 -21.86 -58.51 -12.60
N LYS M 245 -20.99 -57.83 -11.86
CA LYS M 245 -21.31 -57.24 -10.58
C LYS M 245 -21.10 -55.73 -10.63
N PRO M 246 -21.92 -54.97 -9.91
CA PRO M 246 -21.71 -53.51 -9.86
C PRO M 246 -20.46 -53.15 -9.08
N LEU M 247 -19.93 -51.96 -9.38
CA LEU M 247 -18.71 -51.48 -8.77
C LEU M 247 -18.94 -50.11 -8.17
N VAL M 248 -18.49 -49.92 -6.93
CA VAL M 248 -18.50 -48.62 -6.27
C VAL M 248 -17.05 -48.21 -6.05
N ILE M 249 -16.70 -47.02 -6.51
CA ILE M 249 -15.32 -46.54 -6.47
C ILE M 249 -15.27 -45.41 -5.45
N ILE M 250 -14.64 -45.69 -4.31
CA ILE M 250 -14.40 -44.68 -3.29
C ILE M 250 -12.93 -44.30 -3.34
N ALA M 251 -12.66 -43.09 -3.82
CA ALA M 251 -11.30 -42.59 -3.94
C ALA M 251 -11.27 -41.14 -3.49
N GLU M 252 -10.06 -40.57 -3.44
CA GLU M 252 -9.91 -39.16 -3.13
C GLU M 252 -10.62 -38.30 -4.16
N ASP M 253 -10.41 -38.60 -5.44
CA ASP M 253 -11.17 -37.99 -6.52
C ASP M 253 -11.02 -38.86 -7.75
N VAL M 254 -12.05 -38.88 -8.59
CA VAL M 254 -12.02 -39.53 -9.88
C VAL M 254 -12.28 -38.47 -10.93
N ASP M 255 -11.28 -38.19 -11.77
CA ASP M 255 -11.35 -37.12 -12.74
C ASP M 255 -10.61 -37.55 -14.01
N GLY M 256 -10.50 -36.61 -14.95
CA GLY M 256 -9.73 -36.82 -16.15
C GLY M 256 -10.36 -37.83 -17.11
N GLU M 257 -9.55 -38.77 -17.58
CA GLU M 257 -10.02 -39.74 -18.55
C GLU M 257 -10.62 -40.99 -17.90
N ALA M 258 -10.26 -41.27 -16.65
CA ALA M 258 -10.91 -42.35 -15.91
C ALA M 258 -12.39 -42.05 -15.70
N LEU M 259 -12.71 -40.81 -15.35
CA LEU M 259 -14.10 -40.38 -15.18
C LEU M 259 -14.86 -40.46 -16.50
N SER M 260 -14.25 -40.03 -17.60
CA SER M 260 -14.91 -40.12 -18.90
C SER M 260 -15.11 -41.57 -19.31
N THR M 261 -14.17 -42.45 -18.98
CA THR M 261 -14.35 -43.87 -19.22
C THR M 261 -15.54 -44.42 -18.43
N LEU M 262 -15.66 -44.00 -17.17
CA LEU M 262 -16.79 -44.43 -16.34
C LEU M 262 -18.13 -43.97 -16.92
N VAL M 263 -18.21 -42.69 -17.29
CA VAL M 263 -19.45 -42.15 -17.85
C VAL M 263 -19.79 -42.80 -19.19
N LEU M 264 -18.78 -43.01 -20.03
CA LEU M 264 -19.02 -43.61 -21.34
C LEU M 264 -19.48 -45.07 -21.21
N ASN M 265 -18.91 -45.81 -20.25
CA ASN M 265 -19.35 -47.19 -20.07
C ASN M 265 -20.71 -47.26 -19.40
N ARG M 266 -21.06 -46.28 -18.56
CA ARG M 266 -22.39 -46.27 -17.96
C ARG M 266 -23.45 -45.91 -18.98
N LEU M 267 -23.16 -44.96 -19.86
CA LEU M 267 -24.19 -44.44 -20.77
C LEU M 267 -24.40 -45.35 -21.97
N LYS M 268 -23.32 -45.84 -22.60
CA LYS M 268 -23.45 -46.54 -23.86
C LYS M 268 -23.92 -47.99 -23.66
N VAL M 269 -23.11 -48.80 -22.97
CA VAL M 269 -23.44 -50.21 -22.81
C VAL M 269 -24.28 -50.48 -21.57
N GLY M 270 -24.21 -49.60 -20.56
CA GLY M 270 -24.99 -49.79 -19.37
C GLY M 270 -24.24 -50.51 -18.27
N LEU M 271 -22.95 -50.21 -18.13
CA LEU M 271 -22.14 -50.82 -17.09
C LEU M 271 -22.48 -50.21 -15.74
N GLN M 272 -22.79 -51.07 -14.77
CA GLN M 272 -23.20 -50.62 -13.45
C GLN M 272 -21.97 -50.18 -12.65
N VAL M 273 -21.81 -48.87 -12.50
CA VAL M 273 -20.65 -48.32 -11.81
C VAL M 273 -21.04 -46.95 -11.25
N VAL M 274 -20.40 -46.59 -10.14
CA VAL M 274 -20.58 -45.28 -9.52
C VAL M 274 -19.27 -44.92 -8.82
N ALA M 275 -18.97 -43.62 -8.79
CA ALA M 275 -17.74 -43.12 -8.20
C ALA M 275 -18.07 -42.06 -7.17
N VAL M 276 -17.50 -42.18 -5.98
CA VAL M 276 -17.82 -41.31 -4.84
C VAL M 276 -16.50 -40.81 -4.25
N LYS M 277 -16.44 -39.51 -3.96
CA LYS M 277 -15.30 -38.93 -3.28
C LYS M 277 -15.14 -39.54 -1.88
N ALA M 278 -13.90 -39.54 -1.39
CA ALA M 278 -13.66 -40.06 -0.05
C ALA M 278 -13.97 -39.00 1.01
N PRO M 279 -14.48 -39.41 2.16
CA PRO M 279 -14.72 -38.45 3.25
C PRO M 279 -13.48 -38.24 4.12
N GLY M 280 -13.39 -37.04 4.66
CA GLY M 280 -12.29 -36.71 5.56
C GLY M 280 -11.25 -35.81 4.90
N PHE M 281 -10.58 -35.02 5.73
CA PHE M 281 -9.53 -34.10 5.28
C PHE M 281 -8.30 -34.31 6.16
N GLY M 282 -7.43 -35.24 5.76
CA GLY M 282 -6.22 -35.51 6.51
C GLY M 282 -6.00 -36.99 6.77
N ASP M 283 -5.48 -37.31 7.95
CA ASP M 283 -5.34 -38.71 8.35
C ASP M 283 -6.69 -39.35 8.65
N ASN M 284 -7.71 -38.54 8.91
CA ASN M 284 -9.07 -39.08 9.09
C ASN M 284 -9.58 -39.72 7.81
N ARG M 285 -9.22 -39.15 6.65
CA ARG M 285 -9.60 -39.76 5.37
C ARG M 285 -9.01 -41.16 5.22
N LYS M 286 -7.73 -41.31 5.54
CA LYS M 286 -7.08 -42.62 5.42
C LYS M 286 -7.62 -43.60 6.44
N ASN M 287 -7.87 -43.14 7.67
CA ASN M 287 -8.42 -44.03 8.68
C ASN M 287 -9.83 -44.48 8.34
N GLN M 288 -10.66 -43.57 7.82
CA GLN M 288 -12.01 -43.92 7.40
C GLN M 288 -11.99 -44.86 6.20
N LEU M 289 -11.04 -44.64 5.27
CA LEU M 289 -10.90 -45.52 4.11
C LEU M 289 -10.51 -46.93 4.55
N LYS M 290 -9.59 -47.04 5.50
CA LYS M 290 -9.23 -48.36 6.03
C LYS M 290 -10.40 -48.98 6.79
N ASP M 291 -11.22 -48.16 7.46
CA ASP M 291 -12.43 -48.67 8.11
C ASP M 291 -13.40 -49.26 7.10
N MET M 292 -13.64 -48.56 5.99
CA MET M 292 -14.50 -49.09 4.95
C MET M 292 -13.90 -50.35 4.30
N ALA M 293 -12.58 -50.37 4.13
CA ALA M 293 -11.93 -51.55 3.55
C ALA M 293 -12.08 -52.77 4.45
N ILE M 294 -11.95 -52.57 5.77
CA ILE M 294 -12.12 -53.68 6.72
C ILE M 294 -13.58 -54.12 6.76
N ALA M 295 -14.51 -53.18 6.78
CA ALA M 295 -15.93 -53.52 6.89
C ALA M 295 -16.46 -54.18 5.63
N THR M 296 -15.92 -53.84 4.46
CA THR M 296 -16.36 -54.43 3.21
C THR M 296 -15.53 -55.63 2.79
N GLY M 297 -14.36 -55.83 3.39
CA GLY M 297 -13.49 -56.92 2.99
C GLY M 297 -12.58 -56.61 1.83
N GLY M 298 -12.35 -55.33 1.53
CA GLY M 298 -11.48 -54.93 0.46
C GLY M 298 -10.14 -54.43 0.97
N ALA M 299 -9.35 -53.88 0.04
CA ALA M 299 -8.03 -53.38 0.32
C ALA M 299 -7.89 -51.95 -0.19
N VAL M 300 -7.26 -51.10 0.60
CA VAL M 300 -7.00 -49.72 0.19
C VAL M 300 -5.86 -49.74 -0.82
N PHE M 301 -6.03 -49.00 -1.92
CA PHE M 301 -5.02 -48.90 -2.96
C PHE M 301 -4.35 -47.53 -2.93
N GLY M 302 -3.10 -47.50 -3.41
CA GLY M 302 -2.34 -46.27 -3.48
C GLY M 302 -1.96 -45.70 -2.13
N GLU M 303 -1.53 -46.55 -1.20
CA GLU M 303 -1.19 -46.14 0.15
C GLU M 303 0.30 -45.90 0.29
N GLU M 304 0.67 -45.18 1.34
CA GLU M 304 2.07 -44.80 1.54
C GLU M 304 2.90 -45.96 2.03
N GLY M 305 2.32 -46.83 2.85
CA GLY M 305 3.09 -47.91 3.47
C GLY M 305 3.22 -49.19 2.67
N LEU M 306 2.09 -49.81 2.33
CA LEU M 306 2.13 -51.09 1.63
C LEU M 306 2.31 -50.90 0.12
N THR M 307 1.82 -49.77 -0.42
CA THR M 307 1.96 -49.36 -1.82
C THR M 307 1.39 -50.40 -2.78
N LEU M 308 0.07 -50.59 -2.68
CA LEU M 308 -0.65 -51.45 -3.60
C LEU M 308 -1.10 -50.64 -4.81
N ASN M 309 -0.82 -51.16 -6.00
CA ASN M 309 -1.07 -50.44 -7.24
C ASN M 309 -2.40 -50.86 -7.86
N LEU M 310 -3.02 -49.92 -8.56
CA LEU M 310 -4.35 -50.13 -9.14
C LEU M 310 -4.31 -50.83 -10.50
N GLU M 311 -3.14 -50.93 -11.14
CA GLU M 311 -3.05 -51.60 -12.43
C GLU M 311 -3.09 -53.11 -12.29
N ASP M 312 -2.80 -53.65 -11.11
CA ASP M 312 -2.84 -55.09 -10.86
C ASP M 312 -3.76 -55.36 -9.65
N VAL M 313 -5.02 -55.57 -9.97
CA VAL M 313 -6.08 -55.76 -8.97
C VAL M 313 -6.63 -57.17 -9.15
N GLN M 314 -6.74 -57.89 -8.06
CA GLN M 314 -7.40 -59.19 -8.08
C GLN M 314 -8.82 -59.07 -7.57
N PRO M 315 -9.69 -60.04 -7.89
CA PRO M 315 -11.07 -60.00 -7.37
C PRO M 315 -11.18 -60.01 -5.85
N HIS M 316 -10.19 -60.57 -5.14
CA HIS M 316 -10.26 -60.59 -3.68
C HIS M 316 -9.84 -59.28 -3.04
N ASP M 317 -9.28 -58.34 -3.80
CA ASP M 317 -8.91 -57.03 -3.29
C ASP M 317 -10.05 -56.03 -3.30
N LEU M 318 -11.27 -56.49 -3.58
CA LEU M 318 -12.43 -55.62 -3.68
C LEU M 318 -13.42 -55.96 -2.58
N GLY M 319 -13.94 -54.93 -1.92
CA GLY M 319 -14.96 -55.14 -0.93
C GLY M 319 -16.30 -55.53 -1.54
N LYS M 320 -17.15 -56.14 -0.72
CA LYS M 320 -18.47 -56.57 -1.16
C LYS M 320 -19.51 -56.02 -0.20
N VAL M 321 -20.52 -55.36 -0.75
CA VAL M 321 -21.65 -54.83 0.02
C VAL M 321 -22.94 -55.36 -0.58
N GLY M 322 -23.91 -55.64 0.28
CA GLY M 322 -25.22 -56.06 -0.21
C GLY M 322 -26.05 -54.90 -0.72
N GLU M 323 -25.73 -53.68 -0.31
CA GLU M 323 -26.49 -52.50 -0.68
C GLU M 323 -25.59 -51.28 -0.67
N VAL M 324 -25.74 -50.45 -1.70
CA VAL M 324 -25.12 -49.13 -1.77
C VAL M 324 -26.15 -48.16 -2.31
N ILE M 325 -26.28 -47.00 -1.66
CA ILE M 325 -27.18 -45.94 -2.09
C ILE M 325 -26.36 -44.67 -2.19
N VAL M 326 -26.27 -44.12 -3.39
CA VAL M 326 -25.50 -42.89 -3.64
C VAL M 326 -26.47 -41.83 -4.11
N THR M 327 -26.63 -40.78 -3.29
CA THR M 327 -27.46 -39.63 -3.61
C THR M 327 -26.56 -38.47 -4.01
N LYS M 328 -27.14 -37.27 -4.10
CA LYS M 328 -26.38 -36.10 -4.51
C LYS M 328 -25.37 -35.67 -3.45
N ASP M 329 -25.73 -35.85 -2.18
CA ASP M 329 -24.91 -35.32 -1.10
C ASP M 329 -24.23 -36.38 -0.24
N ASP M 330 -24.72 -37.62 -0.24
CA ASP M 330 -24.14 -38.64 0.62
C ASP M 330 -24.25 -40.01 -0.03
N ALA M 331 -23.43 -40.93 0.46
CA ALA M 331 -23.43 -42.31 0.03
C ALA M 331 -23.37 -43.21 1.26
N MET M 332 -24.05 -44.34 1.19
CA MET M 332 -24.07 -45.29 2.30
C MET M 332 -23.75 -46.69 1.81
N LEU M 333 -23.01 -47.44 2.62
CA LEU M 333 -22.67 -48.83 2.36
C LEU M 333 -23.35 -49.71 3.40
N LEU M 334 -24.06 -50.72 2.94
CA LEU M 334 -24.84 -51.58 3.81
C LEU M 334 -24.47 -53.04 3.59
N LYS M 335 -24.44 -53.80 4.69
CA LYS M 335 -24.16 -55.24 4.69
C LYS M 335 -22.81 -55.58 4.07
N GLY M 336 -21.77 -54.87 4.51
CA GLY M 336 -20.41 -55.16 4.10
C GLY M 336 -19.97 -56.56 4.48
N LYS M 337 -19.30 -57.25 3.57
CA LYS M 337 -18.97 -58.67 3.73
C LYS M 337 -17.56 -58.87 4.26
N GLY M 338 -17.08 -57.96 5.11
CA GLY M 338 -15.77 -58.11 5.69
C GLY M 338 -15.74 -59.18 6.77
N ASP M 339 -14.51 -59.61 7.10
CA ASP M 339 -14.33 -60.58 8.16
C ASP M 339 -14.67 -59.97 9.51
N LYS M 340 -15.53 -60.65 10.28
CA LYS M 340 -16.00 -60.11 11.55
C LYS M 340 -14.87 -59.99 12.56
N ALA M 341 -13.90 -60.92 12.54
CA ALA M 341 -12.78 -60.84 13.46
C ALA M 341 -11.93 -59.60 13.20
N GLN M 342 -11.71 -59.25 11.94
CA GLN M 342 -10.94 -58.05 11.62
C GLN M 342 -11.71 -56.78 11.97
N ILE M 343 -13.03 -56.79 11.82
CA ILE M 343 -13.84 -55.64 12.25
C ILE M 343 -13.76 -55.47 13.77
N GLU M 344 -13.83 -56.58 14.50
CA GLU M 344 -13.66 -56.51 15.95
C GLU M 344 -12.27 -56.02 16.34
N LYS M 345 -11.24 -56.48 15.63
CA LYS M 345 -9.88 -56.03 15.92
C LYS M 345 -9.71 -54.53 15.65
N ARG M 346 -10.30 -54.05 14.56
CA ARG M 346 -10.30 -52.61 14.29
C ARG M 346 -11.08 -51.84 15.34
N ILE M 347 -12.16 -52.43 15.86
CA ILE M 347 -12.95 -51.78 16.91
C ILE M 347 -12.13 -51.62 18.18
N GLN M 348 -11.43 -52.69 18.60
CA GLN M 348 -10.57 -52.57 19.77
C GLN M 348 -9.38 -51.66 19.53
N GLU M 349 -8.89 -51.58 18.28
CA GLU M 349 -7.85 -50.61 17.95
C GLU M 349 -8.35 -49.18 18.15
N ILE M 350 -9.57 -48.90 17.69
CA ILE M 350 -10.18 -47.58 17.88
C ILE M 350 -10.39 -47.31 19.37
N ILE M 351 -10.74 -48.34 20.14
CA ILE M 351 -10.97 -48.18 21.57
C ILE M 351 -9.67 -47.82 22.29
N GLU M 352 -8.59 -48.56 22.00
CA GLU M 352 -7.30 -48.26 22.63
C GLU M 352 -6.74 -46.93 22.13
N GLN M 353 -7.10 -46.51 20.93
CA GLN M 353 -6.78 -45.14 20.49
C GLN M 353 -7.54 -44.13 21.34
N LEU M 354 -8.82 -44.41 21.64
CA LEU M 354 -9.61 -43.50 22.46
C LEU M 354 -9.08 -43.40 23.88
N ASP M 355 -8.49 -44.48 24.40
CA ASP M 355 -7.99 -44.47 25.78
C ASP M 355 -6.81 -43.53 25.96
N VAL M 356 -6.04 -43.27 24.91
CA VAL M 356 -4.78 -42.54 25.03
C VAL M 356 -4.84 -41.17 24.38
N THR M 357 -6.04 -40.61 24.18
CA THR M 357 -6.18 -39.30 23.56
C THR M 357 -7.01 -38.38 24.44
N THR M 358 -6.65 -37.09 24.42
CA THR M 358 -7.36 -36.08 25.21
C THR M 358 -7.51 -34.78 24.44
N SER M 359 -7.60 -34.85 23.11
CA SER M 359 -7.69 -33.64 22.30
C SER M 359 -9.09 -33.07 22.23
N GLU M 360 -10.11 -33.86 22.60
CA GLU M 360 -11.53 -33.49 22.63
C GLU M 360 -12.11 -33.11 21.28
N TYR M 361 -11.38 -33.30 20.19
CA TYR M 361 -11.90 -33.08 18.84
C TYR M 361 -11.85 -34.34 17.98
N GLU M 362 -10.70 -35.00 17.90
CA GLU M 362 -10.59 -36.27 17.21
C GLU M 362 -11.00 -37.45 18.07
N LYS M 363 -11.25 -37.23 19.37
CA LYS M 363 -11.99 -38.22 20.15
C LYS M 363 -13.41 -38.39 19.61
N GLU M 364 -14.02 -37.28 19.19
CA GLU M 364 -15.31 -37.34 18.51
C GLU M 364 -15.19 -38.10 17.18
N LYS M 365 -14.07 -37.90 16.47
CA LYS M 365 -13.85 -38.64 15.23
C LYS M 365 -13.70 -40.14 15.47
N LEU M 366 -12.99 -40.51 16.54
CA LEU M 366 -12.85 -41.93 16.87
C LEU M 366 -14.18 -42.53 17.31
N ASN M 367 -14.98 -41.77 18.07
CA ASN M 367 -16.31 -42.24 18.45
C ASN M 367 -17.21 -42.41 17.24
N GLU M 368 -17.11 -41.49 16.27
CA GLU M 368 -17.88 -41.61 15.04
C GLU M 368 -17.45 -42.83 14.22
N ARG M 369 -16.14 -43.09 14.14
CA ARG M 369 -15.66 -44.27 13.43
C ARG M 369 -16.11 -45.56 14.11
N LEU M 370 -16.08 -45.59 15.44
CA LEU M 370 -16.55 -46.76 16.18
C LEU M 370 -18.05 -46.96 15.99
N ALA M 371 -18.82 -45.86 15.95
CA ALA M 371 -20.26 -45.96 15.73
C ALA M 371 -20.57 -46.45 14.33
N LYS M 372 -19.83 -45.96 13.32
CA LYS M 372 -20.01 -46.44 11.95
C LYS M 372 -19.69 -47.93 11.85
N LEU M 373 -18.63 -48.37 12.54
CA LEU M 373 -18.25 -49.77 12.46
C LEU M 373 -19.16 -50.69 13.27
N SER M 374 -19.79 -50.18 14.33
CA SER M 374 -20.45 -51.05 15.31
C SER M 374 -21.96 -50.88 15.35
N ASP M 375 -22.47 -49.68 15.64
CA ASP M 375 -23.88 -49.54 16.01
C ASP M 375 -24.63 -48.42 15.30
N GLY M 376 -23.96 -47.56 14.55
CA GLY M 376 -24.64 -46.44 13.91
C GLY M 376 -24.74 -45.23 14.82
N VAL M 377 -25.35 -44.18 14.26
CA VAL M 377 -25.46 -42.89 14.93
C VAL M 377 -26.92 -42.47 14.99
N ALA M 378 -27.26 -41.71 16.01
CA ALA M 378 -28.61 -41.19 16.21
C ALA M 378 -28.59 -39.67 16.06
N VAL M 379 -29.59 -39.14 15.36
CA VAL M 379 -29.73 -37.71 15.15
C VAL M 379 -31.07 -37.28 15.73
N LEU M 380 -31.03 -36.36 16.69
CA LEU M 380 -32.24 -35.75 17.24
C LEU M 380 -32.44 -34.41 16.55
N LYS M 381 -33.55 -34.28 15.82
CA LYS M 381 -33.95 -33.01 15.23
C LYS M 381 -35.00 -32.38 16.12
N VAL M 382 -34.72 -31.17 16.60
CA VAL M 382 -35.60 -30.48 17.52
C VAL M 382 -36.60 -29.66 16.72
N GLY M 383 -37.88 -30.00 16.85
CA GLY M 383 -38.91 -29.26 16.18
C GLY M 383 -39.25 -27.95 16.86
N GLY M 384 -39.91 -27.07 16.11
CA GLY M 384 -40.35 -25.81 16.66
C GLY M 384 -40.91 -24.87 15.63
N THR M 385 -41.68 -23.88 16.10
CA THR M 385 -42.33 -22.93 15.21
C THR M 385 -41.34 -21.87 14.71
N SER M 386 -40.34 -21.54 15.53
CA SER M 386 -39.43 -20.44 15.22
C SER M 386 -38.06 -20.78 15.80
N ASP M 387 -37.05 -20.00 15.39
CA ASP M 387 -35.68 -20.26 15.79
C ASP M 387 -35.44 -20.04 17.27
N VAL M 388 -36.12 -19.06 17.88
CA VAL M 388 -35.96 -18.82 19.31
C VAL M 388 -36.51 -20.00 20.12
N GLU M 389 -37.66 -20.54 19.71
CA GLU M 389 -38.21 -21.74 20.34
C GLU M 389 -37.31 -22.96 20.13
N VAL M 390 -36.76 -23.10 18.93
CA VAL M 390 -35.90 -24.24 18.61
C VAL M 390 -34.64 -24.20 19.47
N ASN M 391 -34.03 -23.02 19.61
CA ASN M 391 -32.84 -22.88 20.44
C ASN M 391 -33.15 -23.14 21.91
N GLU M 392 -34.29 -22.63 22.39
CA GLU M 392 -34.67 -22.85 23.79
C GLU M 392 -34.90 -24.32 24.08
N LYS M 393 -35.60 -25.03 23.19
CA LYS M 393 -35.83 -26.45 23.39
C LYS M 393 -34.55 -27.27 23.20
N LYS M 394 -33.67 -26.84 22.29
CA LYS M 394 -32.42 -27.53 22.04
C LYS M 394 -31.49 -27.45 23.23
N ASP M 395 -31.53 -26.34 23.98
CA ASP M 395 -30.77 -26.24 25.22
C ASP M 395 -31.18 -27.32 26.21
N ARG M 396 -32.49 -27.54 26.35
CA ARG M 396 -32.98 -28.56 27.27
C ARG M 396 -32.69 -29.97 26.76
N VAL M 397 -32.74 -30.17 25.44
CA VAL M 397 -32.40 -31.48 24.88
C VAL M 397 -30.93 -31.81 25.11
N THR M 398 -30.04 -30.83 24.91
CA THR M 398 -28.62 -31.02 25.18
C THR M 398 -28.37 -31.28 26.66
N ASP M 399 -29.08 -30.56 27.54
CA ASP M 399 -28.98 -30.79 28.98
C ASP M 399 -29.40 -32.20 29.34
N ALA M 400 -30.49 -32.69 28.74
CA ALA M 400 -30.98 -34.03 29.06
C ALA M 400 -30.05 -35.11 28.52
N LEU M 401 -29.45 -34.88 27.35
CA LEU M 401 -28.48 -35.81 26.80
C LEU M 401 -27.25 -35.91 27.69
N ASN M 402 -26.72 -34.76 28.13
CA ASN M 402 -25.55 -34.75 29.01
C ASN M 402 -25.87 -35.40 30.36
N ALA M 403 -27.06 -35.11 30.91
CA ALA M 403 -27.43 -35.68 32.20
C ALA M 403 -27.63 -37.18 32.10
N THR M 404 -28.15 -37.66 30.98
CA THR M 404 -28.32 -39.10 30.81
C THR M 404 -26.99 -39.81 30.65
N ARG M 405 -26.05 -39.20 29.91
CA ARG M 405 -24.71 -39.78 29.84
C ARG M 405 -24.02 -39.81 31.20
N ALA M 406 -24.19 -38.74 31.99
CA ALA M 406 -23.62 -38.71 33.34
C ALA M 406 -24.26 -39.75 34.24
N ALA M 407 -25.57 -39.99 34.09
CA ALA M 407 -26.25 -41.00 34.90
C ALA M 407 -25.83 -42.41 34.50
N VAL M 408 -25.56 -42.64 33.21
CA VAL M 408 -25.00 -43.92 32.79
C VAL M 408 -23.61 -44.11 33.37
N GLU M 409 -22.80 -43.06 33.38
CA GLU M 409 -21.44 -43.17 33.89
C GLU M 409 -21.41 -43.43 35.40
N GLU M 410 -22.14 -42.64 36.19
CA GLU M 410 -21.91 -42.62 37.63
C GLU M 410 -23.15 -42.85 38.49
N GLY M 411 -24.27 -43.24 37.91
CA GLY M 411 -25.44 -43.56 38.70
C GLY M 411 -26.31 -42.36 38.99
N ILE M 412 -27.32 -42.59 39.84
CA ILE M 412 -28.33 -41.60 40.13
C ILE M 412 -28.54 -41.48 41.63
N VAL M 413 -29.04 -40.30 42.03
CA VAL M 413 -29.45 -40.00 43.39
C VAL M 413 -30.84 -39.37 43.33
N LEU M 414 -31.37 -39.03 44.51
CA LEU M 414 -32.68 -38.40 44.60
C LEU M 414 -32.61 -36.96 44.06
N GLY M 415 -33.63 -36.60 43.29
CA GLY M 415 -33.73 -35.26 42.74
C GLY M 415 -34.33 -34.27 43.72
N GLY M 416 -34.63 -33.09 43.21
CA GLY M 416 -35.23 -32.03 44.00
C GLY M 416 -34.36 -31.46 45.10
N GLY M 417 -33.04 -31.57 44.99
CA GLY M 417 -32.16 -31.10 46.05
C GLY M 417 -32.12 -31.98 47.28
N CYS M 418 -32.78 -33.13 47.25
CA CYS M 418 -32.85 -34.00 48.42
C CYS M 418 -31.58 -34.80 48.63
N ALA M 419 -30.79 -35.04 47.59
CA ALA M 419 -29.52 -35.76 47.73
C ALA M 419 -28.54 -34.98 48.61
N LEU M 420 -28.45 -33.66 48.40
CA LEU M 420 -27.63 -32.84 49.28
C LEU M 420 -28.26 -32.69 50.66
N LEU M 421 -29.59 -32.72 50.74
CA LEU M 421 -30.27 -32.62 52.03
C LEU M 421 -30.01 -33.83 52.91
N ARG M 422 -29.88 -35.02 52.31
CA ARG M 422 -29.62 -36.22 53.09
C ARG M 422 -28.14 -36.41 53.42
N CYS M 423 -27.26 -35.51 52.97
CA CYS M 423 -25.86 -35.54 53.31
C CYS M 423 -25.53 -34.71 54.55
N ILE M 424 -26.51 -34.00 55.10
CA ILE M 424 -26.27 -33.20 56.31
C ILE M 424 -25.83 -34.03 57.52
N PRO M 425 -26.45 -35.19 57.84
CA PRO M 425 -25.93 -35.98 58.98
C PRO M 425 -24.51 -36.48 58.81
N ALA M 426 -24.01 -36.60 57.58
CA ALA M 426 -22.59 -36.90 57.39
C ALA M 426 -21.71 -35.76 57.86
N LEU M 427 -22.17 -34.52 57.70
CA LEU M 427 -21.45 -33.36 58.24
C LEU M 427 -21.62 -33.26 59.75
N ASP M 428 -22.75 -33.71 60.28
CA ASP M 428 -22.98 -33.62 61.72
C ASP M 428 -22.07 -34.55 62.52
N SER M 429 -21.45 -35.53 61.87
CA SER M 429 -20.55 -36.47 62.55
C SER M 429 -19.08 -36.10 62.39
N LEU M 430 -18.76 -35.00 61.73
CA LEU M 430 -17.38 -34.57 61.55
C LEU M 430 -16.85 -33.94 62.84
N THR M 431 -15.54 -34.02 63.01
CA THR M 431 -14.84 -33.37 64.12
C THR M 431 -13.86 -32.34 63.58
N PRO M 432 -14.15 -31.05 63.68
CA PRO M 432 -13.22 -30.04 63.15
C PRO M 432 -11.97 -29.91 63.99
N ALA M 433 -10.88 -29.52 63.32
CA ALA M 433 -9.61 -29.35 64.02
C ALA M 433 -9.58 -28.09 64.87
N ASN M 434 -10.24 -27.03 64.42
CA ASN M 434 -10.27 -25.78 65.15
C ASN M 434 -11.58 -25.05 64.83
N GLU M 435 -11.69 -23.80 65.27
CA GLU M 435 -12.93 -23.05 65.12
C GLU M 435 -13.17 -22.58 63.69
N ASP M 436 -12.11 -22.23 62.95
CA ASP M 436 -12.27 -21.80 61.56
C ASP M 436 -12.79 -22.92 60.68
N GLN M 437 -12.26 -24.14 60.88
CA GLN M 437 -12.75 -25.29 60.13
C GLN M 437 -14.18 -25.64 60.54
N LYS M 438 -14.52 -25.43 61.81
CA LYS M 438 -15.91 -25.59 62.26
C LYS M 438 -16.83 -24.59 61.55
N ILE M 439 -16.35 -23.36 61.37
CA ILE M 439 -17.11 -22.34 60.62
C ILE M 439 -17.32 -22.78 59.18
N GLY M 440 -16.28 -23.33 58.55
CA GLY M 440 -16.41 -23.80 57.17
C GLY M 440 -17.38 -24.96 57.02
N ILE M 441 -17.32 -25.91 57.95
CA ILE M 441 -18.24 -27.04 57.96
C ILE M 441 -19.68 -26.55 58.13
N GLU M 442 -19.89 -25.57 59.02
CA GLU M 442 -21.22 -25.01 59.19
C GLU M 442 -21.69 -24.25 57.95
N ILE M 443 -20.78 -23.57 57.24
CA ILE M 443 -21.12 -22.90 56.00
C ILE M 443 -21.65 -23.90 54.99
N ILE M 444 -20.96 -25.03 54.84
CA ILE M 444 -21.41 -26.06 53.91
C ILE M 444 -22.73 -26.67 54.38
N LYS M 445 -22.91 -26.80 55.69
CA LYS M 445 -24.14 -27.37 56.24
C LYS M 445 -25.35 -26.49 55.93
N ARG M 446 -25.22 -25.16 56.07
CA ARG M 446 -26.28 -24.26 55.63
C ARG M 446 -26.47 -24.32 54.11
N THR M 447 -25.38 -24.42 53.36
CA THR M 447 -25.47 -24.39 51.90
C THR M 447 -26.19 -25.62 51.34
N LEU M 448 -26.13 -26.75 52.05
CA LEU M 448 -26.73 -27.98 51.54
C LEU M 448 -28.26 -27.91 51.40
N LYS M 449 -28.93 -26.97 52.07
CA LYS M 449 -30.37 -26.81 51.93
C LYS M 449 -30.77 -25.87 50.80
N ILE M 450 -29.80 -25.18 50.19
CA ILE M 450 -30.12 -24.11 49.24
C ILE M 450 -30.83 -24.59 47.97
N PRO M 451 -30.39 -25.68 47.29
CA PRO M 451 -31.12 -26.08 46.07
C PRO M 451 -32.59 -26.45 46.30
N ALA M 452 -32.91 -27.15 47.38
CA ALA M 452 -34.29 -27.50 47.67
C ALA M 452 -35.11 -26.26 48.02
N MET M 453 -34.53 -25.31 48.76
CA MET M 453 -35.23 -24.06 49.04
C MET M 453 -35.47 -23.25 47.78
N THR M 454 -34.51 -23.23 46.85
CA THR M 454 -34.67 -22.48 45.62
C THR M 454 -35.75 -23.11 44.73
N ILE M 455 -35.77 -24.44 44.65
CA ILE M 455 -36.79 -25.14 43.89
C ILE M 455 -38.17 -24.90 44.48
N ALA M 456 -38.28 -24.93 45.82
CA ALA M 456 -39.57 -24.67 46.45
C ALA M 456 -39.98 -23.20 46.33
N LYS M 457 -39.02 -22.27 46.34
CA LYS M 457 -39.34 -20.85 46.23
C LYS M 457 -39.82 -20.50 44.83
N ASN M 458 -39.22 -21.12 43.80
CA ASN M 458 -39.70 -20.90 42.44
C ASN M 458 -41.08 -21.51 42.22
N ALA M 459 -41.49 -22.48 43.04
CA ALA M 459 -42.80 -23.07 42.96
C ALA M 459 -43.86 -22.30 43.74
N GLY M 460 -43.47 -21.21 44.41
CA GLY M 460 -44.42 -20.36 45.10
C GLY M 460 -44.74 -20.74 46.52
N VAL M 461 -44.01 -21.67 47.13
CA VAL M 461 -44.24 -22.05 48.51
C VAL M 461 -43.04 -21.63 49.35
N GLU M 462 -43.20 -21.73 50.67
CA GLU M 462 -42.14 -21.33 51.60
C GLU M 462 -41.08 -22.43 51.64
N GLY M 463 -39.86 -22.10 51.22
CA GLY M 463 -38.84 -23.11 51.05
C GLY M 463 -38.33 -23.70 52.36
N SER M 464 -38.28 -22.88 53.42
CA SER M 464 -37.76 -23.36 54.70
C SER M 464 -38.67 -24.41 55.31
N LEU M 465 -39.99 -24.20 55.24
CA LEU M 465 -40.93 -25.18 55.77
C LEU M 465 -40.88 -26.49 54.98
N ILE M 466 -40.75 -26.40 53.66
CA ILE M 466 -40.63 -27.58 52.82
C ILE M 466 -39.37 -28.35 53.16
N VAL M 467 -38.26 -27.65 53.35
CA VAL M 467 -36.99 -28.30 53.68
C VAL M 467 -37.03 -28.93 55.06
N GLU M 468 -37.67 -28.25 56.02
CA GLU M 468 -37.84 -28.82 57.36
C GLU M 468 -38.68 -30.10 57.32
N LYS M 469 -39.75 -30.11 56.53
CA LYS M 469 -40.57 -31.31 56.46
C LYS M 469 -39.88 -32.44 55.70
N ILE M 470 -39.05 -32.10 54.71
CA ILE M 470 -38.23 -33.13 54.04
C ILE M 470 -37.25 -33.74 55.03
N MET M 471 -36.58 -32.91 55.82
CA MET M 471 -35.60 -33.42 56.79
C MET M 471 -36.26 -34.22 57.90
N GLN M 472 -37.49 -33.87 58.27
CA GLN M 472 -38.21 -34.68 59.25
C GLN M 472 -38.82 -35.94 58.65
N SER M 473 -38.78 -36.10 57.33
CA SER M 473 -39.36 -37.26 56.66
C SER M 473 -38.33 -38.37 56.55
N SER M 474 -38.81 -39.55 56.16
CA SER M 474 -37.92 -40.66 55.87
C SER M 474 -37.11 -40.39 54.60
N SER M 475 -36.00 -41.11 54.45
CA SER M 475 -34.95 -40.76 53.50
C SER M 475 -35.38 -40.86 52.05
N GLU M 476 -36.42 -41.63 51.74
CA GLU M 476 -36.88 -41.77 50.36
C GLU M 476 -37.92 -40.73 49.98
N VAL M 477 -38.36 -39.89 50.91
CA VAL M 477 -39.44 -38.94 50.68
C VAL M 477 -38.84 -37.56 50.44
N GLY M 478 -39.21 -36.95 49.31
CA GLY M 478 -38.85 -35.57 49.03
C GLY M 478 -40.05 -34.76 48.60
N TYR M 479 -39.82 -33.59 48.01
CA TYR M 479 -40.90 -32.70 47.62
C TYR M 479 -41.01 -32.64 46.11
N ASP M 480 -42.15 -33.09 45.57
CA ASP M 480 -42.50 -32.89 44.18
C ASP M 480 -42.95 -31.44 44.05
N ALA M 481 -42.08 -30.59 43.51
CA ALA M 481 -42.42 -29.18 43.35
C ALA M 481 -43.44 -28.97 42.26
N MET M 482 -43.43 -29.82 41.23
CA MET M 482 -44.38 -29.69 40.14
C MET M 482 -45.79 -30.03 40.59
N ALA M 483 -45.94 -31.06 41.41
CA ALA M 483 -47.25 -31.47 41.91
C ALA M 483 -47.60 -30.83 43.25
N GLY M 484 -46.66 -30.19 43.91
CA GLY M 484 -46.91 -29.62 45.23
C GLY M 484 -47.16 -30.64 46.32
N ASP M 485 -46.46 -31.77 46.27
CA ASP M 485 -46.75 -32.89 47.17
C ASP M 485 -45.45 -33.52 47.63
N PHE M 486 -45.52 -34.19 48.79
CA PHE M 486 -44.40 -34.94 49.34
C PHE M 486 -44.54 -36.40 48.92
N VAL M 487 -43.59 -36.87 48.10
CA VAL M 487 -43.72 -38.15 47.41
C VAL M 487 -42.44 -38.96 47.60
N ASN M 488 -42.55 -40.24 47.26
CA ASN M 488 -41.38 -41.10 47.06
C ASN M 488 -40.71 -40.68 45.77
N MET M 489 -39.49 -40.14 45.87
CA MET M 489 -38.86 -39.50 44.71
C MET M 489 -38.42 -40.51 43.66
N VAL M 490 -37.97 -41.70 44.08
CA VAL M 490 -37.47 -42.68 43.13
C VAL M 490 -38.61 -43.25 42.29
N GLU M 491 -39.76 -43.55 42.92
CA GLU M 491 -40.87 -44.12 42.17
C GLU M 491 -41.61 -43.08 41.35
N LYS M 492 -41.48 -41.79 41.68
CA LYS M 492 -42.03 -40.73 40.85
C LYS M 492 -41.08 -40.28 39.75
N GLY M 493 -39.85 -40.79 39.73
CA GLY M 493 -38.90 -40.46 38.70
C GLY M 493 -38.14 -39.16 38.89
N ILE M 494 -38.25 -38.52 40.04
CA ILE M 494 -37.53 -37.27 40.32
C ILE M 494 -36.15 -37.67 40.82
N ILE M 495 -35.22 -37.86 39.89
CA ILE M 495 -33.89 -38.35 40.18
C ILE M 495 -32.88 -37.47 39.45
N ASP M 496 -31.67 -37.43 40.00
CA ASP M 496 -30.58 -36.62 39.47
C ASP M 496 -29.36 -37.51 39.27
N PRO M 497 -28.52 -37.21 38.28
CA PRO M 497 -27.22 -37.90 38.19
C PRO M 497 -26.32 -37.49 39.34
N THR M 498 -25.64 -38.48 39.91
CA THR M 498 -24.72 -38.23 41.03
C THR M 498 -23.56 -37.33 40.60
N LYS M 499 -23.07 -37.55 39.37
CA LYS M 499 -21.95 -36.77 38.84
C LYS M 499 -22.29 -35.29 38.75
N VAL M 500 -23.52 -34.97 38.32
CA VAL M 500 -23.95 -33.58 38.20
C VAL M 500 -23.99 -32.90 39.56
N VAL M 501 -24.54 -33.59 40.57
CA VAL M 501 -24.67 -33.02 41.91
C VAL M 501 -23.29 -32.77 42.52
N ARG M 502 -22.41 -33.77 42.46
CA ARG M 502 -21.08 -33.60 43.06
C ARG M 502 -20.24 -32.59 42.29
N THR M 503 -20.38 -32.53 40.97
CA THR M 503 -19.65 -31.54 40.17
C THR M 503 -20.10 -30.13 40.51
N ALA M 504 -21.41 -29.93 40.63
CA ALA M 504 -21.94 -28.61 40.99
C ALA M 504 -21.45 -28.17 42.36
N LEU M 505 -21.49 -29.09 43.34
CA LEU M 505 -21.04 -28.74 44.69
C LEU M 505 -19.55 -28.42 44.73
N LEU M 506 -18.72 -29.26 44.11
CA LEU M 506 -17.28 -29.06 44.15
C LEU M 506 -16.88 -27.77 43.42
N ASP M 507 -17.46 -27.54 42.25
CA ASP M 507 -17.13 -26.35 41.47
C ASP M 507 -17.61 -25.08 42.14
N ALA M 508 -18.76 -25.12 42.83
CA ALA M 508 -19.19 -23.96 43.60
C ALA M 508 -18.25 -23.71 44.79
N ALA M 509 -17.92 -24.78 45.52
CA ALA M 509 -17.24 -24.63 46.80
C ALA M 509 -15.82 -24.14 46.63
N GLY M 510 -15.10 -24.66 45.63
CA GLY M 510 -13.72 -24.25 45.44
C GLY M 510 -13.57 -22.75 45.17
N VAL M 511 -14.32 -22.26 44.19
CA VAL M 511 -14.23 -20.84 43.83
C VAL M 511 -14.78 -19.95 44.92
N ALA M 512 -15.92 -20.32 45.54
CA ALA M 512 -16.52 -19.42 46.51
C ALA M 512 -15.71 -19.37 47.81
N SER M 513 -15.16 -20.51 48.25
CA SER M 513 -14.31 -20.49 49.43
C SER M 513 -12.97 -19.84 49.15
N LEU M 514 -12.50 -19.83 47.90
CA LEU M 514 -11.34 -19.01 47.58
C LEU M 514 -11.69 -17.52 47.62
N LEU M 515 -12.89 -17.17 47.15
CA LEU M 515 -13.32 -15.78 47.13
C LEU M 515 -13.47 -15.22 48.54
N THR M 516 -13.94 -16.04 49.47
CA THR M 516 -14.13 -15.57 50.83
C THR M 516 -12.82 -15.43 51.63
N THR M 517 -11.66 -15.66 51.02
CA THR M 517 -10.39 -15.39 51.68
C THR M 517 -9.85 -13.99 51.39
N ALA M 518 -10.55 -13.21 50.57
CA ALA M 518 -10.02 -11.94 50.10
C ALA M 518 -10.15 -10.85 51.15
N GLU M 519 -9.12 -10.00 51.23
CA GLU M 519 -9.12 -8.81 52.07
C GLU M 519 -8.95 -7.53 51.27
N VAL M 520 -8.29 -7.59 50.12
CA VAL M 520 -8.01 -6.42 49.28
C VAL M 520 -8.44 -6.75 47.87
N VAL M 521 -9.10 -5.79 47.20
CA VAL M 521 -9.47 -5.93 45.80
C VAL M 521 -8.83 -4.80 45.01
N VAL M 522 -8.16 -5.14 43.92
CA VAL M 522 -7.47 -4.19 43.05
C VAL M 522 -8.18 -4.19 41.70
N THR M 523 -8.68 -3.02 41.30
CA THR M 523 -9.35 -2.85 40.01
C THR M 523 -8.76 -1.65 39.29
N GLU M 524 -8.89 -1.65 37.97
CA GLU M 524 -8.46 -0.50 37.19
C GLU M 524 -9.45 0.66 37.33
N ILE M 525 -8.92 1.87 37.27
CA ILE M 525 -9.79 3.05 37.21
C ILE M 525 -10.52 3.05 35.87
N PRO M 526 -11.84 3.18 35.85
CA PRO M 526 -12.57 3.16 34.57
C PRO M 526 -12.30 4.43 33.77
N LYS M 527 -11.97 4.26 32.50
CA LYS M 527 -11.71 5.39 31.61
C LYS M 527 -13.00 5.83 30.91
N GLY N 3 10.31 -46.21 -56.73
CA GLY N 3 9.17 -45.59 -56.07
C GLY N 3 7.85 -46.22 -56.45
N GLN N 4 6.92 -46.22 -55.50
CA GLN N 4 5.59 -46.80 -55.71
C GLN N 4 4.56 -45.75 -55.34
N ALA N 5 3.58 -45.54 -56.21
CA ALA N 5 2.57 -44.51 -56.02
C ALA N 5 1.33 -45.10 -55.37
N PHE N 6 0.65 -44.28 -54.57
CA PHE N 6 -0.57 -44.67 -53.88
C PHE N 6 -1.57 -43.53 -53.94
N ARG N 7 -2.76 -43.81 -54.48
CA ARG N 7 -3.83 -42.82 -54.66
C ARG N 7 -3.33 -41.62 -55.44
N LYS N 8 -2.71 -41.92 -56.60
CA LYS N 8 -2.01 -40.98 -57.49
C LYS N 8 -1.07 -40.02 -56.74
N PHE N 9 -0.47 -40.47 -55.65
CA PHE N 9 0.56 -39.72 -54.94
C PHE N 9 1.81 -40.57 -54.85
N LEU N 10 2.94 -39.99 -55.24
CA LEU N 10 4.23 -40.66 -55.22
C LEU N 10 5.19 -39.86 -54.35
N PRO N 11 5.79 -40.47 -53.33
CA PRO N 11 6.74 -39.73 -52.48
C PRO N 11 8.06 -39.50 -53.21
N LEU N 12 8.79 -38.52 -52.72
CA LEU N 12 10.07 -38.12 -53.32
C LEU N 12 11.21 -38.43 -52.36
N PHE N 13 12.31 -38.91 -52.93
CA PHE N 13 13.57 -39.27 -52.24
C PHE N 13 13.28 -40.42 -51.27
N ASP N 14 13.84 -40.39 -50.06
CA ASP N 14 13.68 -41.50 -49.11
C ASP N 14 12.50 -41.22 -48.16
N ARG N 15 11.37 -40.90 -48.77
CA ARG N 15 10.15 -40.62 -48.03
C ARG N 15 9.19 -41.79 -48.16
N VAL N 16 8.52 -42.12 -47.06
CA VAL N 16 7.60 -43.25 -46.99
C VAL N 16 6.26 -42.75 -46.49
N LEU N 17 5.19 -43.10 -47.20
CA LEU N 17 3.83 -42.78 -46.79
C LEU N 17 3.22 -43.98 -46.07
N VAL N 18 2.64 -43.73 -44.89
CA VAL N 18 2.09 -44.81 -44.08
C VAL N 18 0.64 -44.50 -43.76
N GLU N 19 -0.13 -45.56 -43.53
CA GLU N 19 -1.47 -45.46 -42.97
C GLU N 19 -1.44 -46.01 -41.55
N ARG N 20 -1.78 -45.16 -40.58
CA ARG N 20 -1.82 -45.61 -39.19
C ARG N 20 -2.94 -46.61 -38.98
N SER N 21 -2.71 -47.55 -38.07
CA SER N 21 -3.73 -48.52 -37.72
C SER N 21 -4.84 -47.86 -36.92
N ALA N 22 -5.99 -48.54 -36.87
CA ALA N 22 -7.12 -48.03 -36.12
C ALA N 22 -6.87 -48.10 -34.62
N ALA N 23 -7.25 -47.05 -33.91
CA ALA N 23 -7.09 -47.01 -32.47
C ALA N 23 -8.00 -48.03 -31.80
N GLU N 24 -7.52 -48.62 -30.70
CA GLU N 24 -8.32 -49.58 -29.96
C GLU N 24 -9.46 -48.87 -29.27
N THR N 25 -10.69 -49.32 -29.54
CA THR N 25 -11.88 -48.68 -29.00
C THR N 25 -12.43 -49.39 -27.77
N VAL N 26 -12.31 -50.71 -27.73
CA VAL N 26 -12.76 -51.51 -26.59
C VAL N 26 -11.63 -52.45 -26.19
N THR N 27 -11.46 -52.66 -24.89
CA THR N 27 -10.38 -53.50 -24.40
C THR N 27 -10.76 -54.98 -24.52
N LYS N 28 -9.83 -55.84 -24.11
CA LYS N 28 -10.04 -57.29 -24.20
C LYS N 28 -11.13 -57.77 -23.24
N GLY N 29 -11.38 -57.05 -22.15
CA GLY N 29 -12.42 -57.40 -21.21
C GLY N 29 -13.79 -56.84 -21.52
N GLY N 30 -13.92 -56.03 -22.56
CA GLY N 30 -15.18 -55.42 -22.91
C GLY N 30 -15.39 -54.00 -22.42
N ILE N 31 -14.32 -53.30 -22.04
CA ILE N 31 -14.42 -51.93 -21.55
C ILE N 31 -14.12 -50.99 -22.70
N MET N 32 -15.11 -50.20 -23.10
CA MET N 32 -14.93 -49.27 -24.20
C MET N 32 -14.14 -48.04 -23.74
N LEU N 33 -13.32 -47.51 -24.65
CA LEU N 33 -12.41 -46.43 -24.31
C LEU N 33 -12.87 -45.11 -24.94
N PRO N 34 -12.71 -43.99 -24.24
CA PRO N 34 -13.06 -42.70 -24.85
C PRO N 34 -12.12 -42.33 -25.98
N GLU N 35 -12.66 -41.56 -26.94
CA GLU N 35 -11.94 -41.25 -28.17
C GLU N 35 -10.82 -40.23 -27.94
N LYS N 36 -11.09 -39.20 -27.14
CA LYS N 36 -10.09 -38.16 -26.90
C LYS N 36 -8.91 -38.68 -26.07
N SER N 37 -9.06 -39.83 -25.42
CA SER N 37 -8.00 -40.41 -24.60
C SER N 37 -7.08 -41.33 -25.39
N GLN N 38 -7.43 -41.68 -26.62
CA GLN N 38 -6.62 -42.57 -27.44
C GLN N 38 -5.61 -41.73 -28.23
N GLY N 39 -4.33 -41.93 -27.94
CA GLY N 39 -3.27 -41.20 -28.59
C GLY N 39 -3.02 -41.68 -30.01
N LYS N 40 -1.94 -41.17 -30.59
CA LYS N 40 -1.57 -41.55 -31.94
C LYS N 40 -1.07 -42.98 -31.97
N VAL N 41 -1.45 -43.71 -33.02
CA VAL N 41 -1.08 -45.10 -33.18
C VAL N 41 0.31 -45.19 -33.78
N LEU N 42 1.20 -45.88 -33.08
CA LEU N 42 2.56 -46.09 -33.55
C LEU N 42 2.66 -47.26 -34.51
N GLN N 43 1.60 -48.04 -34.64
CA GLN N 43 1.53 -49.11 -35.62
C GLN N 43 0.95 -48.54 -36.93
N ALA N 44 1.51 -48.99 -38.05
CA ALA N 44 1.15 -48.42 -39.33
C ALA N 44 1.49 -49.40 -40.45
N THR N 45 0.91 -49.14 -41.61
CA THR N 45 1.12 -49.95 -42.81
C THR N 45 1.68 -49.05 -43.92
N VAL N 46 2.71 -49.53 -44.58
CA VAL N 46 3.37 -48.78 -45.65
C VAL N 46 2.49 -48.87 -46.90
N VAL N 47 2.08 -47.71 -47.41
CA VAL N 47 1.26 -47.65 -48.62
C VAL N 47 1.99 -47.06 -49.81
N ALA N 48 3.03 -46.26 -49.60
CA ALA N 48 3.76 -45.65 -50.72
C ALA N 48 5.19 -45.36 -50.28
N VAL N 49 6.15 -45.76 -51.12
CA VAL N 49 7.55 -45.51 -50.87
C VAL N 49 8.09 -44.57 -51.94
N GLY N 50 9.11 -43.79 -51.58
CA GLY N 50 9.83 -42.98 -52.53
C GLY N 50 10.84 -43.80 -53.31
N SER N 51 11.50 -43.13 -54.26
CA SER N 51 12.50 -43.80 -55.07
C SER N 51 13.79 -44.03 -54.29
N GLY N 52 14.06 -43.20 -53.30
CA GLY N 52 15.26 -43.32 -52.50
C GLY N 52 16.28 -42.23 -52.82
N SER N 53 17.17 -41.99 -51.87
CA SER N 53 18.19 -40.97 -52.00
C SER N 53 19.45 -41.54 -52.65
N LYS N 54 20.46 -40.69 -52.82
CA LYS N 54 21.76 -41.08 -53.34
C LYS N 54 22.77 -40.92 -52.21
N GLY N 55 22.89 -41.95 -51.36
CA GLY N 55 23.83 -41.89 -50.26
C GLY N 55 25.27 -42.05 -50.71
N LYS N 56 25.50 -42.93 -51.68
CA LYS N 56 26.83 -43.16 -52.22
C LYS N 56 26.98 -42.44 -53.56
N GLY N 57 28.09 -42.67 -54.24
CA GLY N 57 28.42 -41.90 -55.42
C GLY N 57 27.90 -42.43 -56.73
N GLY N 58 26.84 -41.82 -57.26
CA GLY N 58 26.37 -42.09 -58.59
C GLY N 58 25.15 -42.99 -58.70
N GLU N 59 24.80 -43.70 -57.63
CA GLU N 59 23.67 -44.62 -57.68
C GLU N 59 22.61 -44.21 -56.66
N ILE N 60 21.40 -44.74 -56.86
CA ILE N 60 20.26 -44.44 -56.02
C ILE N 60 20.07 -45.57 -55.03
N GLN N 61 20.02 -45.24 -53.74
CA GLN N 61 19.80 -46.23 -52.69
C GLN N 61 18.31 -46.40 -52.43
N PRO N 62 17.74 -47.56 -52.68
CA PRO N 62 16.31 -47.76 -52.40
C PRO N 62 16.04 -47.80 -50.90
N VAL N 63 14.78 -47.51 -50.55
CA VAL N 63 14.39 -47.50 -49.15
C VAL N 63 14.33 -48.93 -48.61
N SER N 64 14.42 -49.03 -47.28
CA SER N 64 14.53 -50.33 -46.62
C SER N 64 13.19 -51.03 -46.44
N VAL N 65 12.08 -50.32 -46.62
CA VAL N 65 10.75 -50.93 -46.48
C VAL N 65 10.11 -50.99 -47.85
N LYS N 66 9.11 -51.86 -47.96
CA LYS N 66 8.35 -52.02 -49.19
C LYS N 66 6.87 -51.83 -48.88
N VAL N 67 6.07 -51.77 -49.94
CA VAL N 67 4.65 -51.47 -49.80
C VAL N 67 3.93 -52.72 -49.28
N GLY N 68 3.14 -52.54 -48.23
CA GLY N 68 2.49 -53.64 -47.54
C GLY N 68 3.20 -54.07 -46.27
N ASP N 69 4.39 -53.54 -46.01
CA ASP N 69 5.11 -53.87 -44.78
C ASP N 69 4.38 -53.32 -43.57
N LYS N 70 4.38 -54.10 -42.49
CA LYS N 70 3.82 -53.64 -41.23
C LYS N 70 4.95 -53.13 -40.35
N VAL N 71 4.86 -51.85 -39.95
CA VAL N 71 6.00 -51.13 -39.38
C VAL N 71 5.60 -50.45 -38.09
N LEU N 72 6.62 -50.03 -37.34
CA LEU N 72 6.47 -49.27 -36.10
C LEU N 72 7.03 -47.87 -36.30
N LEU N 73 6.28 -46.86 -35.85
CA LEU N 73 6.64 -45.46 -36.08
C LEU N 73 7.13 -44.81 -34.80
N PRO N 74 7.96 -43.77 -34.90
CA PRO N 74 8.27 -42.95 -33.72
C PRO N 74 7.10 -42.03 -33.38
N GLU N 75 7.18 -41.44 -32.18
CA GLU N 75 6.11 -40.57 -31.72
C GLU N 75 6.06 -39.27 -32.51
N TYR N 76 7.20 -38.72 -32.91
CA TYR N 76 7.26 -37.48 -33.67
C TYR N 76 8.03 -37.69 -34.96
N GLY N 77 7.67 -36.94 -35.99
CA GLY N 77 8.43 -36.92 -37.22
C GLY N 77 7.66 -37.20 -38.50
N GLY N 78 6.33 -37.13 -38.45
CA GLY N 78 5.50 -37.44 -39.59
C GLY N 78 4.73 -36.23 -40.08
N THR N 79 4.41 -36.22 -41.37
CA THR N 79 3.76 -35.10 -42.03
C THR N 79 2.35 -35.49 -42.43
N LYS N 80 1.38 -34.64 -42.05
CA LYS N 80 -0.01 -34.82 -42.45
C LYS N 80 -0.16 -34.69 -43.96
N VAL N 81 -0.59 -35.78 -44.60
CA VAL N 81 -0.93 -35.78 -46.03
C VAL N 81 -2.35 -36.30 -46.18
N VAL N 82 -3.19 -35.52 -46.86
CA VAL N 82 -4.59 -35.88 -47.07
C VAL N 82 -4.74 -36.39 -48.50
N LEU N 83 -5.27 -37.59 -48.65
CA LEU N 83 -5.47 -38.22 -49.95
C LEU N 83 -6.89 -38.79 -50.01
N ASP N 84 -7.69 -38.27 -50.95
CA ASP N 84 -9.10 -38.63 -51.11
C ASP N 84 -9.88 -38.43 -49.81
N ASP N 85 -9.56 -37.33 -49.11
CA ASP N 85 -10.13 -36.98 -47.80
C ASP N 85 -9.97 -38.12 -46.79
N LYS N 86 -8.74 -38.59 -46.66
CA LYS N 86 -8.42 -39.65 -45.70
C LYS N 86 -7.01 -39.42 -45.18
N ASP N 87 -6.82 -39.63 -43.88
CA ASP N 87 -5.58 -39.26 -43.22
C ASP N 87 -4.45 -40.23 -43.60
N TYR N 88 -3.30 -39.66 -43.94
CA TYR N 88 -2.09 -40.41 -44.24
C TYR N 88 -0.90 -39.63 -43.72
N PHE N 89 0.21 -40.32 -43.50
CA PHE N 89 1.38 -39.70 -42.89
C PHE N 89 2.65 -40.08 -43.63
N LEU N 90 3.49 -39.08 -43.85
CA LEU N 90 4.72 -39.20 -44.63
C LEU N 90 5.90 -39.18 -43.68
N PHE N 91 6.82 -40.13 -43.85
CA PHE N 91 7.97 -40.28 -42.98
C PHE N 91 9.23 -40.45 -43.82
N ARG N 92 10.34 -39.94 -43.28
CA ARG N 92 11.64 -40.33 -43.83
C ARG N 92 11.90 -41.80 -43.53
N ASP N 93 12.60 -42.46 -44.46
CA ASP N 93 12.84 -43.91 -44.36
C ASP N 93 13.66 -44.25 -43.11
N GLY N 94 14.60 -43.38 -42.74
CA GLY N 94 15.38 -43.58 -41.53
C GLY N 94 14.61 -43.40 -40.24
N ASP N 95 13.43 -42.78 -40.29
CA ASP N 95 12.65 -42.54 -39.09
C ASP N 95 11.96 -43.79 -38.57
N ILE N 96 11.68 -44.77 -39.43
CA ILE N 96 10.91 -45.95 -39.01
C ILE N 96 11.75 -46.80 -38.08
N LEU N 97 11.18 -47.14 -36.92
CA LEU N 97 11.90 -47.87 -35.89
C LEU N 97 12.15 -49.33 -36.29
N GLY N 98 11.13 -49.98 -36.85
CA GLY N 98 11.27 -51.36 -37.23
C GLY N 98 10.03 -51.84 -37.95
N LYS N 99 10.06 -53.11 -38.33
CA LYS N 99 8.97 -53.72 -39.07
C LYS N 99 8.54 -55.03 -38.40
N TYR N 100 7.30 -55.42 -38.68
CA TYR N 100 6.72 -56.66 -38.16
C TYR N 100 6.79 -57.72 -39.25
N VAL N 101 7.53 -58.79 -38.99
CA VAL N 101 7.74 -59.85 -39.96
C VAL N 101 6.76 -60.98 -39.70
N ASP N 102 6.21 -61.55 -40.78
CA ASP N 102 5.30 -62.69 -40.66
C ASP N 102 5.74 -63.82 -41.57
PG ATP O . 5.86 -13.89 49.72
O1G ATP O . 6.86 -13.71 48.63
O2G ATP O . 4.52 -13.26 49.43
O3G ATP O . 5.65 -15.35 50.13
PB ATP O . 6.85 -13.53 52.52
O1B ATP O . 7.64 -14.77 52.53
O2B ATP O . 7.55 -12.31 53.06
O3B ATP O . 6.35 -13.16 51.06
PA ATP O . 4.52 -14.85 53.73
O1A ATP O . 3.10 -14.45 53.61
O2A ATP O . 4.91 -16.08 52.94
O3A ATP O . 5.47 -13.68 53.30
O5' ATP O . 4.90 -15.08 55.24
C5' ATP O . 6.06 -15.88 55.61
C4' ATP O . 6.46 -15.51 57.01
O4' ATP O . 5.50 -16.05 57.96
C3' ATP O . 7.83 -16.07 57.42
O3' ATP O . 8.56 -15.13 58.21
C2' ATP O . 7.45 -17.30 58.24
O2' ATP O . 8.45 -17.67 59.19
C1' ATP O . 6.19 -16.79 58.94
N9 ATP O . 5.35 -17.86 59.44
C8 ATP O . 4.80 -18.91 58.73
N7 ATP O . 4.10 -19.73 59.45
C5 ATP O . 4.19 -19.22 60.74
C6 ATP O . 3.66 -19.63 61.97
N6 ATP O . 2.90 -20.72 62.13
N1 ATP O . 3.94 -18.88 63.07
C2 ATP O . 4.70 -17.79 62.91
N3 ATP O . 5.25 -17.30 61.80
C4 ATP O . 4.96 -18.06 60.74
MG MG P . 6.42 -16.66 51.51
K K Q . 2.46 -12.98 51.46
PG ATP R . 27.60 18.40 39.95
O1G ATP R . 27.95 18.44 38.50
O2G ATP R . 26.14 18.09 40.22
O3G ATP R . 28.47 17.43 40.75
PB ATP R . 28.88 20.54 41.59
O1B ATP R . 30.23 19.99 41.46
O2B ATP R . 28.75 22.03 41.35
O3B ATP R . 27.85 19.82 40.63
PA ATP R . 28.45 19.18 44.16
O1A ATP R . 27.16 18.77 44.75
O2A ATP R . 29.27 18.05 43.57
O3A ATP R . 28.25 20.25 43.02
O5' ATP R . 29.32 19.95 45.22
C5' ATP R . 30.74 20.12 45.03
C4' ATP R . 31.21 21.26 45.88
O4' ATP R . 31.16 20.90 47.28
C3' ATP R . 32.66 21.69 45.60
O3' ATP R . 32.80 23.11 45.60
C2' ATP R . 33.42 21.05 46.76
O2' ATP R . 34.62 21.74 47.10
C1' ATP R . 32.40 21.20 47.88
N9 ATP R . 32.63 20.31 49.01
C8 ATP R . 32.73 18.94 48.99
N7 ATP R . 32.98 18.41 50.16
C5 ATP R . 33.07 19.51 51.01
C6 ATP R . 33.32 19.61 52.39
N6 ATP R . 33.53 18.57 53.20
N1 ATP R . 33.33 20.85 52.93
C2 ATP R . 33.12 21.90 52.13
N3 ATP R . 32.87 21.91 50.82
C4 ATP R . 32.86 20.68 50.31
MG MG S . 30.24 17.46 41.80
K K T . 25.14 18.49 43.00
PG ATP U . 19.77 46.40 12.38
O1G ATP U . 19.50 45.70 11.09
O2G ATP U . 19.03 45.81 13.57
O3G ATP U . 21.26 46.50 12.74
PB ATP U . 19.85 49.38 12.45
O1B ATP U . 21.13 49.52 11.77
O2B ATP U . 18.77 50.33 11.99
O3B ATP U . 19.27 47.92 12.32
PA ATP U . 21.13 49.56 15.08
O1A ATP U . 20.69 49.01 16.37
O2A ATP U . 22.33 48.86 14.46
O3A ATP U . 19.97 49.54 14.02
O5' ATP U . 21.45 51.10 15.21
C5' ATP U . 22.46 51.72 14.38
C4' ATP U . 22.29 53.21 14.46
O4' ATP U . 22.85 53.71 15.69
C3' ATP U . 22.97 53.99 13.33
O3' ATP U . 22.19 55.09 12.88
C2' ATP U . 24.27 54.45 13.99
O2' ATP U . 24.80 55.62 13.40
C1' ATP U . 23.76 54.75 15.40
N9 ATP U . 24.81 54.77 16.41
C8 ATP U . 25.72 53.78 16.68
N7 ATP U . 26.58 54.10 17.62
C5 ATP U . 26.22 55.39 17.98
C6 ATP U . 26.74 56.30 18.93
N6 ATP U . 27.77 56.03 19.72
N1 ATP U . 26.15 57.50 19.03
C2 ATP U . 25.10 57.78 18.24
N3 ATP U . 24.53 57.00 17.31
C4 ATP U . 25.14 55.82 17.24
MG MG V . 22.84 47.82 12.68
K K W . 18.92 47.02 16.14
PG ATP X . -11.71 49.13 -12.26
O1G ATP X . -11.86 47.87 -13.03
O2G ATP X . -11.51 48.91 -10.76
O3G ATP X . -10.59 50.03 -12.78
PB ATP X . -13.53 51.38 -13.01
O1B ATP X . -12.89 51.64 -14.31
O2B ATP X . -15.05 51.33 -13.04
O3B ATP X . -13.03 50.03 -12.37
PA ATP X . -11.92 53.42 -11.62
O1A ATP X . -11.60 53.48 -10.18
O2A ATP X . -10.78 52.99 -12.52
O3A ATP X . -13.13 52.44 -11.89
O5' ATP X . -12.49 54.81 -12.10
C5' ATP X . -12.64 55.10 -13.50
C4' ATP X . -13.68 56.19 -13.67
O4' ATP X . -13.19 57.43 -13.09
C3' ATP X . -14.03 56.50 -15.12
O3' ATP X . -15.43 56.73 -15.28
C2' ATP X . -13.22 57.75 -15.41
O2' ATP X . -13.77 58.57 -16.43
C1' ATP X . -13.31 58.46 -14.06
N9 ATP X . -12.28 59.45 -13.84
C8 ATP X . -10.92 59.26 -13.89
N7 ATP X . -10.22 60.35 -13.69
C5 ATP X . -11.19 61.33 -13.53
C6 ATP X . -11.10 62.72 -13.29
N6 ATP X . -9.94 63.38 -13.16
N1 ATP X . -12.25 63.41 -13.18
C2 ATP X . -13.41 62.76 -13.29
N3 ATP X . -13.61 61.46 -13.51
C4 ATP X . -12.46 60.80 -13.63
MG MG Y . -10.35 51.65 -14.10
K K Z . -11.65 51.09 -8.96
PG ATP AA . -43.10 24.45 -15.45
O1G ATP AA . -42.65 23.05 -15.69
O2G ATP AA . -42.35 25.14 -14.33
O3G ATP AA . -43.06 25.34 -16.70
PB ATP AA . -46.04 24.93 -15.52
O1B ATP AA . -46.17 24.73 -16.97
O2B ATP AA . -47.09 24.23 -14.68
O3B ATP AA . -44.63 24.48 -14.99
PA ATP AA . -45.81 27.85 -15.81
O1A ATP AA . -45.18 28.82 -14.91
O2A ATP AA . -45.05 27.56 -17.09
O3A ATP AA . -46.07 26.47 -15.10
O5' ATP AA . -47.27 28.32 -16.18
C5' ATP AA . -47.93 27.89 -17.39
C4' ATP AA . -49.40 28.10 -17.26
O4' ATP AA . -49.72 29.51 -17.36
C3' ATP AA . -50.26 27.39 -18.32
O3' ATP AA . -51.44 26.84 -17.75
C2' ATP AA . -50.57 28.52 -19.30
O2' ATP AA . -51.76 28.31 -20.04
C1' ATP AA . -50.73 29.68 -18.33
N9 ATP AA . -50.59 30.98 -18.98
C8 ATP AA . -49.54 31.42 -19.74
N7 ATP AA . -49.70 32.64 -20.22
C5 ATP AA . -50.95 33.01 -19.76
C6 ATP AA . -51.72 34.18 -19.92
N6 ATP AA . -51.30 35.25 -20.62
N1 ATP AA . -52.92 34.23 -19.32
C2 ATP AA . -53.34 33.18 -18.61
N3 ATP AA . -52.71 32.03 -18.39
C4 ATP AA . -51.52 32.00 -18.99
MG MG BA . -44.36 25.89 -18.24
K K CA . -43.36 27.72 -13.30
PG ATP DA . -50.84 -9.03 5.33
O1G ATP DA . -49.70 -9.98 5.25
O2G ATP DA . -50.41 -7.60 5.68
O3G ATP DA . -51.69 -8.99 4.07
PB ATP DA . -53.32 -9.99 6.67
O1B ATP DA . -53.69 -10.93 5.61
O2B ATP DA . -53.43 -10.53 8.08
O3B ATP DA . -51.85 -9.44 6.49
PA ATP DA . -55.08 -7.90 5.58
O1A ATP DA . -54.96 -6.44 5.70
O2A ATP DA . -54.75 -8.47 4.21
O3A ATP DA . -54.17 -8.64 6.62
O5' ATP DA . -56.53 -8.38 5.99
C5' ATP DA . -57.07 -9.62 5.50
C4' ATP DA . -58.24 -10.03 6.37
O4' ATP DA . -59.38 -9.17 6.10
C3' ATP DA . -58.71 -11.46 6.17
O3' ATP DA . -59.06 -12.09 7.39
C2' ATP DA . -59.93 -11.29 5.26
O2' ATP DA . -60.88 -12.34 5.38
C1' ATP DA . -60.50 -9.99 5.83
N9 ATP DA . -61.41 -9.31 4.91
C8 ATP DA . -61.15 -8.92 3.63
N7 ATP DA . -62.17 -8.36 3.02
C5 ATP DA . -63.17 -8.38 3.98
C6 ATP DA . -64.50 -7.93 3.97
N6 ATP DA . -65.08 -7.34 2.92
N1 ATP DA . -65.24 -8.11 5.08
C2 ATP DA . -64.67 -8.69 6.14
N3 ATP DA . -63.42 -9.15 6.26
C4 ATP DA . -62.72 -8.98 5.14
MG MG EA . -53.40 -9.75 3.24
K K FA . -52.50 -5.57 6.31
PG ATP GA . -29.04 -26.03 34.25
O1G ATP GA . -27.64 -26.26 33.78
O2G ATP GA . -29.55 -24.62 33.96
O3G ATP GA . -30.04 -27.04 33.70
PB ATP GA . -29.81 -27.10 36.92
O1B ATP GA . -29.82 -28.51 36.52
O2B ATP GA . -29.12 -26.82 38.23
O3B ATP GA . -29.13 -26.19 35.83
PA ATP GA . -32.72 -26.84 36.50
O1A ATP GA . -33.52 -25.64 36.22
O2A ATP GA . -32.55 -27.79 35.33
O3A ATP GA . -31.27 -26.48 37.01
O5' ATP GA . -33.31 -27.63 37.73
C5' ATP GA . -32.98 -29.02 37.96
C4' ATP GA . -33.31 -29.38 39.39
O4' ATP GA . -34.74 -29.40 39.57
C3' ATP GA . -32.79 -30.74 39.84
O3' ATP GA . -32.27 -30.69 41.16
C2' ATP GA . -34.04 -31.62 39.76
O2' ATP GA . -34.00 -32.73 40.65
C1' ATP GA . -35.10 -30.61 40.20
N9 ATP GA . -36.45 -31.00 39.79
C8 ATP GA . -36.90 -31.27 38.52
N7 ATP GA . -38.15 -31.62 38.45
C5 ATP GA . -38.57 -31.59 39.78
C6 ATP GA . -39.81 -31.87 40.39
N6 ATP GA . -40.90 -32.23 39.72
N1 ATP GA . -39.88 -31.74 41.73
C2 ATP GA . -38.79 -31.37 42.41
N3 ATP GA . -37.58 -31.08 41.94
C4 ATP GA . -37.53 -31.22 40.61
MG MG HA . -30.90 -28.82 34.34
K K IA . -32.01 -23.70 35.16
#